data_8GC2
#
_entry.id   8GC2
#
_cell.length_a   1.00
_cell.length_b   1.00
_cell.length_c   1.00
_cell.angle_alpha   90.00
_cell.angle_beta   90.00
_cell.angle_gamma   90.00
#
_symmetry.space_group_name_H-M   'P 1'
#
loop_
_entity.id
_entity.type
_entity.pdbx_description
1 polymer 'Glutamate receptor ionotropic, kainate 2'
2 branched alpha-D-mannopyranose-(1-3)-[alpha-D-mannopyranose-(1-6)]alpha-D-mannopyranose-(1-4)-2-acetamido-2-deoxy-beta-D-glucopyranose-(1-4)-2-acetamido-2-deoxy-beta-D-glucopyranose
3 branched 2-acetamido-2-deoxy-beta-D-glucopyranose-(1-4)-2-acetamido-2-deoxy-beta-D-glucopyranose
4 branched beta-D-mannopyranose-(1-3)-[alpha-D-mannopyranose-(1-6)]alpha-D-mannopyranose-(1-4)-2-acetamido-2-deoxy-beta-D-glucopyranose-(1-4)-2-acetamido-2-deoxy-beta-D-glucopyranose
5 branched alpha-D-mannopyranose-(1-3)-[alpha-D-mannopyranose-(1-6)]beta-D-mannopyranose-(1-4)-2-acetamido-2-deoxy-beta-D-glucopyranose-(1-4)-2-acetamido-2-deoxy-beta-D-glucopyranose
6 non-polymer 2-acetamido-2-deoxy-beta-D-glucopyranose
7 non-polymer '(2S,3S,4S)-2-CARBOXY-4-[(1Z,3E,5R)-5-CARBOXY-1-METHYL-1,3-HEXADIENYL]-3-PYRROLIDINEACETIC ACID'
#
_entity_poly.entity_id   1
_entity_poly.type   'polypeptide(L)'
_entity_poly.pdbx_seq_one_letter_code
;HVLRFGGIFEYVESGPMGAEELAFRFAVNTINRNRTLLPNTTLTYDTQKINLYDSFEASKKACDQLSLGVAAIFGPSHSS
SANAVQSICNALGVPHIQTRWKHQVSDNKDSFYVSLYPDFSSLSRAILDLVQFFKWKTVTVVYDDSTGLIRLQELIKAPS
RYNLRLKIRQLPADTKDAKPLLKEMKRGKEFHVIFDCSHEMAAGILKQALAMGMMTEYYHYIFTTLDLFALDVEPYRYSG
VNMTGFRILNTENTQVSSIIEKWSMERLQAPPKPDSGLLDGFMTTDAALMYDAVHVVSVAVQQFPQMTVSSLQCNRHKPW
RFGTRFMSLIKEAHWEGLTGRITFNKTNGLRTDFDLDVISLKEEGLEKIGTWDPASGLNMTESQKGKPANITDSLSNRSL
IVTTILEEPYVLFKKSDKPLYGNDRFEGYCIDLLRELSTILGFTYEIRLVEDGKYGAQDDVNGQWNGMVRELIDHKADLA
VAPLAITYVREKVIDFSKPFMTLGISILYRKPNGTNPGVFSFLNPLSPDIWMYVLLAYLGVSVVLFVIARFSPYEWYNPH
PSNPDSDVVENNFTLLNSFWFGVGALMQQGSELMPKALSTRIVGGIWWFFTLIIISSYTANLAAFLTVERMESPIDSADD
LAKQTKIEYGAVEDGATMTFFKKSKISTYDKMWAFMSSRRQSVLVKSNEEGIQRVLTSDYAFLMESTTIEFVTQRNCNLT
QIGGLIDSKGYGVGTPMGSPYRDKITIAILQLQEEGKLHMMKEKWWRGNGCPEEESKEASALGVQNIGGIFIVLAAGLVL
SVFVAVGEFLYKSKKNAQLEKRSFCSAMVEELRMSLKCQRRLKHKPQAPVIVKTEEVINMHTFNDRRLPGKETMA
;
_entity_poly.pdbx_strand_id   A,B,C,D
#
# COMPACT_ATOMS: atom_id res chain seq x y z
N HIS A 1 -7.58 16.91 84.58
CA HIS A 1 -6.66 15.91 85.10
C HIS A 1 -6.87 14.57 84.43
N VAL A 2 -8.13 14.27 84.11
CA VAL A 2 -8.48 13.05 83.39
C VAL A 2 -9.07 13.43 82.04
N LEU A 3 -8.91 12.54 81.07
CA LEU A 3 -9.43 12.72 79.73
C LEU A 3 -10.31 11.53 79.39
N ARG A 4 -11.44 11.79 78.72
CA ARG A 4 -12.42 10.73 78.53
C ARG A 4 -12.01 9.76 77.44
N PHE A 5 -11.69 10.28 76.24
CA PHE A 5 -11.16 9.53 75.09
C PHE A 5 -12.07 8.39 74.65
N GLY A 6 -13.38 8.63 74.71
CA GLY A 6 -14.33 7.58 74.37
C GLY A 6 -14.40 7.35 72.87
N GLY A 7 -14.45 6.09 72.46
CA GLY A 7 -14.52 5.75 71.06
C GLY A 7 -15.37 4.52 70.83
N ILE A 8 -16.00 4.47 69.67
CA ILE A 8 -16.91 3.39 69.33
C ILE A 8 -16.15 2.32 68.55
N PHE A 9 -16.67 1.09 68.62
CA PHE A 9 -16.11 -0.04 67.90
C PHE A 9 -17.25 -0.97 67.52
N GLU A 10 -16.94 -1.96 66.69
CA GLU A 10 -17.96 -2.89 66.22
C GLU A 10 -18.37 -3.86 67.32
N TYR A 11 -19.66 -4.16 67.38
CA TYR A 11 -20.20 -5.09 68.37
C TYR A 11 -20.01 -6.52 67.88
N VAL A 12 -19.19 -7.29 68.59
CA VAL A 12 -19.01 -8.69 68.24
C VAL A 12 -20.23 -9.50 68.65
N GLU A 13 -20.31 -10.71 68.11
CA GLU A 13 -21.36 -11.64 68.52
C GLU A 13 -21.03 -12.24 69.88
N SER A 14 -19.87 -12.88 69.99
CA SER A 14 -19.37 -13.44 71.24
C SER A 14 -17.85 -13.54 71.13
N GLY A 15 -17.23 -14.26 72.06
CA GLY A 15 -15.81 -14.50 72.01
C GLY A 15 -14.98 -13.32 72.44
N PRO A 16 -13.99 -12.94 71.64
CA PRO A 16 -13.11 -11.84 72.00
C PRO A 16 -13.78 -10.48 71.77
N MET A 17 -13.05 -9.44 72.15
CA MET A 17 -13.55 -8.07 72.04
C MET A 17 -13.26 -7.45 70.68
N GLY A 18 -12.65 -8.20 69.76
CA GLY A 18 -12.18 -7.63 68.52
C GLY A 18 -10.75 -7.10 68.65
N ALA A 19 -10.12 -6.93 67.49
CA ALA A 19 -8.72 -6.50 67.48
C ALA A 19 -8.58 -5.03 67.84
N GLU A 20 -9.52 -4.20 67.39
CA GLU A 20 -9.41 -2.77 67.59
C GLU A 20 -9.65 -2.38 69.04
N GLU A 21 -10.59 -3.05 69.71
CA GLU A 21 -10.84 -2.80 71.14
C GLU A 21 -9.65 -3.17 72.00
N LEU A 22 -9.04 -4.33 71.73
CA LEU A 22 -7.90 -4.76 72.52
C LEU A 22 -6.67 -3.93 72.23
N ALA A 23 -6.50 -3.49 70.98
CA ALA A 23 -5.41 -2.57 70.64
C ALA A 23 -5.60 -1.22 71.31
N PHE A 24 -6.85 -0.74 71.36
CA PHE A 24 -7.17 0.53 72.02
C PHE A 24 -6.90 0.47 73.52
N ARG A 25 -7.35 -0.61 74.16
CA ARG A 25 -7.14 -0.77 75.60
C ARG A 25 -5.68 -1.02 75.93
N PHE A 26 -4.95 -1.72 75.07
CA PHE A 26 -3.53 -1.93 75.29
C PHE A 26 -2.75 -0.65 75.10
N ALA A 27 -3.17 0.21 74.16
CA ALA A 27 -2.54 1.52 73.99
C ALA A 27 -2.78 2.41 75.20
N VAL A 28 -4.02 2.40 75.73
CA VAL A 28 -4.35 3.19 76.91
C VAL A 28 -3.58 2.72 78.13
N ASN A 29 -3.49 1.40 78.32
CA ASN A 29 -2.75 0.85 79.46
C ASN A 29 -1.25 1.05 79.32
N THR A 30 -0.71 0.98 78.09
CA THR A 30 0.72 1.20 77.88
C THR A 30 1.09 2.67 78.10
N ILE A 31 0.18 3.59 77.73
CA ILE A 31 0.41 5.00 78.02
C ILE A 31 0.31 5.26 79.52
N ASN A 32 -0.61 4.56 80.21
CA ASN A 32 -0.71 4.69 81.66
C ASN A 32 0.49 4.09 82.40
N ARG A 33 1.15 3.09 81.81
CA ARG A 33 2.37 2.55 82.42
C ARG A 33 3.53 3.52 82.25
N ASN A 34 3.65 4.15 81.09
CA ASN A 34 4.81 4.99 80.80
C ASN A 34 4.71 6.32 81.54
N ARG A 35 5.83 6.73 82.13
CA ARG A 35 5.89 7.95 82.93
C ARG A 35 6.17 9.19 82.10
N THR A 36 6.31 9.07 80.79
CA THR A 36 6.30 10.23 79.92
C THR A 36 4.88 10.47 79.44
N LEU A 37 4.72 11.50 78.60
CA LEU A 37 3.46 11.93 77.97
C LEU A 37 2.40 12.26 79.03
N LEU A 38 2.69 13.30 79.80
CA LEU A 38 1.90 13.85 80.89
C LEU A 38 1.61 12.82 81.98
N PRO A 39 2.59 12.46 82.82
CA PRO A 39 2.32 11.55 83.93
C PRO A 39 1.36 12.10 84.98
N ASN A 40 1.28 13.43 85.12
CA ASN A 40 0.34 14.05 86.03
C ASN A 40 -1.05 14.23 85.44
N THR A 41 -1.26 13.80 84.20
CA THR A 41 -2.55 13.93 83.52
C THR A 41 -2.87 12.59 82.85
N THR A 42 -3.60 11.74 83.57
CA THR A 42 -3.97 10.44 83.04
C THR A 42 -5.23 10.56 82.17
N LEU A 43 -5.72 9.43 81.69
CA LEU A 43 -6.87 9.43 80.79
C LEU A 43 -7.60 8.10 80.89
N THR A 44 -8.91 8.15 80.69
CA THR A 44 -9.77 6.98 80.73
C THR A 44 -10.13 6.56 79.30
N TYR A 45 -11.05 5.62 79.18
CA TYR A 45 -11.61 5.26 77.89
C TYR A 45 -13.06 4.81 78.08
N ASP A 46 -13.90 5.13 77.10
CA ASP A 46 -15.28 4.71 77.06
C ASP A 46 -15.53 3.97 75.75
N THR A 47 -16.32 2.90 75.81
CA THR A 47 -16.53 2.04 74.66
C THR A 47 -18.01 1.85 74.40
N GLN A 48 -18.45 2.16 73.18
CA GLN A 48 -19.74 1.77 72.67
C GLN A 48 -19.55 0.71 71.60
N LYS A 49 -20.47 -0.23 71.53
CA LYS A 49 -20.39 -1.32 70.57
C LYS A 49 -21.58 -1.23 69.62
N ILE A 50 -21.31 -1.29 68.31
CA ILE A 50 -22.29 -0.99 67.28
C ILE A 50 -22.46 -2.18 66.35
N ASN A 51 -23.69 -2.44 65.96
CA ASN A 51 -23.98 -3.46 64.97
C ASN A 51 -23.54 -3.01 63.57
N LEU A 52 -23.63 -3.93 62.63
CA LEU A 52 -23.10 -3.71 61.29
C LEU A 52 -24.00 -2.76 60.49
N TYR A 53 -23.37 -1.71 59.95
CA TYR A 53 -23.96 -0.77 58.97
C TYR A 53 -25.21 -0.07 59.51
N ASP A 54 -25.04 0.59 60.65
CA ASP A 54 -26.13 1.34 61.28
C ASP A 54 -25.59 2.71 61.64
N SER A 55 -25.66 3.65 60.69
CA SER A 55 -25.18 5.00 60.94
C SER A 55 -26.10 5.78 61.86
N PHE A 56 -27.38 5.39 61.94
CA PHE A 56 -28.27 5.97 62.94
C PHE A 56 -27.84 5.58 64.34
N GLU A 57 -27.38 4.32 64.50
CA GLU A 57 -26.82 3.90 65.78
C GLU A 57 -25.51 4.61 66.07
N ALA A 58 -24.75 4.95 65.02
CA ALA A 58 -23.54 5.75 65.19
C ALA A 58 -23.87 7.15 65.67
N SER A 59 -24.94 7.73 65.12
CA SER A 59 -25.40 9.05 65.56
C SER A 59 -25.90 9.02 67.00
N LYS A 60 -26.62 7.96 67.37
CA LYS A 60 -27.13 7.82 68.73
C LYS A 60 -26.00 7.62 69.73
N LYS A 61 -25.01 6.78 69.40
CA LYS A 61 -23.88 6.56 70.29
C LYS A 61 -22.97 7.78 70.37
N ALA A 62 -22.84 8.53 69.27
CA ALA A 62 -22.06 9.76 69.29
C ALA A 62 -22.74 10.83 70.15
N CYS A 63 -24.07 10.94 70.05
CA CYS A 63 -24.82 11.86 70.89
C CYS A 63 -24.75 11.46 72.36
N ASP A 64 -24.80 10.15 72.65
CA ASP A 64 -24.69 9.68 74.02
C ASP A 64 -23.30 9.92 74.60
N GLN A 65 -22.26 9.68 73.81
CA GLN A 65 -20.89 9.90 74.28
C GLN A 65 -20.57 11.38 74.44
N LEU A 66 -21.12 12.24 73.57
CA LEU A 66 -20.92 13.67 73.73
C LEU A 66 -21.75 14.22 74.88
N SER A 67 -22.91 13.60 75.16
CA SER A 67 -23.67 13.95 76.36
C SER A 67 -22.93 13.55 77.62
N LEU A 68 -22.22 12.41 77.57
CA LEU A 68 -21.25 12.13 78.62
C LEU A 68 -20.05 13.07 78.52
N GLY A 69 -19.69 13.47 77.30
CA GLY A 69 -18.57 14.35 77.09
C GLY A 69 -17.29 13.56 76.86
N VAL A 70 -16.75 13.63 75.65
CA VAL A 70 -15.54 12.89 75.30
C VAL A 70 -14.49 13.87 74.83
N ALA A 71 -13.22 13.49 75.04
CA ALA A 71 -12.11 14.31 74.55
C ALA A 71 -11.95 14.18 73.05
N ALA A 72 -11.93 12.96 72.55
CA ALA A 72 -11.85 12.68 71.13
C ALA A 72 -12.49 11.33 70.86
N ILE A 73 -13.09 11.21 69.69
CA ILE A 73 -13.81 10.00 69.30
C ILE A 73 -12.87 9.18 68.43
N PHE A 74 -13.08 7.87 68.39
CA PHE A 74 -12.37 6.97 67.49
C PHE A 74 -13.44 6.24 66.68
N GLY A 75 -13.49 6.52 65.38
CA GLY A 75 -14.63 6.18 64.59
C GLY A 75 -14.66 4.72 64.20
N PRO A 76 -15.74 4.33 63.51
CA PRO A 76 -15.88 2.94 63.08
C PRO A 76 -15.10 2.64 61.81
N SER A 77 -15.27 1.43 61.29
CA SER A 77 -14.52 1.00 60.10
C SER A 77 -15.31 1.14 58.81
N HIS A 78 -16.63 0.96 58.85
CA HIS A 78 -17.44 1.07 57.65
C HIS A 78 -17.61 2.54 57.28
N SER A 79 -17.71 2.82 55.98
CA SER A 79 -17.70 4.20 55.50
C SER A 79 -19.00 4.94 55.82
N SER A 80 -20.13 4.21 55.84
CA SER A 80 -21.43 4.84 56.02
C SER A 80 -21.61 5.42 57.42
N SER A 81 -21.18 4.67 58.44
CA SER A 81 -21.25 5.20 59.80
C SER A 81 -20.15 6.22 60.07
N ALA A 82 -18.98 6.04 59.45
CA ALA A 82 -17.87 6.96 59.65
C ALA A 82 -18.14 8.33 59.07
N ASN A 83 -18.89 8.40 57.96
CA ASN A 83 -19.28 9.69 57.40
C ASN A 83 -20.22 10.45 58.35
N ALA A 84 -21.14 9.72 59.00
CA ALA A 84 -22.06 10.35 59.94
C ALA A 84 -21.33 10.83 61.19
N VAL A 85 -20.38 10.03 61.69
CA VAL A 85 -19.59 10.43 62.86
C VAL A 85 -18.69 11.61 62.53
N GLN A 86 -18.14 11.63 61.30
CA GLN A 86 -17.33 12.75 60.83
C GLN A 86 -18.14 14.03 60.71
N SER A 87 -19.37 13.95 60.21
CA SER A 87 -20.22 15.13 60.09
C SER A 87 -20.69 15.63 61.45
N ILE A 88 -20.95 14.72 62.39
CA ILE A 88 -21.34 15.12 63.74
C ILE A 88 -20.19 15.82 64.45
N CYS A 89 -18.99 15.25 64.36
CA CYS A 89 -17.85 15.84 65.04
C CYS A 89 -17.32 17.10 64.38
N ASN A 90 -17.53 17.27 63.06
CA ASN A 90 -17.26 18.56 62.46
C ASN A 90 -18.36 19.57 62.78
N ALA A 91 -19.57 19.09 63.08
CA ALA A 91 -20.66 19.98 63.44
C ALA A 91 -20.50 20.54 64.86
N LEU A 92 -19.74 19.87 65.72
CA LEU A 92 -19.55 20.33 67.08
C LEU A 92 -18.11 20.68 67.42
N GLY A 93 -17.20 20.63 66.45
CA GLY A 93 -15.81 20.96 66.68
C GLY A 93 -15.05 20.00 67.57
N VAL A 94 -15.31 18.70 67.42
CA VAL A 94 -14.61 17.65 68.16
C VAL A 94 -13.71 16.92 67.17
N PRO A 95 -12.45 16.65 67.52
CA PRO A 95 -11.57 15.93 66.59
C PRO A 95 -11.97 14.47 66.45
N HIS A 96 -12.16 14.04 65.21
CA HIS A 96 -12.64 12.70 64.88
C HIS A 96 -11.49 11.89 64.29
N ILE A 97 -11.01 10.90 65.03
CA ILE A 97 -9.88 10.11 64.59
C ILE A 97 -10.39 8.97 63.72
N GLN A 98 -9.90 8.89 62.49
CA GLN A 98 -10.28 7.86 61.54
C GLN A 98 -9.12 6.90 61.36
N THR A 99 -9.41 5.60 61.41
CA THR A 99 -8.37 4.58 61.33
C THR A 99 -8.37 3.88 59.98
N ARG A 100 -9.50 3.30 59.59
CA ARG A 100 -9.62 2.64 58.30
C ARG A 100 -9.94 3.66 57.22
N TRP A 101 -9.52 3.36 55.99
CA TRP A 101 -9.81 4.22 54.86
C TRP A 101 -11.29 4.21 54.54
N LYS A 102 -11.82 5.38 54.18
CA LYS A 102 -13.14 5.51 53.61
C LYS A 102 -13.07 6.40 52.39
N HIS A 103 -14.10 6.34 51.56
CA HIS A 103 -14.17 7.19 50.38
C HIS A 103 -14.46 8.62 50.79
N GLN A 104 -13.72 9.56 50.19
CA GLN A 104 -13.89 10.98 50.44
C GLN A 104 -14.69 11.61 49.31
N VAL A 105 -15.75 12.33 49.67
CA VAL A 105 -16.40 13.21 48.72
C VAL A 105 -15.60 14.50 48.64
N SER A 106 -15.25 14.90 47.42
CA SER A 106 -14.26 15.96 47.22
C SER A 106 -14.80 17.34 47.55
N ASP A 107 -16.12 17.53 47.54
CA ASP A 107 -16.71 18.83 47.77
C ASP A 107 -17.24 19.01 49.19
N ASN A 108 -16.84 18.14 50.12
CA ASN A 108 -17.22 18.31 51.50
C ASN A 108 -16.43 19.44 52.14
N LYS A 109 -16.99 19.99 53.22
CA LYS A 109 -16.36 21.13 53.89
C LYS A 109 -16.06 20.78 55.34
N ASP A 110 -15.46 19.63 55.58
CA ASP A 110 -15.17 19.15 56.91
C ASP A 110 -13.68 19.27 57.20
N SER A 111 -13.35 19.65 58.42
CA SER A 111 -11.96 19.90 58.78
C SER A 111 -11.57 19.39 60.16
N PHE A 112 -12.46 18.72 60.89
CA PHE A 112 -12.16 18.25 62.24
C PHE A 112 -11.87 16.76 62.28
N TYR A 113 -11.20 16.24 61.26
CA TYR A 113 -10.91 14.82 61.20
C TYR A 113 -9.50 14.59 60.68
N VAL A 114 -8.88 13.52 61.17
CA VAL A 114 -7.64 12.98 60.59
C VAL A 114 -7.83 11.50 60.33
N SER A 115 -7.24 11.03 59.24
CA SER A 115 -7.27 9.63 58.85
C SER A 115 -5.85 9.08 58.87
N LEU A 116 -5.64 7.99 59.59
CA LEU A 116 -4.30 7.43 59.74
C LEU A 116 -4.04 6.24 58.84
N TYR A 117 -4.99 5.85 58.00
CA TYR A 117 -4.68 4.89 56.96
C TYR A 117 -3.81 5.56 55.90
N PRO A 118 -2.95 4.80 55.23
CA PRO A 118 -2.26 5.36 54.06
C PRO A 118 -3.24 5.67 52.94
N ASP A 119 -2.98 6.77 52.25
CA ASP A 119 -3.85 7.20 51.17
C ASP A 119 -3.66 6.29 49.96
N PHE A 120 -4.77 5.87 49.36
CA PHE A 120 -4.69 4.93 48.26
C PHE A 120 -4.25 5.58 46.96
N SER A 121 -4.23 6.91 46.88
CA SER A 121 -3.60 7.57 45.74
C SER A 121 -2.09 7.34 45.75
N SER A 122 -1.46 7.55 46.91
CA SER A 122 -0.03 7.28 47.04
C SER A 122 0.28 5.79 46.98
N LEU A 123 -0.64 4.96 47.49
CA LEU A 123 -0.49 3.51 47.38
C LEU A 123 -0.56 3.06 45.92
N SER A 124 -1.49 3.63 45.15
CA SER A 124 -1.58 3.29 43.74
C SER A 124 -0.41 3.83 42.94
N ARG A 125 0.15 4.97 43.36
CA ARG A 125 1.39 5.46 42.76
C ARG A 125 2.56 4.52 43.04
N ALA A 126 2.61 3.96 44.27
CA ALA A 126 3.63 2.98 44.61
C ALA A 126 3.47 1.69 43.81
N ILE A 127 2.23 1.24 43.62
CA ILE A 127 1.97 0.03 42.83
C ILE A 127 2.29 0.28 41.36
N LEU A 128 2.02 1.50 40.86
CA LEU A 128 2.38 1.87 39.50
C LEU A 128 3.89 1.91 39.31
N ASP A 129 4.63 2.41 40.31
CA ASP A 129 6.08 2.38 40.25
C ASP A 129 6.63 0.96 40.32
N LEU A 130 5.96 0.07 41.07
CA LEU A 130 6.35 -1.33 41.10
C LEU A 130 6.09 -2.02 39.75
N VAL A 131 4.98 -1.68 39.10
CA VAL A 131 4.64 -2.27 37.81
C VAL A 131 5.60 -1.78 36.73
N GLN A 132 5.86 -0.48 36.68
CA GLN A 132 6.77 0.07 35.68
C GLN A 132 8.24 -0.27 36.00
N PHE A 133 8.55 -0.63 37.24
CA PHE A 133 9.84 -1.23 37.53
C PHE A 133 9.94 -2.62 36.90
N PHE A 134 8.86 -3.40 36.96
CA PHE A 134 8.84 -4.72 36.38
C PHE A 134 8.68 -4.71 34.87
N LYS A 135 8.28 -3.57 34.30
CA LYS A 135 8.16 -3.31 32.86
C LYS A 135 7.20 -4.29 32.19
N TRP A 136 5.93 -4.21 32.58
CA TRP A 136 4.91 -5.12 32.11
C TRP A 136 4.13 -4.52 30.96
N LYS A 137 3.40 -5.38 30.26
CA LYS A 137 2.54 -4.97 29.16
C LYS A 137 1.08 -5.24 29.42
N THR A 138 0.74 -6.41 29.94
CA THR A 138 -0.61 -6.71 30.37
C THR A 138 -0.63 -6.97 31.87
N VAL A 139 -1.76 -6.66 32.50
CA VAL A 139 -1.92 -6.82 33.94
C VAL A 139 -3.41 -6.96 34.21
N THR A 140 -3.76 -7.68 35.26
CA THR A 140 -5.15 -7.91 35.63
C THR A 140 -5.38 -7.48 37.05
N VAL A 141 -6.48 -6.75 37.28
CA VAL A 141 -6.83 -6.23 38.58
C VAL A 141 -8.06 -6.97 39.08
N VAL A 142 -7.99 -7.51 40.29
CA VAL A 142 -9.11 -8.19 40.92
C VAL A 142 -9.46 -7.44 42.19
N TYR A 143 -10.73 -7.01 42.29
CA TYR A 143 -11.20 -6.24 43.42
C TYR A 143 -12.33 -6.97 44.11
N ASP A 144 -12.45 -6.76 45.43
CA ASP A 144 -13.48 -7.44 46.19
C ASP A 144 -14.87 -6.84 45.93
N ASP A 145 -14.96 -5.52 45.87
CA ASP A 145 -16.25 -4.85 45.74
C ASP A 145 -16.04 -3.51 45.04
N SER A 146 -17.14 -2.75 44.91
CA SER A 146 -17.18 -1.55 44.08
C SER A 146 -16.32 -0.42 44.63
N THR A 147 -15.98 -0.43 45.91
CA THR A 147 -15.14 0.61 46.49
C THR A 147 -13.68 0.50 46.07
N GLY A 148 -13.26 -0.64 45.52
CA GLY A 148 -11.87 -0.83 45.13
C GLY A 148 -11.43 -0.01 43.95
N LEU A 149 -12.37 0.40 43.09
CA LEU A 149 -12.01 1.21 41.93
C LEU A 149 -11.60 2.62 42.34
N ILE A 150 -12.18 3.14 43.43
CA ILE A 150 -11.74 4.42 43.96
C ILE A 150 -10.34 4.29 44.57
N ARG A 151 -10.05 3.14 45.16
CA ARG A 151 -8.74 2.92 45.77
C ARG A 151 -7.64 2.68 44.74
N LEU A 152 -8.01 2.33 43.51
CA LEU A 152 -7.03 2.04 42.47
C LEU A 152 -7.21 2.96 41.26
N GLN A 153 -7.80 4.14 41.47
CA GLN A 153 -8.18 4.99 40.35
C GLN A 153 -7.00 5.62 39.64
N GLU A 154 -5.85 5.76 40.30
CA GLU A 154 -4.66 6.21 39.61
C GLU A 154 -4.00 5.09 38.81
N LEU A 155 -4.31 3.83 39.14
CA LEU A 155 -3.81 2.72 38.34
C LEU A 155 -4.58 2.57 37.04
N ILE A 156 -5.88 2.87 37.05
CA ILE A 156 -6.67 2.72 35.84
C ILE A 156 -6.42 3.86 34.86
N LYS A 157 -6.00 5.02 35.35
CA LYS A 157 -5.67 6.13 34.46
C LYS A 157 -4.27 6.02 33.87
N ALA A 158 -3.46 5.07 34.31
CA ALA A 158 -2.11 4.82 33.80
C ALA A 158 -1.98 4.46 32.31
N PRO A 159 -3.00 3.93 31.60
CA PRO A 159 -2.92 3.93 30.13
C PRO A 159 -2.84 5.30 29.46
N SER A 160 -3.16 6.40 30.14
CA SER A 160 -2.92 7.72 29.56
C SER A 160 -1.42 8.02 29.46
N ARG A 161 -0.66 7.73 30.51
CA ARG A 161 0.76 8.06 30.57
C ARG A 161 1.67 6.90 30.21
N TYR A 162 1.12 5.74 29.85
CA TYR A 162 1.94 4.56 29.59
C TYR A 162 1.16 3.64 28.65
N ASN A 163 1.87 2.68 28.07
CA ASN A 163 1.26 1.69 27.18
C ASN A 163 0.83 0.42 27.91
N LEU A 164 0.51 0.52 29.19
CA LEU A 164 0.06 -0.64 29.95
C LEU A 164 -1.38 -0.99 29.57
N ARG A 165 -1.64 -2.28 29.40
CA ARG A 165 -2.96 -2.77 29.05
C ARG A 165 -3.63 -3.38 30.27
N LEU A 166 -4.91 -3.05 30.47
CA LEU A 166 -5.65 -3.44 31.66
C LEU A 166 -6.76 -4.42 31.30
N LYS A 167 -7.09 -5.26 32.27
CA LYS A 167 -8.21 -6.20 32.14
C LYS A 167 -8.68 -6.51 33.56
N ILE A 168 -9.71 -5.81 34.01
CA ILE A 168 -10.12 -5.93 35.40
C ILE A 168 -11.24 -6.96 35.52
N ARG A 169 -11.32 -7.58 36.70
CA ARG A 169 -12.35 -8.57 37.00
C ARG A 169 -12.83 -8.36 38.42
N GLN A 170 -14.05 -8.81 38.68
CA GLN A 170 -14.74 -8.58 39.94
C GLN A 170 -14.89 -9.89 40.69
N LEU A 171 -14.53 -9.89 41.98
CA LEU A 171 -14.76 -11.05 42.84
C LEU A 171 -16.26 -11.29 43.02
N PRO A 172 -16.69 -12.55 43.11
CA PRO A 172 -18.12 -12.82 43.29
C PRO A 172 -18.58 -12.47 44.70
N ALA A 173 -19.91 -12.45 44.86
CA ALA A 173 -20.53 -12.10 46.13
C ALA A 173 -20.29 -13.14 47.22
N ASP A 174 -20.02 -14.38 46.83
CA ASP A 174 -19.64 -15.43 47.78
C ASP A 174 -18.13 -15.59 47.76
N THR A 175 -17.55 -15.73 48.95
CA THR A 175 -16.09 -15.77 49.08
C THR A 175 -15.48 -17.08 48.59
N LYS A 176 -16.28 -18.14 48.49
CA LYS A 176 -15.78 -19.46 48.14
C LYS A 176 -15.77 -19.71 46.64
N ASP A 177 -16.15 -18.73 45.83
CA ASP A 177 -16.30 -18.91 44.38
C ASP A 177 -15.14 -18.31 43.59
N ALA A 178 -13.92 -18.43 44.09
CA ALA A 178 -12.77 -17.98 43.32
C ALA A 178 -12.44 -18.95 42.18
N LYS A 179 -12.94 -20.18 42.25
CA LYS A 179 -12.66 -21.17 41.20
C LYS A 179 -13.20 -20.83 39.82
N PRO A 180 -14.43 -20.32 39.61
CA PRO A 180 -14.76 -19.81 38.27
C PRO A 180 -13.94 -18.59 37.85
N LEU A 181 -13.58 -17.73 38.81
CA LEU A 181 -12.72 -16.59 38.50
C LEU A 181 -11.32 -17.05 38.14
N LEU A 182 -10.80 -18.07 38.83
CA LEU A 182 -9.50 -18.59 38.48
C LEU A 182 -9.53 -19.38 37.18
N LYS A 183 -10.67 -19.99 36.85
CA LYS A 183 -10.81 -20.65 35.55
C LYS A 183 -10.86 -19.62 34.42
N GLU A 184 -11.49 -18.47 34.68
CA GLU A 184 -11.42 -17.37 33.71
C GLU A 184 -10.02 -16.77 33.63
N MET A 185 -9.28 -16.78 34.74
CA MET A 185 -7.89 -16.33 34.73
C MET A 185 -7.00 -17.24 33.89
N LYS A 186 -7.16 -18.55 34.06
CA LYS A 186 -6.37 -19.51 33.29
C LYS A 186 -6.80 -19.55 31.84
N ARG A 187 -8.10 -19.38 31.57
CA ARG A 187 -8.58 -19.37 30.20
C ARG A 187 -8.24 -18.07 29.49
N GLY A 188 -8.02 -16.99 30.23
CA GLY A 188 -7.67 -15.72 29.65
C GLY A 188 -6.20 -15.53 29.35
N LYS A 189 -5.37 -16.52 29.71
CA LYS A 189 -3.90 -16.46 29.64
C LYS A 189 -3.35 -15.24 30.36
N GLU A 190 -3.89 -14.98 31.55
CA GLU A 190 -3.56 -13.80 32.33
C GLU A 190 -2.62 -14.22 33.46
N PHE A 191 -1.45 -13.59 33.51
CA PHE A 191 -0.38 -14.06 34.38
C PHE A 191 0.20 -13.00 35.30
N HIS A 192 -0.20 -11.74 35.18
CA HIS A 192 0.26 -10.67 36.06
C HIS A 192 -0.97 -10.11 36.76
N VAL A 193 -1.21 -10.57 37.98
CA VAL A 193 -2.46 -10.31 38.69
C VAL A 193 -2.17 -9.37 39.85
N ILE A 194 -3.02 -8.34 39.99
CA ILE A 194 -2.99 -7.46 41.16
C ILE A 194 -4.25 -7.73 41.97
N PHE A 195 -4.06 -8.14 43.22
CA PHE A 195 -5.17 -8.52 44.08
C PHE A 195 -5.49 -7.39 45.03
N ASP A 196 -6.75 -6.94 45.02
CA ASP A 196 -7.22 -5.87 45.88
C ASP A 196 -8.35 -6.42 46.74
N CYS A 197 -7.98 -6.95 47.91
CA CYS A 197 -8.95 -7.49 48.86
C CYS A 197 -8.31 -7.48 50.24
N SER A 198 -8.99 -8.06 51.21
CA SER A 198 -8.40 -8.27 52.52
C SER A 198 -7.42 -9.44 52.48
N HIS A 199 -6.63 -9.56 53.55
CA HIS A 199 -5.67 -10.66 53.63
C HIS A 199 -6.36 -12.00 53.86
N GLU A 200 -7.55 -11.98 54.48
CA GLU A 200 -8.33 -13.20 54.64
C GLU A 200 -8.86 -13.68 53.31
N MET A 201 -9.38 -12.76 52.49
CA MET A 201 -9.78 -13.08 51.13
C MET A 201 -8.59 -13.49 50.28
N ALA A 202 -7.43 -12.89 50.53
CA ALA A 202 -6.19 -13.27 49.85
C ALA A 202 -5.79 -14.70 50.20
N ALA A 203 -5.94 -15.08 51.47
CA ALA A 203 -5.64 -16.45 51.89
C ALA A 203 -6.62 -17.44 51.28
N GLY A 204 -7.89 -17.07 51.20
CA GLY A 204 -8.89 -17.95 50.59
C GLY A 204 -8.65 -18.17 49.10
N ILE A 205 -8.36 -17.09 48.36
CA ILE A 205 -8.08 -17.26 46.93
C ILE A 205 -6.72 -17.88 46.69
N LEU A 206 -5.77 -17.77 47.64
CA LEU A 206 -4.50 -18.44 47.47
C LEU A 206 -4.62 -19.95 47.71
N LYS A 207 -5.45 -20.35 48.69
CA LYS A 207 -5.74 -21.76 48.88
C LYS A 207 -6.50 -22.35 47.70
N GLN A 208 -7.46 -21.60 47.15
CA GLN A 208 -8.21 -22.08 46.00
C GLN A 208 -7.35 -22.13 44.74
N ALA A 209 -6.40 -21.20 44.59
CA ALA A 209 -5.51 -21.23 43.43
C ALA A 209 -4.43 -22.31 43.56
N LEU A 210 -3.97 -22.58 44.78
CA LEU A 210 -3.05 -23.71 44.99
C LEU A 210 -3.77 -25.03 44.75
N ALA A 211 -5.03 -25.13 45.14
CA ALA A 211 -5.83 -26.31 44.84
C ALA A 211 -6.16 -26.42 43.35
N MET A 212 -6.13 -25.32 42.61
CA MET A 212 -6.36 -25.34 41.17
C MET A 212 -5.06 -25.43 40.38
N GLY A 213 -3.94 -25.65 41.05
CA GLY A 213 -2.68 -25.89 40.37
C GLY A 213 -2.02 -24.69 39.74
N MET A 214 -2.34 -23.48 40.20
CA MET A 214 -1.76 -22.26 39.65
C MET A 214 -0.68 -21.68 40.56
N MET A 215 0.02 -22.53 41.30
CA MET A 215 1.20 -22.11 42.04
C MET A 215 2.48 -22.49 41.27
N THR A 216 2.61 -21.90 40.09
CA THR A 216 3.71 -22.18 39.18
C THR A 216 4.66 -20.99 39.14
N GLU A 217 5.66 -21.07 38.25
CA GLU A 217 6.53 -19.94 37.97
C GLU A 217 6.02 -19.08 36.82
N TYR A 218 4.71 -19.10 36.57
CA TYR A 218 4.07 -18.27 35.55
C TYR A 218 3.14 -17.25 36.18
N TYR A 219 3.38 -16.87 37.43
CA TYR A 219 2.49 -15.96 38.14
C TYR A 219 3.29 -14.98 38.97
N HIS A 220 2.86 -13.72 38.96
CA HIS A 220 3.58 -12.62 39.57
C HIS A 220 2.60 -11.75 40.36
N TYR A 221 1.87 -12.37 41.29
CA TYR A 221 0.85 -11.72 42.09
C TYR A 221 1.37 -10.52 42.88
N ILE A 222 0.59 -9.43 42.87
CA ILE A 222 0.86 -8.25 43.68
C ILE A 222 -0.37 -8.02 44.56
N PHE A 223 -0.14 -7.76 45.84
CA PHE A 223 -1.22 -7.62 46.81
C PHE A 223 -1.23 -6.18 47.32
N THR A 224 -2.38 -5.52 47.20
CA THR A 224 -2.50 -4.13 47.61
C THR A 224 -2.55 -3.98 49.13
N THR A 225 -2.95 -5.02 49.85
CA THR A 225 -3.11 -4.92 51.28
C THR A 225 -1.75 -4.88 51.99
N LEU A 226 -1.78 -4.40 53.22
CA LEU A 226 -0.57 -4.29 54.04
C LEU A 226 -0.42 -5.44 55.01
N ASP A 227 -1.38 -6.37 55.04
CA ASP A 227 -1.31 -7.55 55.88
C ASP A 227 -0.86 -8.78 55.09
N LEU A 228 -0.02 -8.59 54.08
CA LEU A 228 0.54 -9.71 53.35
C LEU A 228 1.52 -10.51 54.20
N PHE A 229 2.20 -9.83 55.13
CA PHE A 229 3.20 -10.47 55.97
C PHE A 229 2.59 -11.41 57.01
N ALA A 230 1.28 -11.30 57.26
CA ALA A 230 0.59 -12.19 58.19
C ALA A 230 0.23 -13.53 57.58
N LEU A 231 0.46 -13.73 56.28
CA LEU A 231 0.17 -15.01 55.68
C LEU A 231 1.25 -16.05 56.04
N ASP A 232 0.95 -17.30 55.72
CA ASP A 232 1.90 -18.40 55.86
C ASP A 232 2.38 -18.82 54.49
N VAL A 233 3.70 -18.89 54.33
CA VAL A 233 4.31 -19.09 53.02
C VAL A 233 4.98 -20.45 52.90
N GLU A 234 4.95 -21.28 53.94
CA GLU A 234 5.49 -22.63 53.86
C GLU A 234 4.85 -23.62 52.87
N PRO A 235 3.61 -23.46 52.36
CA PRO A 235 3.27 -24.18 51.12
C PRO A 235 3.57 -23.44 49.84
N TYR A 236 4.20 -22.27 49.90
CA TYR A 236 4.46 -21.48 48.71
C TYR A 236 5.92 -21.06 48.55
N ARG A 237 6.78 -21.38 49.51
CA ARG A 237 8.17 -20.94 49.46
C ARG A 237 9.02 -21.74 48.49
N TYR A 238 8.53 -22.88 47.99
CA TYR A 238 9.27 -23.70 47.06
C TYR A 238 8.57 -23.85 45.71
N SER A 239 7.41 -23.24 45.53
CA SER A 239 6.68 -23.33 44.27
C SER A 239 7.13 -22.29 43.25
N GLY A 240 8.03 -21.39 43.61
CA GLY A 240 8.52 -20.36 42.72
C GLY A 240 7.48 -19.34 42.29
N VAL A 241 6.67 -18.85 43.22
CA VAL A 241 5.59 -17.92 42.93
C VAL A 241 5.99 -16.54 43.43
N ASN A 242 5.85 -15.54 42.55
CA ASN A 242 6.26 -14.15 42.90
C ASN A 242 5.09 -13.40 43.54
N MET A 243 4.93 -13.49 44.86
CA MET A 243 3.98 -12.63 45.55
C MET A 243 4.75 -11.49 46.20
N THR A 244 4.39 -10.26 45.82
CA THR A 244 5.15 -9.09 46.23
C THR A 244 4.18 -8.01 46.67
N GLY A 245 4.37 -7.49 47.88
CA GLY A 245 3.45 -6.49 48.42
C GLY A 245 4.16 -5.57 49.37
N PHE A 246 3.40 -4.60 49.88
CA PHE A 246 3.92 -3.57 50.76
C PHE A 246 3.66 -3.94 52.21
N ARG A 247 4.39 -3.27 53.09
CA ARG A 247 4.37 -3.62 54.52
C ARG A 247 4.76 -2.36 55.28
N ILE A 248 3.76 -1.68 55.84
CA ILE A 248 4.00 -0.36 56.43
C ILE A 248 4.52 -0.47 57.86
N LEU A 249 4.25 -1.58 58.55
CA LEU A 249 4.63 -1.74 59.95
C LEU A 249 6.12 -2.00 60.07
N ASN A 250 6.80 -1.24 60.93
CA ASN A 250 8.25 -1.38 61.09
C ASN A 250 8.53 -2.60 61.96
N THR A 251 8.56 -3.77 61.30
CA THR A 251 8.72 -5.03 62.02
C THR A 251 10.15 -5.23 62.51
N GLU A 252 11.13 -4.66 61.80
CA GLU A 252 12.53 -4.98 62.07
C GLU A 252 13.09 -4.21 63.27
N ASN A 253 12.37 -3.23 63.79
CA ASN A 253 12.80 -2.54 65.00
C ASN A 253 12.54 -3.42 66.22
N THR A 254 13.45 -3.34 67.20
CA THR A 254 13.36 -4.21 68.37
C THR A 254 12.27 -3.74 69.34
N GLN A 255 12.06 -2.43 69.44
CA GLN A 255 11.02 -1.89 70.32
C GLN A 255 9.63 -2.27 69.83
N VAL A 256 9.41 -2.19 68.51
CA VAL A 256 8.15 -2.59 67.90
C VAL A 256 7.96 -4.09 68.02
N SER A 257 9.04 -4.87 67.92
CA SER A 257 8.98 -6.31 68.08
C SER A 257 8.60 -6.70 69.51
N SER A 258 9.14 -5.97 70.50
CA SER A 258 8.76 -6.21 71.89
C SER A 258 7.30 -5.83 72.15
N ILE A 259 6.83 -4.75 71.52
CA ILE A 259 5.43 -4.34 71.65
C ILE A 259 4.50 -5.38 71.04
N ILE A 260 4.87 -5.92 69.87
CA ILE A 260 4.09 -6.97 69.21
C ILE A 260 4.09 -8.25 70.02
N GLU A 261 5.24 -8.59 70.63
CA GLU A 261 5.32 -9.79 71.46
C GLU A 261 4.49 -9.67 72.74
N LYS A 262 4.50 -8.50 73.38
CA LYS A 262 3.67 -8.30 74.56
C LYS A 262 2.18 -8.26 74.21
N TRP A 263 1.84 -7.70 73.05
CA TRP A 263 0.45 -7.66 72.62
C TRP A 263 -0.06 -9.05 72.27
N SER A 264 0.78 -9.88 71.63
CA SER A 264 0.41 -11.26 71.35
C SER A 264 0.41 -12.11 72.60
N MET A 265 1.21 -11.74 73.60
CA MET A 265 1.11 -12.35 74.92
C MET A 265 -0.22 -12.03 75.57
N GLU A 266 -0.75 -10.82 75.34
CA GLU A 266 -2.09 -10.50 75.80
C GLU A 266 -3.17 -10.92 74.81
N ARG A 267 -2.82 -11.57 73.70
CA ARG A 267 -3.80 -12.01 72.71
C ARG A 267 -3.91 -13.53 72.63
N LEU A 268 -3.30 -14.27 73.55
CA LEU A 268 -3.51 -15.70 73.59
C LEU A 268 -4.90 -16.05 74.12
N GLN A 269 -5.52 -15.14 74.87
CA GLN A 269 -6.91 -15.33 75.28
C GLN A 269 -7.87 -15.22 74.09
N ALA A 270 -7.50 -14.44 73.08
CA ALA A 270 -8.25 -14.42 71.84
C ALA A 270 -8.07 -15.74 71.10
N PRO A 271 -9.13 -16.26 70.47
CA PRO A 271 -9.01 -17.56 69.81
C PRO A 271 -8.25 -17.45 68.50
N PRO A 272 -7.52 -18.50 68.11
CA PRO A 272 -6.81 -18.48 66.84
C PRO A 272 -7.68 -18.99 65.70
N LYS A 273 -7.17 -18.81 64.49
CA LYS A 273 -7.84 -19.29 63.29
C LYS A 273 -7.10 -20.50 62.74
N PRO A 274 -7.66 -21.71 62.83
CA PRO A 274 -6.87 -22.91 62.51
C PRO A 274 -6.83 -23.28 61.02
N ASP A 275 -7.85 -22.90 60.26
CA ASP A 275 -7.95 -23.31 58.86
C ASP A 275 -8.03 -22.14 57.89
N SER A 276 -7.80 -20.91 58.37
CA SER A 276 -7.86 -19.75 57.49
C SER A 276 -6.60 -19.55 56.67
N GLY A 277 -5.50 -20.20 57.01
CA GLY A 277 -4.25 -19.95 56.35
C GLY A 277 -3.63 -18.63 56.76
N LEU A 278 -3.48 -18.43 58.07
CA LEU A 278 -2.92 -17.22 58.63
C LEU A 278 -1.94 -17.56 59.74
N LEU A 279 -0.95 -16.69 59.93
CA LEU A 279 -0.02 -16.85 61.03
C LEU A 279 -0.69 -16.46 62.35
N ASP A 280 -0.57 -17.33 63.35
CA ASP A 280 -1.20 -17.09 64.63
C ASP A 280 -0.43 -16.06 65.44
N GLY A 281 -1.16 -15.28 66.24
CA GLY A 281 -0.58 -14.31 67.16
C GLY A 281 0.14 -13.15 66.51
N PHE A 282 -0.45 -12.55 65.49
CA PHE A 282 0.21 -11.48 64.74
C PHE A 282 -0.68 -10.26 64.70
N MET A 283 -0.04 -9.08 64.75
CA MET A 283 -0.73 -7.83 64.60
C MET A 283 -1.23 -7.64 63.17
N THR A 284 -2.43 -7.11 63.03
CA THR A 284 -2.89 -6.62 61.75
C THR A 284 -2.44 -5.17 61.59
N THR A 285 -2.77 -4.57 60.45
CA THR A 285 -2.42 -3.17 60.22
C THR A 285 -3.33 -2.25 61.02
N ASP A 286 -4.60 -2.62 61.15
CA ASP A 286 -5.59 -1.79 61.85
C ASP A 286 -5.32 -1.73 63.35
N ALA A 287 -4.86 -2.83 63.94
CA ALA A 287 -4.51 -2.82 65.36
C ALA A 287 -3.30 -1.95 65.63
N ALA A 288 -2.32 -1.97 64.73
CA ALA A 288 -1.16 -1.09 64.84
C ALA A 288 -1.55 0.37 64.65
N LEU A 289 -2.52 0.64 63.76
CA LEU A 289 -2.98 2.01 63.56
C LEU A 289 -3.76 2.52 64.76
N MET A 290 -4.56 1.64 65.38
CA MET A 290 -5.26 2.03 66.61
C MET A 290 -4.30 2.19 67.79
N TYR A 291 -3.19 1.46 67.79
CA TYR A 291 -2.15 1.71 68.79
C TYR A 291 -1.47 3.05 68.54
N ASP A 292 -1.23 3.39 67.28
CA ASP A 292 -0.50 4.61 66.97
C ASP A 292 -1.37 5.85 67.17
N ALA A 293 -2.69 5.74 66.97
CA ALA A 293 -3.58 6.90 67.04
C ALA A 293 -3.64 7.48 68.45
N VAL A 294 -3.71 6.61 69.45
CA VAL A 294 -3.78 7.04 70.84
C VAL A 294 -2.48 7.73 71.24
N HIS A 295 -1.35 7.23 70.73
CA HIS A 295 -0.06 7.82 71.04
C HIS A 295 0.13 9.17 70.36
N VAL A 296 -0.37 9.32 69.13
CA VAL A 296 -0.26 10.58 68.41
C VAL A 296 -1.13 11.66 69.07
N VAL A 297 -2.37 11.32 69.44
CA VAL A 297 -3.22 12.30 70.10
C VAL A 297 -2.72 12.58 71.53
N SER A 298 -2.13 11.59 72.20
CA SER A 298 -1.53 11.81 73.52
C SER A 298 -0.30 12.70 73.45
N VAL A 299 0.44 12.64 72.33
CA VAL A 299 1.46 13.65 72.06
C VAL A 299 0.80 15.01 71.88
N ALA A 300 -0.31 15.06 71.15
CA ALA A 300 -0.99 16.33 70.93
C ALA A 300 -1.76 16.84 72.14
N VAL A 301 -1.95 16.02 73.18
CA VAL A 301 -2.61 16.50 74.40
C VAL A 301 -1.70 17.47 75.15
N GLN A 302 -0.42 17.12 75.30
CA GLN A 302 0.49 17.88 76.15
C GLN A 302 0.90 19.22 75.54
N GLN A 303 0.58 19.49 74.27
CA GLN A 303 0.69 20.84 73.73
C GLN A 303 -0.52 21.70 74.07
N PHE A 304 -1.55 21.13 74.69
CA PHE A 304 -2.73 21.85 75.15
C PHE A 304 -2.93 21.51 76.62
N PRO A 305 -2.16 22.13 77.52
CA PRO A 305 -2.19 21.72 78.94
C PRO A 305 -3.44 22.13 79.70
N GLN A 306 -4.24 23.05 79.16
CA GLN A 306 -5.47 23.50 79.82
C GLN A 306 -6.70 22.72 79.36
N MET A 307 -6.52 21.45 79.00
CA MET A 307 -7.62 20.63 78.50
C MET A 307 -8.62 20.31 79.60
N THR A 308 -9.90 20.45 79.27
CA THR A 308 -10.99 20.11 80.19
C THR A 308 -12.18 19.67 79.35
N VAL A 309 -12.60 18.43 79.53
CA VAL A 309 -13.68 17.86 78.72
C VAL A 309 -15.02 18.36 79.24
N SER A 310 -15.81 18.95 78.36
CA SER A 310 -17.13 19.47 78.70
C SER A 310 -18.20 18.67 77.99
N SER A 311 -19.27 18.35 78.71
CA SER A 311 -20.38 17.60 78.14
C SER A 311 -21.20 18.51 77.24
N LEU A 312 -21.50 18.04 76.03
CA LEU A 312 -22.20 18.83 75.03
C LEU A 312 -23.46 18.09 74.58
N GLN A 313 -24.42 18.86 74.07
CA GLN A 313 -25.69 18.31 73.61
C GLN A 313 -25.80 18.50 72.10
N CYS A 314 -26.22 17.44 71.41
CA CYS A 314 -26.38 17.49 69.96
C CYS A 314 -27.73 18.03 69.53
N ASN A 315 -28.60 18.37 70.47
CA ASN A 315 -29.84 19.06 70.11
C ASN A 315 -29.57 20.51 69.75
N ARG A 316 -28.51 21.09 70.29
CA ARG A 316 -28.00 22.39 69.87
C ARG A 316 -26.77 22.22 68.97
N HIS A 317 -26.18 23.35 68.58
CA HIS A 317 -25.06 23.36 67.64
C HIS A 317 -23.93 24.26 68.10
N LYS A 318 -23.78 24.44 69.42
CA LYS A 318 -22.72 25.30 69.93
C LYS A 318 -21.39 24.57 69.83
N PRO A 319 -20.39 25.14 69.18
CA PRO A 319 -19.11 24.43 69.02
C PRO A 319 -18.31 24.42 70.31
N TRP A 320 -17.34 23.52 70.35
CA TRP A 320 -16.48 23.37 71.52
C TRP A 320 -15.49 24.54 71.59
N ARG A 321 -15.18 24.95 72.82
CA ARG A 321 -14.25 26.05 73.03
C ARG A 321 -12.80 25.64 72.84
N PHE A 322 -12.51 24.35 72.80
CA PHE A 322 -11.14 23.86 72.78
C PHE A 322 -10.75 23.24 71.44
N GLY A 323 -11.71 22.82 70.63
CA GLY A 323 -11.43 21.97 69.48
C GLY A 323 -10.73 22.67 68.34
N THR A 324 -10.79 24.00 68.28
CA THR A 324 -10.19 24.73 67.16
C THR A 324 -8.67 24.69 67.21
N ARG A 325 -8.09 24.96 68.38
CA ARG A 325 -6.64 24.82 68.52
C ARG A 325 -6.22 23.38 68.66
N PHE A 326 -7.07 22.53 69.25
CA PHE A 326 -6.74 21.12 69.46
C PHE A 326 -6.66 20.37 68.14
N MET A 327 -7.56 20.70 67.20
CA MET A 327 -7.52 20.10 65.88
C MET A 327 -6.27 20.49 65.11
N SER A 328 -5.86 21.76 65.22
CA SER A 328 -4.62 22.22 64.60
C SER A 328 -3.40 21.57 65.23
N LEU A 329 -3.40 21.41 66.55
CA LEU A 329 -2.27 20.77 67.23
C LEU A 329 -2.19 19.28 66.93
N ILE A 330 -3.34 18.64 66.69
CA ILE A 330 -3.35 17.27 66.19
C ILE A 330 -2.78 17.23 64.78
N LYS A 331 -3.16 18.18 63.92
CA LYS A 331 -2.67 18.24 62.55
C LYS A 331 -1.18 18.56 62.46
N GLU A 332 -0.61 19.24 63.45
CA GLU A 332 0.80 19.59 63.45
C GLU A 332 1.68 18.54 64.12
N ALA A 333 1.10 17.42 64.55
CA ALA A 333 1.86 16.42 65.29
C ALA A 333 2.75 15.61 64.37
N HIS A 334 3.98 15.34 64.84
CA HIS A 334 4.91 14.45 64.17
C HIS A 334 5.44 13.47 65.20
N TRP A 335 5.37 12.17 64.89
CA TRP A 335 5.76 11.16 65.85
C TRP A 335 6.21 9.91 65.12
N GLU A 336 7.04 9.11 65.79
CA GLU A 336 7.53 7.85 65.27
C GLU A 336 6.86 6.70 66.01
N GLY A 337 6.17 5.85 65.27
CA GLY A 337 5.37 4.79 65.86
C GLY A 337 5.59 3.46 65.20
N LEU A 338 4.57 2.61 65.23
CA LEU A 338 4.68 1.27 64.65
C LEU A 338 4.73 1.31 63.14
N THR A 339 4.09 2.29 62.52
CA THR A 339 4.20 2.52 61.09
C THR A 339 5.34 3.46 60.74
N GLY A 340 6.27 3.69 61.67
CA GLY A 340 7.38 4.57 61.39
C GLY A 340 6.97 6.01 61.48
N ARG A 341 7.25 6.76 60.42
CA ARG A 341 6.98 8.20 60.41
C ARG A 341 5.50 8.47 60.30
N ILE A 342 4.99 9.34 61.17
CA ILE A 342 3.60 9.76 61.15
C ILE A 342 3.59 11.29 61.05
N THR A 343 2.96 11.79 59.97
CA THR A 343 2.76 13.21 59.77
C THR A 343 1.38 13.39 59.17
N PHE A 344 1.03 14.60 58.78
CA PHE A 344 -0.28 14.85 58.19
C PHE A 344 -0.16 15.89 57.09
N ASN A 345 -1.10 15.80 56.14
CA ASN A 345 -1.17 16.78 55.03
C ASN A 345 -1.94 17.99 55.51
N LYS A 346 -1.38 19.19 55.35
CA LYS A 346 -1.98 20.42 55.84
C LYS A 346 -3.30 20.73 55.15
N THR A 347 -3.51 20.23 53.94
CA THR A 347 -4.76 20.48 53.23
C THR A 347 -5.89 19.62 53.80
N ASN A 348 -5.72 18.31 53.77
CA ASN A 348 -6.76 17.37 54.20
C ASN A 348 -6.21 16.46 55.30
N GLY A 349 -7.11 16.01 56.16
CA GLY A 349 -6.73 15.21 57.31
C GLY A 349 -6.44 13.76 56.98
N LEU A 350 -5.31 13.51 56.32
CA LEU A 350 -4.89 12.16 55.98
C LEU A 350 -3.37 12.15 55.88
N ARG A 351 -2.81 10.96 55.67
CA ARG A 351 -1.37 10.80 55.56
C ARG A 351 -0.98 10.60 54.10
N THR A 352 0.01 11.37 53.65
CA THR A 352 0.60 11.18 52.34
C THR A 352 2.04 10.71 52.39
N ASP A 353 2.78 11.05 53.43
CA ASP A 353 4.18 10.69 53.57
C ASP A 353 4.32 9.44 54.42
N PHE A 354 5.00 8.43 53.90
CA PHE A 354 5.19 7.17 54.59
C PHE A 354 6.65 6.76 54.50
N ASP A 355 6.95 5.60 55.07
CA ASP A 355 8.17 4.85 54.78
C ASP A 355 7.72 3.43 54.48
N LEU A 356 7.33 3.20 53.23
CA LEU A 356 6.86 1.88 52.82
C LEU A 356 8.03 0.92 52.67
N ASP A 357 7.70 -0.38 52.72
CA ASP A 357 8.71 -1.41 52.58
C ASP A 357 8.17 -2.48 51.64
N VAL A 358 8.92 -2.75 50.57
CA VAL A 358 8.52 -3.75 49.58
C VAL A 358 8.93 -5.12 50.09
N ILE A 359 7.96 -6.02 50.19
CA ILE A 359 8.20 -7.37 50.69
C ILE A 359 7.85 -8.34 49.57
N SER A 360 8.81 -9.16 49.18
CA SER A 360 8.62 -10.21 48.19
C SER A 360 8.73 -11.56 48.87
N LEU A 361 8.58 -12.62 48.08
CA LEU A 361 8.70 -13.99 48.57
C LEU A 361 9.90 -14.65 47.89
N LYS A 362 10.83 -15.14 48.69
CA LYS A 362 11.95 -15.94 48.24
C LYS A 362 11.86 -17.31 48.92
N GLU A 363 12.93 -18.10 48.76
CA GLU A 363 12.99 -19.40 49.40
C GLU A 363 13.17 -19.31 50.91
N GLU A 364 13.66 -18.17 51.41
CA GLU A 364 13.73 -17.93 52.85
C GLU A 364 12.39 -17.48 53.44
N GLY A 365 11.40 -17.21 52.59
CA GLY A 365 10.13 -16.68 53.08
C GLY A 365 9.92 -15.25 52.62
N LEU A 366 9.41 -14.40 53.51
CA LEU A 366 9.13 -13.01 53.17
C LEU A 366 10.21 -12.12 53.77
N GLU A 367 10.85 -11.32 52.91
CA GLU A 367 11.90 -10.42 53.35
C GLU A 367 12.00 -9.27 52.35
N LYS A 368 12.76 -8.25 52.74
CA LYS A 368 12.81 -7.00 52.00
C LYS A 368 13.59 -7.14 50.69
N ILE A 369 13.10 -6.45 49.66
CA ILE A 369 13.86 -6.23 48.44
C ILE A 369 14.11 -4.76 48.16
N GLY A 370 13.44 -3.86 48.87
CA GLY A 370 13.62 -2.44 48.66
C GLY A 370 12.61 -1.66 49.47
N THR A 371 12.80 -0.34 49.47
CA THR A 371 11.92 0.58 50.18
C THR A 371 11.21 1.48 49.19
N TRP A 372 10.16 2.14 49.67
CA TRP A 372 9.42 3.11 48.87
C TRP A 372 9.16 4.35 49.71
N ASP A 373 9.26 5.51 49.06
CA ASP A 373 9.07 6.79 49.70
C ASP A 373 8.26 7.64 48.74
N PRO A 374 7.38 8.52 49.24
CA PRO A 374 6.66 9.44 48.35
C PRO A 374 7.55 10.43 47.62
N ALA A 375 8.64 10.87 48.22
CA ALA A 375 9.55 11.80 47.54
C ALA A 375 10.64 11.08 46.78
N SER A 376 11.22 10.03 47.37
CA SER A 376 12.31 9.32 46.72
C SER A 376 11.83 8.29 45.70
N GLY A 377 10.53 8.05 45.60
CA GLY A 377 10.01 7.06 44.67
C GLY A 377 10.30 5.64 45.13
N LEU A 378 10.75 4.81 44.21
CA LEU A 378 11.06 3.41 44.48
C LEU A 378 12.57 3.24 44.41
N ASN A 379 13.16 2.69 45.47
CA ASN A 379 14.65 2.63 45.58
C ASN A 379 15.15 1.26 45.13
N MET A 380 14.52 0.20 45.63
CA MET A 380 14.81 -1.20 45.30
C MET A 380 16.27 -1.56 45.56
N THR A 381 16.63 -1.52 46.84
CA THR A 381 17.96 -1.93 47.26
C THR A 381 18.08 -3.44 47.14
N GLU A 382 18.56 -3.91 46.01
CA GLU A 382 18.56 -5.33 45.68
C GLU A 382 19.87 -6.01 46.09
N SER A 383 19.85 -7.33 46.01
CA SER A 383 21.04 -8.15 46.21
C SER A 383 21.18 -9.09 45.02
N GLN A 384 22.41 -9.25 44.54
CA GLN A 384 22.68 -10.00 43.32
C GLN A 384 23.54 -11.22 43.62
N LYS A 385 23.16 -12.36 43.04
CA LYS A 385 23.91 -13.61 43.16
C LYS A 385 23.86 -14.28 41.78
N GLY A 386 24.87 -14.03 40.97
CA GLY A 386 24.87 -14.53 39.61
C GLY A 386 25.74 -15.76 39.39
N LYS A 387 25.11 -16.89 39.07
CA LYS A 387 25.80 -18.14 38.80
C LYS A 387 24.95 -19.03 37.90
N PRO A 388 25.58 -19.77 36.99
CA PRO A 388 24.86 -20.81 36.25
C PRO A 388 25.02 -22.22 36.82
N ALA A 389 25.74 -22.38 37.92
CA ALA A 389 26.11 -23.68 38.45
C ALA A 389 24.92 -24.36 39.12
N ASN A 390 25.02 -25.70 39.20
CA ASN A 390 24.06 -26.59 39.85
C ASN A 390 22.65 -26.46 39.29
N ILE A 391 22.53 -26.62 37.97
CA ILE A 391 21.22 -26.67 37.35
C ILE A 391 20.49 -27.96 37.68
N THR A 392 21.23 -29.01 38.08
CA THR A 392 20.61 -30.22 38.59
C THR A 392 19.84 -29.96 39.88
N ASP A 393 20.41 -29.16 40.79
CA ASP A 393 19.73 -28.86 42.03
C ASP A 393 18.68 -27.77 41.89
N SER A 394 18.73 -27.00 40.80
CA SER A 394 17.90 -25.80 40.69
C SER A 394 16.45 -26.09 40.33
N LEU A 395 16.14 -27.25 39.76
CA LEU A 395 14.82 -27.50 39.20
C LEU A 395 14.11 -28.67 39.87
N SER A 396 14.40 -28.93 41.15
CA SER A 396 13.69 -29.98 41.84
C SER A 396 12.28 -29.51 42.22
N ASN A 397 11.39 -30.48 42.45
CA ASN A 397 9.98 -30.13 42.76
C ASN A 397 9.39 -29.41 41.54
N ARG A 398 9.73 -29.86 40.34
CA ARG A 398 9.16 -29.24 39.14
C ARG A 398 8.74 -30.36 38.20
N SER A 399 7.53 -30.88 38.40
CA SER A 399 6.97 -31.88 37.51
C SER A 399 6.52 -31.21 36.22
N LEU A 400 7.17 -31.53 35.11
CA LEU A 400 6.89 -30.88 33.84
C LEU A 400 6.32 -31.89 32.85
N ILE A 401 5.56 -31.36 31.90
CA ILE A 401 4.82 -32.17 30.93
C ILE A 401 5.39 -31.86 29.55
N VAL A 402 5.86 -32.89 28.85
CA VAL A 402 6.43 -32.76 27.52
C VAL A 402 5.56 -33.54 26.54
N THR A 403 5.19 -32.91 25.44
CA THR A 403 4.52 -33.58 24.33
C THR A 403 5.50 -33.76 23.18
N THR A 404 5.15 -34.65 22.25
CA THR A 404 6.00 -34.96 21.11
C THR A 404 5.16 -35.56 19.99
N ILE A 405 5.82 -35.80 18.85
CA ILE A 405 5.19 -36.38 17.67
C ILE A 405 5.91 -37.69 17.34
N LEU A 406 5.15 -38.78 17.23
CA LEU A 406 5.70 -40.10 16.93
C LEU A 406 5.79 -40.31 15.42
N GLU A 407 6.81 -39.70 14.82
CA GLU A 407 7.12 -39.96 13.41
C GLU A 407 8.64 -40.07 13.24
N GLU A 408 9.38 -39.50 14.17
CA GLU A 408 10.80 -39.25 14.00
C GLU A 408 11.62 -40.48 14.38
N PRO A 409 12.88 -40.54 13.91
CA PRO A 409 13.87 -41.38 14.59
C PRO A 409 14.28 -40.84 15.96
N TYR A 410 14.01 -39.55 16.21
CA TYR A 410 14.22 -38.94 17.52
C TYR A 410 13.34 -39.57 18.59
N VAL A 411 12.12 -40.01 18.23
CA VAL A 411 11.23 -40.72 19.13
C VAL A 411 10.41 -41.78 18.36
N LEU A 412 10.71 -43.04 18.61
CA LEU A 412 10.05 -44.14 17.90
C LEU A 412 9.84 -45.30 18.88
N PHE A 413 9.34 -44.98 20.08
CA PHE A 413 9.05 -45.89 21.19
C PHE A 413 10.28 -46.65 21.68
N LYS A 414 10.07 -47.67 22.50
CA LYS A 414 11.16 -48.51 23.01
C LYS A 414 11.04 -49.90 22.43
N LYS A 415 12.17 -50.46 22.01
CA LYS A 415 12.22 -51.77 21.37
C LYS A 415 12.32 -52.85 22.46
N SER A 416 11.18 -53.45 22.81
CA SER A 416 11.14 -54.51 23.79
C SER A 416 9.95 -55.41 23.49
N ASP A 417 10.02 -56.64 24.03
CA ASP A 417 8.91 -57.57 23.87
C ASP A 417 7.72 -57.17 24.74
N LYS A 418 7.98 -56.82 26.00
CA LYS A 418 6.95 -56.36 26.90
C LYS A 418 6.93 -54.85 26.92
N PRO A 419 5.79 -54.21 26.63
CA PRO A 419 5.76 -52.73 26.65
C PRO A 419 5.76 -52.20 28.08
N LEU A 420 6.53 -51.14 28.30
CA LEU A 420 6.53 -50.45 29.58
C LEU A 420 5.45 -49.38 29.56
N TYR A 421 5.41 -48.52 30.57
CA TYR A 421 4.36 -47.53 30.68
C TYR A 421 4.95 -46.19 31.13
N GLY A 422 4.24 -45.12 30.78
CA GLY A 422 4.70 -43.79 31.16
C GLY A 422 5.85 -43.34 30.28
N ASN A 423 6.88 -42.77 30.91
CA ASN A 423 8.05 -42.29 30.20
C ASN A 423 9.02 -43.41 29.83
N ASP A 424 8.84 -44.61 30.38
CA ASP A 424 9.80 -45.68 30.17
C ASP A 424 9.53 -46.50 28.92
N ARG A 425 8.41 -46.27 28.24
CA ARG A 425 8.07 -47.02 27.04
C ARG A 425 8.61 -46.38 25.76
N PHE A 426 9.44 -45.35 25.89
CA PHE A 426 9.94 -44.60 24.74
C PHE A 426 11.46 -44.66 24.69
N GLU A 427 11.99 -44.53 23.47
CA GLU A 427 13.42 -44.44 23.24
C GLU A 427 13.65 -43.69 21.93
N GLY A 428 14.87 -43.21 21.76
CA GLY A 428 15.23 -42.46 20.59
C GLY A 428 16.25 -41.38 20.96
N TYR A 429 16.44 -40.44 20.02
CA TYR A 429 17.35 -39.34 20.28
C TYR A 429 16.74 -38.37 21.30
N CYS A 430 15.48 -37.99 21.10
CA CYS A 430 14.85 -37.00 21.97
C CYS A 430 14.49 -37.57 23.34
N ILE A 431 14.18 -38.87 23.41
CA ILE A 431 13.79 -39.46 24.68
C ILE A 431 14.99 -39.60 25.61
N ASP A 432 16.09 -40.14 25.11
CA ASP A 432 17.30 -40.23 25.91
C ASP A 432 17.94 -38.86 26.09
N LEU A 433 17.69 -37.93 25.16
CA LEU A 433 18.11 -36.55 25.33
C LEU A 433 17.36 -35.89 26.48
N LEU A 434 16.05 -36.15 26.59
CA LEU A 434 15.26 -35.64 27.70
C LEU A 434 15.63 -36.33 29.01
N ARG A 435 16.05 -37.59 28.95
CA ARG A 435 16.59 -38.26 30.13
C ARG A 435 17.90 -37.62 30.58
N GLU A 436 18.74 -37.24 29.62
CA GLU A 436 19.99 -36.52 29.92
C GLU A 436 19.70 -35.15 30.54
N LEU A 437 18.73 -34.42 29.98
CA LEU A 437 18.35 -33.14 30.55
C LEU A 437 17.65 -33.28 31.89
N SER A 438 16.96 -34.38 32.15
CA SER A 438 16.37 -34.57 33.47
C SER A 438 17.41 -34.95 34.50
N THR A 439 18.48 -35.65 34.07
CA THR A 439 19.57 -35.94 35.00
C THR A 439 20.39 -34.68 35.30
N ILE A 440 20.61 -33.82 34.30
CA ILE A 440 21.37 -32.60 34.56
C ILE A 440 20.49 -31.44 34.99
N LEU A 441 19.17 -31.62 35.09
CA LEU A 441 18.30 -30.60 35.64
C LEU A 441 17.57 -31.04 36.91
N GLY A 442 17.46 -32.33 37.19
CA GLY A 442 16.88 -32.79 38.43
C GLY A 442 15.37 -32.60 38.54
N PHE A 443 14.68 -32.50 37.41
CA PHE A 443 13.24 -32.27 37.40
C PHE A 443 12.53 -33.53 36.94
N THR A 444 11.21 -33.52 37.13
CA THR A 444 10.37 -34.64 36.72
C THR A 444 9.74 -34.32 35.38
N TYR A 445 10.05 -35.13 34.38
CA TYR A 445 9.49 -34.99 33.05
C TYR A 445 8.37 -35.99 32.84
N GLU A 446 7.38 -35.60 32.05
CA GLU A 446 6.27 -36.48 31.69
C GLU A 446 6.10 -36.45 30.18
N ILE A 447 6.12 -37.62 29.56
CA ILE A 447 5.94 -37.73 28.12
C ILE A 447 4.46 -37.91 27.83
N ARG A 448 3.92 -37.06 26.96
CA ARG A 448 2.55 -37.19 26.49
C ARG A 448 2.51 -37.21 24.97
N LEU A 449 1.33 -37.49 24.45
CA LEU A 449 1.10 -37.58 23.02
C LEU A 449 0.13 -36.49 22.58
N VAL A 450 0.03 -36.30 21.28
CA VAL A 450 -0.83 -35.27 20.70
C VAL A 450 -2.00 -35.97 20.02
N GLU A 451 -3.22 -35.50 20.29
CA GLU A 451 -4.42 -36.14 19.77
C GLU A 451 -4.55 -35.97 18.26
N ASP A 452 -4.23 -34.78 17.75
CA ASP A 452 -4.12 -34.62 16.31
C ASP A 452 -2.83 -35.21 15.76
N GLY A 453 -1.79 -35.32 16.59
CA GLY A 453 -0.56 -35.94 16.18
C GLY A 453 0.29 -35.12 15.23
N LYS A 454 0.04 -33.81 15.15
CA LYS A 454 0.74 -32.94 14.22
C LYS A 454 1.50 -31.87 15.00
N TYR A 455 2.56 -31.36 14.38
CA TYR A 455 3.21 -30.16 14.92
C TYR A 455 2.30 -28.94 14.80
N GLY A 456 1.56 -28.86 13.69
CA GLY A 456 0.50 -27.88 13.56
C GLY A 456 0.94 -26.50 13.15
N ALA A 457 0.22 -25.92 12.20
CA ALA A 457 0.42 -24.54 11.78
C ALA A 457 -0.76 -23.70 12.27
N GLN A 458 -0.70 -22.40 12.00
CA GLN A 458 -1.82 -21.52 12.31
C GLN A 458 -2.96 -21.81 11.35
N ASP A 459 -4.14 -22.11 11.89
CA ASP A 459 -5.30 -22.36 11.06
C ASP A 459 -5.82 -21.06 10.47
N ASP A 460 -6.31 -21.14 9.24
CA ASP A 460 -6.78 -19.96 8.52
C ASP A 460 -8.23 -19.63 8.81
N VAL A 461 -8.91 -20.42 9.65
CA VAL A 461 -10.29 -20.16 10.00
C VAL A 461 -10.43 -19.32 11.27
N ASN A 462 -9.45 -19.36 12.17
CA ASN A 462 -9.52 -18.58 13.40
C ASN A 462 -8.21 -17.90 13.80
N GLY A 463 -7.08 -18.24 13.18
CA GLY A 463 -5.80 -17.76 13.63
C GLY A 463 -5.18 -18.60 14.74
N GLN A 464 -5.90 -19.61 15.24
CA GLN A 464 -5.39 -20.48 16.28
C GLN A 464 -4.49 -21.55 15.67
N TRP A 465 -3.42 -21.87 16.38
CA TRP A 465 -2.48 -22.90 15.94
C TRP A 465 -3.03 -24.27 16.30
N ASN A 466 -2.25 -25.31 15.96
CA ASN A 466 -2.67 -26.68 16.20
C ASN A 466 -1.51 -27.47 16.79
N GLY A 467 -1.86 -28.56 17.46
CA GLY A 467 -0.91 -29.55 17.92
C GLY A 467 0.08 -29.10 18.97
N MET A 468 1.37 -29.13 18.60
CA MET A 468 2.46 -28.79 19.52
C MET A 468 2.41 -27.33 19.94
N VAL A 469 2.21 -26.43 18.97
CA VAL A 469 2.22 -25.00 19.24
C VAL A 469 0.99 -24.59 20.06
N ARG A 470 -0.17 -25.14 19.73
CA ARG A 470 -1.38 -24.84 20.49
C ARG A 470 -1.34 -25.46 21.89
N GLU A 471 -0.70 -26.62 22.03
CA GLU A 471 -0.52 -27.21 23.36
C GLU A 471 0.43 -26.38 24.21
N LEU A 472 1.48 -25.82 23.59
CA LEU A 472 2.38 -24.94 24.32
C LEU A 472 1.72 -23.59 24.64
N ILE A 473 0.83 -23.12 23.77
CA ILE A 473 0.10 -21.88 24.02
C ILE A 473 -0.89 -22.06 25.16
N ASP A 474 -1.62 -23.18 25.18
CA ASP A 474 -2.55 -23.47 26.26
C ASP A 474 -1.86 -23.98 27.51
N HIS A 475 -0.53 -24.21 27.45
CA HIS A 475 0.33 -24.58 28.57
C HIS A 475 -0.07 -25.91 29.21
N LYS A 476 -0.70 -26.80 28.44
CA LYS A 476 -0.92 -28.16 28.89
C LYS A 476 0.36 -28.98 28.86
N ALA A 477 1.31 -28.58 28.01
CA ALA A 477 2.65 -29.16 28.00
C ALA A 477 3.63 -28.08 28.43
N ASP A 478 4.40 -28.37 29.48
CA ASP A 478 5.35 -27.39 29.98
C ASP A 478 6.60 -27.28 29.10
N LEU A 479 6.94 -28.35 28.39
CA LEU A 479 8.07 -28.35 27.49
C LEU A 479 7.69 -29.08 26.21
N ALA A 480 8.55 -28.96 25.20
CA ALA A 480 8.32 -29.65 23.93
C ALA A 480 9.68 -30.00 23.34
N VAL A 481 10.13 -31.23 23.61
CA VAL A 481 11.36 -31.76 23.04
C VAL A 481 10.96 -32.46 21.75
N ALA A 482 11.10 -31.77 20.64
CA ALA A 482 10.66 -32.26 19.33
C ALA A 482 11.50 -31.58 18.26
N PRO A 483 11.63 -32.20 17.08
CA PRO A 483 12.31 -31.51 15.98
C PRO A 483 11.48 -30.37 15.42
N LEU A 484 11.52 -29.22 16.09
CA LEU A 484 10.76 -28.05 15.69
C LEU A 484 11.67 -27.13 14.89
N ALA A 485 11.30 -26.88 13.64
CA ALA A 485 12.03 -25.91 12.84
C ALA A 485 11.69 -24.50 13.32
N ILE A 486 12.73 -23.71 13.58
CA ILE A 486 12.52 -22.38 14.13
C ILE A 486 12.16 -21.44 12.99
N THR A 487 10.88 -21.35 12.68
CA THR A 487 10.39 -20.42 11.68
C THR A 487 10.09 -19.07 12.33
N TYR A 488 10.05 -18.04 11.49
CA TYR A 488 9.81 -16.69 12.01
C TYR A 488 8.38 -16.50 12.49
N VAL A 489 7.42 -17.22 11.89
CA VAL A 489 6.05 -17.16 12.36
C VAL A 489 5.92 -17.86 13.71
N ARG A 490 6.56 -19.02 13.87
CA ARG A 490 6.55 -19.72 15.14
C ARG A 490 7.31 -18.96 16.21
N GLU A 491 8.41 -18.30 15.83
CA GLU A 491 9.18 -17.51 16.79
C GLU A 491 8.43 -16.26 17.21
N LYS A 492 7.75 -15.60 16.27
CA LYS A 492 6.97 -14.42 16.61
C LYS A 492 5.70 -14.76 17.37
N VAL A 493 5.21 -15.99 17.26
CA VAL A 493 4.07 -16.39 18.08
C VAL A 493 4.53 -16.78 19.48
N ILE A 494 5.56 -17.62 19.57
CA ILE A 494 5.92 -18.23 20.85
C ILE A 494 7.44 -18.37 20.92
N ASP A 495 7.96 -18.36 22.14
CA ASP A 495 9.40 -18.38 22.35
C ASP A 495 9.99 -19.76 22.09
N PHE A 496 11.27 -19.77 21.72
CA PHE A 496 12.02 -20.99 21.44
C PHE A 496 13.19 -21.11 22.41
N SER A 497 13.85 -22.26 22.38
CA SER A 497 15.11 -22.45 23.08
C SER A 497 16.25 -22.19 22.11
N LYS A 498 17.48 -22.49 22.55
CA LYS A 498 18.62 -22.42 21.65
C LYS A 498 18.57 -23.60 20.67
N PRO A 499 18.87 -23.37 19.38
CA PRO A 499 19.00 -24.50 18.45
C PRO A 499 20.22 -25.34 18.77
N PHE A 500 20.00 -26.58 19.20
CA PHE A 500 21.12 -27.46 19.54
C PHE A 500 21.83 -27.99 18.30
N MET A 501 21.18 -27.95 17.14
CA MET A 501 21.85 -28.24 15.88
C MET A 501 21.24 -27.37 14.79
N THR A 502 22.00 -27.21 13.71
CA THR A 502 21.63 -26.35 12.59
C THR A 502 21.50 -27.21 11.34
N LEU A 503 20.41 -27.02 10.60
CA LEU A 503 20.12 -27.87 9.46
C LEU A 503 19.47 -27.03 8.37
N GLY A 504 19.11 -27.70 7.27
CA GLY A 504 18.46 -27.02 6.16
C GLY A 504 17.69 -28.00 5.30
N ILE A 505 16.98 -27.45 4.34
CA ILE A 505 16.15 -28.24 3.42
C ILE A 505 16.99 -28.58 2.19
N SER A 506 16.99 -29.86 1.83
CA SER A 506 17.64 -30.34 0.61
C SER A 506 16.69 -31.29 -0.11
N ILE A 507 17.18 -31.85 -1.22
CA ILE A 507 16.35 -32.59 -2.17
C ILE A 507 16.79 -34.05 -2.18
N LEU A 508 15.83 -34.95 -2.06
CA LEU A 508 16.07 -36.38 -2.23
C LEU A 508 15.49 -36.85 -3.55
N TYR A 509 16.28 -37.62 -4.30
CA TYR A 509 15.81 -38.24 -5.53
C TYR A 509 16.19 -39.71 -5.53
N ARG A 510 15.41 -40.49 -6.26
CA ARG A 510 15.76 -41.90 -6.46
C ARG A 510 16.97 -41.99 -7.38
N LYS A 511 17.97 -42.75 -6.95
CA LYS A 511 19.15 -43.00 -7.77
C LYS A 511 18.76 -43.90 -8.95
N PRO A 512 19.00 -43.48 -10.20
CA PRO A 512 18.61 -44.32 -11.34
C PRO A 512 19.47 -45.56 -11.49
N ASN A 513 18.88 -46.72 -11.21
CA ASN A 513 19.55 -48.01 -11.38
C ASN A 513 19.31 -48.59 -12.76
N GLY A 514 19.60 -47.80 -13.79
CA GLY A 514 19.45 -48.25 -15.17
C GLY A 514 20.54 -49.17 -15.65
N THR A 515 21.62 -49.32 -14.88
CA THR A 515 22.67 -50.27 -15.23
C THR A 515 22.19 -51.69 -14.98
N ASN A 516 22.46 -52.57 -15.94
CA ASN A 516 22.08 -54.00 -15.79
C ASN A 516 23.37 -54.82 -15.61
N PRO A 517 23.30 -56.12 -15.23
CA PRO A 517 24.51 -56.90 -14.98
C PRO A 517 25.50 -56.77 -16.14
N GLY A 518 26.80 -56.65 -15.83
CA GLY A 518 27.83 -56.52 -16.87
C GLY A 518 27.76 -57.67 -17.86
N VAL A 519 27.37 -58.86 -17.40
CA VAL A 519 27.18 -60.01 -18.33
C VAL A 519 26.07 -59.63 -19.32
N PHE A 520 26.32 -59.80 -20.61
CA PHE A 520 25.31 -59.48 -21.66
C PHE A 520 25.20 -57.95 -21.82
N SER A 521 25.87 -57.19 -20.95
CA SER A 521 25.87 -55.71 -21.08
C SER A 521 26.53 -55.33 -22.41
N PHE A 522 27.64 -55.99 -22.75
CA PHE A 522 28.29 -55.74 -24.06
C PHE A 522 27.53 -56.52 -25.14
N LEU A 523 26.59 -57.38 -24.73
CA LEU A 523 25.76 -58.10 -25.72
C LEU A 523 24.52 -57.23 -26.02
N ASN A 524 24.35 -56.15 -25.26
CA ASN A 524 23.21 -55.21 -25.51
C ASN A 524 23.30 -54.68 -26.94
N PRO A 525 24.46 -54.17 -27.41
CA PRO A 525 24.60 -53.73 -28.80
C PRO A 525 24.41 -54.94 -29.73
N LEU A 526 24.87 -56.11 -29.29
CA LEU A 526 24.69 -57.36 -30.09
C LEU A 526 23.20 -57.72 -30.11
N SER A 527 22.77 -58.52 -31.10
CA SER A 527 21.35 -58.94 -31.17
C SER A 527 21.27 -60.47 -31.15
N PRO A 528 20.68 -61.09 -30.09
CA PRO A 528 20.51 -62.54 -30.04
C PRO A 528 19.96 -63.05 -31.38
N ASP A 529 18.89 -62.38 -31.86
CA ASP A 529 18.23 -62.81 -33.11
C ASP A 529 19.23 -62.75 -34.25
N ILE A 530 19.91 -61.61 -34.42
CA ILE A 530 20.98 -61.55 -35.46
C ILE A 530 22.14 -62.43 -34.99
N TRP A 531 22.29 -62.66 -33.69
CA TRP A 531 23.33 -63.60 -33.20
C TRP A 531 22.99 -64.99 -33.72
N MET A 532 21.73 -65.40 -33.56
CA MET A 532 21.29 -66.71 -34.07
C MET A 532 21.47 -66.72 -35.59
N TYR A 533 21.23 -65.59 -36.24
CA TYR A 533 21.30 -65.53 -37.73
C TYR A 533 22.76 -65.75 -38.15
N VAL A 534 23.71 -65.17 -37.40
CA VAL A 534 25.16 -65.32 -37.69
C VAL A 534 25.58 -66.75 -37.40
N LEU A 535 24.99 -67.37 -36.37
CA LEU A 535 25.28 -68.80 -36.11
C LEU A 535 24.83 -69.58 -37.34
N LEU A 536 23.64 -69.26 -37.85
CA LEU A 536 23.10 -69.99 -39.03
C LEU A 536 24.03 -69.75 -40.21
N ALA A 537 24.55 -68.53 -40.35
CA ALA A 537 25.44 -68.18 -41.48
C ALA A 537 26.73 -68.99 -41.39
N TYR A 538 27.27 -69.13 -40.18
CA TYR A 538 28.50 -69.94 -39.98
C TYR A 538 28.20 -71.39 -40.35
N LEU A 539 27.04 -71.90 -39.91
CA LEU A 539 26.67 -73.30 -40.22
C LEU A 539 26.62 -73.43 -41.74
N GLY A 540 26.04 -72.44 -42.42
CA GLY A 540 25.91 -72.48 -43.89
C GLY A 540 27.26 -72.48 -44.56
N VAL A 541 28.18 -71.64 -44.08
CA VAL A 541 29.56 -71.56 -44.66
C VAL A 541 30.23 -72.92 -44.46
N SER A 542 30.02 -73.53 -43.29
CA SER A 542 30.60 -74.87 -43.01
C SER A 542 30.07 -75.87 -44.03
N VAL A 543 28.74 -75.87 -44.25
CA VAL A 543 28.12 -76.84 -45.19
C VAL A 543 28.68 -76.56 -46.58
N VAL A 544 28.89 -75.29 -46.91
CA VAL A 544 29.40 -74.88 -48.23
C VAL A 544 30.79 -75.49 -48.41
N LEU A 545 31.67 -75.31 -47.42
CA LEU A 545 33.05 -75.87 -47.51
C LEU A 545 32.94 -77.39 -47.64
N PHE A 546 32.03 -78.00 -46.89
CA PHE A 546 31.86 -79.48 -46.92
C PHE A 546 31.54 -79.93 -48.34
N VAL A 547 30.54 -79.30 -48.98
CA VAL A 547 30.11 -79.74 -50.33
C VAL A 547 31.24 -79.40 -51.33
N ILE A 548 31.93 -78.29 -51.10
CA ILE A 548 33.08 -77.91 -51.96
C ILE A 548 33.94 -79.15 -52.07
N ALA A 549 33.96 -79.97 -51.02
CA ALA A 549 34.71 -81.24 -51.21
C ALA A 549 33.73 -82.42 -51.25
N ARG A 550 32.52 -82.23 -50.71
CA ARG A 550 31.52 -83.34 -50.66
C ARG A 550 30.15 -82.83 -51.11
N PHE A 551 30.01 -82.51 -52.41
CA PHE A 551 28.70 -82.05 -52.95
C PHE A 551 28.10 -83.15 -53.83
N ALA A 597 42.99 -73.04 -55.18
CA ALA A 597 41.69 -73.09 -54.54
C ALA A 597 41.09 -71.69 -54.42
N LEU A 598 40.56 -71.18 -55.54
CA LEU A 598 39.99 -69.84 -55.56
C LEU A 598 38.66 -69.78 -54.81
N SER A 599 37.87 -70.86 -54.86
CA SER A 599 36.54 -70.87 -54.27
C SER A 599 36.61 -70.83 -52.75
N THR A 600 37.63 -71.48 -52.17
CA THR A 600 37.86 -71.42 -50.73
C THR A 600 38.24 -69.99 -50.29
N ARG A 601 39.04 -69.30 -51.10
CA ARG A 601 39.37 -67.91 -50.82
C ARG A 601 38.16 -67.00 -50.96
N ILE A 602 37.28 -67.29 -51.92
CA ILE A 602 36.05 -66.51 -52.10
C ILE A 602 35.11 -66.69 -50.91
N VAL A 603 34.94 -67.94 -50.46
CA VAL A 603 34.08 -68.24 -49.31
C VAL A 603 34.65 -67.63 -48.03
N GLY A 604 35.97 -67.73 -47.84
CA GLY A 604 36.61 -67.15 -46.68
C GLY A 604 36.58 -65.62 -46.67
N GLY A 605 36.73 -65.00 -47.84
CA GLY A 605 36.62 -63.56 -47.93
C GLY A 605 35.21 -63.05 -47.70
N ILE A 606 34.20 -63.79 -48.18
CA ILE A 606 32.80 -63.42 -47.96
C ILE A 606 32.44 -63.54 -46.48
N TRP A 607 32.86 -64.64 -45.85
CA TRP A 607 32.64 -64.84 -44.41
C TRP A 607 33.42 -63.83 -43.57
N TRP A 608 34.62 -63.45 -44.04
CA TRP A 608 35.46 -62.51 -43.33
C TRP A 608 34.89 -61.09 -43.37
N PHE A 609 34.41 -60.66 -44.54
CA PHE A 609 33.77 -59.35 -44.63
C PHE A 609 32.41 -59.34 -43.94
N PHE A 610 31.74 -60.49 -43.90
CA PHE A 610 30.50 -60.64 -43.14
C PHE A 610 30.72 -60.46 -41.64
N THR A 611 31.79 -61.08 -41.12
CA THR A 611 32.15 -60.89 -39.72
C THR A 611 32.66 -59.48 -39.44
N LEU A 612 33.30 -58.84 -40.42
CA LEU A 612 33.73 -57.45 -40.26
C LEU A 612 32.52 -56.51 -40.20
N ILE A 613 31.49 -56.81 -40.99
CA ILE A 613 30.22 -56.08 -40.92
C ILE A 613 29.58 -56.24 -39.53
N ILE A 614 29.62 -57.47 -39.00
CA ILE A 614 29.10 -57.75 -37.65
C ILE A 614 29.86 -56.96 -36.59
N ILE A 615 31.20 -56.96 -36.69
CA ILE A 615 32.06 -56.29 -35.72
C ILE A 615 31.85 -54.77 -35.77
N SER A 616 31.76 -54.20 -36.97
CA SER A 616 31.57 -52.76 -37.13
C SER A 616 30.20 -52.33 -36.63
N SER A 617 29.15 -53.12 -36.92
CA SER A 617 27.81 -52.79 -36.45
C SER A 617 27.69 -52.88 -34.94
N TYR A 618 28.29 -53.91 -34.34
CA TYR A 618 28.25 -54.07 -32.88
C TYR A 618 29.04 -52.98 -32.18
N THR A 619 30.20 -52.61 -32.74
CA THR A 619 31.02 -51.55 -32.16
C THR A 619 30.33 -50.20 -32.27
N ALA A 620 29.65 -49.96 -33.40
CA ALA A 620 28.90 -48.72 -33.59
C ALA A 620 27.71 -48.62 -32.62
N ASN A 621 26.98 -49.73 -32.44
CA ASN A 621 25.85 -49.75 -31.50
C ASN A 621 26.34 -49.57 -30.06
N LEU A 622 27.43 -50.26 -29.70
CA LEU A 622 27.94 -50.21 -28.32
C LEU A 622 28.48 -48.83 -27.98
N ALA A 623 29.20 -48.19 -28.90
CA ALA A 623 29.64 -46.80 -28.69
C ALA A 623 28.46 -45.83 -28.71
N ALA A 624 27.38 -46.18 -29.45
CA ALA A 624 26.19 -45.33 -29.49
C ALA A 624 25.49 -45.27 -28.12
N PHE A 625 25.16 -46.42 -27.52
CA PHE A 625 24.49 -46.23 -26.24
C PHE A 625 25.46 -46.05 -25.09
N LEU A 626 26.77 -46.27 -25.33
CA LEU A 626 27.76 -45.77 -24.39
C LEU A 626 27.80 -44.24 -24.37
N THR A 627 27.65 -43.61 -25.53
CA THR A 627 27.54 -42.15 -25.57
C THR A 627 26.15 -41.64 -25.25
N VAL A 628 25.15 -42.52 -25.15
CA VAL A 628 23.83 -42.09 -24.67
C VAL A 628 23.89 -41.72 -23.20
N GLU A 629 24.45 -42.61 -22.38
CA GLU A 629 24.43 -42.41 -20.93
C GLU A 629 25.43 -41.34 -20.47
N ARG A 630 26.60 -41.28 -21.09
CA ARG A 630 27.61 -40.34 -20.65
C ARG A 630 27.36 -38.92 -21.12
N MET A 631 26.55 -38.73 -22.16
CA MET A 631 26.14 -37.39 -22.55
C MET A 631 24.99 -36.84 -21.70
N GLU A 632 24.35 -37.69 -20.90
CA GLU A 632 23.23 -37.26 -20.09
C GLU A 632 23.73 -36.44 -18.90
N SER A 633 23.08 -35.30 -18.67
CA SER A 633 23.36 -34.48 -17.51
C SER A 633 22.26 -34.69 -16.48
N PRO A 634 22.55 -35.32 -15.34
CA PRO A 634 21.50 -35.57 -14.35
C PRO A 634 21.21 -34.33 -13.52
N ILE A 635 20.32 -34.51 -12.54
CA ILE A 635 19.94 -33.41 -11.65
C ILE A 635 21.06 -33.18 -10.65
N ASP A 636 21.51 -31.93 -10.53
CA ASP A 636 22.51 -31.57 -9.54
C ASP A 636 22.24 -30.23 -8.88
N SER A 637 21.12 -29.58 -9.18
CA SER A 637 20.83 -28.26 -8.66
C SER A 637 19.34 -28.10 -8.46
N ALA A 638 18.97 -27.15 -7.58
CA ALA A 638 17.57 -26.82 -7.39
C ALA A 638 17.00 -26.08 -8.58
N ASP A 639 17.83 -25.33 -9.30
CA ASP A 639 17.36 -24.60 -10.47
C ASP A 639 17.02 -25.56 -11.61
N ASP A 640 17.74 -26.68 -11.71
CA ASP A 640 17.39 -27.72 -12.67
C ASP A 640 16.05 -28.35 -12.35
N LEU A 641 15.75 -28.53 -11.06
CA LEU A 641 14.44 -29.02 -10.67
C LEU A 641 13.36 -27.98 -10.91
N ALA A 642 13.71 -26.69 -10.81
CA ALA A 642 12.76 -25.63 -11.12
C ALA A 642 12.43 -25.59 -12.60
N LYS A 643 13.42 -25.85 -13.46
CA LYS A 643 13.13 -25.89 -14.89
C LYS A 643 12.39 -27.16 -15.29
N GLN A 644 12.78 -28.30 -14.73
CA GLN A 644 12.20 -29.59 -15.13
C GLN A 644 10.84 -29.76 -14.45
N THR A 645 9.78 -29.50 -15.21
CA THR A 645 8.42 -29.66 -14.71
C THR A 645 7.85 -31.05 -14.96
N LYS A 646 8.57 -31.92 -15.67
CA LYS A 646 8.13 -33.29 -15.84
C LYS A 646 8.25 -34.07 -14.53
N ILE A 647 9.39 -33.95 -13.86
CA ILE A 647 9.61 -34.63 -12.60
C ILE A 647 8.89 -33.86 -11.50
N GLU A 648 7.98 -34.53 -10.79
CA GLU A 648 7.20 -33.89 -9.76
C GLU A 648 8.02 -33.70 -8.50
N TYR A 649 7.71 -32.64 -7.76
CA TYR A 649 8.42 -32.32 -6.53
C TYR A 649 7.47 -31.66 -5.55
N GLY A 650 7.76 -31.85 -4.26
CA GLY A 650 6.92 -31.30 -3.22
C GLY A 650 7.49 -31.62 -1.86
N ALA A 651 6.67 -31.37 -0.83
CA ALA A 651 7.10 -31.60 0.55
C ALA A 651 5.87 -31.96 1.37
N VAL A 652 6.04 -31.92 2.69
CA VAL A 652 4.95 -32.22 3.61
C VAL A 652 4.06 -30.99 3.71
N GLU A 653 2.74 -31.21 3.66
CA GLU A 653 1.78 -30.14 3.85
C GLU A 653 1.85 -29.63 5.30
N ASP A 654 1.61 -28.32 5.45
CA ASP A 654 1.60 -27.59 6.73
C ASP A 654 2.93 -27.71 7.46
N GLY A 655 4.03 -27.68 6.71
CA GLY A 655 5.36 -27.71 7.27
C GLY A 655 6.08 -26.39 7.11
N ALA A 656 7.35 -26.40 7.54
CA ALA A 656 8.19 -25.22 7.37
C ALA A 656 8.67 -25.04 5.94
N THR A 657 8.62 -26.09 5.12
CA THR A 657 9.02 -25.97 3.72
C THR A 657 8.03 -25.11 2.94
N MET A 658 6.73 -25.35 3.13
CA MET A 658 5.74 -24.52 2.44
C MET A 658 5.66 -23.13 3.06
N THR A 659 6.01 -23.00 4.35
CA THR A 659 6.12 -21.68 4.97
C THR A 659 7.26 -20.88 4.37
N PHE A 660 8.41 -21.53 4.14
CA PHE A 660 9.54 -20.88 3.49
C PHE A 660 9.25 -20.58 2.03
N PHE A 661 8.46 -21.43 1.37
CA PHE A 661 8.06 -21.13 -0.01
C PHE A 661 7.03 -20.01 -0.07
N LYS A 662 6.21 -19.86 0.98
CA LYS A 662 5.33 -18.70 1.08
C LYS A 662 6.14 -17.42 1.28
N LYS A 663 7.16 -17.47 2.13
CA LYS A 663 8.02 -16.32 2.37
C LYS A 663 9.23 -16.28 1.44
N SER A 664 9.21 -17.06 0.36
CA SER A 664 10.30 -17.02 -0.61
C SER A 664 10.19 -15.78 -1.49
N LYS A 665 11.29 -15.03 -1.60
CA LYS A 665 11.37 -13.88 -2.48
C LYS A 665 12.25 -14.12 -3.69
N ILE A 666 13.13 -15.13 -3.63
CA ILE A 666 13.87 -15.55 -4.82
C ILE A 666 12.90 -16.23 -5.77
N SER A 667 12.99 -15.86 -7.06
CA SER A 667 12.03 -16.30 -8.07
C SER A 667 12.09 -17.80 -8.34
N THR A 668 13.22 -18.45 -8.08
CA THR A 668 13.31 -19.91 -8.25
C THR A 668 12.43 -20.63 -7.25
N TYR A 669 12.54 -20.28 -5.97
CA TYR A 669 11.67 -20.88 -4.97
C TYR A 669 10.24 -20.35 -5.06
N ASP A 670 10.05 -19.18 -5.66
CA ASP A 670 8.70 -18.72 -5.99
C ASP A 670 8.06 -19.60 -7.05
N LYS A 671 8.83 -20.01 -8.05
CA LYS A 671 8.31 -20.94 -9.05
C LYS A 671 8.11 -22.34 -8.47
N MET A 672 8.95 -22.73 -7.50
CA MET A 672 8.71 -23.94 -6.72
C MET A 672 7.37 -23.87 -5.98
N TRP A 673 7.10 -22.73 -5.35
CA TRP A 673 5.85 -22.51 -4.63
C TRP A 673 4.66 -22.51 -5.57
N ALA A 674 4.84 -21.95 -6.77
CA ALA A 674 3.78 -21.95 -7.78
C ALA A 674 3.52 -23.35 -8.32
N PHE A 675 4.57 -24.18 -8.44
CA PHE A 675 4.38 -25.56 -8.89
C PHE A 675 3.65 -26.39 -7.84
N MET A 676 4.05 -26.27 -6.57
CA MET A 676 3.44 -27.13 -5.55
C MET A 676 2.03 -26.67 -5.20
N SER A 677 1.72 -25.40 -5.42
CA SER A 677 0.34 -24.94 -5.29
C SER A 677 -0.50 -25.35 -6.49
N SER A 678 0.13 -25.54 -7.65
CA SER A 678 -0.60 -26.02 -8.82
C SER A 678 -1.04 -27.47 -8.65
N ARG A 679 -0.13 -28.33 -8.20
CA ARG A 679 -0.48 -29.69 -7.81
C ARG A 679 -0.77 -29.70 -6.31
N ARG A 680 -1.91 -29.09 -5.97
CA ARG A 680 -2.23 -28.79 -4.58
C ARG A 680 -2.57 -30.04 -3.79
N GLN A 681 -3.18 -31.04 -4.43
CA GLN A 681 -3.49 -32.29 -3.78
C GLN A 681 -2.73 -33.47 -4.38
N SER A 682 -1.81 -33.22 -5.31
CA SER A 682 -1.07 -34.28 -5.97
C SER A 682 0.31 -34.47 -5.37
N VAL A 683 1.16 -33.45 -5.43
CA VAL A 683 2.54 -33.57 -4.95
C VAL A 683 2.66 -33.23 -3.47
N LEU A 684 1.58 -32.81 -2.83
CA LEU A 684 1.63 -32.39 -1.43
C LEU A 684 1.14 -33.54 -0.57
N VAL A 685 2.02 -34.04 0.29
CA VAL A 685 1.75 -35.23 1.06
C VAL A 685 1.34 -34.83 2.47
N LYS A 686 0.84 -35.80 3.24
CA LYS A 686 0.35 -35.53 4.58
C LYS A 686 1.28 -36.02 5.68
N SER A 687 2.26 -36.88 5.37
CA SER A 687 3.24 -37.30 6.35
C SER A 687 4.54 -37.64 5.64
N ASN A 688 5.62 -37.73 6.41
CA ASN A 688 6.94 -37.98 5.86
C ASN A 688 7.08 -39.39 5.31
N GLU A 689 6.44 -40.37 5.95
CA GLU A 689 6.66 -41.77 5.62
C GLU A 689 6.07 -42.13 4.25
N GLU A 690 4.83 -41.72 3.99
CA GLU A 690 4.28 -41.96 2.66
C GLU A 690 4.85 -41.00 1.61
N GLY A 691 5.47 -39.90 2.02
CA GLY A 691 6.29 -39.14 1.08
C GLY A 691 7.53 -39.90 0.66
N ILE A 692 8.15 -40.63 1.59
CA ILE A 692 9.27 -41.51 1.26
C ILE A 692 8.78 -42.67 0.39
N GLN A 693 7.57 -43.15 0.66
CA GLN A 693 6.96 -44.18 -0.19
C GLN A 693 6.68 -43.66 -1.61
N ARG A 694 6.30 -42.39 -1.73
CA ARG A 694 6.01 -41.83 -3.04
C ARG A 694 7.29 -41.54 -3.82
N VAL A 695 8.36 -41.12 -3.15
CA VAL A 695 9.62 -40.93 -3.88
C VAL A 695 10.27 -42.29 -4.18
N LEU A 696 9.93 -43.33 -3.42
CA LEU A 696 10.37 -44.68 -3.77
C LEU A 696 9.62 -45.23 -4.97
N THR A 697 8.30 -45.04 -5.01
CA THR A 697 7.44 -45.78 -5.93
C THR A 697 7.03 -44.98 -7.16
N SER A 698 7.57 -43.78 -7.36
CA SER A 698 7.17 -42.96 -8.50
C SER A 698 8.30 -42.02 -8.87
N ASP A 699 8.21 -41.47 -10.08
CA ASP A 699 9.13 -40.41 -10.49
C ASP A 699 8.76 -39.14 -9.75
N TYR A 700 9.41 -38.92 -8.61
CA TYR A 700 9.03 -37.87 -7.69
C TYR A 700 10.29 -37.33 -7.03
N ALA A 701 10.24 -36.08 -6.61
CA ALA A 701 11.26 -35.49 -5.77
C ALA A 701 10.62 -35.00 -4.48
N PHE A 702 11.40 -34.93 -3.42
CA PHE A 702 10.91 -34.51 -2.13
C PHE A 702 11.86 -33.51 -1.51
N LEU A 703 11.29 -32.58 -0.75
CA LEU A 703 12.04 -31.54 -0.04
C LEU A 703 11.83 -31.78 1.45
N MET A 704 12.61 -32.69 2.01
CA MET A 704 12.75 -32.86 3.44
C MET A 704 13.99 -32.13 3.94
N GLU A 705 14.21 -32.21 5.25
CA GLU A 705 15.30 -31.51 5.91
C GLU A 705 16.53 -32.40 6.01
N SER A 706 17.55 -31.93 6.72
CA SER A 706 18.88 -32.50 6.64
C SER A 706 19.02 -33.82 7.41
N THR A 707 18.43 -33.91 8.61
CA THR A 707 18.56 -35.13 9.40
C THR A 707 17.74 -36.26 8.80
N THR A 708 16.63 -35.91 8.15
CA THR A 708 15.87 -36.88 7.39
C THR A 708 16.65 -37.42 6.19
N ILE A 709 17.49 -36.59 5.55
CA ILE A 709 18.49 -37.11 4.61
C ILE A 709 19.46 -38.06 5.30
N GLU A 710 19.94 -37.66 6.49
CA GLU A 710 20.96 -38.41 7.20
C GLU A 710 20.47 -39.75 7.73
N PHE A 711 19.15 -39.94 7.83
CA PHE A 711 18.60 -41.26 8.13
C PHE A 711 18.08 -42.01 6.91
N VAL A 712 17.51 -41.32 5.92
CA VAL A 712 16.94 -42.00 4.75
C VAL A 712 18.05 -42.53 3.83
N THR A 713 19.15 -41.78 3.69
CA THR A 713 20.28 -42.25 2.88
C THR A 713 20.95 -43.47 3.48
N GLN A 714 20.91 -43.64 4.80
CA GLN A 714 21.33 -44.88 5.42
C GLN A 714 20.22 -45.92 5.46
N ARG A 715 18.98 -45.52 5.25
CA ARG A 715 17.89 -46.49 5.16
C ARG A 715 17.92 -47.24 3.84
N ASN A 716 18.14 -46.52 2.74
CA ASN A 716 18.16 -47.13 1.41
C ASN A 716 19.23 -46.44 0.57
N CYS A 717 19.90 -47.23 -0.26
CA CYS A 717 20.84 -46.70 -1.23
C CYS A 717 20.18 -46.37 -2.56
N ASN A 718 18.92 -46.75 -2.76
CA ASN A 718 18.19 -46.39 -3.97
C ASN A 718 17.78 -44.93 -3.98
N LEU A 719 17.71 -44.28 -2.82
CA LEU A 719 17.34 -42.88 -2.70
C LEU A 719 18.58 -42.10 -2.27
N THR A 720 18.91 -41.03 -3.01
CA THR A 720 20.13 -40.27 -2.77
C THR A 720 19.83 -38.78 -2.74
N GLN A 721 20.62 -38.06 -1.95
CA GLN A 721 20.50 -36.61 -1.88
C GLN A 721 21.07 -35.96 -3.14
N ILE A 722 20.32 -35.02 -3.70
CA ILE A 722 20.78 -34.22 -4.83
C ILE A 722 20.80 -32.77 -4.37
N GLY A 723 21.96 -32.13 -4.46
CA GLY A 723 22.11 -30.75 -4.06
C GLY A 723 22.33 -30.60 -2.57
N GLY A 724 22.75 -29.39 -2.19
CA GLY A 724 23.01 -29.07 -0.80
C GLY A 724 21.78 -28.49 -0.11
N LEU A 725 22.01 -27.97 1.09
CA LEU A 725 20.94 -27.37 1.88
C LEU A 725 20.58 -26.00 1.30
N ILE A 726 19.28 -25.81 1.06
CA ILE A 726 18.81 -24.57 0.45
C ILE A 726 18.91 -23.41 1.44
N ASP A 727 18.48 -23.62 2.67
CA ASP A 727 18.47 -22.55 3.66
C ASP A 727 19.04 -23.04 5.00
N SER A 728 18.87 -22.25 6.05
CA SER A 728 19.37 -22.60 7.36
C SER A 728 18.24 -22.56 8.37
N LYS A 729 18.10 -23.64 9.14
CA LYS A 729 17.10 -23.75 10.18
C LYS A 729 17.71 -24.49 11.37
N GLY A 730 17.02 -24.45 12.50
CA GLY A 730 17.52 -25.08 13.71
C GLY A 730 16.46 -25.91 14.39
N TYR A 731 16.92 -26.84 15.22
CA TYR A 731 16.07 -27.65 16.08
C TYR A 731 16.31 -27.25 17.52
N GLY A 732 15.27 -26.76 18.19
CA GLY A 732 15.37 -26.39 19.59
C GLY A 732 14.18 -26.93 20.36
N VAL A 733 14.27 -26.81 21.68
CA VAL A 733 13.20 -27.27 22.56
C VAL A 733 12.07 -26.26 22.51
N GLY A 734 10.87 -26.74 22.22
CA GLY A 734 9.70 -25.87 22.22
C GLY A 734 9.32 -25.47 23.64
N THR A 735 9.16 -24.18 23.86
CA THR A 735 8.81 -23.62 25.15
C THR A 735 7.59 -22.71 24.99
N PRO A 736 6.80 -22.54 26.04
CA PRO A 736 5.79 -21.47 26.04
C PRO A 736 6.45 -20.11 26.07
N MET A 737 5.69 -19.10 25.63
CA MET A 737 6.22 -17.74 25.62
C MET A 737 6.31 -17.20 27.05
N GLY A 738 7.36 -16.43 27.31
CA GLY A 738 7.66 -15.97 28.65
C GLY A 738 8.04 -17.08 29.61
N SER A 739 8.72 -18.11 29.13
CA SER A 739 9.06 -19.23 29.99
C SER A 739 10.21 -18.85 30.93
N PRO A 740 10.16 -19.28 32.20
CA PRO A 740 11.30 -19.07 33.09
C PRO A 740 12.42 -20.08 32.87
N TYR A 741 12.16 -21.18 32.18
CA TYR A 741 13.11 -22.27 32.03
C TYR A 741 14.07 -22.09 30.88
N ARG A 742 13.83 -21.09 30.02
CA ARG A 742 14.51 -20.99 28.72
C ARG A 742 16.00 -20.66 28.85
N ASP A 743 16.35 -19.78 29.80
CA ASP A 743 17.75 -19.42 29.99
C ASP A 743 18.59 -20.58 30.52
N LYS A 744 18.04 -21.35 31.46
CA LYS A 744 18.75 -22.52 31.97
C LYS A 744 18.78 -23.64 30.95
N ILE A 745 17.75 -23.74 30.11
CA ILE A 745 17.76 -24.71 29.01
C ILE A 745 18.81 -24.34 27.98
N THR A 746 18.96 -23.04 27.69
CA THR A 746 20.02 -22.56 26.81
C THR A 746 21.40 -22.82 27.39
N ILE A 747 21.55 -22.63 28.71
CA ILE A 747 22.82 -22.90 29.39
C ILE A 747 23.16 -24.38 29.35
N ALA A 748 22.17 -25.25 29.59
CA ALA A 748 22.40 -26.70 29.53
C ALA A 748 22.66 -27.19 28.11
N ILE A 749 22.03 -26.57 27.11
CA ILE A 749 22.27 -26.91 25.72
C ILE A 749 23.68 -26.51 25.30
N LEU A 750 24.14 -25.33 25.75
CA LEU A 750 25.52 -24.92 25.50
C LEU A 750 26.53 -25.79 26.25
N GLN A 751 26.18 -26.23 27.46
CA GLN A 751 27.05 -27.14 28.21
C GLN A 751 27.16 -28.50 27.54
N LEU A 752 26.06 -29.00 26.97
CA LEU A 752 26.13 -30.26 26.25
C LEU A 752 26.80 -30.10 24.88
N GLN A 753 26.74 -28.91 24.29
CA GLN A 753 27.46 -28.66 23.04
C GLN A 753 28.97 -28.59 23.28
N GLU A 754 29.38 -27.95 24.37
CA GLU A 754 30.80 -27.98 24.75
C GLU A 754 31.21 -29.37 25.20
N GLU A 755 30.30 -30.12 25.84
CA GLU A 755 30.54 -31.52 26.13
C GLU A 755 30.56 -32.37 24.87
N GLY A 756 29.80 -31.96 23.84
CA GLY A 756 29.74 -32.72 22.62
C GLY A 756 28.97 -34.01 22.72
N LYS A 757 28.06 -34.13 23.69
CA LYS A 757 27.25 -35.33 23.81
C LYS A 757 26.22 -35.43 22.70
N LEU A 758 25.82 -34.28 22.14
CA LEU A 758 24.90 -34.27 21.02
C LEU A 758 25.52 -34.87 19.76
N HIS A 759 26.80 -34.58 19.52
CA HIS A 759 27.49 -35.07 18.33
C HIS A 759 27.69 -36.58 18.39
N MET A 760 28.19 -37.10 19.51
CA MET A 760 28.37 -38.54 19.66
C MET A 760 27.03 -39.25 19.79
N MET A 761 25.99 -38.55 20.26
CA MET A 761 24.66 -39.14 20.30
C MET A 761 24.07 -39.26 18.88
N LYS A 762 24.34 -38.27 18.03
CA LYS A 762 23.93 -38.36 16.63
C LYS A 762 24.71 -39.45 15.91
N GLU A 763 25.99 -39.63 16.27
CA GLU A 763 26.76 -40.76 15.75
C GLU A 763 26.24 -42.09 16.28
N LYS A 764 25.68 -42.09 17.50
CA LYS A 764 25.09 -43.30 18.06
C LYS A 764 23.78 -43.66 17.36
N TRP A 765 23.00 -42.66 16.95
CA TRP A 765 21.67 -42.94 16.44
C TRP A 765 21.57 -43.00 14.91
N TRP A 766 22.29 -42.15 14.19
CA TRP A 766 22.19 -42.10 12.73
C TRP A 766 23.22 -42.99 12.04
N ARG A 767 23.27 -44.27 12.40
CA ARG A 767 24.12 -45.23 11.70
C ARG A 767 23.34 -46.50 11.37
N VAL A 784 33.63 -52.73 -13.97
CA VAL A 784 34.27 -53.96 -13.55
C VAL A 784 33.38 -55.15 -13.84
N GLN A 785 32.17 -55.13 -13.28
CA GLN A 785 31.22 -56.23 -13.47
C GLN A 785 30.66 -56.27 -14.88
N ASN A 786 30.63 -55.14 -15.58
CA ASN A 786 30.23 -55.10 -16.99
C ASN A 786 31.18 -55.90 -17.87
N ILE A 787 32.48 -55.82 -17.61
CA ILE A 787 33.44 -56.73 -18.25
C ILE A 787 33.58 -58.00 -17.41
N GLY A 788 33.06 -58.01 -16.18
CA GLY A 788 32.99 -59.23 -15.39
C GLY A 788 32.07 -60.28 -15.98
N GLY A 789 30.99 -59.86 -16.65
CA GLY A 789 30.18 -60.79 -17.41
C GLY A 789 30.93 -61.40 -18.59
N ILE A 790 31.77 -60.60 -19.25
CA ILE A 790 32.65 -61.12 -20.30
C ILE A 790 33.69 -62.07 -19.71
N PHE A 791 34.12 -61.81 -18.47
CA PHE A 791 35.04 -62.72 -17.78
C PHE A 791 34.36 -64.05 -17.46
N ILE A 792 33.06 -64.01 -17.11
CA ILE A 792 32.28 -65.23 -16.91
C ILE A 792 32.13 -66.00 -18.22
N VAL A 793 31.90 -65.27 -19.33
CA VAL A 793 31.83 -65.88 -20.66
C VAL A 793 33.18 -66.49 -21.06
N LEU A 794 34.27 -65.80 -20.70
CA LEU A 794 35.63 -66.30 -20.95
C LEU A 794 35.94 -67.54 -20.10
N ALA A 795 35.44 -67.59 -18.87
CA ALA A 795 35.59 -68.77 -18.04
C ALA A 795 34.80 -69.96 -18.60
N ALA A 796 33.62 -69.68 -19.16
CA ALA A 796 32.85 -70.72 -19.85
C ALA A 796 33.57 -71.20 -21.10
N GLY A 797 34.21 -70.29 -21.83
CA GLY A 797 35.01 -70.67 -22.97
C GLY A 797 36.25 -71.47 -22.60
N LEU A 798 36.85 -71.17 -21.44
CA LEU A 798 37.97 -71.95 -20.94
C LEU A 798 37.53 -73.35 -20.52
N VAL A 799 36.32 -73.45 -19.94
CA VAL A 799 35.73 -74.75 -19.61
C VAL A 799 35.48 -75.56 -20.88
N LEU A 800 34.96 -74.90 -21.93
CA LEU A 800 34.76 -75.58 -23.21
C LEU A 800 36.09 -75.94 -23.88
N SER A 801 37.15 -75.15 -23.66
CA SER A 801 38.47 -75.52 -24.18
C SER A 801 39.06 -76.70 -23.43
N VAL A 802 38.78 -76.81 -22.12
CA VAL A 802 39.16 -77.99 -21.36
C VAL A 802 38.39 -79.21 -21.86
N PHE A 803 37.10 -79.03 -22.21
CA PHE A 803 36.29 -80.08 -22.80
C PHE A 803 36.82 -80.49 -24.18
N VAL A 804 37.35 -79.54 -24.95
CA VAL A 804 38.07 -79.85 -26.19
C VAL A 804 39.33 -80.67 -25.88
N ALA A 805 40.04 -80.31 -24.81
CA ALA A 805 41.28 -81.00 -24.43
C ALA A 805 41.04 -82.42 -23.92
N VAL A 806 39.82 -82.76 -23.53
CA VAL A 806 39.50 -84.13 -23.13
C VAL A 806 39.40 -85.01 -24.37
N VAL B 2 -56.70 13.46 55.27
CA VAL B 2 -55.55 14.29 55.60
C VAL B 2 -54.29 13.44 55.65
N LEU B 3 -53.24 13.88 54.95
CA LEU B 3 -51.98 13.16 54.92
C LEU B 3 -50.85 14.14 54.63
N ARG B 4 -49.75 14.02 55.36
CA ARG B 4 -48.57 14.84 55.16
C ARG B 4 -47.41 13.97 54.68
N PHE B 5 -46.65 14.51 53.73
CA PHE B 5 -45.52 13.81 53.15
C PHE B 5 -44.22 14.52 53.53
N GLY B 6 -43.24 13.75 53.98
CA GLY B 6 -41.96 14.34 54.32
C GLY B 6 -41.15 14.71 53.11
N GLY B 7 -40.39 15.80 53.23
CA GLY B 7 -39.54 16.23 52.13
C GLY B 7 -38.35 17.03 52.59
N ILE B 8 -37.16 16.63 52.17
CA ILE B 8 -35.91 17.32 52.46
C ILE B 8 -35.24 17.65 51.14
N PHE B 9 -34.89 18.93 50.96
CA PHE B 9 -34.32 19.39 49.71
C PHE B 9 -33.08 20.22 49.99
N GLU B 10 -32.01 19.91 49.28
CA GLU B 10 -30.75 20.64 49.41
C GLU B 10 -30.93 21.99 48.73
N TYR B 11 -31.18 23.02 49.52
CA TYR B 11 -31.52 24.34 49.01
C TYR B 11 -30.31 25.25 49.09
N VAL B 12 -29.96 25.87 47.96
CA VAL B 12 -28.76 26.68 47.87
C VAL B 12 -28.92 28.07 48.48
N GLU B 13 -30.14 28.46 48.84
CA GLU B 13 -30.50 29.78 49.40
C GLU B 13 -30.08 30.92 48.48
N SER B 14 -30.28 30.73 47.17
CA SER B 14 -29.91 31.72 46.16
C SER B 14 -31.10 31.87 45.21
N GLY B 15 -31.98 32.82 45.52
CA GLY B 15 -33.10 33.11 44.66
C GLY B 15 -34.24 32.13 44.80
N PRO B 16 -34.66 31.53 43.69
CA PRO B 16 -35.84 30.68 43.68
C PRO B 16 -35.54 29.29 44.24
N MET B 17 -36.60 28.50 44.38
CA MET B 17 -36.48 27.14 44.90
C MET B 17 -35.83 26.23 43.87
N GLY B 18 -35.34 25.09 44.36
CA GLY B 18 -34.78 24.08 43.48
C GLY B 18 -35.84 23.40 42.66
N ALA B 19 -35.40 22.80 41.55
CA ALA B 19 -36.32 22.19 40.59
C ALA B 19 -36.99 20.95 41.16
N GLU B 20 -36.31 20.23 42.06
CA GLU B 20 -36.92 19.10 42.75
C GLU B 20 -38.06 19.55 43.66
N GLU B 21 -37.87 20.65 44.38
CA GLU B 21 -38.90 21.15 45.28
C GLU B 21 -40.07 21.76 44.50
N LEU B 22 -39.76 22.45 43.39
CA LEU B 22 -40.82 22.99 42.52
C LEU B 22 -41.63 21.87 41.88
N ALA B 23 -40.96 20.80 41.44
CA ALA B 23 -41.67 19.65 40.91
C ALA B 23 -42.47 18.92 42.00
N PHE B 24 -41.97 18.92 43.23
CA PHE B 24 -42.69 18.32 44.35
C PHE B 24 -43.97 19.09 44.65
N ARG B 25 -43.90 20.42 44.66
CA ARG B 25 -45.08 21.22 44.95
C ARG B 25 -46.08 21.19 43.78
N PHE B 26 -45.57 21.15 42.55
CA PHE B 26 -46.44 20.99 41.38
C PHE B 26 -47.11 19.62 41.38
N ALA B 27 -46.39 18.58 41.81
CA ALA B 27 -46.96 17.24 41.93
C ALA B 27 -48.03 17.19 43.01
N VAL B 28 -47.81 17.88 44.12
CA VAL B 28 -48.78 17.94 45.21
C VAL B 28 -50.06 18.65 44.76
N ASN B 29 -49.91 19.77 44.03
CA ASN B 29 -51.08 20.48 43.51
C ASN B 29 -51.80 19.69 42.43
N THR B 30 -51.06 18.94 41.62
CA THR B 30 -51.68 18.14 40.56
C THR B 30 -52.44 16.94 41.14
N ILE B 31 -51.90 16.34 42.20
CA ILE B 31 -52.61 15.23 42.85
C ILE B 31 -53.83 15.74 43.60
N ASN B 32 -53.70 16.85 44.32
CA ASN B 32 -54.81 17.35 45.12
C ASN B 32 -55.89 18.01 44.27
N ARG B 33 -55.57 18.45 43.05
CA ARG B 33 -56.61 18.95 42.16
C ARG B 33 -57.46 17.82 41.61
N ASN B 34 -56.81 16.74 41.17
CA ASN B 34 -57.51 15.61 40.55
C ASN B 34 -58.00 14.69 41.66
N ARG B 35 -59.29 14.77 41.98
CA ARG B 35 -59.88 13.94 43.02
C ARG B 35 -60.25 12.54 42.54
N THR B 36 -60.05 12.25 41.25
CA THR B 36 -60.30 10.91 40.73
C THR B 36 -59.32 9.89 41.29
N LEU B 37 -58.05 10.28 41.43
CA LEU B 37 -57.05 9.37 41.97
C LEU B 37 -57.21 9.18 43.48
N LEU B 38 -57.47 10.25 44.21
CA LEU B 38 -57.67 10.18 45.66
C LEU B 38 -59.05 10.73 46.01
N PRO B 39 -60.01 9.87 46.37
CA PRO B 39 -61.38 10.36 46.59
C PRO B 39 -61.61 10.98 47.96
N ASN B 40 -60.86 10.55 48.98
CA ASN B 40 -61.16 10.94 50.34
C ASN B 40 -60.05 11.77 50.98
N THR B 41 -58.80 11.35 50.86
CA THR B 41 -57.70 11.93 51.60
C THR B 41 -56.93 12.92 50.72
N THR B 42 -56.85 14.16 51.17
CA THR B 42 -56.00 15.16 50.53
C THR B 42 -54.58 15.06 51.08
N LEU B 43 -53.63 15.58 50.30
CA LEU B 43 -52.22 15.45 50.63
C LEU B 43 -51.62 16.81 50.98
N THR B 44 -51.02 16.89 52.15
CA THR B 44 -50.18 18.01 52.55
C THR B 44 -48.73 17.54 52.50
N TYR B 45 -47.82 18.44 52.89
CA TYR B 45 -46.41 18.13 52.85
C TYR B 45 -45.67 18.96 53.88
N ASP B 46 -44.34 18.84 53.86
CA ASP B 46 -43.45 19.67 54.66
C ASP B 46 -42.09 19.68 53.97
N THR B 47 -41.44 20.83 53.99
CA THR B 47 -40.16 21.01 53.30
C THR B 47 -39.13 21.53 54.28
N GLN B 48 -38.04 20.80 54.42
CA GLN B 48 -36.88 21.23 55.20
C GLN B 48 -35.80 21.66 54.22
N LYS B 49 -35.70 22.96 53.99
CA LYS B 49 -34.67 23.50 53.11
C LYS B 49 -33.32 23.44 53.83
N ILE B 50 -32.36 22.75 53.22
CA ILE B 50 -31.12 22.41 53.90
C ILE B 50 -29.96 22.76 52.96
N ASN B 51 -28.76 22.87 53.56
CA ASN B 51 -27.56 23.18 52.81
C ASN B 51 -26.90 21.89 52.32
N LEU B 52 -25.70 22.02 51.75
CA LEU B 52 -25.03 20.92 51.07
C LEU B 52 -24.09 20.21 52.03
N TYR B 53 -24.12 18.86 52.00
CA TYR B 53 -23.17 17.97 52.69
C TYR B 53 -23.18 18.16 54.20
N ASP B 54 -24.37 18.13 54.80
CA ASP B 54 -24.52 18.21 56.24
C ASP B 54 -25.44 17.07 56.66
N SER B 55 -24.86 15.89 56.86
CA SER B 55 -25.68 14.71 57.15
C SER B 55 -26.17 14.71 58.59
N PHE B 56 -25.45 15.38 59.50
CA PHE B 56 -25.98 15.57 60.85
C PHE B 56 -27.20 16.47 60.83
N GLU B 57 -27.16 17.54 60.04
CA GLU B 57 -28.33 18.40 59.87
C GLU B 57 -29.45 17.67 59.14
N ALA B 58 -29.09 16.76 58.22
CA ALA B 58 -30.07 15.91 57.57
C ALA B 58 -30.75 14.98 58.56
N SER B 59 -29.99 14.40 59.48
CA SER B 59 -30.55 13.54 60.51
C SER B 59 -31.43 14.33 61.47
N LYS B 60 -31.01 15.55 61.83
CA LYS B 60 -31.77 16.40 62.72
C LYS B 60 -33.11 16.82 62.11
N LYS B 61 -33.09 17.31 60.87
CA LYS B 61 -34.32 17.74 60.23
C LYS B 61 -35.19 16.56 59.83
N ALA B 62 -34.59 15.39 59.55
CA ALA B 62 -35.37 14.20 59.26
C ALA B 62 -36.11 13.70 60.49
N CYS B 63 -35.44 13.65 61.65
CA CYS B 63 -36.17 13.21 62.83
C CYS B 63 -37.06 14.30 63.39
N ASP B 64 -36.83 15.57 63.03
CA ASP B 64 -37.81 16.61 63.33
C ASP B 64 -39.08 16.44 62.50
N GLN B 65 -38.93 16.08 61.23
CA GLN B 65 -40.10 15.79 60.40
C GLN B 65 -40.78 14.50 60.83
N LEU B 66 -40.03 13.56 61.40
CA LEU B 66 -40.65 12.40 62.04
C LEU B 66 -41.34 12.76 63.34
N SER B 67 -40.83 13.77 64.06
CA SER B 67 -41.50 14.27 65.24
C SER B 67 -42.80 14.97 64.88
N LEU B 68 -42.85 15.63 63.72
CA LEU B 68 -44.14 16.02 63.16
C LEU B 68 -44.95 14.80 62.76
N GLY B 69 -44.30 13.80 62.16
CA GLY B 69 -44.98 12.60 61.74
C GLY B 69 -45.44 12.66 60.31
N VAL B 70 -44.84 11.82 59.45
CA VAL B 70 -45.24 11.71 58.05
C VAL B 70 -45.29 10.23 57.70
N ALA B 71 -46.07 9.91 56.65
CA ALA B 71 -46.16 8.54 56.18
C ALA B 71 -44.90 8.14 55.40
N ALA B 72 -44.38 9.04 54.58
CA ALA B 72 -43.18 8.76 53.80
C ALA B 72 -42.39 10.05 53.66
N ILE B 73 -41.10 9.90 53.36
CA ILE B 73 -40.20 11.03 53.23
C ILE B 73 -39.52 10.92 51.87
N PHE B 74 -39.01 12.05 51.39
CA PHE B 74 -38.31 12.11 50.11
C PHE B 74 -36.93 12.70 50.37
N GLY B 75 -35.90 11.92 50.05
CA GLY B 75 -34.56 12.21 50.50
C GLY B 75 -33.88 13.26 49.65
N PRO B 76 -32.71 13.70 50.12
CA PRO B 76 -31.91 14.66 49.36
C PRO B 76 -31.15 14.03 48.20
N SER B 77 -30.30 14.82 47.54
CA SER B 77 -29.68 14.42 46.28
C SER B 77 -28.18 14.22 46.37
N HIS B 78 -27.67 13.82 47.54
CA HIS B 78 -26.25 13.54 47.69
C HIS B 78 -26.06 12.38 48.65
N SER B 79 -24.94 11.67 48.48
CA SER B 79 -24.78 10.31 49.02
C SER B 79 -24.64 10.31 50.53
N SER B 80 -23.79 11.18 51.08
CA SER B 80 -23.57 11.22 52.51
C SER B 80 -24.80 11.70 53.25
N SER B 81 -25.56 12.62 52.66
CA SER B 81 -26.82 13.04 53.25
C SER B 81 -27.88 11.96 53.15
N ALA B 82 -27.88 11.20 52.04
CA ALA B 82 -28.92 10.20 51.84
C ALA B 82 -28.72 8.96 52.70
N ASN B 83 -27.46 8.62 53.03
CA ASN B 83 -27.19 7.39 53.77
C ASN B 83 -27.73 7.47 55.20
N ALA B 84 -27.57 8.61 55.87
CA ALA B 84 -28.07 8.77 57.23
C ALA B 84 -29.60 8.78 57.27
N VAL B 85 -30.23 9.40 56.27
CA VAL B 85 -31.68 9.43 56.18
C VAL B 85 -32.22 8.04 55.90
N GLN B 86 -31.53 7.27 55.05
CA GLN B 86 -31.91 5.88 54.78
C GLN B 86 -31.76 5.01 56.02
N SER B 87 -30.71 5.22 56.80
CA SER B 87 -30.52 4.47 58.04
C SER B 87 -31.59 4.81 59.08
N ILE B 88 -31.97 6.09 59.16
CA ILE B 88 -33.01 6.52 60.10
C ILE B 88 -34.37 5.95 59.70
N CYS B 89 -34.70 6.00 58.41
CA CYS B 89 -35.97 5.46 57.95
C CYS B 89 -36.01 3.94 57.98
N ASN B 90 -34.85 3.27 57.90
CA ASN B 90 -34.84 1.83 58.10
C ASN B 90 -35.01 1.47 59.57
N ALA B 91 -34.40 2.24 60.46
CA ALA B 91 -34.50 1.95 61.89
C ALA B 91 -35.79 2.46 62.51
N LEU B 92 -36.60 3.24 61.79
CA LEU B 92 -37.84 3.74 62.35
C LEU B 92 -39.09 3.25 61.63
N GLY B 93 -38.95 2.33 60.67
CA GLY B 93 -40.12 1.72 60.06
C GLY B 93 -40.89 2.58 59.10
N VAL B 94 -40.27 3.61 58.55
CA VAL B 94 -40.93 4.58 57.68
C VAL B 94 -40.38 4.41 56.27
N PRO B 95 -41.24 4.31 55.25
CA PRO B 95 -40.74 4.09 53.89
C PRO B 95 -40.04 5.32 53.33
N HIS B 96 -38.79 5.12 52.92
CA HIS B 96 -37.95 6.14 52.32
C HIS B 96 -38.01 6.04 50.81
N ILE B 97 -38.13 7.18 50.13
CA ILE B 97 -38.04 7.25 48.69
C ILE B 97 -36.93 8.22 48.32
N GLN B 98 -35.98 7.76 47.51
CA GLN B 98 -34.95 8.62 46.96
C GLN B 98 -35.07 8.64 45.45
N THR B 99 -34.59 9.72 44.84
CA THR B 99 -34.81 9.96 43.42
C THR B 99 -33.55 9.85 42.59
N ARG B 100 -32.50 10.61 42.93
CA ARG B 100 -31.27 10.49 42.18
C ARG B 100 -30.50 9.24 42.63
N TRP B 101 -29.57 8.81 41.77
CA TRP B 101 -28.77 7.64 42.08
C TRP B 101 -27.77 7.96 43.17
N LYS B 102 -27.56 7.01 44.06
CA LYS B 102 -26.49 7.05 45.04
C LYS B 102 -25.82 5.69 45.07
N HIS B 103 -24.57 5.67 45.53
CA HIS B 103 -23.87 4.40 45.67
C HIS B 103 -24.43 3.64 46.86
N GLN B 104 -24.78 2.38 46.64
CA GLN B 104 -25.32 1.52 47.68
C GLN B 104 -24.29 0.46 48.01
N VAL B 105 -23.94 0.36 49.30
CA VAL B 105 -23.06 -0.71 49.75
C VAL B 105 -23.82 -2.03 49.68
N SER B 106 -23.18 -3.04 49.11
CA SER B 106 -23.83 -4.33 48.90
C SER B 106 -24.05 -5.11 50.20
N ASP B 107 -23.36 -4.74 51.27
CA ASP B 107 -23.50 -5.41 52.55
C ASP B 107 -24.60 -4.80 53.42
N ASN B 108 -25.30 -3.78 52.93
CA ASN B 108 -26.43 -3.24 53.66
C ASN B 108 -27.59 -4.23 53.65
N LYS B 109 -28.10 -4.56 54.83
CA LYS B 109 -29.29 -5.38 54.96
C LYS B 109 -30.56 -4.55 55.07
N ASP B 110 -30.45 -3.23 54.89
CA ASP B 110 -31.62 -2.37 54.90
C ASP B 110 -32.39 -2.53 53.59
N SER B 111 -33.69 -2.77 53.70
CA SER B 111 -34.57 -2.90 52.55
C SER B 111 -35.78 -2.00 52.72
N PHE B 112 -35.59 -0.85 53.36
CA PHE B 112 -36.70 0.04 53.71
C PHE B 112 -36.66 1.30 52.87
N TYR B 113 -36.31 1.13 51.59
CA TYR B 113 -36.06 2.26 50.71
C TYR B 113 -36.27 1.82 49.27
N VAL B 114 -36.66 2.78 48.43
CA VAL B 114 -36.77 2.58 46.99
C VAL B 114 -36.05 3.72 46.28
N SER B 115 -35.69 3.46 45.02
CA SER B 115 -35.02 4.45 44.19
C SER B 115 -35.57 4.35 42.78
N LEU B 116 -36.09 5.45 42.26
CA LEU B 116 -36.64 5.45 40.91
C LEU B 116 -35.62 5.81 39.85
N TYR B 117 -34.37 6.03 40.23
CA TYR B 117 -33.36 6.23 39.19
C TYR B 117 -33.09 4.89 38.50
N PRO B 118 -32.91 4.90 37.18
CA PRO B 118 -32.50 3.67 36.48
C PRO B 118 -31.09 3.27 36.91
N ASP B 119 -30.96 2.03 37.34
CA ASP B 119 -29.69 1.55 37.88
C ASP B 119 -28.65 1.44 36.78
N PHE B 120 -27.42 1.88 37.10
CA PHE B 120 -26.37 2.04 36.11
C PHE B 120 -25.80 0.72 35.60
N SER B 121 -26.15 -0.42 36.21
CA SER B 121 -25.86 -1.70 35.60
C SER B 121 -26.59 -1.86 34.27
N SER B 122 -27.89 -1.56 34.26
CA SER B 122 -28.67 -1.66 33.03
C SER B 122 -28.33 -0.54 32.05
N LEU B 123 -27.99 0.65 32.57
CA LEU B 123 -27.54 1.74 31.72
C LEU B 123 -26.22 1.41 31.04
N SER B 124 -25.29 0.82 31.79
CA SER B 124 -24.02 0.39 31.23
C SER B 124 -24.20 -0.77 30.25
N ARG B 125 -25.18 -1.64 30.49
CA ARG B 125 -25.51 -2.70 29.54
C ARG B 125 -26.04 -2.13 28.23
N ALA B 126 -26.89 -1.09 28.32
CA ALA B 126 -27.41 -0.42 27.13
C ALA B 126 -26.29 0.30 26.37
N ILE B 127 -25.37 0.93 27.11
CA ILE B 127 -24.25 1.64 26.49
C ILE B 127 -23.30 0.64 25.84
N LEU B 128 -23.11 -0.53 26.46
CA LEU B 128 -22.31 -1.60 25.86
C LEU B 128 -22.96 -2.17 24.62
N ASP B 129 -24.31 -2.26 24.59
CA ASP B 129 -25.01 -2.68 23.38
C ASP B 129 -24.82 -1.67 22.26
N LEU B 130 -24.84 -0.37 22.60
CA LEU B 130 -24.59 0.67 21.60
C LEU B 130 -23.16 0.63 21.09
N VAL B 131 -22.20 0.32 21.97
CA VAL B 131 -20.80 0.21 21.58
C VAL B 131 -20.59 -0.99 20.66
N GLN B 132 -21.25 -2.12 20.96
CA GLN B 132 -21.14 -3.29 20.10
C GLN B 132 -21.85 -3.08 18.76
N PHE B 133 -22.95 -2.32 18.75
CA PHE B 133 -23.63 -2.04 17.50
C PHE B 133 -23.01 -0.90 16.73
N PHE B 134 -22.07 -0.17 17.31
CA PHE B 134 -21.25 0.75 16.52
C PHE B 134 -19.94 0.13 16.07
N LYS B 135 -19.72 -1.15 16.40
CA LYS B 135 -18.57 -1.97 15.96
C LYS B 135 -17.23 -1.34 16.37
N TRP B 136 -17.17 -0.82 17.58
CA TRP B 136 -15.99 -0.13 18.04
C TRP B 136 -14.96 -1.12 18.59
N LYS B 137 -13.71 -0.66 18.66
CA LYS B 137 -12.64 -1.44 19.27
C LYS B 137 -11.86 -0.60 20.26
N THR B 138 -11.79 0.71 20.03
CA THR B 138 -11.01 1.63 20.85
C THR B 138 -11.94 2.70 21.38
N VAL B 139 -12.33 2.58 22.65
CA VAL B 139 -13.27 3.51 23.28
C VAL B 139 -12.55 4.20 24.44
N THR B 140 -12.64 5.52 24.48
CA THR B 140 -12.09 6.31 25.58
C THR B 140 -13.23 6.77 26.48
N VAL B 141 -13.14 6.45 27.77
CA VAL B 141 -14.16 6.78 28.74
C VAL B 141 -13.67 7.97 29.56
N VAL B 142 -14.48 9.02 29.63
CA VAL B 142 -14.16 10.24 30.37
C VAL B 142 -15.20 10.40 31.47
N TYR B 143 -14.74 10.50 32.71
CA TYR B 143 -15.61 10.61 33.87
C TYR B 143 -15.22 11.83 34.68
N ASP B 144 -16.20 12.37 35.42
CA ASP B 144 -15.99 13.61 36.16
C ASP B 144 -15.59 13.39 37.60
N ASP B 145 -16.23 12.43 38.28
CA ASP B 145 -16.01 12.21 39.70
C ASP B 145 -15.78 10.72 39.92
N SER B 146 -15.02 10.41 40.98
CA SER B 146 -14.57 9.05 41.26
C SER B 146 -15.71 8.10 41.61
N THR B 147 -16.88 8.61 41.98
CA THR B 147 -18.06 7.77 42.12
C THR B 147 -18.62 7.33 40.77
N GLY B 148 -18.22 7.98 39.68
CA GLY B 148 -18.65 7.60 38.35
C GLY B 148 -18.12 6.26 37.88
N LEU B 149 -16.99 5.81 38.43
CA LEU B 149 -16.48 4.49 38.12
C LEU B 149 -17.35 3.39 38.72
N ILE B 150 -18.03 3.70 39.83
CA ILE B 150 -19.01 2.77 40.38
C ILE B 150 -20.21 2.66 39.46
N ARG B 151 -20.60 3.78 38.83
CA ARG B 151 -21.68 3.73 37.86
C ARG B 151 -21.26 3.06 36.56
N LEU B 152 -19.96 2.96 36.28
CA LEU B 152 -19.48 2.35 35.06
C LEU B 152 -18.70 1.07 35.31
N GLN B 153 -18.91 0.44 36.47
CA GLN B 153 -18.12 -0.75 36.82
C GLN B 153 -18.50 -1.97 36.00
N GLU B 154 -19.70 -2.01 35.42
CA GLU B 154 -20.03 -3.07 34.49
C GLU B 154 -19.46 -2.80 33.10
N LEU B 155 -19.14 -1.55 32.79
CA LEU B 155 -18.56 -1.22 31.50
C LEU B 155 -17.08 -1.60 31.43
N ILE B 156 -16.36 -1.44 32.54
CA ILE B 156 -14.92 -1.64 32.51
C ILE B 156 -14.59 -3.13 32.58
N LYS B 157 -15.53 -3.97 33.00
CA LYS B 157 -15.31 -5.41 32.99
C LYS B 157 -15.43 -6.03 31.60
N ALA B 158 -16.03 -5.32 30.65
CA ALA B 158 -16.26 -5.77 29.28
C ALA B 158 -15.01 -6.09 28.43
N PRO B 159 -13.80 -5.57 28.70
CA PRO B 159 -12.61 -6.20 28.11
C PRO B 159 -12.40 -7.68 28.42
N SER B 160 -12.92 -8.18 29.55
CA SER B 160 -12.92 -9.62 29.75
C SER B 160 -13.91 -10.31 28.82
N ARG B 161 -15.10 -9.72 28.65
CA ARG B 161 -16.15 -10.36 27.86
C ARG B 161 -15.94 -10.18 26.36
N TYR B 162 -15.39 -9.04 25.94
CA TYR B 162 -15.28 -8.70 24.53
C TYR B 162 -13.88 -8.21 24.22
N ASN B 163 -13.60 -8.08 22.93
CA ASN B 163 -12.34 -7.47 22.46
C ASN B 163 -12.61 -5.99 22.30
N LEU B 164 -12.28 -5.21 23.32
CA LEU B 164 -12.55 -3.78 23.32
C LEU B 164 -11.59 -3.12 24.30
N ARG B 165 -10.61 -2.39 23.78
CA ARG B 165 -9.60 -1.77 24.64
C ARG B 165 -10.12 -0.42 25.14
N LEU B 166 -9.93 -0.17 26.43
CA LEU B 166 -10.42 1.03 27.10
C LEU B 166 -9.25 1.87 27.61
N LYS B 167 -9.34 3.17 27.41
CA LYS B 167 -8.46 4.13 28.06
C LYS B 167 -9.33 5.12 28.84
N ILE B 168 -9.03 5.28 30.12
CA ILE B 168 -9.91 5.98 31.04
C ILE B 168 -9.20 7.24 31.53
N ARG B 169 -9.83 8.39 31.32
CA ARG B 169 -9.28 9.67 31.74
C ARG B 169 -10.31 10.42 32.56
N GLN B 170 -9.82 11.31 33.41
CA GLN B 170 -10.66 12.03 34.37
C GLN B 170 -10.65 13.51 34.06
N LEU B 171 -11.83 14.13 34.14
CA LEU B 171 -11.94 15.58 34.11
C LEU B 171 -11.28 16.19 35.34
N PRO B 172 -10.68 17.36 35.21
CA PRO B 172 -10.04 18.01 36.36
C PRO B 172 -11.07 18.66 37.28
N ALA B 173 -10.56 19.35 38.30
CA ALA B 173 -11.41 20.00 39.30
C ALA B 173 -12.08 21.26 38.77
N ASP B 174 -11.66 21.77 37.62
CA ASP B 174 -12.25 22.96 37.02
C ASP B 174 -13.11 22.57 35.84
N THR B 175 -14.17 23.35 35.60
CA THR B 175 -15.07 23.09 34.49
C THR B 175 -14.42 23.42 33.15
N LYS B 176 -13.75 24.57 33.07
CA LYS B 176 -13.23 25.08 31.81
C LYS B 176 -11.80 24.64 31.52
N ASP B 177 -11.22 23.77 32.33
CA ASP B 177 -9.85 23.32 32.14
C ASP B 177 -9.77 22.01 31.34
N ALA B 178 -10.73 21.76 30.46
CA ALA B 178 -10.71 20.57 29.63
C ALA B 178 -9.77 20.67 28.44
N LYS B 179 -9.23 21.87 28.18
CA LYS B 179 -8.36 22.08 27.02
C LYS B 179 -7.04 21.28 27.05
N PRO B 180 -6.28 21.14 28.14
CA PRO B 180 -5.15 20.18 28.09
C PRO B 180 -5.60 18.74 27.97
N LEU B 181 -6.74 18.39 28.59
CA LEU B 181 -7.29 17.05 28.46
C LEU B 181 -7.72 16.77 27.02
N LEU B 182 -8.42 17.72 26.40
CA LEU B 182 -8.85 17.53 25.01
C LEU B 182 -7.69 17.60 24.04
N LYS B 183 -6.63 18.34 24.39
CA LYS B 183 -5.40 18.31 23.58
C LYS B 183 -4.73 16.95 23.65
N GLU B 184 -4.75 16.32 24.83
CA GLU B 184 -4.26 14.95 24.96
C GLU B 184 -5.16 13.96 24.21
N MET B 185 -6.46 14.23 24.16
CA MET B 185 -7.39 13.40 23.39
C MET B 185 -7.11 13.51 21.90
N LYS B 186 -6.83 14.72 21.42
CA LYS B 186 -6.54 14.92 20.00
C LYS B 186 -5.19 14.32 19.61
N ARG B 187 -4.18 14.50 20.46
CA ARG B 187 -2.86 13.97 20.15
C ARG B 187 -2.78 12.45 20.37
N GLY B 188 -3.73 11.88 21.09
CA GLY B 188 -3.79 10.43 21.24
C GLY B 188 -4.44 9.70 20.08
N LYS B 189 -4.98 10.45 19.11
CA LYS B 189 -5.61 9.94 17.88
C LYS B 189 -6.78 8.99 18.19
N GLU B 190 -7.56 9.34 19.20
CA GLU B 190 -8.70 8.56 19.63
C GLU B 190 -9.99 9.31 19.33
N PHE B 191 -11.01 8.57 18.91
CA PHE B 191 -12.19 9.17 18.32
C PHE B 191 -13.48 8.86 19.07
N HIS B 192 -13.67 7.61 19.49
CA HIS B 192 -14.94 7.17 20.06
C HIS B 192 -14.90 7.41 21.57
N VAL B 193 -15.65 8.41 22.02
CA VAL B 193 -15.55 8.93 23.38
C VAL B 193 -16.87 8.73 24.10
N ILE B 194 -16.82 8.23 25.32
CA ILE B 194 -18.00 8.12 26.18
C ILE B 194 -17.85 9.14 27.31
N PHE B 195 -18.83 10.04 27.42
CA PHE B 195 -18.83 11.08 28.44
C PHE B 195 -19.85 10.72 29.51
N ASP B 196 -19.42 10.74 30.77
CA ASP B 196 -20.31 10.52 31.91
C ASP B 196 -20.16 11.68 32.88
N CYS B 197 -21.08 12.63 32.82
CA CYS B 197 -21.11 13.78 33.71
C CYS B 197 -22.53 14.32 33.74
N SER B 198 -22.71 15.47 34.39
CA SER B 198 -23.97 16.17 34.31
C SER B 198 -24.11 16.85 32.95
N HIS B 199 -25.35 17.27 32.64
CA HIS B 199 -25.61 17.90 31.35
C HIS B 199 -24.99 19.28 31.24
N GLU B 200 -24.80 19.96 32.37
CA GLU B 200 -24.13 21.26 32.37
C GLU B 200 -22.66 21.11 32.02
N MET B 201 -21.99 20.12 32.64
CA MET B 201 -20.62 19.79 32.29
C MET B 201 -20.51 19.25 30.88
N ALA B 202 -21.53 18.53 30.42
CA ALA B 202 -21.55 18.05 29.04
C ALA B 202 -21.64 19.20 28.04
N ALA B 203 -22.44 20.22 28.35
CA ALA B 203 -22.55 21.38 27.47
C ALA B 203 -21.26 22.20 27.48
N GLY B 204 -20.62 22.34 28.64
CA GLY B 204 -19.34 23.02 28.69
C GLY B 204 -18.24 22.27 27.96
N ILE B 205 -18.25 20.94 28.06
CA ILE B 205 -17.31 20.09 27.34
C ILE B 205 -17.50 20.20 25.84
N LEU B 206 -18.76 20.21 25.39
CA LEU B 206 -19.05 20.31 23.97
C LEU B 206 -18.70 21.69 23.42
N LYS B 207 -18.90 22.75 24.21
CA LYS B 207 -18.48 24.08 23.81
C LYS B 207 -16.96 24.19 23.69
N GLN B 208 -16.23 23.62 24.66
CA GLN B 208 -14.77 23.66 24.60
C GLN B 208 -14.22 22.77 23.49
N ALA B 209 -14.91 21.67 23.17
CA ALA B 209 -14.47 20.81 22.08
C ALA B 209 -14.77 21.42 20.72
N LEU B 210 -15.87 22.17 20.61
CA LEU B 210 -16.11 22.94 19.39
C LEU B 210 -15.08 24.06 19.25
N ALA B 211 -14.67 24.66 20.37
CA ALA B 211 -13.61 25.67 20.34
C ALA B 211 -12.26 25.06 19.99
N MET B 212 -12.03 23.79 20.34
CA MET B 212 -10.79 23.12 20.02
C MET B 212 -10.86 22.33 18.72
N GLY B 213 -11.94 22.50 17.95
CA GLY B 213 -12.06 21.84 16.67
C GLY B 213 -12.24 20.34 16.71
N MET B 214 -13.04 19.84 17.64
CA MET B 214 -13.33 18.42 17.75
C MET B 214 -14.65 18.05 17.09
N MET B 215 -15.25 18.96 16.31
CA MET B 215 -16.52 18.69 15.65
C MET B 215 -16.28 18.39 14.18
N THR B 216 -15.91 17.15 13.90
CA THR B 216 -15.70 16.66 12.54
C THR B 216 -16.66 15.51 12.28
N GLU B 217 -16.44 14.81 11.16
CA GLU B 217 -17.14 13.56 10.90
C GLU B 217 -16.52 12.37 11.62
N TYR B 218 -15.42 12.59 12.36
CA TYR B 218 -14.65 11.51 12.95
C TYR B 218 -14.86 11.42 14.45
N TYR B 219 -16.03 11.81 14.94
CA TYR B 219 -16.30 11.81 16.37
C TYR B 219 -17.74 11.41 16.62
N HIS B 220 -17.94 10.46 17.54
CA HIS B 220 -19.23 9.80 17.78
C HIS B 220 -19.50 9.71 19.28
N TYR B 221 -19.48 10.87 19.97
CA TYR B 221 -19.63 10.93 21.42
C TYR B 221 -20.95 10.32 21.91
N ILE B 222 -20.85 9.51 22.96
CA ILE B 222 -22.00 8.89 23.60
C ILE B 222 -22.07 9.43 25.02
N PHE B 223 -23.21 10.00 25.38
CA PHE B 223 -23.37 10.63 26.69
C PHE B 223 -24.25 9.74 27.57
N THR B 224 -23.73 9.40 28.75
CA THR B 224 -24.47 8.55 29.67
C THR B 224 -25.57 9.30 30.41
N THR B 225 -25.55 10.63 30.39
CA THR B 225 -26.59 11.41 31.04
C THR B 225 -27.90 11.29 30.27
N LEU B 226 -29.00 11.48 31.00
CA LEU B 226 -30.33 11.32 30.44
C LEU B 226 -30.96 12.64 30.03
N ASP B 227 -30.19 13.72 30.02
CA ASP B 227 -30.67 15.04 29.66
C ASP B 227 -29.95 15.57 28.43
N LEU B 228 -29.76 14.71 27.43
CA LEU B 228 -29.13 15.15 26.18
C LEU B 228 -30.07 16.06 25.39
N PHE B 229 -31.38 15.84 25.49
CA PHE B 229 -32.37 16.62 24.77
C PHE B 229 -32.43 18.07 25.25
N ALA B 230 -31.99 18.35 26.47
CA ALA B 230 -31.98 19.71 27.00
C ALA B 230 -30.82 20.56 26.44
N LEU B 231 -29.89 19.97 25.71
CA LEU B 231 -28.80 20.73 25.13
C LEU B 231 -29.26 21.50 23.90
N ASP B 232 -28.61 22.64 23.68
CA ASP B 232 -28.82 23.41 22.46
C ASP B 232 -27.87 22.86 21.40
N VAL B 233 -28.40 22.01 20.51
CA VAL B 233 -27.57 21.32 19.53
C VAL B 233 -27.40 22.11 18.25
N GLU B 234 -28.03 23.29 18.13
CA GLU B 234 -28.01 24.10 16.92
C GLU B 234 -26.63 24.61 16.48
N PRO B 235 -25.72 25.10 17.35
CA PRO B 235 -24.35 25.36 16.86
C PRO B 235 -23.55 24.11 16.57
N TYR B 236 -23.94 22.96 17.12
CA TYR B 236 -23.23 21.72 16.89
C TYR B 236 -23.76 20.94 15.70
N ARG B 237 -24.81 21.43 15.04
CA ARG B 237 -25.31 20.80 13.84
C ARG B 237 -24.41 21.12 12.65
N TYR B 238 -24.70 20.44 11.53
CA TYR B 238 -24.02 20.59 10.24
C TYR B 238 -22.51 20.36 10.35
N SER B 239 -22.09 19.43 11.21
CA SER B 239 -20.68 19.22 11.47
C SER B 239 -20.27 17.76 11.36
N GLY B 240 -21.19 16.85 11.09
CA GLY B 240 -20.86 15.46 10.91
C GLY B 240 -20.65 14.67 12.19
N VAL B 241 -20.86 15.27 13.35
CA VAL B 241 -20.75 14.53 14.60
C VAL B 241 -21.95 13.60 14.77
N ASN B 242 -21.78 12.64 15.69
CA ASN B 242 -22.84 11.65 15.96
C ASN B 242 -23.05 11.57 17.47
N MET B 243 -23.76 12.56 18.03
CA MET B 243 -24.12 12.49 19.44
C MET B 243 -25.14 11.38 19.64
N THR B 244 -24.96 10.62 20.71
CA THR B 244 -25.89 9.55 21.04
C THR B 244 -26.16 9.59 22.53
N GLY B 245 -27.44 9.55 22.90
CA GLY B 245 -27.80 9.64 24.30
C GLY B 245 -28.93 8.71 24.67
N PHE B 246 -29.69 9.07 25.70
CA PHE B 246 -30.75 8.21 26.20
C PHE B 246 -31.86 9.09 26.77
N ARG B 247 -32.97 9.19 26.06
CA ARG B 247 -34.15 9.79 26.64
C ARG B 247 -34.91 8.75 27.43
N ILE B 248 -35.72 9.22 28.38
CA ILE B 248 -36.57 8.32 29.16
C ILE B 248 -37.97 8.91 29.18
N LEU B 249 -38.09 10.17 28.82
CA LEU B 249 -39.37 10.87 28.85
C LEU B 249 -40.07 10.69 27.51
N ASN B 250 -41.29 10.15 27.55
CA ASN B 250 -42.09 9.97 26.34
C ASN B 250 -42.70 11.32 25.97
N THR B 251 -41.88 12.16 25.31
CA THR B 251 -42.31 13.49 24.92
C THR B 251 -43.31 13.46 23.78
N GLU B 252 -43.37 12.35 23.03
CA GLU B 252 -44.37 12.21 21.97
C GLU B 252 -45.78 11.99 22.50
N ASN B 253 -45.91 11.58 23.77
CA ASN B 253 -47.23 11.36 24.34
C ASN B 253 -47.89 12.70 24.67
N THR B 254 -49.20 12.78 24.42
CA THR B 254 -49.91 14.05 24.56
C THR B 254 -50.12 14.43 26.01
N GLN B 255 -50.37 13.45 26.88
CA GLN B 255 -50.57 13.74 28.30
C GLN B 255 -49.26 14.18 28.96
N VAL B 256 -48.15 13.54 28.57
CA VAL B 256 -46.83 13.95 29.05
C VAL B 256 -46.47 15.33 28.50
N SER B 257 -46.88 15.62 27.27
CA SER B 257 -46.68 16.93 26.69
C SER B 257 -47.48 18.00 27.43
N SER B 258 -48.70 17.67 27.86
CA SER B 258 -49.49 18.59 28.67
C SER B 258 -48.87 18.80 30.04
N ILE B 259 -48.32 17.74 30.64
CA ILE B 259 -47.70 17.85 31.96
C ILE B 259 -46.42 18.70 31.91
N ILE B 260 -45.59 18.49 30.87
CA ILE B 260 -44.39 19.31 30.75
C ILE B 260 -44.72 20.71 30.25
N GLU B 261 -45.89 20.92 29.64
CA GLU B 261 -46.35 22.28 29.39
C GLU B 261 -46.78 22.96 30.68
N LYS B 262 -47.38 22.21 31.59
CA LYS B 262 -47.72 22.74 32.91
C LYS B 262 -46.47 23.08 33.72
N TRP B 263 -45.41 22.27 33.58
CA TRP B 263 -44.16 22.62 34.24
C TRP B 263 -43.45 23.76 33.55
N SER B 264 -43.75 24.01 32.28
CA SER B 264 -43.12 25.12 31.55
C SER B 264 -43.67 26.47 32.00
N MET B 265 -44.99 26.57 32.19
CA MET B 265 -45.59 27.85 32.53
C MET B 265 -45.31 28.24 33.97
N GLU B 266 -45.07 27.27 34.85
CA GLU B 266 -44.66 27.57 36.20
C GLU B 266 -43.17 27.87 36.31
N ARG B 267 -42.40 27.59 35.26
CA ARG B 267 -40.98 27.86 35.23
C ARG B 267 -40.64 29.15 34.48
N LEU B 268 -41.64 29.97 34.18
CA LEU B 268 -41.39 31.30 33.63
C LEU B 268 -40.85 32.26 34.67
N GLN B 269 -41.01 31.93 35.96
CA GLN B 269 -40.45 32.73 37.04
C GLN B 269 -38.92 32.70 37.03
N ALA B 270 -38.34 31.53 36.77
CA ALA B 270 -36.90 31.41 36.70
C ALA B 270 -36.39 32.00 35.39
N PRO B 271 -35.29 32.76 35.41
CA PRO B 271 -34.79 33.36 34.18
C PRO B 271 -34.09 32.32 33.31
N PRO B 272 -34.07 32.51 31.99
CA PRO B 272 -33.31 31.60 31.14
C PRO B 272 -31.81 31.80 31.29
N LYS B 273 -31.08 30.70 31.13
CA LYS B 273 -29.63 30.74 31.24
C LYS B 273 -29.03 31.33 29.97
N PRO B 274 -28.28 32.44 30.05
CA PRO B 274 -27.88 33.15 28.83
C PRO B 274 -26.72 32.52 28.07
N ASP B 275 -25.73 31.97 28.80
CA ASP B 275 -24.50 31.48 28.17
C ASP B 275 -24.21 30.02 28.50
N SER B 276 -25.18 29.30 29.06
CA SER B 276 -24.94 27.91 29.45
C SER B 276 -24.87 26.96 28.27
N GLY B 277 -25.62 27.24 27.21
CA GLY B 277 -25.79 26.28 26.14
C GLY B 277 -26.87 25.25 26.40
N LEU B 278 -27.62 25.39 27.49
CA LEU B 278 -28.76 24.53 27.76
C LEU B 278 -30.03 25.17 27.21
N LEU B 279 -30.85 24.38 26.53
CA LEU B 279 -32.10 24.87 25.97
C LEU B 279 -33.11 25.07 27.09
N ASP B 280 -33.52 26.31 27.31
CA ASP B 280 -34.38 26.66 28.43
C ASP B 280 -35.82 26.21 28.17
N GLY B 281 -36.52 25.90 29.26
CA GLY B 281 -37.89 25.44 29.18
C GLY B 281 -38.06 23.94 29.17
N PHE B 282 -37.02 23.18 29.47
CA PHE B 282 -37.06 21.73 29.42
C PHE B 282 -36.92 21.13 30.81
N MET B 283 -37.18 19.83 30.87
CA MET B 283 -37.22 19.07 32.10
C MET B 283 -35.82 18.59 32.48
N THR B 284 -35.61 18.45 33.78
CA THR B 284 -34.53 17.61 34.27
C THR B 284 -35.06 16.20 34.45
N THR B 285 -34.14 15.25 34.57
CA THR B 285 -34.54 13.89 34.91
C THR B 285 -35.02 13.81 36.35
N ASP B 286 -34.44 14.63 37.22
CA ASP B 286 -34.75 14.59 38.66
C ASP B 286 -36.15 15.10 38.95
N ALA B 287 -36.60 16.12 38.21
CA ALA B 287 -37.94 16.68 38.43
C ALA B 287 -39.02 15.71 38.02
N ALA B 288 -38.87 15.08 36.85
CA ALA B 288 -39.82 14.08 36.40
C ALA B 288 -39.78 12.83 37.26
N LEU B 289 -38.60 12.49 37.79
CA LEU B 289 -38.50 11.34 38.67
C LEU B 289 -39.16 11.61 40.02
N MET B 290 -39.06 12.85 40.52
CA MET B 290 -39.75 13.22 41.76
C MET B 290 -41.25 13.24 41.57
N TYR B 291 -41.70 13.73 40.41
CA TYR B 291 -43.13 13.69 40.05
C TYR B 291 -43.65 12.26 39.97
N ASP B 292 -42.87 11.38 39.35
CA ASP B 292 -43.26 9.98 39.25
C ASP B 292 -43.22 9.27 40.59
N ALA B 293 -42.29 9.65 41.47
CA ALA B 293 -42.24 9.09 42.81
C ALA B 293 -43.45 9.50 43.64
N VAL B 294 -43.88 10.75 43.49
CA VAL B 294 -45.09 11.22 44.15
C VAL B 294 -46.32 10.48 43.64
N HIS B 295 -46.37 10.23 42.32
CA HIS B 295 -47.51 9.48 41.76
C HIS B 295 -47.50 8.01 42.18
N VAL B 296 -46.31 7.41 42.32
CA VAL B 296 -46.22 6.02 42.77
C VAL B 296 -46.62 5.88 44.22
N VAL B 297 -46.19 6.80 45.09
CA VAL B 297 -46.59 6.70 46.48
C VAL B 297 -48.05 7.14 46.65
N SER B 298 -48.59 7.92 45.70
CA SER B 298 -50.02 8.23 45.72
C SER B 298 -50.86 7.03 45.37
N VAL B 299 -50.49 6.27 44.34
CA VAL B 299 -51.24 5.06 44.02
C VAL B 299 -50.95 3.91 44.98
N ALA B 300 -49.89 4.01 45.78
CA ALA B 300 -49.70 3.06 46.87
C ALA B 300 -50.67 3.32 48.03
N VAL B 301 -50.98 4.59 48.29
CA VAL B 301 -51.90 4.94 49.38
C VAL B 301 -53.32 4.51 49.04
N GLN B 302 -53.69 4.53 47.76
CA GLN B 302 -55.06 4.28 47.30
C GLN B 302 -55.53 2.85 47.59
N GLN B 303 -54.61 1.89 47.66
CA GLN B 303 -54.97 0.53 48.09
C GLN B 303 -54.87 0.35 49.60
N PHE B 304 -54.43 1.37 50.34
CA PHE B 304 -54.25 1.28 51.79
C PHE B 304 -54.97 2.43 52.48
N PRO B 305 -56.28 2.33 52.66
CA PRO B 305 -57.03 3.42 53.30
C PRO B 305 -57.03 3.40 54.81
N GLN B 306 -56.46 2.38 55.44
CA GLN B 306 -56.43 2.26 56.89
C GLN B 306 -55.24 2.96 57.52
N MET B 307 -54.41 3.62 56.71
CA MET B 307 -53.17 4.20 57.20
C MET B 307 -53.42 5.49 57.95
N THR B 308 -52.68 5.67 59.06
CA THR B 308 -52.79 6.85 59.89
C THR B 308 -51.39 7.41 60.17
N VAL B 309 -51.35 8.70 60.45
CA VAL B 309 -50.09 9.39 60.74
C VAL B 309 -49.74 9.19 62.20
N SER B 310 -48.56 8.64 62.45
CA SER B 310 -48.02 8.53 63.80
C SER B 310 -46.71 9.31 63.89
N SER B 311 -46.49 9.98 65.02
CA SER B 311 -45.29 10.78 65.23
C SER B 311 -44.33 10.00 66.12
N LEU B 312 -43.11 9.79 65.62
CA LEU B 312 -42.10 9.05 66.35
C LEU B 312 -40.94 9.98 66.67
N GLN B 313 -40.24 9.69 67.76
CA GLN B 313 -39.22 10.58 68.29
C GLN B 313 -37.83 10.14 67.85
N CYS B 314 -36.88 11.09 68.00
CA CYS B 314 -35.51 10.84 67.58
C CYS B 314 -34.82 9.82 68.47
N ASN B 315 -34.93 10.00 69.79
CA ASN B 315 -34.27 9.13 70.74
C ASN B 315 -35.03 7.83 71.00
N ARG B 316 -36.30 7.76 70.60
CA ARG B 316 -37.01 6.49 70.68
C ARG B 316 -36.57 5.56 69.55
N HIS B 317 -36.89 4.28 69.72
CA HIS B 317 -36.62 3.28 68.70
C HIS B 317 -37.84 2.44 68.40
N LYS B 318 -39.03 2.96 68.69
CA LYS B 318 -40.26 2.22 68.42
C LYS B 318 -40.55 2.26 66.93
N PRO B 319 -40.66 1.13 66.26
CA PRO B 319 -40.95 1.14 64.82
C PRO B 319 -42.40 1.47 64.55
N TRP B 320 -42.64 1.95 63.33
CA TRP B 320 -43.99 2.31 62.91
C TRP B 320 -44.84 1.07 62.69
N ARG B 321 -46.13 1.21 62.97
CA ARG B 321 -47.03 0.06 63.00
C ARG B 321 -47.40 -0.46 61.62
N PHE B 322 -47.40 0.40 60.60
CA PHE B 322 -47.87 0.02 59.27
C PHE B 322 -46.77 0.17 58.22
N GLY B 323 -45.52 -0.02 58.62
CA GLY B 323 -44.42 0.11 57.67
C GLY B 323 -44.37 -1.00 56.65
N THR B 324 -44.65 -2.24 57.07
CA THR B 324 -44.44 -3.40 56.21
C THR B 324 -45.49 -3.50 55.10
N ARG B 325 -46.76 -3.27 55.45
CA ARG B 325 -47.85 -3.34 54.48
C ARG B 325 -47.75 -2.22 53.45
N PHE B 326 -47.48 -0.99 53.92
CA PHE B 326 -47.30 0.15 53.04
C PHE B 326 -46.07 -0.01 52.16
N MET B 327 -45.00 -0.61 52.71
CA MET B 327 -43.78 -0.81 51.94
C MET B 327 -43.96 -1.89 50.87
N SER B 328 -44.72 -2.94 51.20
CA SER B 328 -45.02 -3.97 50.21
C SER B 328 -45.91 -3.44 49.10
N LEU B 329 -46.86 -2.56 49.44
CA LEU B 329 -47.68 -1.92 48.41
C LEU B 329 -46.88 -0.92 47.59
N ILE B 330 -45.85 -0.31 48.18
CA ILE B 330 -44.95 0.56 47.42
C ILE B 330 -44.12 -0.26 46.45
N LYS B 331 -43.56 -1.40 46.92
CA LYS B 331 -42.71 -2.22 46.08
C LYS B 331 -43.51 -3.00 45.03
N GLU B 332 -44.82 -3.16 45.21
CA GLU B 332 -45.66 -3.82 44.23
C GLU B 332 -46.44 -2.84 43.38
N ALA B 333 -45.97 -1.60 43.26
CA ALA B 333 -46.69 -0.60 42.49
C ALA B 333 -46.46 -0.78 41.00
N HIS B 334 -47.46 -0.35 40.21
CA HIS B 334 -47.39 -0.38 38.75
C HIS B 334 -48.08 0.88 38.24
N TRP B 335 -47.29 1.94 38.03
CA TRP B 335 -47.81 3.21 37.55
C TRP B 335 -47.05 3.66 36.32
N GLU B 336 -47.78 4.18 35.34
CA GLU B 336 -47.18 4.77 34.14
C GLU B 336 -46.94 6.24 34.42
N GLY B 337 -45.70 6.59 34.75
CA GLY B 337 -45.32 7.97 34.97
C GLY B 337 -44.83 8.63 33.69
N LEU B 338 -44.10 9.74 33.88
CA LEU B 338 -43.48 10.42 32.74
C LEU B 338 -42.34 9.60 32.16
N THR B 339 -41.70 8.76 32.97
CA THR B 339 -40.61 7.90 32.52
C THR B 339 -41.08 6.53 32.09
N GLY B 340 -42.32 6.41 31.62
CA GLY B 340 -42.83 5.14 31.15
C GLY B 340 -43.27 4.22 32.27
N ARG B 341 -42.97 2.93 32.13
CA ARG B 341 -43.33 1.96 33.15
C ARG B 341 -42.45 2.12 34.38
N ILE B 342 -43.04 1.96 35.54
CA ILE B 342 -42.32 2.00 36.81
C ILE B 342 -42.55 0.66 37.50
N THR B 343 -41.49 -0.11 37.65
CA THR B 343 -41.58 -1.44 38.25
C THR B 343 -40.29 -1.71 38.99
N PHE B 344 -40.37 -1.93 40.29
CA PHE B 344 -39.18 -2.12 41.08
C PHE B 344 -38.72 -3.58 41.00
N ASN B 345 -37.51 -3.90 41.51
CA ASN B 345 -36.96 -5.28 41.36
C ASN B 345 -37.62 -6.21 42.39
N LYS B 346 -38.06 -5.66 43.51
CA LYS B 346 -38.72 -6.37 44.62
C LYS B 346 -37.78 -7.29 45.39
N THR B 347 -36.50 -7.39 45.04
CA THR B 347 -35.47 -7.93 45.89
C THR B 347 -34.44 -6.89 46.31
N ASN B 348 -34.38 -5.76 45.61
CA ASN B 348 -33.47 -4.68 45.93
C ASN B 348 -34.16 -3.34 46.11
N GLY B 349 -35.31 -3.12 45.48
CA GLY B 349 -35.94 -1.82 45.48
C GLY B 349 -35.40 -0.86 44.46
N LEU B 350 -34.50 -1.30 43.59
CA LEU B 350 -33.90 -0.46 42.55
C LEU B 350 -34.66 -0.66 41.25
N ARG B 351 -34.97 0.44 40.58
CA ARG B 351 -35.70 0.40 39.32
C ARG B 351 -34.74 -0.06 38.23
N THR B 352 -34.78 -1.36 37.92
CA THR B 352 -33.93 -1.94 36.89
C THR B 352 -34.70 -2.42 35.67
N ASP B 353 -35.99 -2.12 35.59
CA ASP B 353 -36.82 -2.49 34.45
C ASP B 353 -37.54 -1.25 33.96
N PHE B 354 -37.24 -0.82 32.74
CA PHE B 354 -37.73 0.44 32.20
C PHE B 354 -37.68 0.37 30.68
N ASP B 355 -37.83 1.52 30.04
CA ASP B 355 -37.75 1.62 28.59
C ASP B 355 -36.97 2.85 28.21
N LEU B 356 -35.94 2.66 27.37
CA LEU B 356 -35.12 3.75 26.86
C LEU B 356 -35.23 3.78 25.35
N ASP B 357 -35.44 4.97 24.79
CA ASP B 357 -35.38 5.18 23.35
C ASP B 357 -34.09 5.91 23.02
N VAL B 358 -33.31 5.34 22.10
CA VAL B 358 -32.01 5.89 21.75
C VAL B 358 -32.21 7.08 20.83
N ILE B 359 -31.75 8.24 21.27
CA ILE B 359 -31.79 9.43 20.45
C ILE B 359 -30.44 9.61 19.79
N SER B 360 -30.43 10.36 18.68
CA SER B 360 -29.22 10.60 17.93
C SER B 360 -29.32 11.92 17.22
N LEU B 361 -28.17 12.46 16.81
CA LEU B 361 -28.11 13.77 16.18
C LEU B 361 -27.97 13.61 14.67
N LYS B 362 -28.88 14.26 13.94
CA LYS B 362 -28.78 14.33 12.49
C LYS B 362 -28.84 15.79 12.07
N GLU B 363 -29.03 16.05 10.77
CA GLU B 363 -29.05 17.42 10.27
C GLU B 363 -30.29 18.18 10.74
N GLU B 364 -31.39 17.49 11.00
CA GLU B 364 -32.57 18.15 11.53
C GLU B 364 -32.38 18.52 12.99
N GLY B 365 -31.83 17.62 13.78
CA GLY B 365 -31.67 17.84 15.20
C GLY B 365 -31.59 16.50 15.93
N LEU B 366 -31.87 16.54 17.22
CA LEU B 366 -31.86 15.33 18.03
C LEU B 366 -33.12 14.52 17.76
N GLU B 367 -32.95 13.31 17.23
CA GLU B 367 -34.07 12.48 16.84
C GLU B 367 -33.87 11.06 17.35
N LYS B 368 -34.99 10.42 17.67
CA LYS B 368 -34.96 9.03 18.14
C LYS B 368 -34.71 8.09 16.97
N ILE B 369 -33.77 7.16 17.15
CA ILE B 369 -33.44 6.20 16.12
C ILE B 369 -33.83 4.77 16.48
N GLY B 370 -33.99 4.46 17.77
CA GLY B 370 -34.34 3.10 18.16
C GLY B 370 -34.66 3.05 19.63
N THR B 371 -35.20 1.90 20.04
CA THR B 371 -35.59 1.66 21.42
C THR B 371 -34.68 0.63 22.05
N TRP B 372 -34.67 0.62 23.39
CA TRP B 372 -33.90 -0.34 24.15
C TRP B 372 -34.76 -0.88 25.29
N ASP B 373 -34.55 -2.15 25.61
CA ASP B 373 -35.22 -2.85 26.69
C ASP B 373 -34.19 -3.68 27.45
N PRO B 374 -34.39 -3.91 28.74
CA PRO B 374 -33.56 -4.89 29.46
C PRO B 374 -33.69 -6.32 28.92
N ALA B 375 -34.86 -6.69 28.41
CA ALA B 375 -35.07 -8.04 27.90
C ALA B 375 -34.59 -8.18 26.45
N SER B 376 -35.17 -7.39 25.54
CA SER B 376 -34.88 -7.55 24.12
C SER B 376 -33.59 -6.88 23.69
N GLY B 377 -32.96 -6.07 24.53
CA GLY B 377 -31.78 -5.36 24.10
C GLY B 377 -32.13 -4.20 23.18
N LEU B 378 -31.20 -3.86 22.30
CA LEU B 378 -31.39 -2.78 21.35
C LEU B 378 -32.35 -3.20 20.24
N ASN B 379 -32.92 -2.20 19.56
CA ASN B 379 -33.93 -2.46 18.51
C ASN B 379 -33.52 -1.77 17.20
N MET B 380 -33.11 -0.51 17.31
CA MET B 380 -32.45 0.27 16.25
C MET B 380 -33.25 0.28 14.94
N THR B 381 -34.37 1.03 14.99
CA THR B 381 -35.31 1.13 13.88
C THR B 381 -34.70 1.68 12.58
N GLU B 382 -33.58 2.42 12.66
CA GLU B 382 -32.89 2.81 11.44
C GLU B 382 -32.15 1.64 10.79
N SER B 383 -31.90 0.55 11.52
CA SER B 383 -31.32 -0.66 10.96
C SER B 383 -32.37 -1.66 10.51
N GLN B 384 -33.65 -1.36 10.69
CA GLN B 384 -34.75 -2.20 10.23
C GLN B 384 -35.38 -1.50 9.03
N LYS B 385 -34.91 -1.86 7.83
CA LYS B 385 -35.31 -1.18 6.62
C LYS B 385 -35.70 -2.11 5.48
N GLY B 386 -35.40 -3.40 5.55
CA GLY B 386 -35.71 -4.32 4.48
C GLY B 386 -36.45 -5.54 5.01
N LYS B 387 -37.18 -6.18 4.11
CA LYS B 387 -37.96 -7.37 4.43
C LYS B 387 -37.63 -8.48 3.43
N PRO B 388 -37.52 -9.73 3.90
CA PRO B 388 -37.21 -10.83 3.00
C PRO B 388 -38.45 -11.35 2.28
N ALA B 389 -38.20 -12.16 1.26
CA ALA B 389 -39.27 -12.79 0.47
C ALA B 389 -38.72 -14.07 -0.15
N ASN B 390 -39.64 -14.92 -0.62
CA ASN B 390 -39.29 -16.19 -1.23
C ASN B 390 -39.89 -16.23 -2.63
N ILE B 391 -39.07 -16.61 -3.62
CA ILE B 391 -39.49 -16.65 -5.01
C ILE B 391 -39.11 -17.99 -5.63
N THR B 392 -38.27 -18.75 -4.93
CA THR B 392 -37.69 -19.98 -5.50
C THR B 392 -38.70 -21.13 -5.57
N ASP B 393 -39.76 -21.09 -4.75
CA ASP B 393 -40.75 -22.16 -4.77
C ASP B 393 -41.70 -22.08 -5.95
N SER B 394 -41.72 -20.97 -6.69
CA SER B 394 -42.63 -20.80 -7.80
C SER B 394 -42.19 -21.54 -9.07
N LEU B 395 -41.00 -22.12 -9.09
CA LEU B 395 -40.51 -22.85 -10.24
C LEU B 395 -40.90 -24.32 -10.23
N SER B 396 -41.72 -24.73 -9.27
CA SER B 396 -42.17 -26.12 -9.20
C SER B 396 -43.17 -26.42 -10.30
N ASN B 397 -43.24 -27.72 -10.66
CA ASN B 397 -44.10 -28.27 -11.72
C ASN B 397 -43.85 -27.60 -13.07
N ARG B 398 -42.59 -27.29 -13.34
CA ARG B 398 -42.19 -26.63 -14.58
C ARG B 398 -41.21 -27.51 -15.34
N SER B 399 -41.17 -27.31 -16.66
CA SER B 399 -40.24 -28.07 -17.50
C SER B 399 -38.82 -27.56 -17.28
N LEU B 400 -37.90 -28.51 -17.08
CA LEU B 400 -36.49 -28.15 -16.91
C LEU B 400 -35.92 -27.85 -18.28
N ILE B 401 -35.91 -26.57 -18.65
CA ILE B 401 -35.48 -26.16 -19.98
C ILE B 401 -33.96 -26.19 -20.03
N VAL B 402 -33.41 -26.92 -20.99
CA VAL B 402 -31.97 -27.02 -21.21
C VAL B 402 -31.69 -26.58 -22.64
N THR B 403 -30.86 -25.55 -22.80
CA THR B 403 -30.33 -25.21 -24.11
C THR B 403 -28.81 -25.35 -24.06
N THR B 404 -28.23 -25.85 -25.14
CA THR B 404 -26.84 -26.30 -25.11
C THR B 404 -26.19 -26.10 -26.47
N ILE B 405 -24.91 -26.44 -26.54
CA ILE B 405 -24.09 -26.12 -27.70
C ILE B 405 -23.69 -27.36 -28.49
N LEU B 406 -23.84 -28.57 -27.91
CA LEU B 406 -23.38 -29.89 -28.38
C LEU B 406 -21.86 -30.00 -28.51
N GLU B 407 -21.35 -31.23 -28.59
CA GLU B 407 -19.94 -31.46 -28.36
C GLU B 407 -19.51 -32.75 -29.06
N GLU B 408 -18.32 -32.73 -29.66
CA GLU B 408 -17.86 -33.84 -30.50
C GLU B 408 -17.61 -35.17 -29.77
N PRO B 409 -16.99 -35.22 -28.54
CA PRO B 409 -16.98 -36.51 -27.82
C PRO B 409 -18.22 -36.73 -26.95
N TYR B 410 -19.28 -35.99 -27.23
CA TYR B 410 -20.50 -36.00 -26.42
C TYR B 410 -21.65 -35.99 -27.41
N VAL B 411 -22.81 -35.52 -26.94
CA VAL B 411 -24.03 -35.39 -27.75
C VAL B 411 -23.80 -34.59 -29.02
N LEU B 412 -23.98 -35.25 -30.17
CA LEU B 412 -23.66 -34.70 -31.48
C LEU B 412 -24.80 -35.02 -32.45
N PHE B 413 -26.03 -34.70 -32.03
CA PHE B 413 -27.32 -34.90 -32.71
C PHE B 413 -27.71 -36.36 -32.89
N LYS B 414 -28.96 -36.59 -33.28
CA LYS B 414 -29.46 -37.92 -33.62
C LYS B 414 -29.51 -38.03 -35.14
N LYS B 415 -28.88 -39.07 -35.68
CA LYS B 415 -28.70 -39.22 -37.11
C LYS B 415 -29.70 -40.24 -37.65
N SER B 416 -30.49 -39.82 -38.63
CA SER B 416 -31.44 -40.69 -39.30
C SER B 416 -31.69 -40.13 -40.69
N ASP B 417 -32.67 -40.71 -41.40
CA ASP B 417 -32.98 -40.25 -42.75
C ASP B 417 -33.74 -38.92 -42.73
N LYS B 418 -34.55 -38.70 -41.70
CA LYS B 418 -35.35 -37.49 -41.56
C LYS B 418 -35.11 -36.89 -40.18
N PRO B 419 -35.21 -35.56 -40.04
CA PRO B 419 -34.98 -34.95 -38.72
C PRO B 419 -36.14 -35.24 -37.77
N LEU B 420 -35.80 -35.73 -36.58
CA LEU B 420 -36.77 -35.91 -35.52
C LEU B 420 -37.02 -34.58 -34.81
N TYR B 421 -37.89 -34.60 -33.81
CA TYR B 421 -38.33 -33.37 -33.17
C TYR B 421 -38.33 -33.53 -31.66
N GLY B 422 -38.26 -32.39 -30.97
CA GLY B 422 -38.25 -32.40 -29.52
C GLY B 422 -36.86 -32.68 -28.99
N ASN B 423 -36.78 -33.62 -28.06
CA ASN B 423 -35.49 -34.10 -27.55
C ASN B 423 -35.00 -35.33 -28.28
N ASP B 424 -35.68 -35.74 -29.34
CA ASP B 424 -35.28 -36.87 -30.17
C ASP B 424 -34.34 -36.46 -31.29
N ARG B 425 -33.92 -35.20 -31.32
CA ARG B 425 -32.97 -34.70 -32.32
C ARG B 425 -31.52 -34.90 -31.88
N PHE B 426 -31.29 -35.55 -30.74
CA PHE B 426 -29.99 -35.59 -30.10
C PHE B 426 -29.65 -37.02 -29.68
N GLU B 427 -28.36 -37.34 -29.75
CA GLU B 427 -27.83 -38.63 -29.30
C GLU B 427 -26.45 -38.44 -28.72
N GLY B 428 -26.21 -38.96 -27.52
CA GLY B 428 -24.88 -38.93 -26.97
C GLY B 428 -24.85 -39.28 -25.49
N TYR B 429 -23.73 -38.93 -24.87
CA TYR B 429 -23.50 -39.31 -23.47
C TYR B 429 -24.33 -38.47 -22.50
N CYS B 430 -24.41 -37.16 -22.73
CA CYS B 430 -25.19 -36.31 -21.85
C CYS B 430 -26.69 -36.49 -22.04
N ILE B 431 -27.11 -37.14 -23.13
CA ILE B 431 -28.48 -37.65 -23.22
C ILE B 431 -28.73 -38.69 -22.12
N ASP B 432 -27.78 -39.61 -21.92
CA ASP B 432 -27.88 -40.60 -20.86
C ASP B 432 -27.76 -39.96 -19.48
N LEU B 433 -26.90 -38.93 -19.35
CA LEU B 433 -26.76 -38.23 -18.08
C LEU B 433 -28.04 -37.47 -17.72
N LEU B 434 -28.65 -36.79 -18.68
CA LEU B 434 -29.89 -36.07 -18.44
C LEU B 434 -31.06 -37.03 -18.22
N ARG B 435 -31.02 -38.21 -18.86
CA ARG B 435 -32.05 -39.22 -18.61
C ARG B 435 -31.93 -39.78 -17.19
N GLU B 436 -30.70 -40.00 -16.72
CA GLU B 436 -30.49 -40.44 -15.34
C GLU B 436 -30.90 -39.35 -14.34
N LEU B 437 -30.61 -38.09 -14.66
CA LEU B 437 -31.04 -36.98 -13.82
C LEU B 437 -32.55 -36.81 -13.83
N SER B 438 -33.20 -37.14 -14.94
CA SER B 438 -34.66 -37.11 -15.00
C SER B 438 -35.29 -38.27 -14.24
N THR B 439 -34.59 -39.41 -14.17
CA THR B 439 -35.09 -40.48 -13.32
C THR B 439 -34.90 -40.13 -11.84
N ILE B 440 -33.86 -39.39 -11.51
CA ILE B 440 -33.64 -39.01 -10.11
C ILE B 440 -34.64 -37.93 -9.68
N LEU B 441 -34.62 -36.78 -10.36
CA LEU B 441 -35.40 -35.64 -9.87
C LEU B 441 -36.81 -35.58 -10.41
N GLY B 442 -37.09 -36.17 -11.57
CA GLY B 442 -38.43 -36.17 -12.11
C GLY B 442 -38.86 -34.86 -12.74
N PHE B 443 -38.23 -34.48 -13.84
CA PHE B 443 -38.61 -33.28 -14.58
C PHE B 443 -38.90 -33.64 -16.03
N THR B 444 -39.67 -32.78 -16.69
CA THR B 444 -39.86 -32.86 -18.14
C THR B 444 -38.77 -32.02 -18.79
N TYR B 445 -37.64 -32.67 -19.09
CA TYR B 445 -36.49 -31.96 -19.63
C TYR B 445 -36.72 -31.63 -21.10
N GLU B 446 -36.44 -30.38 -21.46
CA GLU B 446 -36.50 -29.91 -22.84
C GLU B 446 -35.07 -29.61 -23.28
N ILE B 447 -34.67 -30.20 -24.41
CA ILE B 447 -33.33 -30.03 -24.94
C ILE B 447 -33.42 -29.25 -26.23
N ARG B 448 -32.64 -28.17 -26.35
CA ARG B 448 -32.61 -27.35 -27.55
C ARG B 448 -31.21 -26.77 -27.71
N LEU B 449 -31.03 -25.97 -28.75
CA LEU B 449 -29.72 -25.50 -29.17
C LEU B 449 -29.52 -24.03 -28.85
N VAL B 450 -28.26 -23.64 -28.72
CA VAL B 450 -27.88 -22.25 -28.55
C VAL B 450 -27.36 -21.72 -29.88
N GLU B 451 -27.23 -20.40 -29.96
CA GLU B 451 -26.67 -19.73 -31.13
C GLU B 451 -25.48 -18.86 -30.79
N ASP B 452 -25.06 -18.81 -29.53
CA ASP B 452 -23.96 -17.95 -29.12
C ASP B 452 -22.60 -18.51 -29.55
N GLY B 453 -22.51 -19.82 -29.77
CA GLY B 453 -21.33 -20.42 -30.36
C GLY B 453 -20.14 -20.59 -29.44
N LYS B 454 -20.30 -20.33 -28.13
CA LYS B 454 -19.21 -20.51 -27.18
C LYS B 454 -19.75 -21.08 -25.88
N TYR B 455 -18.87 -21.79 -25.15
CA TYR B 455 -19.24 -22.31 -23.84
C TYR B 455 -19.35 -21.22 -22.79
N GLY B 456 -18.71 -20.08 -23.01
CA GLY B 456 -18.75 -18.98 -22.06
C GLY B 456 -17.38 -18.38 -21.82
N ALA B 457 -17.26 -17.08 -22.07
CA ALA B 457 -16.00 -16.37 -21.91
C ALA B 457 -16.30 -14.90 -21.63
N GLN B 458 -15.68 -14.38 -20.58
CA GLN B 458 -15.83 -12.97 -20.25
C GLN B 458 -15.11 -12.10 -21.29
N ASP B 459 -15.70 -10.96 -21.59
CA ASP B 459 -15.09 -10.04 -22.56
C ASP B 459 -13.83 -9.40 -21.97
N ASP B 460 -12.86 -9.15 -22.84
CA ASP B 460 -11.57 -8.64 -22.40
C ASP B 460 -11.65 -7.19 -21.94
N VAL B 461 -12.47 -6.37 -22.59
CA VAL B 461 -12.61 -4.97 -22.21
C VAL B 461 -14.00 -4.62 -21.70
N ASN B 462 -15.03 -5.41 -22.01
CA ASN B 462 -16.38 -5.13 -21.54
C ASN B 462 -16.75 -5.90 -20.29
N GLY B 463 -16.09 -7.02 -20.01
CA GLY B 463 -16.44 -7.84 -18.88
C GLY B 463 -17.73 -8.60 -19.04
N GLN B 464 -18.18 -8.81 -20.27
CA GLN B 464 -19.44 -9.47 -20.55
C GLN B 464 -19.21 -10.91 -20.98
N TRP B 465 -20.01 -11.82 -20.44
CA TRP B 465 -19.93 -13.23 -20.79
C TRP B 465 -20.76 -13.49 -22.05
N ASN B 466 -20.91 -14.77 -22.39
CA ASN B 466 -21.81 -15.20 -23.45
C ASN B 466 -22.21 -16.65 -23.21
N GLY B 467 -23.25 -17.08 -23.93
CA GLY B 467 -23.66 -18.47 -23.92
C GLY B 467 -24.26 -18.97 -22.62
N MET B 468 -23.60 -19.97 -22.02
CA MET B 468 -24.14 -20.63 -20.84
C MET B 468 -24.06 -19.73 -19.61
N VAL B 469 -23.04 -18.86 -19.54
CA VAL B 469 -22.89 -18.01 -18.37
C VAL B 469 -23.96 -16.93 -18.34
N ARG B 470 -24.19 -16.25 -19.48
CA ARG B 470 -25.30 -15.29 -19.54
C ARG B 470 -26.66 -15.96 -19.53
N GLU B 471 -26.74 -17.24 -19.97
CA GLU B 471 -27.91 -18.06 -19.75
C GLU B 471 -28.26 -18.20 -18.27
N LEU B 472 -27.29 -18.56 -17.44
CA LEU B 472 -27.59 -18.83 -16.05
C LEU B 472 -27.48 -17.60 -15.15
N ILE B 473 -26.99 -16.47 -15.66
CA ILE B 473 -27.17 -15.21 -14.93
C ILE B 473 -28.62 -14.76 -15.00
N ASP B 474 -29.19 -14.73 -16.20
CA ASP B 474 -30.51 -14.17 -16.42
C ASP B 474 -31.63 -15.18 -16.25
N HIS B 475 -31.30 -16.44 -15.93
CA HIS B 475 -32.24 -17.56 -15.74
C HIS B 475 -33.11 -17.78 -16.97
N LYS B 476 -32.50 -17.68 -18.16
CA LYS B 476 -33.23 -17.95 -19.41
C LYS B 476 -33.61 -19.43 -19.51
N ALA B 477 -32.70 -20.32 -19.12
CA ALA B 477 -32.99 -21.73 -18.98
C ALA B 477 -32.41 -22.23 -17.67
N ASP B 478 -33.06 -23.25 -17.11
CA ASP B 478 -32.71 -23.72 -15.77
C ASP B 478 -31.39 -24.46 -15.73
N LEU B 479 -30.96 -25.06 -16.84
CA LEU B 479 -29.80 -25.93 -16.81
C LEU B 479 -29.15 -25.90 -18.19
N ALA B 480 -27.87 -26.26 -18.24
CA ALA B 480 -27.13 -26.40 -19.51
C ALA B 480 -26.25 -27.63 -19.38
N VAL B 481 -26.75 -28.77 -19.88
CA VAL B 481 -26.03 -30.03 -19.75
C VAL B 481 -24.96 -30.09 -20.83
N ALA B 482 -23.77 -29.60 -20.49
CA ALA B 482 -22.61 -29.60 -21.37
C ALA B 482 -21.38 -29.93 -20.54
N PRO B 483 -20.35 -30.55 -21.16
CA PRO B 483 -19.10 -30.76 -20.42
C PRO B 483 -18.35 -29.47 -20.19
N LEU B 484 -18.39 -28.97 -18.96
CA LEU B 484 -17.78 -27.70 -18.60
C LEU B 484 -16.86 -27.89 -17.41
N ALA B 485 -15.62 -27.43 -17.55
CA ALA B 485 -14.67 -27.50 -16.46
C ALA B 485 -15.05 -26.53 -15.34
N ILE B 486 -14.67 -26.88 -14.12
CA ILE B 486 -14.97 -26.03 -12.95
C ILE B 486 -13.83 -25.03 -12.85
N THR B 487 -13.93 -23.96 -13.63
CA THR B 487 -12.99 -22.86 -13.55
C THR B 487 -13.53 -21.82 -12.57
N TYR B 488 -12.62 -21.28 -11.75
CA TYR B 488 -13.00 -20.37 -10.67
C TYR B 488 -13.52 -19.03 -11.17
N VAL B 489 -13.14 -18.62 -12.39
CA VAL B 489 -13.70 -17.40 -12.97
C VAL B 489 -15.17 -17.60 -13.30
N ARG B 490 -15.52 -18.74 -13.87
CA ARG B 490 -16.92 -19.08 -14.08
C ARG B 490 -17.63 -19.43 -12.77
N GLU B 491 -16.91 -20.01 -11.81
CA GLU B 491 -17.52 -20.41 -10.55
C GLU B 491 -17.81 -19.22 -9.65
N LYS B 492 -17.06 -18.11 -9.82
CA LYS B 492 -17.35 -16.91 -9.06
C LYS B 492 -18.51 -16.11 -9.65
N VAL B 493 -18.98 -16.47 -10.85
CA VAL B 493 -20.12 -15.80 -11.45
C VAL B 493 -21.37 -16.63 -11.24
N ILE B 494 -21.37 -17.87 -11.73
CA ILE B 494 -22.51 -18.77 -11.58
C ILE B 494 -22.09 -19.93 -10.67
N ASP B 495 -23.10 -20.59 -10.11
CA ASP B 495 -22.84 -21.75 -9.28
C ASP B 495 -22.42 -22.95 -10.12
N PHE B 496 -21.62 -23.83 -9.52
CA PHE B 496 -21.16 -25.04 -10.16
C PHE B 496 -21.47 -26.24 -9.28
N SER B 497 -21.79 -27.35 -9.93
CA SER B 497 -22.02 -28.60 -9.21
C SER B 497 -20.70 -29.28 -8.87
N LYS B 498 -20.79 -30.29 -8.01
CA LYS B 498 -19.63 -31.12 -7.72
C LYS B 498 -19.29 -31.98 -8.94
N PRO B 499 -18.01 -32.24 -9.20
CA PRO B 499 -17.65 -32.95 -10.45
C PRO B 499 -18.01 -34.43 -10.39
N PHE B 500 -18.23 -35.00 -11.57
CA PHE B 500 -18.53 -36.41 -11.71
C PHE B 500 -17.46 -37.20 -12.44
N MET B 501 -16.67 -36.56 -13.30
CA MET B 501 -15.53 -37.19 -13.93
C MET B 501 -14.39 -36.19 -13.98
N THR B 502 -13.16 -36.70 -13.99
CA THR B 502 -11.98 -35.85 -14.00
C THR B 502 -11.67 -35.42 -15.43
N LEU B 503 -10.66 -34.57 -15.57
CA LEU B 503 -10.22 -34.09 -16.87
C LEU B 503 -8.73 -33.84 -16.82
N GLY B 504 -8.17 -33.44 -17.95
CA GLY B 504 -6.78 -33.06 -18.03
C GLY B 504 -6.39 -32.57 -19.41
N ILE B 505 -5.63 -31.48 -19.48
CA ILE B 505 -5.10 -31.01 -20.75
C ILE B 505 -3.96 -31.92 -21.16
N SER B 506 -4.07 -32.53 -22.33
CA SER B 506 -3.07 -33.48 -22.81
C SER B 506 -2.59 -33.07 -24.19
N ILE B 507 -1.36 -33.49 -24.50
CA ILE B 507 -0.73 -33.16 -25.77
C ILE B 507 -1.21 -34.18 -26.81
N LEU B 508 -1.63 -33.68 -27.96
CA LEU B 508 -2.08 -34.52 -29.07
C LEU B 508 -1.03 -34.51 -30.17
N TYR B 509 -0.66 -35.69 -30.64
CA TYR B 509 0.34 -35.83 -31.68
C TYR B 509 0.04 -37.11 -32.46
N ARG B 510 0.91 -37.43 -33.41
CA ARG B 510 0.73 -38.58 -34.28
C ARG B 510 1.88 -39.56 -34.04
N LYS B 511 1.96 -40.59 -34.89
CA LYS B 511 3.04 -41.56 -34.86
C LYS B 511 3.73 -41.58 -36.21
N PRO B 512 4.58 -40.58 -36.50
CA PRO B 512 5.23 -40.53 -37.82
C PRO B 512 6.52 -41.33 -37.84
N ASN B 513 6.38 -42.66 -37.91
CA ASN B 513 7.50 -43.58 -37.82
C ASN B 513 7.60 -44.37 -39.11
N GLY B 514 8.73 -44.23 -39.80
CA GLY B 514 8.99 -44.98 -41.01
C GLY B 514 10.04 -46.05 -40.79
N THR B 515 11.29 -45.74 -41.20
CA THR B 515 12.50 -46.54 -40.99
C THR B 515 12.35 -47.95 -41.58
N ASN B 516 12.27 -47.98 -42.91
CA ASN B 516 12.12 -49.22 -43.66
C ASN B 516 13.37 -50.09 -43.53
N PRO B 517 13.25 -51.35 -43.08
CA PRO B 517 14.43 -52.22 -42.88
C PRO B 517 14.92 -52.89 -44.16
N GLY B 518 15.72 -52.17 -44.94
CA GLY B 518 16.20 -52.68 -46.21
C GLY B 518 17.70 -52.67 -46.38
N VAL B 519 18.16 -53.02 -47.59
CA VAL B 519 19.58 -53.03 -47.90
C VAL B 519 20.12 -51.59 -47.98
N PHE B 520 19.30 -50.67 -48.48
CA PHE B 520 19.69 -49.27 -48.58
C PHE B 520 19.88 -48.62 -47.21
N SER B 521 19.07 -49.01 -46.23
CA SER B 521 19.27 -48.55 -44.86
C SER B 521 20.51 -49.18 -44.23
N PHE B 522 20.87 -50.39 -44.67
CA PHE B 522 22.08 -51.02 -44.16
C PHE B 522 23.33 -50.35 -44.71
N LEU B 523 23.37 -50.08 -46.02
CA LEU B 523 24.50 -49.41 -46.64
C LEU B 523 24.33 -47.90 -46.70
N ASN B 524 23.57 -47.33 -45.76
CA ASN B 524 23.34 -45.88 -45.71
C ASN B 524 24.58 -45.01 -45.47
N PRO B 525 25.43 -45.19 -44.45
CA PRO B 525 26.38 -44.12 -44.09
C PRO B 525 27.60 -43.98 -44.99
N LEU B 526 27.64 -44.64 -46.14
CA LEU B 526 28.61 -44.33 -47.18
C LEU B 526 27.89 -44.23 -48.51
N SER B 527 28.40 -43.36 -49.38
CA SER B 527 27.79 -43.15 -50.68
C SER B 527 28.04 -44.36 -51.58
N PRO B 528 27.06 -44.76 -52.40
CA PRO B 528 27.25 -45.92 -53.30
C PRO B 528 28.27 -45.68 -54.40
N ASP B 529 28.54 -44.41 -54.78
CA ASP B 529 29.62 -44.13 -55.71
C ASP B 529 30.98 -44.44 -55.10
N ILE B 530 31.14 -44.16 -53.80
CA ILE B 530 32.33 -44.56 -53.08
C ILE B 530 32.43 -46.08 -52.98
N TRP B 531 31.27 -46.75 -52.81
CA TRP B 531 31.23 -48.21 -52.73
C TRP B 531 31.68 -48.85 -54.04
N MET B 532 31.18 -48.36 -55.17
CA MET B 532 31.60 -48.92 -56.45
C MET B 532 33.02 -48.50 -56.81
N TYR B 533 33.52 -47.37 -56.30
CA TYR B 533 34.91 -47.01 -56.54
C TYR B 533 35.85 -47.90 -55.74
N VAL B 534 35.46 -48.27 -54.51
CA VAL B 534 36.23 -49.26 -53.75
C VAL B 534 36.14 -50.65 -54.41
N LEU B 535 35.00 -50.98 -55.01
CA LEU B 535 34.89 -52.23 -55.75
C LEU B 535 35.76 -52.25 -57.00
N LEU B 536 35.86 -51.12 -57.71
CA LEU B 536 36.79 -51.03 -58.83
C LEU B 536 38.24 -51.04 -58.36
N ALA B 537 38.51 -50.52 -57.16
CA ALA B 537 39.85 -50.66 -56.58
C ALA B 537 40.17 -52.11 -56.25
N TYR B 538 39.17 -52.87 -55.77
CA TYR B 538 39.33 -54.30 -55.55
C TYR B 538 39.59 -55.05 -56.86
N LEU B 539 38.90 -54.64 -57.93
CA LEU B 539 39.14 -55.22 -59.25
C LEU B 539 40.53 -54.88 -59.77
N GLY B 540 41.01 -53.67 -59.49
CA GLY B 540 42.38 -53.31 -59.86
C GLY B 540 43.43 -54.08 -59.09
N VAL B 541 43.17 -54.34 -57.79
CA VAL B 541 44.02 -55.21 -56.99
C VAL B 541 44.00 -56.63 -57.54
N SER B 542 42.84 -57.09 -58.01
CA SER B 542 42.74 -58.40 -58.67
C SER B 542 43.51 -58.46 -59.98
N VAL B 543 43.53 -57.35 -60.74
CA VAL B 543 44.29 -57.28 -61.99
C VAL B 543 45.79 -57.33 -61.72
N VAL B 544 46.25 -56.57 -60.72
CA VAL B 544 47.67 -56.57 -60.33
C VAL B 544 48.07 -57.94 -59.77
N LEU B 545 47.15 -58.59 -59.04
CA LEU B 545 47.39 -59.95 -58.54
C LEU B 545 47.46 -60.96 -59.68
N PHE B 546 46.63 -60.77 -60.71
CA PHE B 546 46.69 -61.63 -61.90
C PHE B 546 48.01 -61.47 -62.65
N VAL B 547 48.50 -60.23 -62.76
CA VAL B 547 49.80 -59.96 -63.38
C VAL B 547 50.94 -60.57 -62.57
N ILE B 548 50.85 -60.47 -61.23
CA ILE B 548 51.88 -61.03 -60.35
C ILE B 548 51.88 -62.56 -60.41
N ALA B 549 50.68 -63.18 -60.37
CA ALA B 549 50.58 -64.63 -60.38
C ALA B 549 50.96 -65.23 -61.73
N ARG B 550 50.68 -64.53 -62.82
CA ARG B 550 51.10 -65.04 -64.12
C ARG B 550 52.58 -64.78 -64.40
N PHE B 551 53.24 -63.94 -63.60
CA PHE B 551 54.68 -63.72 -63.74
C PHE B 551 55.46 -64.48 -62.68
N ALA B 597 59.63 -62.61 -52.14
CA ALA B 597 59.23 -61.47 -52.95
C ALA B 597 58.74 -60.33 -52.07
N LEU B 598 59.50 -59.24 -52.01
CA LEU B 598 59.12 -58.09 -51.19
C LEU B 598 58.01 -57.28 -51.83
N SER B 599 57.76 -57.45 -53.13
CA SER B 599 56.64 -56.79 -53.80
C SER B 599 55.30 -57.30 -53.26
N THR B 600 55.21 -58.61 -53.03
CA THR B 600 54.01 -59.19 -52.43
C THR B 600 53.82 -58.71 -50.99
N ARG B 601 54.92 -58.54 -50.26
CA ARG B 601 54.86 -57.99 -48.91
C ARG B 601 54.37 -56.54 -48.90
N ILE B 602 54.85 -55.73 -49.85
CA ILE B 602 54.44 -54.34 -49.96
C ILE B 602 52.96 -54.23 -50.35
N VAL B 603 52.53 -55.06 -51.32
CA VAL B 603 51.14 -55.07 -51.77
C VAL B 603 50.21 -55.55 -50.66
N GLY B 604 50.60 -56.59 -49.92
CA GLY B 604 49.78 -57.08 -48.82
C GLY B 604 49.69 -56.11 -47.65
N GLY B 605 50.81 -55.44 -47.32
CA GLY B 605 50.78 -54.45 -46.27
C GLY B 605 49.95 -53.22 -46.62
N ILE B 606 50.09 -52.75 -47.87
CA ILE B 606 49.30 -51.61 -48.33
C ILE B 606 47.82 -51.96 -48.41
N TRP B 607 47.52 -53.20 -48.83
CA TRP B 607 46.14 -53.65 -48.94
C TRP B 607 45.48 -53.79 -47.57
N TRP B 608 46.21 -54.37 -46.60
CA TRP B 608 45.74 -54.45 -45.22
C TRP B 608 45.55 -53.05 -44.62
N PHE B 609 46.46 -52.13 -44.94
CA PHE B 609 46.37 -50.76 -44.46
C PHE B 609 45.13 -50.04 -44.97
N PHE B 610 44.88 -50.07 -46.29
CA PHE B 610 43.74 -49.29 -46.77
C PHE B 610 42.43 -49.99 -46.48
N THR B 611 42.40 -51.34 -46.44
CA THR B 611 41.20 -52.04 -46.04
C THR B 611 40.85 -51.77 -44.59
N LEU B 612 41.85 -51.71 -43.71
CA LEU B 612 41.60 -51.42 -42.30
C LEU B 612 41.14 -49.97 -42.10
N ILE B 613 41.69 -49.02 -42.86
CA ILE B 613 41.22 -47.64 -42.65
C ILE B 613 39.85 -47.41 -43.29
N ILE B 614 39.49 -48.13 -44.37
CA ILE B 614 38.13 -48.04 -44.90
C ILE B 614 37.13 -48.66 -43.93
N ILE B 615 37.50 -49.78 -43.31
CA ILE B 615 36.64 -50.43 -42.32
C ILE B 615 36.47 -49.55 -41.08
N SER B 616 37.56 -48.89 -40.64
CA SER B 616 37.50 -47.98 -39.51
C SER B 616 36.68 -46.73 -39.81
N SER B 617 36.79 -46.20 -41.03
CA SER B 617 36.00 -45.02 -41.41
C SER B 617 34.53 -45.36 -41.53
N TYR B 618 34.19 -46.55 -42.05
CA TYR B 618 32.80 -46.97 -42.13
C TYR B 618 32.22 -47.21 -40.74
N THR B 619 33.01 -47.79 -39.83
CA THR B 619 32.58 -47.97 -38.44
C THR B 619 32.37 -46.64 -37.75
N ALA B 620 33.25 -45.66 -38.02
CA ALA B 620 33.10 -44.33 -37.43
C ALA B 620 31.89 -43.60 -37.96
N ASN B 621 31.62 -43.71 -39.27
CA ASN B 621 30.44 -43.10 -39.87
C ASN B 621 29.15 -43.72 -39.35
N LEU B 622 29.12 -45.05 -39.22
CA LEU B 622 27.93 -45.71 -38.69
C LEU B 622 27.72 -45.42 -37.21
N ALA B 623 28.81 -45.30 -36.44
CA ALA B 623 28.70 -44.92 -35.04
C ALA B 623 28.20 -43.51 -34.86
N ALA B 624 28.67 -42.58 -35.71
CA ALA B 624 28.19 -41.20 -35.66
C ALA B 624 26.72 -41.11 -36.07
N PHE B 625 26.32 -41.87 -37.08
CA PHE B 625 24.92 -41.87 -37.53
C PHE B 625 23.99 -42.46 -36.49
N LEU B 626 24.40 -43.57 -35.86
CA LEU B 626 23.59 -44.17 -34.80
C LEU B 626 23.56 -43.31 -33.54
N THR B 627 24.64 -42.60 -33.25
CA THR B 627 24.67 -41.73 -32.08
C THR B 627 23.79 -40.49 -32.29
N VAL B 628 23.77 -39.96 -33.53
CA VAL B 628 22.85 -38.87 -33.87
C VAL B 628 21.39 -39.34 -33.81
N GLU B 629 21.13 -40.56 -34.30
CA GLU B 629 19.77 -41.11 -34.25
C GLU B 629 19.32 -41.39 -32.82
N ARG B 630 20.24 -41.75 -31.93
CA ARG B 630 19.90 -41.92 -30.52
C ARG B 630 19.74 -40.58 -29.82
N MET B 631 20.55 -39.58 -30.19
CA MET B 631 20.46 -38.25 -29.58
C MET B 631 19.22 -37.50 -30.05
N GLU B 632 18.66 -37.85 -31.20
CA GLU B 632 17.41 -37.26 -31.66
C GLU B 632 16.28 -37.79 -30.79
N SER B 633 15.89 -37.03 -29.78
CA SER B 633 14.83 -37.46 -28.87
C SER B 633 13.47 -37.24 -29.52
N PRO B 634 12.67 -38.30 -29.71
CA PRO B 634 11.34 -38.11 -30.28
C PRO B 634 10.28 -37.71 -29.27
N ILE B 635 10.61 -37.65 -27.99
CA ILE B 635 9.66 -37.27 -26.96
C ILE B 635 9.43 -35.76 -27.03
N ASP B 636 8.17 -35.37 -27.07
CA ASP B 636 7.76 -33.98 -27.23
C ASP B 636 6.80 -33.57 -26.11
N SER B 637 7.22 -33.82 -24.88
CA SER B 637 6.40 -33.58 -23.70
C SER B 637 6.40 -32.08 -23.34
N ALA B 638 5.95 -31.77 -22.12
CA ALA B 638 5.77 -30.39 -21.69
C ALA B 638 7.09 -29.66 -21.53
N ASP B 639 8.10 -30.33 -20.96
CA ASP B 639 9.42 -29.72 -20.87
C ASP B 639 10.14 -29.69 -22.20
N ASP B 640 9.78 -30.58 -23.14
CA ASP B 640 10.42 -30.58 -24.44
C ASP B 640 9.95 -29.42 -25.29
N LEU B 641 8.64 -29.15 -25.29
CA LEU B 641 8.06 -28.13 -26.15
C LEU B 641 8.06 -26.73 -25.53
N ALA B 642 8.63 -26.57 -24.34
CA ALA B 642 8.76 -25.25 -23.75
C ALA B 642 9.74 -24.39 -24.54
N LYS B 643 10.83 -24.98 -25.02
CA LYS B 643 11.84 -24.26 -25.78
C LYS B 643 11.84 -24.60 -27.26
N GLN B 644 11.16 -25.67 -27.67
CA GLN B 644 11.13 -26.08 -29.07
C GLN B 644 10.14 -25.20 -29.81
N THR B 645 10.62 -24.03 -30.23
CA THR B 645 9.79 -23.07 -30.94
C THR B 645 9.60 -23.42 -32.41
N LYS B 646 10.36 -24.39 -32.94
CA LYS B 646 10.19 -24.81 -34.32
C LYS B 646 8.86 -25.55 -34.50
N ILE B 647 8.55 -26.48 -33.60
CA ILE B 647 7.29 -27.19 -33.65
C ILE B 647 6.19 -26.27 -33.13
N GLU B 648 5.14 -26.10 -33.92
CA GLU B 648 4.02 -25.27 -33.51
C GLU B 648 3.15 -26.00 -32.49
N TYR B 649 2.60 -25.24 -31.54
CA TYR B 649 1.69 -25.80 -30.55
C TYR B 649 0.67 -24.76 -30.17
N GLY B 650 -0.45 -25.22 -29.61
CA GLY B 650 -1.53 -24.32 -29.23
C GLY B 650 -2.75 -25.12 -28.81
N ALA B 651 -3.89 -24.45 -28.83
CA ALA B 651 -5.13 -25.04 -28.36
C ALA B 651 -6.30 -24.46 -29.15
N VAL B 652 -7.51 -24.88 -28.79
CA VAL B 652 -8.72 -24.33 -29.40
C VAL B 652 -8.91 -22.89 -28.92
N GLU B 653 -9.26 -21.99 -29.85
CA GLU B 653 -9.14 -20.56 -29.63
C GLU B 653 -10.17 -20.04 -28.62
N ASP B 654 -9.66 -19.32 -27.62
CA ASP B 654 -10.43 -18.70 -26.53
C ASP B 654 -11.23 -19.73 -25.75
N GLY B 655 -10.65 -20.91 -25.57
CA GLY B 655 -11.24 -21.94 -24.74
C GLY B 655 -10.77 -21.86 -23.31
N ALA B 656 -11.04 -22.93 -22.56
CA ALA B 656 -10.59 -23.04 -21.18
C ALA B 656 -9.14 -23.47 -21.05
N THR B 657 -8.48 -23.81 -22.17
CA THR B 657 -7.11 -24.31 -22.09
C THR B 657 -6.13 -23.17 -21.84
N MET B 658 -6.18 -22.11 -22.65
CA MET B 658 -5.32 -20.97 -22.34
C MET B 658 -5.90 -20.08 -21.25
N THR B 659 -7.15 -20.29 -20.86
CA THR B 659 -7.67 -19.66 -19.64
C THR B 659 -6.91 -20.16 -18.42
N PHE B 660 -6.57 -21.45 -18.43
CA PHE B 660 -5.62 -21.99 -17.45
C PHE B 660 -4.23 -21.39 -17.64
N PHE B 661 -3.84 -21.11 -18.88
CA PHE B 661 -2.57 -20.45 -19.15
C PHE B 661 -2.64 -18.94 -18.94
N LYS B 662 -3.84 -18.36 -18.86
CA LYS B 662 -3.98 -16.95 -18.52
C LYS B 662 -3.50 -16.68 -17.10
N LYS B 663 -3.73 -17.62 -16.19
CA LYS B 663 -3.36 -17.48 -14.79
C LYS B 663 -2.21 -18.41 -14.40
N SER B 664 -1.51 -18.96 -15.38
CA SER B 664 -0.41 -19.87 -15.10
C SER B 664 0.81 -19.10 -14.59
N LYS B 665 1.51 -19.69 -13.63
CA LYS B 665 2.73 -19.11 -13.08
C LYS B 665 3.97 -19.96 -13.33
N ILE B 666 3.80 -21.20 -13.81
CA ILE B 666 4.93 -22.06 -14.12
C ILE B 666 5.60 -21.56 -15.40
N SER B 667 6.93 -21.49 -15.38
CA SER B 667 7.70 -20.87 -16.46
C SER B 667 7.61 -21.65 -17.77
N THR B 668 7.43 -22.97 -17.69
CA THR B 668 7.12 -23.75 -18.89
C THR B 668 5.77 -23.36 -19.46
N TYR B 669 4.76 -23.26 -18.59
CA TYR B 669 3.44 -22.83 -19.04
C TYR B 669 3.43 -21.35 -19.42
N ASP B 670 4.30 -20.55 -18.80
CA ASP B 670 4.49 -19.17 -19.23
C ASP B 670 5.13 -19.09 -20.61
N LYS B 671 6.02 -20.03 -20.93
CA LYS B 671 6.60 -20.11 -22.27
C LYS B 671 5.56 -20.49 -23.31
N MET B 672 4.67 -21.44 -22.96
CA MET B 672 3.54 -21.80 -23.81
C MET B 672 2.61 -20.61 -24.02
N TRP B 673 2.36 -19.85 -22.94
CA TRP B 673 1.50 -18.68 -22.98
C TRP B 673 2.09 -17.57 -23.84
N ALA B 674 3.40 -17.34 -23.73
CA ALA B 674 4.05 -16.32 -24.56
C ALA B 674 4.13 -16.75 -26.02
N PHE B 675 4.27 -18.05 -26.29
CA PHE B 675 4.29 -18.52 -27.66
C PHE B 675 2.91 -18.41 -28.31
N MET B 676 1.84 -18.71 -27.58
CA MET B 676 0.52 -18.52 -28.15
C MET B 676 0.11 -17.05 -28.18
N SER B 677 0.74 -16.20 -27.36
CA SER B 677 0.54 -14.76 -27.50
C SER B 677 1.26 -14.22 -28.73
N SER B 678 2.40 -14.81 -29.08
CA SER B 678 3.16 -14.33 -30.24
C SER B 678 2.50 -14.72 -31.56
N ARG B 679 1.86 -15.87 -31.62
CA ARG B 679 1.32 -16.43 -32.86
C ARG B 679 -0.16 -16.75 -32.70
N ARG B 680 -0.92 -15.76 -32.21
CA ARG B 680 -2.31 -15.97 -31.80
C ARG B 680 -3.24 -16.26 -32.97
N GLN B 681 -2.98 -15.65 -34.13
CA GLN B 681 -3.86 -15.85 -35.28
C GLN B 681 -3.58 -17.16 -36.02
N SER B 682 -2.44 -17.80 -35.77
CA SER B 682 -2.03 -18.97 -36.53
C SER B 682 -2.32 -20.28 -35.80
N VAL B 683 -1.76 -20.45 -34.59
CA VAL B 683 -1.83 -21.75 -33.92
C VAL B 683 -3.15 -21.98 -33.20
N LEU B 684 -4.01 -20.97 -33.13
CA LEU B 684 -5.30 -21.10 -32.46
C LEU B 684 -6.38 -21.36 -33.51
N VAL B 685 -7.24 -22.35 -33.23
CA VAL B 685 -8.29 -22.75 -34.15
C VAL B 685 -9.62 -22.72 -33.42
N LYS B 686 -10.69 -22.54 -34.19
CA LYS B 686 -12.01 -22.35 -33.59
C LYS B 686 -12.63 -23.66 -33.11
N SER B 687 -12.32 -24.78 -33.77
CA SER B 687 -12.92 -26.06 -33.42
C SER B 687 -11.82 -27.07 -33.11
N ASN B 688 -12.23 -28.25 -32.65
CA ASN B 688 -11.27 -29.31 -32.38
C ASN B 688 -10.74 -29.94 -33.66
N GLU B 689 -11.61 -30.08 -34.68
CA GLU B 689 -11.24 -30.79 -35.90
C GLU B 689 -10.23 -30.02 -36.74
N GLU B 690 -10.24 -28.68 -36.66
CA GLU B 690 -9.23 -27.87 -37.33
C GLU B 690 -7.85 -28.11 -36.74
N GLY B 691 -7.75 -28.18 -35.41
CA GLY B 691 -6.50 -28.54 -34.78
C GLY B 691 -6.10 -29.99 -35.02
N ILE B 692 -7.09 -30.88 -35.16
CA ILE B 692 -6.82 -32.28 -35.47
C ILE B 692 -6.21 -32.42 -36.86
N GLN B 693 -6.77 -31.71 -37.84
CA GLN B 693 -6.22 -31.73 -39.19
C GLN B 693 -4.89 -30.97 -39.26
N ARG B 694 -4.70 -29.98 -38.40
CA ARG B 694 -3.42 -29.29 -38.31
C ARG B 694 -2.33 -30.22 -37.75
N VAL B 695 -2.70 -31.09 -36.81
CA VAL B 695 -1.77 -32.09 -36.29
C VAL B 695 -1.46 -33.15 -37.34
N LEU B 696 -2.51 -33.62 -38.04
CA LEU B 696 -2.34 -34.66 -39.07
C LEU B 696 -1.54 -34.18 -40.27
N THR B 697 -1.73 -32.93 -40.69
CA THR B 697 -1.05 -32.42 -41.88
C THR B 697 0.27 -31.76 -41.56
N SER B 698 0.25 -30.73 -40.71
CA SER B 698 1.43 -29.94 -40.41
C SER B 698 2.09 -30.42 -39.12
N ASP B 699 3.29 -29.88 -38.88
CA ASP B 699 4.03 -30.15 -37.65
C ASP B 699 3.41 -29.31 -36.54
N TYR B 700 2.39 -29.87 -35.89
CA TYR B 700 1.61 -29.14 -34.91
C TYR B 700 1.32 -30.02 -33.71
N ALA B 701 1.23 -29.40 -32.55
CA ALA B 701 0.81 -30.04 -31.32
C ALA B 701 -0.46 -29.37 -30.82
N PHE B 702 -1.35 -30.16 -30.22
CA PHE B 702 -2.65 -29.66 -29.80
C PHE B 702 -2.90 -30.03 -28.35
N LEU B 703 -3.38 -29.06 -27.57
CA LEU B 703 -3.57 -29.21 -26.13
C LEU B 703 -5.07 -29.10 -25.84
N MET B 704 -5.69 -30.23 -25.48
CA MET B 704 -7.14 -30.27 -25.33
C MET B 704 -7.49 -31.40 -24.37
N GLU B 705 -8.76 -31.79 -24.36
CA GLU B 705 -9.29 -32.72 -23.37
C GLU B 705 -8.74 -34.13 -23.57
N SER B 706 -8.29 -34.75 -22.47
CA SER B 706 -7.68 -36.08 -22.52
C SER B 706 -8.68 -37.17 -22.86
N THR B 707 -9.95 -37.00 -22.47
CA THR B 707 -10.97 -37.98 -22.82
C THR B 707 -11.30 -37.93 -24.31
N THR B 708 -11.30 -36.73 -24.88
CA THR B 708 -11.49 -36.59 -26.32
C THR B 708 -10.31 -37.17 -27.10
N ILE B 709 -9.10 -36.95 -26.59
CA ILE B 709 -7.89 -37.51 -27.19
C ILE B 709 -7.91 -39.04 -27.10
N GLU B 710 -8.41 -39.57 -25.98
CA GLU B 710 -8.55 -41.02 -25.79
C GLU B 710 -9.56 -41.61 -26.76
N PHE B 711 -10.70 -40.92 -26.97
CA PHE B 711 -11.71 -41.39 -27.91
C PHE B 711 -11.21 -41.32 -29.35
N VAL B 712 -10.49 -40.25 -29.69
CA VAL B 712 -9.96 -40.08 -31.05
C VAL B 712 -8.89 -41.13 -31.34
N THR B 713 -8.00 -41.38 -30.39
CA THR B 713 -7.00 -42.44 -30.55
C THR B 713 -7.61 -43.83 -30.51
N GLN B 714 -8.77 -43.99 -29.87
CA GLN B 714 -9.50 -45.25 -29.99
C GLN B 714 -10.08 -45.42 -31.38
N ARG B 715 -10.62 -44.34 -31.96
CA ARG B 715 -11.26 -44.43 -33.27
C ARG B 715 -10.32 -44.16 -34.43
N ASN B 716 -9.14 -43.60 -34.19
CA ASN B 716 -8.15 -43.37 -35.24
C ASN B 716 -6.80 -43.91 -34.76
N CYS B 717 -6.17 -44.72 -35.61
CA CYS B 717 -4.87 -45.29 -35.30
C CYS B 717 -3.71 -44.35 -35.65
N ASN B 718 -3.99 -43.21 -36.26
CA ASN B 718 -2.95 -42.33 -36.78
C ASN B 718 -2.56 -41.23 -35.79
N LEU B 719 -3.06 -41.27 -34.56
CA LEU B 719 -2.75 -40.24 -33.57
C LEU B 719 -2.31 -40.88 -32.27
N THR B 720 -1.54 -40.12 -31.49
CA THR B 720 -0.96 -40.57 -30.24
C THR B 720 -1.22 -39.55 -29.14
N GLN B 721 -1.14 -40.00 -27.90
CA GLN B 721 -1.16 -39.13 -26.73
C GLN B 721 0.21 -39.19 -26.06
N ILE B 722 0.83 -38.03 -25.90
CA ILE B 722 2.15 -37.94 -25.29
C ILE B 722 2.08 -37.02 -24.08
N GLY B 723 3.01 -37.23 -23.15
CA GLY B 723 2.95 -36.51 -21.90
C GLY B 723 1.86 -37.06 -20.99
N GLY B 724 1.52 -36.26 -19.99
CA GLY B 724 0.49 -36.65 -19.05
C GLY B 724 -0.65 -35.65 -18.99
N LEU B 725 -1.05 -35.29 -17.77
CA LEU B 725 -2.11 -34.31 -17.55
C LEU B 725 -1.48 -32.99 -17.11
N ILE B 726 -1.74 -31.93 -17.88
CA ILE B 726 -1.22 -30.61 -17.54
C ILE B 726 -1.93 -30.06 -16.31
N ASP B 727 -3.25 -30.21 -16.25
CA ASP B 727 -4.04 -29.77 -15.11
C ASP B 727 -4.78 -30.97 -14.52
N SER B 728 -5.64 -30.68 -13.55
CA SER B 728 -6.49 -31.71 -12.94
C SER B 728 -7.74 -31.02 -12.42
N LYS B 729 -8.84 -31.14 -13.17
CA LYS B 729 -10.10 -30.53 -12.80
C LYS B 729 -11.21 -31.54 -13.03
N GLY B 730 -12.46 -31.09 -12.96
CA GLY B 730 -13.60 -31.94 -13.18
C GLY B 730 -14.67 -31.25 -13.98
N TYR B 731 -15.67 -32.03 -14.39
CA TYR B 731 -16.81 -31.51 -15.12
C TYR B 731 -17.93 -31.15 -14.15
N GLY B 732 -18.20 -29.86 -14.03
CA GLY B 732 -19.28 -29.35 -13.20
C GLY B 732 -20.45 -28.93 -14.08
N VAL B 733 -21.65 -29.28 -13.64
CA VAL B 733 -22.85 -28.97 -14.43
C VAL B 733 -23.23 -27.52 -14.20
N GLY B 734 -23.52 -26.80 -15.28
CA GLY B 734 -23.79 -25.38 -15.20
C GLY B 734 -25.16 -25.09 -14.60
N THR B 735 -25.19 -24.31 -13.52
CA THR B 735 -26.37 -23.95 -12.75
C THR B 735 -26.40 -22.46 -12.50
N PRO B 736 -27.58 -21.87 -12.29
CA PRO B 736 -27.62 -20.46 -11.88
C PRO B 736 -27.15 -20.28 -10.44
N MET B 737 -26.87 -19.03 -10.08
CA MET B 737 -26.42 -18.74 -8.73
C MET B 737 -27.57 -18.89 -7.73
N GLY B 738 -27.28 -19.57 -6.63
CA GLY B 738 -28.30 -19.87 -5.62
C GLY B 738 -29.39 -20.80 -6.11
N SER B 739 -29.04 -21.75 -6.98
CA SER B 739 -30.04 -22.60 -7.61
C SER B 739 -30.57 -23.64 -6.63
N PRO B 740 -31.89 -23.77 -6.49
CA PRO B 740 -32.42 -24.88 -5.69
C PRO B 740 -32.23 -26.24 -6.35
N TYR B 741 -32.08 -26.27 -7.67
CA TYR B 741 -31.77 -27.53 -8.34
C TYR B 741 -30.36 -28.00 -8.05
N ARG B 742 -29.42 -27.06 -7.86
CA ARG B 742 -28.00 -27.37 -7.74
C ARG B 742 -27.67 -28.20 -6.50
N ASP B 743 -28.41 -28.00 -5.40
CA ASP B 743 -28.27 -28.86 -4.23
C ASP B 743 -28.74 -30.27 -4.57
N LYS B 744 -29.90 -30.38 -5.23
CA LYS B 744 -30.38 -31.68 -5.70
C LYS B 744 -29.50 -32.26 -6.80
N ILE B 745 -28.92 -31.40 -7.63
CA ILE B 745 -27.97 -31.85 -8.65
C ILE B 745 -26.71 -32.41 -8.01
N THR B 746 -26.20 -31.75 -6.95
CA THR B 746 -25.04 -32.23 -6.22
C THR B 746 -25.32 -33.56 -5.52
N ILE B 747 -26.51 -33.68 -4.91
CA ILE B 747 -26.93 -34.93 -4.27
C ILE B 747 -27.08 -36.06 -5.30
N ALA B 748 -27.61 -35.73 -6.49
CA ALA B 748 -27.77 -36.72 -7.55
C ALA B 748 -26.42 -37.15 -8.14
N ILE B 749 -25.47 -36.21 -8.24
CA ILE B 749 -24.12 -36.53 -8.72
C ILE B 749 -23.39 -37.42 -7.71
N LEU B 750 -23.56 -37.13 -6.40
CA LEU B 750 -23.01 -37.99 -5.36
C LEU B 750 -23.62 -39.39 -5.37
N GLN B 751 -24.94 -39.46 -5.59
CA GLN B 751 -25.64 -40.75 -5.65
C GLN B 751 -25.22 -41.55 -6.89
N LEU B 752 -25.04 -40.88 -8.02
CA LEU B 752 -24.62 -41.58 -9.24
C LEU B 752 -23.15 -41.97 -9.18
N GLN B 753 -22.32 -41.21 -8.45
CA GLN B 753 -20.94 -41.61 -8.25
C GLN B 753 -20.84 -42.81 -7.31
N GLU B 754 -21.65 -42.83 -6.24
CA GLU B 754 -21.65 -43.97 -5.34
C GLU B 754 -22.28 -45.20 -5.98
N GLU B 755 -23.23 -45.00 -6.90
CA GLU B 755 -23.77 -46.11 -7.68
C GLU B 755 -22.77 -46.62 -8.71
N GLY B 756 -21.84 -45.77 -9.15
CA GLY B 756 -20.87 -46.17 -10.15
C GLY B 756 -21.40 -46.26 -11.56
N LYS B 757 -22.60 -45.73 -11.81
CA LYS B 757 -23.21 -45.85 -13.14
C LYS B 757 -22.54 -44.94 -14.16
N LEU B 758 -22.03 -43.78 -13.72
CA LEU B 758 -21.34 -42.87 -14.64
C LEU B 758 -20.01 -43.43 -15.08
N HIS B 759 -19.34 -44.18 -14.22
CA HIS B 759 -18.04 -44.75 -14.56
C HIS B 759 -18.17 -45.88 -15.58
N MET B 760 -19.15 -46.76 -15.40
CA MET B 760 -19.36 -47.82 -16.38
C MET B 760 -20.03 -47.30 -17.65
N MET B 761 -20.79 -46.20 -17.54
CA MET B 761 -21.34 -45.58 -18.74
C MET B 761 -20.26 -44.88 -19.55
N LYS B 762 -19.28 -44.26 -18.88
CA LYS B 762 -18.11 -43.71 -19.56
C LYS B 762 -17.19 -44.82 -20.06
N GLU B 763 -17.24 -45.99 -19.41
CA GLU B 763 -16.50 -47.15 -19.92
C GLU B 763 -17.08 -47.63 -21.24
N LYS B 764 -18.41 -47.66 -21.37
CA LYS B 764 -19.02 -48.06 -22.63
C LYS B 764 -18.94 -46.95 -23.67
N TRP B 765 -19.22 -45.71 -23.27
CA TRP B 765 -19.40 -44.60 -24.20
C TRP B 765 -18.20 -43.68 -24.12
N TRP B 766 -17.54 -43.45 -25.27
CA TRP B 766 -16.42 -42.53 -25.46
C TRP B 766 -15.24 -42.89 -24.55
N ARG B 767 -14.65 -44.04 -24.86
CA ARG B 767 -13.50 -44.60 -24.16
C ARG B 767 -12.28 -43.67 -24.18
N VAL B 784 15.14 -54.96 -34.51
CA VAL B 784 14.23 -55.43 -35.55
C VAL B 784 13.84 -54.23 -36.43
N GLN B 785 14.13 -53.02 -35.93
CA GLN B 785 13.83 -51.82 -36.69
C GLN B 785 14.92 -51.50 -37.69
N ASN B 786 16.13 -51.21 -37.21
CA ASN B 786 17.31 -51.09 -38.06
C ASN B 786 18.17 -52.34 -38.02
N ILE B 787 18.08 -53.10 -36.92
CA ILE B 787 18.68 -54.43 -36.84
C ILE B 787 17.94 -55.38 -37.78
N GLY B 788 16.64 -55.13 -38.01
CA GLY B 788 15.87 -55.88 -38.98
C GLY B 788 16.28 -55.67 -40.42
N GLY B 789 16.96 -54.56 -40.71
CA GLY B 789 17.47 -54.30 -42.05
C GLY B 789 18.90 -54.75 -42.23
N ILE B 790 19.37 -55.64 -41.36
CA ILE B 790 20.74 -56.12 -41.38
C ILE B 790 20.80 -57.56 -41.89
N PHE B 791 20.03 -58.47 -41.27
CA PHE B 791 20.16 -59.89 -41.59
C PHE B 791 19.55 -60.30 -42.92
N ILE B 792 18.76 -59.41 -43.55
CA ILE B 792 18.36 -59.65 -44.94
C ILE B 792 19.57 -59.55 -45.86
N VAL B 793 20.45 -58.58 -45.60
CA VAL B 793 21.67 -58.44 -46.38
C VAL B 793 22.63 -59.58 -46.08
N LEU B 794 22.67 -60.05 -44.83
CA LEU B 794 23.48 -61.21 -44.49
C LEU B 794 22.95 -62.49 -45.12
N ALA B 795 21.62 -62.61 -45.23
CA ALA B 795 21.03 -63.75 -45.93
C ALA B 795 21.31 -63.69 -47.43
N ALA B 796 21.32 -62.49 -48.00
CA ALA B 796 21.72 -62.32 -49.40
C ALA B 796 23.19 -62.65 -49.61
N GLY B 797 24.04 -62.31 -48.64
CA GLY B 797 25.43 -62.71 -48.68
C GLY B 797 25.61 -64.22 -48.56
N LEU B 798 24.75 -64.87 -47.76
CA LEU B 798 24.73 -66.32 -47.70
C LEU B 798 24.29 -66.94 -49.02
N VAL B 799 23.33 -66.31 -49.69
CA VAL B 799 22.87 -66.76 -51.01
C VAL B 799 23.98 -66.65 -52.05
N LEU B 800 24.71 -65.54 -52.03
CA LEU B 800 25.85 -65.38 -52.93
C LEU B 800 27.02 -66.29 -52.55
N SER B 801 27.14 -66.64 -51.26
CA SER B 801 28.19 -67.56 -50.83
C SER B 801 27.87 -69.00 -51.22
N VAL B 802 26.59 -69.36 -51.30
CA VAL B 802 26.21 -70.68 -51.79
C VAL B 802 26.53 -70.80 -53.28
N PHE B 803 26.20 -69.76 -54.06
CA PHE B 803 26.43 -69.77 -55.51
C PHE B 803 27.86 -69.37 -55.84
N VAL B 804 28.79 -70.23 -55.45
CA VAL B 804 30.20 -70.04 -55.79
C VAL B 804 30.68 -71.27 -56.55
N ALA B 805 30.64 -72.43 -55.89
CA ALA B 805 31.04 -73.69 -56.51
C ALA B 805 30.11 -74.84 -56.21
N VAL B 806 29.21 -74.73 -55.24
CA VAL B 806 28.28 -75.81 -54.91
C VAL B 806 26.85 -75.35 -55.17
N VAL C 2 -45.47 65.65 -31.32
CA VAL C 2 -44.17 65.81 -31.96
C VAL C 2 -43.07 65.81 -30.91
N LEU C 3 -42.30 64.74 -30.86
CA LEU C 3 -41.31 64.51 -29.81
C LEU C 3 -39.90 64.66 -30.36
N ARG C 4 -38.93 64.47 -29.47
CA ARG C 4 -37.52 64.66 -29.80
C ARG C 4 -36.68 63.80 -28.85
N PHE C 5 -35.62 63.22 -29.39
CA PHE C 5 -34.73 62.36 -28.63
C PHE C 5 -33.33 62.97 -28.55
N GLY C 6 -32.54 62.41 -27.64
CA GLY C 6 -31.19 62.90 -27.45
C GLY C 6 -30.11 61.86 -27.69
N GLY C 7 -29.30 62.07 -28.73
CA GLY C 7 -28.14 61.24 -28.99
C GLY C 7 -26.89 61.93 -28.46
N ILE C 8 -26.06 61.15 -27.78
CA ILE C 8 -24.84 61.67 -27.15
C ILE C 8 -23.62 60.89 -27.62
N PHE C 9 -23.67 60.43 -28.88
CA PHE C 9 -22.75 59.44 -29.43
C PHE C 9 -21.33 59.97 -29.52
N GLU C 10 -20.36 59.07 -29.31
CA GLU C 10 -18.96 59.42 -29.48
C GLU C 10 -18.63 59.55 -30.97
N TYR C 11 -17.64 60.38 -31.27
CA TYR C 11 -17.36 60.71 -32.67
C TYR C 11 -15.86 60.69 -32.94
N VAL C 12 -15.53 60.48 -34.20
CA VAL C 12 -14.17 60.56 -34.71
C VAL C 12 -14.04 61.93 -35.38
N GLU C 13 -12.89 62.58 -35.17
CA GLU C 13 -12.62 63.90 -35.76
C GLU C 13 -12.59 63.82 -37.28
N SER C 14 -13.54 64.51 -37.91
CA SER C 14 -13.87 64.51 -39.34
C SER C 14 -14.21 63.09 -39.77
N GLY C 15 -13.97 62.75 -41.04
CA GLY C 15 -14.31 61.46 -41.58
C GLY C 15 -15.80 61.24 -41.67
N PRO C 16 -16.25 60.00 -41.46
CA PRO C 16 -17.68 59.73 -41.37
C PRO C 16 -18.24 60.19 -40.03
N MET C 17 -19.56 60.26 -39.95
CA MET C 17 -20.24 60.63 -38.71
C MET C 17 -20.59 59.40 -37.88
N GLY C 18 -19.61 58.54 -37.64
CA GLY C 18 -19.82 57.31 -36.90
C GLY C 18 -20.61 56.29 -37.69
N ALA C 19 -21.04 55.27 -36.98
CA ALA C 19 -21.94 54.26 -37.51
C ALA C 19 -23.24 54.16 -36.72
N GLU C 20 -23.16 54.21 -35.39
CA GLU C 20 -24.35 54.15 -34.56
C GLU C 20 -25.18 55.42 -34.65
N GLU C 21 -24.52 56.57 -34.79
CA GLU C 21 -25.23 57.83 -35.00
C GLU C 21 -25.94 57.85 -36.35
N LEU C 22 -25.28 57.30 -37.38
CA LEU C 22 -25.90 57.15 -38.69
C LEU C 22 -27.08 56.20 -38.64
N ALA C 23 -26.95 55.10 -37.92
CA ALA C 23 -28.04 54.14 -37.76
C ALA C 23 -29.20 54.73 -36.97
N PHE C 24 -28.91 55.59 -35.99
CA PHE C 24 -29.96 56.31 -35.26
C PHE C 24 -30.70 57.27 -36.18
N ARG C 25 -29.95 57.97 -37.06
CA ARG C 25 -30.59 58.86 -38.03
C ARG C 25 -31.46 58.09 -39.02
N PHE C 26 -30.98 56.93 -39.48
CA PHE C 26 -31.78 56.15 -40.44
C PHE C 26 -32.95 55.46 -39.76
N ALA C 27 -32.83 55.16 -38.46
CA ALA C 27 -33.96 54.64 -37.71
C ALA C 27 -35.05 55.70 -37.52
N VAL C 28 -34.62 56.95 -37.25
CA VAL C 28 -35.56 58.07 -37.17
C VAL C 28 -36.21 58.31 -38.53
N ASN C 29 -35.44 58.15 -39.61
CA ASN C 29 -35.97 58.28 -40.96
C ASN C 29 -36.96 57.16 -41.29
N THR C 30 -36.74 55.96 -40.78
CA THR C 30 -37.68 54.87 -41.09
C THR C 30 -38.93 54.89 -40.20
N ILE C 31 -38.86 55.50 -39.02
CA ILE C 31 -40.11 55.86 -38.34
C ILE C 31 -40.86 56.90 -39.15
N ASN C 32 -40.14 57.88 -39.68
CA ASN C 32 -40.73 58.93 -40.49
C ASN C 32 -41.09 58.37 -41.88
N ARG C 33 -41.88 59.16 -42.62
CA ARG C 33 -42.16 59.03 -44.05
C ARG C 33 -42.94 57.79 -44.47
N ASN C 34 -43.27 56.91 -43.54
CA ASN C 34 -44.08 55.73 -43.82
C ASN C 34 -45.30 55.64 -42.93
N ARG C 35 -45.13 55.94 -41.63
CA ARG C 35 -46.21 56.12 -40.64
C ARG C 35 -47.06 54.87 -40.45
N THR C 36 -46.46 53.69 -40.66
CA THR C 36 -47.05 52.47 -40.13
C THR C 36 -47.06 52.49 -38.62
N LEU C 37 -46.01 53.03 -38.01
CA LEU C 37 -45.93 53.29 -36.58
C LEU C 37 -46.07 54.79 -36.36
N LEU C 38 -46.75 55.16 -35.26
CA LEU C 38 -47.07 56.53 -34.83
C LEU C 38 -47.77 57.32 -35.92
N PRO C 39 -49.05 57.06 -36.20
CA PRO C 39 -49.71 57.71 -37.33
C PRO C 39 -50.15 59.15 -37.08
N ASN C 40 -50.01 59.66 -35.86
CA ASN C 40 -50.41 61.03 -35.56
C ASN C 40 -49.29 61.84 -34.92
N THR C 41 -48.08 61.29 -34.83
CA THR C 41 -46.97 62.00 -34.20
C THR C 41 -45.73 61.83 -35.07
N THR C 42 -45.07 62.95 -35.39
CA THR C 42 -43.85 62.96 -36.17
C THR C 42 -42.66 63.10 -35.23
N LEU C 43 -41.64 62.28 -35.42
CA LEU C 43 -40.51 62.23 -34.52
C LEU C 43 -39.36 63.10 -35.02
N THR C 44 -38.65 63.72 -34.08
CA THR C 44 -37.43 64.46 -34.34
C THR C 44 -36.35 63.98 -33.37
N TYR C 45 -35.19 64.62 -33.43
CA TYR C 45 -34.05 64.19 -32.63
C TYR C 45 -33.08 65.35 -32.48
N ASP C 46 -32.13 65.18 -31.56
CA ASP C 46 -30.99 66.07 -31.43
C ASP C 46 -29.78 65.22 -31.06
N THR C 47 -28.66 65.45 -31.73
CA THR C 47 -27.45 64.67 -31.50
C THR C 47 -26.31 65.59 -31.10
N GLN C 48 -25.51 65.15 -30.13
CA GLN C 48 -24.34 65.88 -29.66
C GLN C 48 -23.15 64.95 -29.65
N LYS C 49 -22.17 65.23 -30.49
CA LYS C 49 -20.97 64.41 -30.55
C LYS C 49 -20.08 64.68 -29.35
N ILE C 50 -19.25 63.69 -29.00
CA ILE C 50 -18.53 63.72 -27.73
C ILE C 50 -17.24 62.92 -27.81
N ASN C 51 -16.30 63.23 -26.92
CA ASN C 51 -15.01 62.58 -26.86
C ASN C 51 -15.11 61.25 -26.12
N LEU C 52 -13.96 60.58 -25.99
CA LEU C 52 -13.88 59.27 -25.38
C LEU C 52 -13.64 59.37 -23.88
N TYR C 53 -14.53 58.73 -23.10
CA TYR C 53 -14.38 58.51 -21.66
C TYR C 53 -14.28 59.80 -20.86
N ASP C 54 -15.09 60.78 -21.24
CA ASP C 54 -15.22 62.03 -20.50
C ASP C 54 -16.63 62.06 -19.95
N SER C 55 -16.82 61.45 -18.77
CA SER C 55 -18.15 61.38 -18.16
C SER C 55 -18.63 62.73 -17.65
N PHE C 56 -17.71 63.65 -17.34
CA PHE C 56 -18.11 65.02 -17.03
C PHE C 56 -18.71 65.70 -18.25
N GLU C 57 -18.11 65.47 -19.42
CA GLU C 57 -18.68 65.99 -20.67
C GLU C 57 -20.01 65.31 -20.99
N ALA C 58 -20.15 64.03 -20.61
CA ALA C 58 -21.42 63.33 -20.76
C ALA C 58 -22.50 63.95 -19.89
N SER C 59 -22.15 64.29 -18.64
CA SER C 59 -23.10 64.93 -17.73
C SER C 59 -23.46 66.33 -18.22
N LYS C 60 -22.49 67.07 -18.76
CA LYS C 60 -22.74 68.41 -19.26
C LYS C 60 -23.65 68.39 -20.50
N LYS C 61 -23.39 67.48 -21.44
CA LYS C 61 -24.21 67.43 -22.64
C LYS C 61 -25.57 66.81 -22.37
N ALA C 62 -25.67 65.92 -21.38
CA ALA C 62 -26.97 65.43 -20.94
C ALA C 62 -27.78 66.53 -20.26
N CYS C 63 -27.10 67.39 -19.50
CA CYS C 63 -27.76 68.54 -18.90
C CYS C 63 -28.23 69.53 -19.97
N ASP C 64 -27.44 69.70 -21.03
CA ASP C 64 -27.84 70.58 -22.13
C ASP C 64 -29.04 70.02 -22.89
N GLN C 65 -29.05 68.70 -23.13
CA GLN C 65 -30.18 68.09 -23.82
C GLN C 65 -31.43 68.06 -22.96
N LEU C 66 -31.28 67.94 -21.64
CA LEU C 66 -32.45 68.05 -20.76
C LEU C 66 -32.90 69.48 -20.62
N SER C 67 -31.99 70.45 -20.78
CA SER C 67 -32.38 71.85 -20.85
C SER C 67 -33.18 72.13 -22.11
N LEU C 68 -32.80 71.51 -23.23
CA LEU C 68 -33.69 71.49 -24.38
C LEU C 68 -34.95 70.67 -24.09
N GLY C 69 -34.79 69.54 -23.41
CA GLY C 69 -35.91 68.66 -23.11
C GLY C 69 -36.14 67.63 -24.19
N VAL C 70 -35.97 66.36 -23.85
CA VAL C 70 -36.17 65.26 -24.78
C VAL C 70 -37.10 64.23 -24.15
N ALA C 71 -37.69 63.40 -25.00
CA ALA C 71 -38.54 62.33 -24.50
C ALA C 71 -37.72 61.20 -23.91
N ALA C 72 -36.56 60.91 -24.50
CA ALA C 72 -35.69 59.85 -24.01
C ALA C 72 -34.26 60.16 -24.43
N ILE C 73 -33.32 59.48 -23.79
CA ILE C 73 -31.90 59.65 -24.05
C ILE C 73 -31.35 58.32 -24.55
N PHE C 74 -30.76 58.33 -25.74
CA PHE C 74 -30.02 57.16 -26.23
C PHE C 74 -28.58 57.35 -25.82
N GLY C 75 -28.17 56.61 -24.78
CA GLY C 75 -26.90 56.83 -24.14
C GLY C 75 -25.74 56.27 -24.92
N PRO C 76 -24.55 56.40 -24.35
CA PRO C 76 -23.34 56.03 -25.06
C PRO C 76 -23.09 54.53 -24.99
N SER C 77 -22.01 54.10 -25.65
CA SER C 77 -21.56 52.71 -25.62
C SER C 77 -20.29 52.56 -24.80
N HIS C 78 -20.14 53.37 -23.76
CA HIS C 78 -18.90 53.47 -23.02
C HIS C 78 -19.22 53.57 -21.54
N SER C 79 -18.48 52.81 -20.71
CA SER C 79 -18.98 52.34 -19.43
C SER C 79 -19.11 53.47 -18.39
N SER C 80 -18.08 54.32 -18.27
CA SER C 80 -18.12 55.39 -17.28
C SER C 80 -19.16 56.44 -17.63
N SER C 81 -19.24 56.79 -18.91
CA SER C 81 -20.27 57.71 -19.37
C SER C 81 -21.66 57.10 -19.27
N ALA C 82 -21.77 55.78 -19.47
CA ALA C 82 -23.07 55.11 -19.29
C ALA C 82 -23.51 55.15 -17.84
N ASN C 83 -22.58 54.95 -16.89
CA ASN C 83 -22.90 55.04 -15.48
C ASN C 83 -23.30 56.46 -15.08
N ALA C 84 -22.60 57.46 -15.63
CA ALA C 84 -22.93 58.85 -15.34
C ALA C 84 -24.30 59.24 -15.89
N VAL C 85 -24.60 58.83 -17.12
CA VAL C 85 -25.89 59.13 -17.73
C VAL C 85 -27.01 58.34 -17.05
N GLN C 86 -26.71 57.13 -16.55
CA GLN C 86 -27.69 56.37 -15.78
C GLN C 86 -28.02 57.06 -14.45
N SER C 87 -27.01 57.64 -13.80
CA SER C 87 -27.29 58.42 -12.59
C SER C 87 -28.06 59.70 -12.90
N ILE C 88 -27.74 60.33 -14.05
CA ILE C 88 -28.41 61.56 -14.49
C ILE C 88 -29.88 61.30 -14.76
N CYS C 89 -30.19 60.23 -15.49
CA CYS C 89 -31.57 59.97 -15.87
C CYS C 89 -32.38 59.41 -14.71
N ASN C 90 -31.76 58.58 -13.85
CA ASN C 90 -32.48 58.05 -12.72
C ASN C 90 -32.77 59.13 -11.68
N ALA C 91 -31.89 60.11 -11.56
CA ALA C 91 -32.17 61.20 -10.64
C ALA C 91 -33.13 62.25 -11.21
N LEU C 92 -33.39 62.23 -12.51
CA LEU C 92 -34.25 63.24 -13.13
C LEU C 92 -35.52 62.67 -13.75
N GLY C 93 -35.77 61.37 -13.63
CA GLY C 93 -36.98 60.78 -14.18
C GLY C 93 -37.02 60.71 -15.69
N VAL C 94 -35.91 60.38 -16.33
CA VAL C 94 -35.78 60.37 -17.79
C VAL C 94 -35.57 58.94 -18.24
N PRO C 95 -36.27 58.46 -19.26
CA PRO C 95 -35.97 57.13 -19.80
C PRO C 95 -34.68 57.15 -20.60
N HIS C 96 -33.83 56.15 -20.35
CA HIS C 96 -32.51 56.07 -20.97
C HIS C 96 -32.30 54.68 -21.55
N ILE C 97 -31.75 54.63 -22.75
CA ILE C 97 -31.55 53.40 -23.49
C ILE C 97 -30.06 53.10 -23.57
N GLN C 98 -29.68 51.87 -23.26
CA GLN C 98 -28.32 51.39 -23.43
C GLN C 98 -28.30 50.33 -24.52
N THR C 99 -27.37 50.49 -25.47
CA THR C 99 -27.27 49.57 -26.59
C THR C 99 -26.03 48.70 -26.55
N ARG C 100 -25.05 49.03 -25.72
CA ARG C 100 -23.90 48.17 -25.50
C ARG C 100 -23.89 47.70 -24.06
N TRP C 101 -23.33 46.52 -23.84
CA TRP C 101 -23.19 45.99 -22.50
C TRP C 101 -22.20 46.82 -21.69
N LYS C 102 -22.52 47.01 -20.41
CA LYS C 102 -21.59 47.62 -19.48
C LYS C 102 -21.53 46.75 -18.24
N HIS C 103 -20.49 46.96 -17.44
CA HIS C 103 -20.44 46.32 -16.14
C HIS C 103 -21.45 46.99 -15.21
N GLN C 104 -22.27 46.18 -14.56
CA GLN C 104 -23.33 46.67 -13.68
C GLN C 104 -23.00 46.31 -12.25
N VAL C 105 -22.93 47.32 -11.39
CA VAL C 105 -22.76 47.09 -9.97
C VAL C 105 -24.09 46.62 -9.39
N SER C 106 -24.05 45.53 -8.61
CA SER C 106 -25.28 44.95 -8.07
C SER C 106 -25.89 45.82 -6.97
N ASP C 107 -25.07 46.63 -6.30
CA ASP C 107 -25.57 47.48 -5.22
C ASP C 107 -26.24 48.74 -5.73
N ASN C 108 -26.14 49.04 -7.02
CA ASN C 108 -26.78 50.23 -7.57
C ASN C 108 -28.29 50.02 -7.65
N LYS C 109 -29.04 50.99 -7.16
CA LYS C 109 -30.49 50.92 -7.07
C LYS C 109 -31.18 51.74 -8.15
N ASP C 110 -30.59 51.81 -9.34
CA ASP C 110 -31.23 52.49 -10.46
C ASP C 110 -32.07 51.50 -11.24
N SER C 111 -33.30 51.88 -11.53
CA SER C 111 -34.21 51.05 -12.32
C SER C 111 -34.80 51.86 -13.47
N PHE C 112 -34.07 52.87 -13.93
CA PHE C 112 -34.58 53.85 -14.88
C PHE C 112 -33.90 53.72 -16.23
N TYR C 113 -33.66 52.48 -16.66
CA TYR C 113 -32.89 52.23 -17.86
C TYR C 113 -33.23 50.84 -18.38
N VAL C 114 -33.00 50.64 -19.68
CA VAL C 114 -33.04 49.32 -20.29
C VAL C 114 -31.74 49.11 -21.06
N SER C 115 -31.38 47.86 -21.24
CA SER C 115 -30.17 47.47 -21.96
C SER C 115 -30.57 46.52 -23.08
N LEU C 116 -30.59 47.03 -24.32
CA LEU C 116 -30.99 46.21 -25.45
C LEU C 116 -29.90 45.22 -25.88
N TYR C 117 -28.66 45.44 -25.44
CA TYR C 117 -27.65 44.40 -25.58
C TYR C 117 -28.04 43.19 -24.74
N PRO C 118 -27.88 41.97 -25.26
CA PRO C 118 -28.20 40.78 -24.47
C PRO C 118 -27.27 40.64 -23.27
N ASP C 119 -27.84 40.16 -22.16
CA ASP C 119 -27.08 40.00 -20.94
C ASP C 119 -26.05 38.88 -21.10
N PHE C 120 -24.83 39.16 -20.64
CA PHE C 120 -23.72 38.28 -20.96
C PHE C 120 -23.71 37.02 -20.10
N SER C 121 -24.53 36.98 -19.04
CA SER C 121 -24.73 35.74 -18.30
C SER C 121 -25.41 34.68 -19.15
N SER C 122 -26.42 35.08 -19.94
CA SER C 122 -27.07 34.13 -20.83
C SER C 122 -26.17 33.73 -21.99
N LEU C 123 -25.29 34.65 -22.43
CA LEU C 123 -24.30 34.30 -23.44
C LEU C 123 -23.27 33.32 -22.88
N SER C 124 -22.91 33.47 -21.60
CA SER C 124 -22.01 32.53 -20.97
C SER C 124 -22.67 31.17 -20.76
N ARG C 125 -23.98 31.16 -20.50
CA ARG C 125 -24.73 29.89 -20.45
C ARG C 125 -24.76 29.22 -21.82
N ALA C 126 -24.94 30.00 -22.88
CA ALA C 126 -24.91 29.46 -24.25
C ALA C 126 -23.53 28.92 -24.60
N ILE C 127 -22.47 29.62 -24.17
CA ILE C 127 -21.10 29.21 -24.45
C ILE C 127 -20.75 27.95 -23.67
N LEU C 128 -21.22 27.85 -22.42
CA LEU C 128 -21.03 26.64 -21.63
C LEU C 128 -21.79 25.46 -22.23
N ASP C 129 -23.00 25.69 -22.76
CA ASP C 129 -23.74 24.63 -23.42
C ASP C 129 -23.05 24.19 -24.71
N LEU C 130 -22.44 25.13 -25.43
CA LEU C 130 -21.69 24.81 -26.64
C LEU C 130 -20.44 24.01 -26.32
N VAL C 131 -19.75 24.36 -25.22
CA VAL C 131 -18.55 23.64 -24.81
C VAL C 131 -18.90 22.23 -24.33
N GLN C 132 -19.99 22.11 -23.55
CA GLN C 132 -20.44 20.79 -23.11
C GLN C 132 -21.01 19.95 -24.24
N PHE C 133 -21.47 20.58 -25.32
CA PHE C 133 -21.88 19.81 -26.49
C PHE C 133 -20.67 19.23 -27.22
N PHE C 134 -19.55 19.94 -27.23
CA PHE C 134 -18.38 19.51 -27.97
C PHE C 134 -17.50 18.55 -27.19
N LYS C 135 -17.88 18.24 -25.93
CA LYS C 135 -17.22 17.26 -25.06
C LYS C 135 -15.75 17.59 -24.81
N TRP C 136 -15.45 18.88 -24.66
CA TRP C 136 -14.07 19.31 -24.53
C TRP C 136 -13.55 19.09 -23.12
N LYS C 137 -12.24 19.08 -23.00
CA LYS C 137 -11.59 18.91 -21.70
C LYS C 137 -10.57 20.00 -21.40
N THR C 138 -9.84 20.47 -22.40
CA THR C 138 -8.88 21.56 -22.23
C THR C 138 -9.32 22.73 -23.10
N VAL C 139 -9.60 23.86 -22.46
CA VAL C 139 -10.08 25.06 -23.13
C VAL C 139 -9.21 26.23 -22.72
N THR C 140 -8.64 26.92 -23.69
CA THR C 140 -7.90 28.15 -23.45
C THR C 140 -8.77 29.34 -23.76
N VAL C 141 -8.83 30.29 -22.83
CA VAL C 141 -9.66 31.48 -22.95
C VAL C 141 -8.77 32.70 -23.10
N VAL C 142 -8.98 33.47 -24.15
CA VAL C 142 -8.17 34.65 -24.44
C VAL C 142 -9.08 35.87 -24.41
N TYR C 143 -8.71 36.85 -23.58
CA TYR C 143 -9.49 38.08 -23.38
C TYR C 143 -8.57 39.27 -23.49
N ASP C 144 -9.09 40.38 -24.01
CA ASP C 144 -8.30 41.58 -24.21
C ASP C 144 -8.51 42.61 -23.10
N ASP C 145 -9.75 43.03 -22.88
CA ASP C 145 -10.05 43.98 -21.82
C ASP C 145 -10.33 43.23 -20.53
N SER C 146 -10.01 43.89 -19.41
CA SER C 146 -10.11 43.26 -18.09
C SER C 146 -11.54 42.93 -17.69
N THR C 147 -12.54 43.60 -18.27
CA THR C 147 -13.93 43.32 -17.98
C THR C 147 -14.43 42.04 -18.65
N GLY C 148 -13.62 41.40 -19.49
CA GLY C 148 -13.99 40.11 -20.06
C GLY C 148 -14.11 39.00 -19.04
N LEU C 149 -13.31 39.07 -17.97
CA LEU C 149 -13.44 38.10 -16.89
C LEU C 149 -14.73 38.33 -16.10
N ILE C 150 -15.13 39.58 -15.93
CA ILE C 150 -16.45 39.89 -15.39
C ILE C 150 -17.53 39.50 -16.39
N ARG C 151 -17.22 39.57 -17.68
CA ARG C 151 -18.15 39.09 -18.69
C ARG C 151 -18.24 37.57 -18.67
N LEU C 152 -17.13 36.88 -18.88
CA LEU C 152 -17.11 35.42 -18.85
C LEU C 152 -17.04 34.96 -17.40
N GLN C 153 -18.20 34.82 -16.78
CA GLN C 153 -18.27 34.52 -15.34
C GLN C 153 -18.31 33.02 -15.09
N GLU C 154 -19.38 32.36 -15.54
CA GLU C 154 -19.56 30.95 -15.21
C GLU C 154 -18.73 30.04 -16.09
N LEU C 155 -18.16 30.55 -17.19
CA LEU C 155 -17.16 29.80 -17.92
C LEU C 155 -15.90 29.62 -17.10
N ILE C 156 -15.52 30.65 -16.34
CA ILE C 156 -14.46 30.50 -15.35
C ILE C 156 -14.93 29.64 -14.19
N LYS C 157 -16.20 29.78 -13.80
CA LYS C 157 -16.72 28.96 -12.70
C LYS C 157 -17.05 27.52 -13.12
N ALA C 158 -16.93 27.19 -14.41
CA ALA C 158 -17.29 25.85 -14.87
C ALA C 158 -16.40 24.67 -14.41
N PRO C 159 -15.09 24.81 -14.15
CA PRO C 159 -14.36 23.66 -13.55
C PRO C 159 -14.83 23.21 -12.18
N SER C 160 -15.51 24.06 -11.41
CA SER C 160 -16.09 23.61 -10.15
C SER C 160 -17.26 22.66 -10.38
N ARG C 161 -18.02 22.86 -11.45
CA ARG C 161 -19.23 22.09 -11.71
C ARG C 161 -19.00 20.87 -12.59
N TYR C 162 -17.98 20.86 -13.43
CA TYR C 162 -17.77 19.78 -14.39
C TYR C 162 -16.31 19.35 -14.35
N ASN C 163 -15.99 18.36 -15.19
CA ASN C 163 -14.61 17.89 -15.38
C ASN C 163 -13.91 18.60 -16.55
N LEU C 164 -13.94 19.93 -16.52
CA LEU C 164 -13.39 20.75 -17.60
C LEU C 164 -12.18 21.50 -17.07
N ARG C 165 -10.99 21.07 -17.50
CA ARG C 165 -9.77 21.78 -17.16
C ARG C 165 -9.69 23.08 -17.95
N LEU C 166 -9.18 24.13 -17.32
CA LEU C 166 -9.21 25.46 -17.90
C LEU C 166 -7.87 26.16 -17.71
N LYS C 167 -7.56 27.06 -18.64
CA LYS C 167 -6.43 27.96 -18.53
C LYS C 167 -6.81 29.23 -19.28
N ILE C 168 -6.40 30.38 -18.76
CA ILE C 168 -6.69 31.64 -19.43
C ILE C 168 -5.39 32.34 -19.77
N ARG C 169 -5.48 33.24 -20.75
CA ARG C 169 -4.39 34.12 -21.15
C ARG C 169 -4.99 35.46 -21.52
N GLN C 170 -4.18 36.51 -21.41
CA GLN C 170 -4.64 37.87 -21.70
C GLN C 170 -3.81 38.46 -22.83
N LEU C 171 -4.50 39.08 -23.79
CA LEU C 171 -3.81 39.86 -24.80
C LEU C 171 -3.19 41.10 -24.17
N PRO C 172 -2.03 41.52 -24.64
CA PRO C 172 -1.43 42.76 -24.14
C PRO C 172 -2.10 43.98 -24.77
N ALA C 173 -1.61 45.16 -24.38
CA ALA C 173 -2.20 46.41 -24.83
C ALA C 173 -1.90 46.76 -26.29
N ASP C 174 -0.99 46.02 -26.93
CA ASP C 174 -0.64 46.26 -28.32
C ASP C 174 -1.30 45.22 -29.21
N THR C 175 -1.73 45.66 -30.40
CA THR C 175 -2.48 44.78 -31.29
C THR C 175 -1.58 43.75 -31.96
N LYS C 176 -0.36 44.15 -32.33
CA LYS C 176 0.54 43.29 -33.08
C LYS C 176 1.18 42.21 -32.21
N ASP C 177 1.15 42.36 -30.89
CA ASP C 177 1.88 41.48 -29.99
C ASP C 177 1.11 40.22 -29.62
N ALA C 178 0.21 39.76 -30.49
CA ALA C 178 -0.39 38.44 -30.34
C ALA C 178 0.53 37.31 -30.78
N LYS C 179 1.63 37.64 -31.46
CA LYS C 179 2.60 36.62 -31.87
C LYS C 179 3.29 35.87 -30.71
N PRO C 180 3.73 36.50 -29.59
CA PRO C 180 4.12 35.67 -28.44
C PRO C 180 2.97 34.89 -27.84
N LEU C 181 1.75 35.44 -27.87
CA LEU C 181 0.59 34.71 -27.34
C LEU C 181 0.24 33.52 -28.21
N LEU C 182 0.24 33.71 -29.54
CA LEU C 182 -0.03 32.60 -30.44
C LEU C 182 1.11 31.59 -30.45
N LYS C 183 2.34 32.05 -30.21
CA LYS C 183 3.48 31.14 -30.02
C LYS C 183 3.30 30.32 -28.75
N GLU C 184 2.75 30.92 -27.69
CA GLU C 184 2.44 30.17 -26.48
C GLU C 184 1.31 29.18 -26.70
N MET C 185 0.33 29.53 -27.54
CA MET C 185 -0.73 28.59 -27.90
C MET C 185 -0.20 27.42 -28.69
N LYS C 186 0.75 27.67 -29.60
CA LYS C 186 1.37 26.59 -30.36
C LYS C 186 2.25 25.72 -29.46
N ARG C 187 2.99 26.34 -28.55
CA ARG C 187 3.90 25.59 -27.69
C ARG C 187 3.16 24.81 -26.61
N GLY C 188 1.98 25.28 -26.20
CA GLY C 188 1.23 24.58 -25.19
C GLY C 188 0.42 23.39 -25.69
N LYS C 189 0.35 23.22 -27.02
CA LYS C 189 -0.44 22.19 -27.71
C LYS C 189 -1.91 22.23 -27.29
N GLU C 190 -2.47 23.43 -27.32
CA GLU C 190 -3.84 23.68 -26.88
C GLU C 190 -4.69 23.99 -28.11
N PHE C 191 -5.67 23.12 -28.39
CA PHE C 191 -6.36 23.10 -29.66
C PHE C 191 -7.76 23.69 -29.60
N HIS C 192 -8.22 24.17 -28.46
CA HIS C 192 -9.58 24.68 -28.30
C HIS C 192 -9.49 26.06 -27.66
N VAL C 193 -9.58 27.10 -28.49
CA VAL C 193 -9.38 28.48 -28.06
C VAL C 193 -10.71 29.19 -28.09
N ILE C 194 -11.06 29.85 -26.98
CA ILE C 194 -12.23 30.70 -26.89
C ILE C 194 -11.74 32.14 -26.87
N PHE C 195 -12.19 32.93 -27.84
CA PHE C 195 -11.75 34.31 -28.00
C PHE C 195 -12.83 35.27 -27.54
N ASP C 196 -12.48 36.16 -26.63
CA ASP C 196 -13.35 37.24 -26.19
C ASP C 196 -12.64 38.55 -26.49
N CYS C 197 -12.88 39.08 -27.69
CA CYS C 197 -12.30 40.36 -28.11
C CYS C 197 -13.32 41.07 -28.98
N SER C 198 -12.89 42.14 -29.63
CA SER C 198 -13.77 42.86 -30.54
C SER C 198 -13.71 42.23 -31.93
N HIS C 199 -14.38 42.89 -32.88
CA HIS C 199 -14.43 42.39 -34.25
C HIS C 199 -13.08 42.57 -34.95
N GLU C 200 -12.51 43.77 -34.86
CA GLU C 200 -11.24 44.05 -35.56
C GLU C 200 -10.05 43.41 -34.85
N MET C 201 -10.13 43.22 -33.52
CA MET C 201 -9.08 42.49 -32.83
C MET C 201 -9.08 41.02 -33.22
N ALA C 202 -10.28 40.45 -33.43
CA ALA C 202 -10.39 39.10 -33.95
C ALA C 202 -9.85 39.01 -35.37
N ALA C 203 -10.07 40.05 -36.17
CA ALA C 203 -9.55 40.09 -37.54
C ALA C 203 -8.02 40.11 -37.55
N GLY C 204 -7.41 40.92 -36.68
CA GLY C 204 -5.96 40.94 -36.57
C GLY C 204 -5.39 39.64 -36.02
N ILE C 205 -6.12 39.01 -35.10
CA ILE C 205 -5.69 37.73 -34.52
C ILE C 205 -5.72 36.62 -35.57
N LEU C 206 -6.76 36.58 -36.40
CA LEU C 206 -6.78 35.62 -37.51
C LEU C 206 -5.72 35.92 -38.57
N LYS C 207 -5.41 37.19 -38.83
CA LYS C 207 -4.32 37.50 -39.76
C LYS C 207 -2.97 37.03 -39.24
N GLN C 208 -2.69 37.27 -37.95
CA GLN C 208 -1.44 36.79 -37.36
C GLN C 208 -1.37 35.28 -37.25
N ALA C 209 -2.50 34.63 -36.97
CA ALA C 209 -2.51 33.17 -36.84
C ALA C 209 -2.42 32.48 -38.20
N LEU C 210 -3.03 33.05 -39.24
CA LEU C 210 -2.87 32.50 -40.58
C LEU C 210 -1.46 32.73 -41.10
N ALA C 211 -0.88 33.89 -40.82
CA ALA C 211 0.48 34.17 -41.28
C ALA C 211 1.52 33.34 -40.54
N MET C 212 1.30 33.03 -39.27
CA MET C 212 2.27 32.24 -38.53
C MET C 212 2.08 30.75 -38.77
N GLY C 213 0.91 30.34 -39.28
CA GLY C 213 0.71 28.96 -39.65
C GLY C 213 -0.07 28.13 -38.66
N MET C 214 -1.21 28.67 -38.20
CA MET C 214 -2.06 27.98 -37.24
C MET C 214 -3.31 27.39 -37.88
N MET C 215 -3.77 27.93 -39.00
CA MET C 215 -5.09 27.62 -39.56
C MET C 215 -5.08 26.25 -40.24
N THR C 216 -5.11 25.21 -39.40
CA THR C 216 -5.20 23.83 -39.84
C THR C 216 -6.51 23.22 -39.32
N GLU C 217 -6.70 21.94 -39.59
CA GLU C 217 -7.83 21.20 -39.05
C GLU C 217 -7.59 20.72 -37.63
N TYR C 218 -6.41 20.95 -37.07
CA TYR C 218 -6.10 20.58 -35.70
C TYR C 218 -6.71 21.53 -34.66
N TYR C 219 -7.26 22.67 -35.08
CA TYR C 219 -7.61 23.72 -34.13
C TYR C 219 -9.07 24.14 -34.30
N HIS C 220 -9.73 24.36 -33.17
CA HIS C 220 -11.12 24.80 -33.11
C HIS C 220 -11.18 26.19 -32.49
N TYR C 221 -12.14 26.98 -32.93
CA TYR C 221 -12.27 28.36 -32.46
C TYR C 221 -13.70 28.67 -32.08
N ILE C 222 -13.89 29.22 -30.87
CA ILE C 222 -15.17 29.71 -30.40
C ILE C 222 -15.02 31.21 -30.17
N PHE C 223 -15.96 32.00 -30.68
CA PHE C 223 -15.90 33.44 -30.55
C PHE C 223 -17.09 33.94 -29.76
N THR C 224 -16.81 34.63 -28.65
CA THR C 224 -17.89 35.20 -27.84
C THR C 224 -18.45 36.48 -28.45
N THR C 225 -17.72 37.08 -29.38
CA THR C 225 -18.13 38.35 -29.96
C THR C 225 -19.33 38.14 -30.87
N LEU C 226 -20.37 38.95 -30.66
CA LEU C 226 -21.56 38.88 -31.49
C LEU C 226 -21.34 39.45 -32.88
N ASP C 227 -20.30 40.28 -33.05
CA ASP C 227 -19.95 40.82 -34.35
C ASP C 227 -19.26 39.76 -35.20
N LEU C 228 -20.04 38.85 -35.77
CA LEU C 228 -19.58 37.94 -36.81
C LEU C 228 -20.62 37.99 -37.93
N PHE C 229 -20.52 37.01 -38.84
CA PHE C 229 -21.20 36.93 -40.14
C PHE C 229 -20.81 38.09 -41.06
N ALA C 230 -19.67 38.73 -40.78
CA ALA C 230 -19.14 39.82 -41.60
C ALA C 230 -17.63 39.76 -41.73
N LEU C 231 -16.96 38.79 -41.11
CA LEU C 231 -15.52 38.66 -41.25
C LEU C 231 -15.17 38.09 -42.61
N ASP C 232 -13.98 38.44 -43.10
CA ASP C 232 -13.49 37.91 -44.36
C ASP C 232 -13.03 36.47 -44.10
N VAL C 233 -13.92 35.53 -44.39
CA VAL C 233 -13.64 34.11 -44.23
C VAL C 233 -13.30 33.46 -45.58
N GLU C 234 -13.23 34.24 -46.64
CA GLU C 234 -12.92 33.71 -47.97
C GLU C 234 -11.54 33.07 -48.11
N PRO C 235 -10.43 33.57 -47.55
CA PRO C 235 -9.22 32.75 -47.50
C PRO C 235 -9.19 31.75 -46.35
N TYR C 236 -10.28 31.58 -45.60
CA TYR C 236 -10.30 30.69 -44.46
C TYR C 236 -11.17 29.46 -44.64
N ARG C 237 -12.09 29.47 -45.59
CA ARG C 237 -13.05 28.39 -45.74
C ARG C 237 -12.49 27.16 -46.43
N TYR C 238 -11.25 27.22 -46.92
CA TYR C 238 -10.64 26.09 -47.59
C TYR C 238 -9.50 25.46 -46.80
N SER C 239 -9.05 26.08 -45.71
CA SER C 239 -8.00 25.52 -44.88
C SER C 239 -8.52 24.48 -43.90
N GLY C 240 -9.84 24.31 -43.80
CA GLY C 240 -10.40 23.30 -42.91
C GLY C 240 -10.35 23.63 -41.45
N VAL C 241 -10.18 24.91 -41.11
CA VAL C 241 -10.08 25.33 -39.69
C VAL C 241 -11.47 25.26 -39.05
N ASN C 242 -11.54 25.18 -37.72
CA ASN C 242 -12.86 25.09 -37.02
C ASN C 242 -13.23 26.44 -36.41
N MET C 243 -14.36 27.03 -36.81
CA MET C 243 -14.81 28.33 -36.25
C MET C 243 -16.30 28.23 -35.90
N THR C 244 -16.74 28.93 -34.85
CA THR C 244 -18.13 28.84 -34.41
C THR C 244 -18.44 30.04 -33.52
N GLY C 245 -19.45 30.82 -33.91
CA GLY C 245 -19.84 31.96 -33.11
C GLY C 245 -21.33 32.08 -32.89
N PHE C 246 -21.83 33.31 -32.84
CA PHE C 246 -23.24 33.57 -32.61
C PHE C 246 -23.69 34.72 -33.50
N ARG C 247 -25.01 34.81 -33.68
CA ARG C 247 -25.58 35.79 -34.62
C ARG C 247 -26.97 36.18 -34.12
N ILE C 248 -27.05 37.32 -33.44
CA ILE C 248 -28.35 37.81 -33.00
C ILE C 248 -29.13 38.41 -34.17
N LEU C 249 -28.45 38.82 -35.24
CA LEU C 249 -29.12 39.40 -36.39
C LEU C 249 -29.72 38.29 -37.23
N ASN C 250 -31.01 38.43 -37.56
CA ASN C 250 -31.73 37.43 -38.35
C ASN C 250 -31.60 37.81 -39.82
N THR C 251 -30.45 37.46 -40.40
CA THR C 251 -30.12 37.87 -41.76
C THR C 251 -30.94 37.14 -42.82
N GLU C 252 -31.47 35.96 -42.52
CA GLU C 252 -32.17 35.18 -43.53
C GLU C 252 -33.61 35.65 -43.75
N ASN C 253 -34.12 36.56 -42.93
CA ASN C 253 -35.43 37.14 -43.18
C ASN C 253 -35.34 38.22 -44.25
N THR C 254 -36.34 38.25 -45.13
CA THR C 254 -36.34 39.19 -46.25
C THR C 254 -36.58 40.61 -45.77
N GLN C 255 -37.45 40.80 -44.78
CA GLN C 255 -37.76 42.12 -44.25
C GLN C 255 -36.57 42.72 -43.51
N VAL C 256 -35.77 41.88 -42.85
CA VAL C 256 -34.53 42.34 -42.23
C VAL C 256 -33.51 42.67 -43.31
N SER C 257 -33.43 41.84 -44.36
CA SER C 257 -32.41 42.00 -45.39
C SER C 257 -32.67 43.21 -46.27
N SER C 258 -33.94 43.64 -46.40
CA SER C 258 -34.22 44.86 -47.15
C SER C 258 -33.67 46.10 -46.45
N ILE C 259 -33.84 46.17 -45.12
CA ILE C 259 -33.25 47.26 -44.35
C ILE C 259 -31.73 47.14 -44.30
N ILE C 260 -31.21 45.91 -44.33
CA ILE C 260 -29.77 45.68 -44.41
C ILE C 260 -29.22 46.24 -45.72
N GLU C 261 -29.95 46.01 -46.82
CA GLU C 261 -29.54 46.54 -48.13
C GLU C 261 -29.64 48.06 -48.19
N LYS C 262 -30.69 48.63 -47.56
CA LYS C 262 -30.81 50.09 -47.52
C LYS C 262 -29.70 50.74 -46.70
N TRP C 263 -29.38 50.16 -45.54
CA TRP C 263 -28.29 50.68 -44.73
C TRP C 263 -26.94 50.44 -45.38
N SER C 264 -26.81 49.38 -46.18
CA SER C 264 -25.56 49.15 -46.92
C SER C 264 -25.42 50.14 -48.07
N MET C 265 -26.54 50.48 -48.73
CA MET C 265 -26.51 51.49 -49.77
C MET C 265 -26.20 52.87 -49.21
N GLU C 266 -26.63 53.14 -47.97
CA GLU C 266 -26.21 54.37 -47.31
C GLU C 266 -24.77 54.31 -46.82
N ARG C 267 -24.30 53.14 -46.39
CA ARG C 267 -22.96 52.98 -45.85
C ARG C 267 -21.89 52.96 -46.94
N LEU C 268 -22.24 52.64 -48.19
CA LEU C 268 -21.23 52.65 -49.25
C LEU C 268 -20.82 54.06 -49.66
N GLN C 269 -21.61 55.08 -49.28
CA GLN C 269 -21.13 56.46 -49.40
C GLN C 269 -19.99 56.72 -48.43
N ALA C 270 -20.05 56.14 -47.23
CA ALA C 270 -18.92 56.19 -46.32
C ALA C 270 -17.78 55.31 -46.85
N PRO C 271 -16.52 55.72 -46.65
CA PRO C 271 -15.42 54.97 -47.26
C PRO C 271 -15.15 53.69 -46.50
N PRO C 272 -14.65 52.65 -47.19
CA PRO C 272 -14.30 51.40 -46.51
C PRO C 272 -12.84 51.36 -46.07
N LYS C 273 -12.51 50.30 -45.34
CA LYS C 273 -11.14 50.02 -44.92
C LYS C 273 -10.84 48.58 -45.31
N PRO C 274 -10.43 48.34 -46.55
CA PRO C 274 -10.37 46.95 -47.06
C PRO C 274 -9.19 46.15 -46.55
N ASP C 275 -8.15 46.79 -46.02
CA ASP C 275 -6.98 46.06 -45.54
C ASP C 275 -7.18 45.39 -44.19
N SER C 276 -8.26 45.70 -43.48
CA SER C 276 -8.50 45.16 -42.14
C SER C 276 -9.16 43.79 -42.15
N GLY C 277 -9.50 43.26 -43.33
CA GLY C 277 -10.11 41.95 -43.40
C GLY C 277 -11.56 41.91 -42.96
N LEU C 278 -12.31 42.97 -43.21
CA LEU C 278 -13.73 43.03 -42.86
C LEU C 278 -14.53 43.23 -44.14
N LEU C 279 -15.58 42.44 -44.31
CA LEU C 279 -16.46 42.59 -45.46
C LEU C 279 -17.33 43.83 -45.25
N ASP C 280 -17.05 44.87 -46.04
CA ASP C 280 -17.72 46.15 -45.86
C ASP C 280 -19.14 46.08 -46.42
N GLY C 281 -19.97 47.04 -46.01
CA GLY C 281 -21.37 47.02 -46.35
C GLY C 281 -22.20 46.11 -45.49
N PHE C 282 -21.71 45.73 -44.32
CA PHE C 282 -22.40 44.83 -43.42
C PHE C 282 -22.85 45.56 -42.16
N MET C 283 -24.01 45.18 -41.67
CA MET C 283 -24.55 45.74 -40.44
C MET C 283 -23.74 45.26 -39.24
N THR C 284 -23.34 46.19 -38.38
CA THR C 284 -22.82 45.81 -37.08
C THR C 284 -23.97 45.53 -36.12
N THR C 285 -23.64 44.94 -34.98
CA THR C 285 -24.67 44.67 -33.98
C THR C 285 -25.12 45.94 -33.28
N ASP C 286 -24.24 46.93 -33.18
CA ASP C 286 -24.59 48.21 -32.56
C ASP C 286 -25.64 48.95 -33.37
N ALA C 287 -25.51 48.92 -34.71
CA ALA C 287 -26.47 49.55 -35.59
C ALA C 287 -27.84 48.90 -35.50
N ALA C 288 -27.87 47.57 -35.48
CA ALA C 288 -29.13 46.83 -35.36
C ALA C 288 -29.78 47.05 -34.01
N LEU C 289 -28.96 47.14 -32.95
CA LEU C 289 -29.51 47.36 -31.62
C LEU C 289 -30.04 48.78 -31.46
N MET C 290 -29.39 49.75 -32.13
CA MET C 290 -29.89 51.12 -32.11
C MET C 290 -31.21 51.24 -32.88
N TYR C 291 -31.29 50.55 -34.02
CA TYR C 291 -32.51 50.52 -34.83
C TYR C 291 -33.67 49.89 -34.07
N ASP C 292 -33.41 48.75 -33.41
CA ASP C 292 -34.45 48.07 -32.65
C ASP C 292 -34.80 48.82 -31.38
N ALA C 293 -33.86 49.56 -30.79
CA ALA C 293 -34.16 50.37 -29.61
C ALA C 293 -35.06 51.55 -29.96
N VAL C 294 -34.80 52.19 -31.10
CA VAL C 294 -35.65 53.27 -31.58
C VAL C 294 -37.05 52.76 -31.89
N HIS C 295 -37.14 51.56 -32.49
CA HIS C 295 -38.45 51.00 -32.79
C HIS C 295 -39.21 50.53 -31.55
N VAL C 296 -38.52 50.00 -30.53
CA VAL C 296 -39.25 49.59 -29.35
C VAL C 296 -39.66 50.81 -28.51
N VAL C 297 -38.90 51.92 -28.61
CA VAL C 297 -39.35 53.16 -27.99
C VAL C 297 -40.57 53.72 -28.71
N SER C 298 -40.56 53.67 -30.05
CA SER C 298 -41.68 54.21 -30.83
C SER C 298 -42.93 53.34 -30.72
N VAL C 299 -42.78 52.03 -30.46
CA VAL C 299 -43.91 51.22 -30.05
C VAL C 299 -44.40 51.64 -28.67
N ALA C 300 -43.47 51.94 -27.76
CA ALA C 300 -43.87 52.35 -26.41
C ALA C 300 -44.48 53.75 -26.36
N VAL C 301 -44.31 54.57 -27.41
CA VAL C 301 -44.92 55.90 -27.43
C VAL C 301 -46.43 55.80 -27.65
N GLN C 302 -46.86 54.90 -28.54
CA GLN C 302 -48.23 54.88 -29.06
C GLN C 302 -49.29 54.54 -28.03
N GLN C 303 -48.92 53.92 -26.92
CA GLN C 303 -49.84 53.64 -25.84
C GLN C 303 -49.86 54.74 -24.79
N PHE C 304 -49.17 55.86 -25.04
CA PHE C 304 -49.23 57.04 -24.18
C PHE C 304 -49.15 58.28 -25.06
N PRO C 305 -50.28 58.79 -25.51
CA PRO C 305 -50.28 59.98 -26.37
C PRO C 305 -50.15 61.30 -25.62
N GLN C 306 -50.04 61.26 -24.30
CA GLN C 306 -49.96 62.48 -23.49
C GLN C 306 -48.52 62.91 -23.21
N MET C 307 -47.59 62.56 -24.08
CA MET C 307 -46.20 62.97 -23.91
C MET C 307 -46.02 64.43 -24.29
N THR C 308 -44.97 65.03 -23.74
CA THR C 308 -44.57 66.39 -24.09
C THR C 308 -43.09 66.55 -23.83
N VAL C 309 -42.51 67.59 -24.43
CA VAL C 309 -41.15 67.98 -24.07
C VAL C 309 -41.20 68.70 -22.74
N SER C 310 -40.47 68.18 -21.75
CA SER C 310 -40.44 68.75 -20.41
C SER C 310 -39.00 69.17 -20.14
N SER C 311 -38.69 70.43 -20.42
CA SER C 311 -37.36 70.95 -20.18
C SER C 311 -37.12 71.09 -18.68
N LEU C 312 -36.03 70.51 -18.20
CA LEU C 312 -35.76 70.43 -16.78
C LEU C 312 -34.34 70.87 -16.50
N GLN C 313 -34.13 71.37 -15.28
CA GLN C 313 -32.82 71.82 -14.84
C GLN C 313 -32.18 70.74 -13.98
N CYS C 314 -30.87 70.54 -14.17
CA CYS C 314 -30.15 69.56 -13.37
C CYS C 314 -29.90 70.05 -11.95
N ASN C 315 -30.03 71.35 -11.69
CA ASN C 315 -29.82 71.87 -10.35
C ASN C 315 -30.98 71.55 -9.41
N ARG C 316 -32.16 71.24 -9.95
CA ARG C 316 -33.33 70.90 -9.15
C ARG C 316 -33.74 69.47 -9.47
N HIS C 317 -33.91 68.66 -8.43
CA HIS C 317 -34.25 67.24 -8.61
C HIS C 317 -35.76 67.03 -8.63
N LYS C 318 -36.42 67.75 -9.54
CA LYS C 318 -37.83 67.54 -9.80
C LYS C 318 -37.97 66.53 -10.92
N PRO C 319 -38.50 65.34 -10.66
CA PRO C 319 -38.61 64.34 -11.73
C PRO C 319 -39.72 64.67 -12.71
N TRP C 320 -39.60 64.10 -13.91
CA TRP C 320 -40.63 64.25 -14.92
C TRP C 320 -41.86 63.47 -14.52
N ARG C 321 -43.03 64.12 -14.59
CA ARG C 321 -44.27 63.51 -14.14
C ARG C 321 -44.78 62.44 -15.09
N PHE C 322 -44.32 62.42 -16.34
CA PHE C 322 -44.72 61.41 -17.30
C PHE C 322 -43.71 60.27 -17.39
N GLY C 323 -42.70 60.27 -16.51
CA GLY C 323 -41.62 59.30 -16.64
C GLY C 323 -42.01 57.88 -16.29
N THR C 324 -42.76 57.71 -15.19
CA THR C 324 -43.01 56.37 -14.64
C THR C 324 -43.96 55.58 -15.53
N ARG C 325 -45.01 56.23 -16.05
CA ARG C 325 -45.98 55.58 -16.92
C ARG C 325 -45.34 55.18 -18.25
N PHE C 326 -44.51 56.06 -18.79
CA PHE C 326 -43.80 55.78 -20.04
C PHE C 326 -42.77 54.67 -19.85
N MET C 327 -42.09 54.64 -18.71
CA MET C 327 -41.16 53.55 -18.42
C MET C 327 -41.86 52.22 -18.22
N SER C 328 -43.05 52.24 -17.60
CA SER C 328 -43.82 51.01 -17.46
C SER C 328 -44.30 50.50 -18.80
N LEU C 329 -44.58 51.41 -19.75
CA LEU C 329 -44.84 50.97 -21.11
C LEU C 329 -43.58 50.48 -21.81
N ILE C 330 -42.42 51.06 -21.47
CA ILE C 330 -41.16 50.69 -22.11
C ILE C 330 -40.74 49.28 -21.70
N LYS C 331 -40.83 48.96 -20.40
CA LYS C 331 -40.31 47.70 -19.91
C LYS C 331 -41.17 46.52 -20.29
N GLU C 332 -42.47 46.73 -20.49
CA GLU C 332 -43.37 45.66 -20.89
C GLU C 332 -43.65 45.65 -22.39
N ALA C 333 -42.83 46.36 -23.17
CA ALA C 333 -43.03 46.40 -24.61
C ALA C 333 -42.57 45.10 -25.26
N HIS C 334 -43.28 44.70 -26.32
CA HIS C 334 -42.94 43.52 -27.09
C HIS C 334 -42.79 43.92 -28.55
N TRP C 335 -41.68 43.50 -29.16
CA TRP C 335 -41.39 43.88 -30.54
C TRP C 335 -40.46 42.85 -31.16
N GLU C 336 -40.75 42.49 -32.40
CA GLU C 336 -39.88 41.63 -33.20
C GLU C 336 -39.20 42.49 -34.25
N GLY C 337 -37.87 42.49 -34.25
CA GLY C 337 -37.13 43.34 -35.15
C GLY C 337 -35.92 42.65 -35.76
N LEU C 338 -34.79 43.38 -35.83
CA LEU C 338 -33.60 42.83 -36.43
C LEU C 338 -32.95 41.79 -35.52
N THR C 339 -33.09 41.94 -34.21
CA THR C 339 -32.55 40.98 -33.25
C THR C 339 -33.60 40.03 -32.71
N GLY C 340 -34.67 39.80 -33.47
CA GLY C 340 -35.72 38.91 -33.05
C GLY C 340 -36.62 39.51 -31.99
N ARG C 341 -37.08 38.67 -31.07
CA ARG C 341 -37.95 39.13 -29.99
C ARG C 341 -37.17 40.00 -29.01
N ILE C 342 -37.86 40.98 -28.43
CA ILE C 342 -37.30 41.85 -27.41
C ILE C 342 -38.19 41.73 -26.19
N THR C 343 -37.63 41.25 -25.08
CA THR C 343 -38.37 41.04 -23.85
C THR C 343 -37.55 41.52 -22.66
N PHE C 344 -38.24 41.82 -21.58
CA PHE C 344 -37.61 42.16 -20.30
C PHE C 344 -38.35 41.47 -19.18
N ASN C 345 -37.61 41.12 -18.12
CA ASN C 345 -38.20 40.45 -16.92
C ASN C 345 -38.76 41.50 -15.97
N LYS C 346 -38.38 42.76 -16.14
CA LYS C 346 -38.81 43.88 -15.30
C LYS C 346 -38.19 43.87 -13.90
N THR C 347 -37.10 43.12 -13.71
CA THR C 347 -36.41 43.07 -12.43
C THR C 347 -35.11 43.84 -12.43
N ASN C 348 -34.43 43.90 -13.57
CA ASN C 348 -33.22 44.69 -13.72
C ASN C 348 -33.20 45.51 -15.01
N GLY C 349 -34.13 45.30 -15.94
CA GLY C 349 -34.15 46.00 -17.20
C GLY C 349 -33.26 45.39 -18.27
N LEU C 350 -32.53 44.33 -17.96
CA LEU C 350 -31.65 43.71 -18.93
C LEU C 350 -32.43 42.82 -19.88
N ARG C 351 -31.79 42.49 -21.00
CA ARG C 351 -32.39 41.59 -21.99
C ARG C 351 -31.90 40.18 -21.70
N THR C 352 -32.54 39.56 -20.70
CA THR C 352 -32.15 38.21 -20.29
C THR C 352 -32.61 37.17 -21.31
N ASP C 353 -33.83 37.29 -21.79
CA ASP C 353 -34.39 36.34 -22.75
C ASP C 353 -34.34 36.94 -24.15
N PHE C 354 -33.87 36.15 -25.11
CA PHE C 354 -33.72 36.60 -26.48
C PHE C 354 -33.72 35.37 -27.38
N ASP C 355 -33.29 35.53 -28.62
CA ASP C 355 -33.06 34.41 -29.53
C ASP C 355 -31.63 34.45 -30.00
N LEU C 356 -31.08 33.28 -30.28
CA LEU C 356 -29.70 33.15 -30.74
C LEU C 356 -29.63 32.22 -31.93
N ASP C 357 -28.59 32.41 -32.74
CA ASP C 357 -28.31 31.56 -33.87
C ASP C 357 -26.88 31.04 -33.75
N VAL C 358 -26.71 29.73 -33.90
CA VAL C 358 -25.40 29.11 -33.84
C VAL C 358 -24.86 29.01 -35.25
N ILE C 359 -23.71 29.63 -35.50
CA ILE C 359 -23.10 29.62 -36.81
C ILE C 359 -21.86 28.75 -36.78
N SER C 360 -21.41 28.35 -37.97
CA SER C 360 -20.20 27.57 -38.11
C SER C 360 -19.60 27.84 -39.48
N LEU C 361 -18.31 27.56 -39.61
CA LEU C 361 -17.59 27.74 -40.86
C LEU C 361 -17.51 26.42 -41.61
N LYS C 362 -17.91 26.45 -42.87
CA LYS C 362 -17.82 25.31 -43.77
C LYS C 362 -17.17 25.77 -45.07
N GLU C 363 -16.98 24.83 -46.00
CA GLU C 363 -16.39 25.17 -47.28
C GLU C 363 -17.34 25.98 -48.16
N GLU C 364 -18.65 25.89 -47.92
CA GLU C 364 -19.61 26.77 -48.58
C GLU C 364 -19.64 28.16 -47.96
N GLY C 365 -19.07 28.35 -46.78
CA GLY C 365 -19.05 29.62 -46.09
C GLY C 365 -19.60 29.47 -44.68
N LEU C 366 -19.96 30.61 -44.09
CA LEU C 366 -20.53 30.62 -42.76
C LEU C 366 -21.98 30.18 -42.84
N GLU C 367 -22.33 29.13 -42.11
CA GLU C 367 -23.64 28.49 -42.22
C GLU C 367 -24.32 28.40 -40.85
N LYS C 368 -25.64 28.52 -40.86
CA LYS C 368 -26.45 28.17 -39.71
C LYS C 368 -26.39 26.68 -39.44
N ILE C 369 -26.12 26.31 -38.20
CA ILE C 369 -26.11 24.90 -37.81
C ILE C 369 -27.08 24.58 -36.68
N GLY C 370 -27.52 25.57 -35.91
CA GLY C 370 -28.43 25.29 -34.82
C GLY C 370 -28.94 26.59 -34.22
N THR C 371 -29.88 26.44 -33.29
CA THR C 371 -30.48 27.56 -32.59
C THR C 371 -30.29 27.40 -31.09
N TRP C 372 -30.35 28.51 -30.37
CA TRP C 372 -30.22 28.50 -28.92
C TRP C 372 -31.30 29.37 -28.30
N ASP C 373 -31.81 28.93 -27.16
CA ASP C 373 -32.82 29.65 -26.40
C ASP C 373 -32.41 29.66 -24.93
N PRO C 374 -32.79 30.69 -24.18
CA PRO C 374 -32.61 30.64 -22.72
C PRO C 374 -33.42 29.54 -22.04
N ALA C 375 -34.58 29.19 -22.58
CA ALA C 375 -35.40 28.13 -22.00
C ALA C 375 -34.98 26.76 -22.49
N SER C 376 -34.95 26.56 -23.80
CA SER C 376 -34.69 25.24 -24.37
C SER C 376 -33.21 24.87 -24.37
N GLY C 377 -32.31 25.82 -24.16
CA GLY C 377 -30.90 25.49 -24.29
C GLY C 377 -30.50 25.37 -25.74
N LEU C 378 -29.55 24.47 -26.00
CA LEU C 378 -29.09 24.23 -27.35
C LEU C 378 -30.04 23.30 -28.10
N ASN C 379 -30.24 23.57 -29.39
CA ASN C 379 -30.97 22.63 -30.28
C ASN C 379 -29.96 21.81 -31.09
N MET C 380 -29.09 22.51 -31.82
CA MET C 380 -28.16 21.92 -32.78
C MET C 380 -28.87 20.99 -33.75
N THR C 381 -29.75 21.57 -34.56
CA THR C 381 -30.55 20.83 -35.53
C THR C 381 -29.62 20.40 -36.66
N GLU C 382 -29.09 19.19 -36.56
CA GLU C 382 -28.14 18.66 -37.53
C GLU C 382 -28.58 17.28 -37.96
N SER C 383 -28.34 16.94 -39.22
CA SER C 383 -28.58 15.59 -39.71
C SER C 383 -27.42 14.68 -39.30
N GLN C 384 -27.58 13.40 -39.62
CA GLN C 384 -26.53 12.43 -39.33
C GLN C 384 -25.37 12.63 -40.29
N LYS C 385 -24.15 12.71 -39.73
CA LYS C 385 -22.94 12.94 -40.52
C LYS C 385 -22.57 11.66 -41.26
N GLY C 386 -23.21 11.48 -42.41
CA GLY C 386 -22.95 10.30 -43.22
C GLY C 386 -21.62 10.43 -43.95
N LYS C 387 -20.98 9.30 -44.17
CA LYS C 387 -19.69 9.29 -44.84
C LYS C 387 -19.88 9.49 -46.34
N PRO C 388 -19.28 10.51 -46.94
CA PRO C 388 -19.33 10.62 -48.41
C PRO C 388 -18.47 9.58 -49.10
N ALA C 389 -17.44 9.07 -48.42
CA ALA C 389 -16.50 8.04 -48.87
C ALA C 389 -15.78 8.40 -50.17
N ASN C 390 -15.56 9.70 -50.41
CA ASN C 390 -14.83 10.13 -51.59
C ASN C 390 -13.34 10.14 -51.27
N ILE C 391 -12.73 8.96 -51.41
CA ILE C 391 -11.30 8.83 -51.17
C ILE C 391 -10.52 9.49 -52.32
N THR C 392 -11.13 9.58 -53.50
CA THR C 392 -10.57 10.43 -54.55
C THR C 392 -10.75 11.89 -54.16
N ASP C 393 -9.63 12.61 -54.13
CA ASP C 393 -9.49 14.02 -53.69
C ASP C 393 -9.96 14.11 -52.24
N SER C 394 -10.68 15.19 -51.85
CA SER C 394 -11.24 15.45 -50.50
C SER C 394 -10.16 15.62 -49.42
N LEU C 395 -8.89 15.73 -49.79
CA LEU C 395 -7.81 16.08 -48.87
C LEU C 395 -6.79 17.02 -49.48
N SER C 396 -7.14 17.74 -50.52
CA SER C 396 -6.22 18.63 -51.22
C SER C 396 -6.10 19.96 -50.46
N ASN C 397 -5.71 21.00 -51.21
CA ASN C 397 -5.52 22.34 -50.61
C ASN C 397 -4.78 22.16 -49.28
N ARG C 398 -3.59 21.57 -49.34
CA ARG C 398 -2.72 21.53 -48.16
C ARG C 398 -1.41 20.86 -48.54
N SER C 399 -0.41 21.07 -47.67
CA SER C 399 0.98 20.74 -47.94
C SER C 399 1.57 20.00 -46.74
N LEU C 400 0.90 18.91 -46.35
CA LEU C 400 1.24 18.07 -45.20
C LEU C 400 2.67 17.56 -45.26
N ILE C 401 3.44 17.89 -44.21
CA ILE C 401 4.87 17.63 -44.18
C ILE C 401 5.12 16.15 -43.91
N VAL C 402 5.74 15.47 -44.89
CA VAL C 402 6.09 14.06 -44.77
C VAL C 402 7.58 13.98 -44.47
N THR C 403 7.93 13.37 -43.34
CA THR C 403 9.31 13.23 -42.93
C THR C 403 9.70 11.76 -42.86
N THR C 404 10.92 11.45 -43.26
CA THR C 404 11.37 10.07 -43.36
C THR C 404 12.89 10.04 -43.22
N ILE C 405 13.47 8.87 -43.46
CA ILE C 405 14.92 8.66 -43.52
C ILE C 405 15.23 7.98 -44.85
N LEU C 406 16.47 8.14 -45.31
CA LEU C 406 16.92 7.51 -46.55
C LEU C 406 17.11 6.02 -46.27
N GLU C 407 16.14 5.22 -46.69
CA GLU C 407 16.16 3.77 -46.46
C GLU C 407 16.38 3.06 -47.78
N GLU C 408 17.36 2.17 -47.81
CA GLU C 408 17.94 1.65 -49.06
C GLU C 408 16.98 0.91 -49.99
N PRO C 409 15.99 0.11 -49.54
CA PRO C 409 14.94 -0.29 -50.49
C PRO C 409 13.69 0.58 -50.46
N TYR C 410 13.55 1.49 -49.51
CA TYR C 410 12.35 2.30 -49.38
C TYR C 410 12.51 3.70 -49.96
N VAL C 411 13.46 4.47 -49.45
CA VAL C 411 13.61 5.89 -49.80
C VAL C 411 15.04 6.10 -50.30
N LEU C 412 15.17 6.41 -51.59
CA LEU C 412 16.48 6.57 -52.20
C LEU C 412 16.57 7.90 -52.92
N PHE C 413 17.78 8.42 -53.03
CA PHE C 413 18.04 9.60 -53.84
C PHE C 413 17.86 9.27 -55.32
N LYS C 414 17.49 10.29 -56.09
CA LYS C 414 17.45 10.12 -57.53
C LYS C 414 18.87 10.11 -58.09
N LYS C 415 19.00 9.59 -59.31
CA LYS C 415 20.29 9.49 -59.96
C LYS C 415 20.80 10.87 -60.36
N SER C 416 22.12 11.02 -60.42
CA SER C 416 22.77 12.32 -60.52
C SER C 416 22.95 12.76 -61.96
N ASP C 417 21.84 12.75 -62.72
CA ASP C 417 21.84 13.37 -64.02
C ASP C 417 21.79 14.89 -63.89
N LYS C 418 20.95 15.39 -62.98
CA LYS C 418 20.79 16.80 -62.67
C LYS C 418 20.75 16.98 -61.16
N PRO C 419 21.19 18.13 -60.66
CA PRO C 419 21.06 18.41 -59.21
C PRO C 419 19.61 18.68 -58.84
N LEU C 420 19.04 17.81 -58.01
CA LEU C 420 17.67 17.90 -57.57
C LEU C 420 17.60 18.05 -56.05
N TYR C 421 16.44 18.48 -55.57
CA TYR C 421 16.25 18.73 -54.15
C TYR C 421 14.77 18.60 -53.82
N GLY C 422 14.48 18.45 -52.52
CA GLY C 422 13.12 18.39 -52.03
C GLY C 422 12.37 17.12 -52.43
N ASN C 423 11.13 17.28 -52.89
CA ASN C 423 10.34 16.14 -53.34
C ASN C 423 10.87 15.56 -54.64
N ASP C 424 11.56 16.37 -55.44
CA ASP C 424 12.14 15.89 -56.68
C ASP C 424 13.41 15.06 -56.46
N ARG C 425 14.00 15.15 -55.27
CA ARG C 425 15.25 14.43 -55.01
C ARG C 425 15.03 12.95 -54.75
N PHE C 426 13.87 12.58 -54.21
CA PHE C 426 13.71 11.26 -53.62
C PHE C 426 12.91 10.32 -54.52
N GLU C 427 13.21 9.04 -54.40
CA GLU C 427 12.54 7.99 -55.16
C GLU C 427 12.63 6.70 -54.37
N GLY C 428 11.94 5.67 -54.86
CA GLY C 428 11.99 4.39 -54.19
C GLY C 428 10.62 3.78 -53.93
N TYR C 429 10.53 2.96 -52.88
CA TYR C 429 9.29 2.26 -52.58
C TYR C 429 8.25 3.20 -51.98
N CYS C 430 8.59 3.79 -50.83
CA CYS C 430 7.63 4.63 -50.10
C CYS C 430 7.41 5.97 -50.80
N ILE C 431 8.39 6.42 -51.59
CA ILE C 431 8.20 7.65 -52.37
C ILE C 431 7.20 7.42 -53.51
N ASP C 432 7.25 6.25 -54.15
CA ASP C 432 6.23 5.92 -55.14
C ASP C 432 4.88 5.66 -54.48
N LEU C 433 4.88 5.14 -53.25
CA LEU C 433 3.64 5.01 -52.48
C LEU C 433 3.04 6.38 -52.17
N LEU C 434 3.89 7.35 -51.81
CA LEU C 434 3.44 8.72 -51.57
C LEU C 434 2.96 9.39 -52.86
N ARG C 435 3.59 9.06 -54.00
CA ARG C 435 3.13 9.55 -55.29
C ARG C 435 1.75 8.99 -55.63
N GLU C 436 1.52 7.69 -55.33
CA GLU C 436 0.20 7.09 -55.52
C GLU C 436 -0.83 7.70 -54.57
N LEU C 437 -0.43 8.00 -53.33
CA LEU C 437 -1.35 8.61 -52.38
C LEU C 437 -1.69 10.04 -52.77
N SER C 438 -0.73 10.76 -53.35
CA SER C 438 -1.01 12.10 -53.87
C SER C 438 -1.83 12.04 -55.15
N THR C 439 -1.72 10.96 -55.91
CA THR C 439 -2.62 10.76 -57.04
C THR C 439 -4.04 10.48 -56.57
N ILE C 440 -4.19 9.77 -55.45
CA ILE C 440 -5.52 9.46 -54.91
C ILE C 440 -6.14 10.71 -54.29
N LEU C 441 -5.44 11.35 -53.36
CA LEU C 441 -6.02 12.41 -52.55
C LEU C 441 -5.81 13.81 -53.12
N GLY C 442 -4.99 13.96 -54.16
CA GLY C 442 -4.86 15.23 -54.82
C GLY C 442 -4.08 16.30 -54.07
N PHE C 443 -3.29 15.91 -53.08
CA PHE C 443 -2.65 16.87 -52.20
C PHE C 443 -1.13 16.90 -52.41
N THR C 444 -0.55 18.07 -52.25
CA THR C 444 0.89 18.27 -52.34
C THR C 444 1.52 18.10 -50.96
N TYR C 445 2.84 18.04 -50.92
CA TYR C 445 3.54 17.71 -49.69
C TYR C 445 4.93 18.35 -49.73
N GLU C 446 5.73 18.02 -48.73
CA GLU C 446 7.13 18.46 -48.68
C GLU C 446 7.92 17.36 -48.00
N ILE C 447 8.74 16.64 -48.76
CA ILE C 447 9.51 15.53 -48.22
C ILE C 447 10.72 16.09 -47.48
N ARG C 448 10.82 15.77 -46.20
CA ARG C 448 11.92 16.21 -45.36
C ARG C 448 12.65 15.00 -44.80
N LEU C 449 13.92 15.18 -44.45
CA LEU C 449 14.73 14.10 -43.92
C LEU C 449 14.66 14.09 -42.40
N VAL C 450 15.52 13.29 -41.78
CA VAL C 450 15.65 13.26 -40.32
C VAL C 450 16.48 14.45 -39.87
N GLU C 451 16.45 14.75 -38.58
CA GLU C 451 17.25 15.82 -38.01
C GLU C 451 18.29 15.30 -37.04
N ASP C 452 17.89 14.44 -36.10
CA ASP C 452 18.84 13.81 -35.19
C ASP C 452 19.49 12.57 -35.80
N GLY C 453 19.00 12.10 -36.94
CA GLY C 453 19.48 10.88 -37.55
C GLY C 453 18.78 9.63 -37.09
N LYS C 454 17.88 9.74 -36.12
CA LYS C 454 17.22 8.59 -35.53
C LYS C 454 15.88 8.32 -36.23
N TYR C 455 15.43 7.07 -36.12
CA TYR C 455 14.08 6.73 -36.59
C TYR C 455 13.03 7.27 -35.62
N GLY C 456 13.37 7.38 -34.34
CA GLY C 456 12.41 7.80 -33.34
C GLY C 456 12.17 6.76 -32.26
N ALA C 457 12.69 7.01 -31.06
CA ALA C 457 12.56 6.07 -29.96
C ALA C 457 12.62 6.83 -28.65
N GLN C 458 12.16 6.17 -27.59
CA GLN C 458 12.20 6.77 -26.26
C GLN C 458 13.62 6.70 -25.70
N ASP C 459 14.06 7.81 -25.10
CA ASP C 459 15.33 7.86 -24.41
C ASP C 459 15.08 7.64 -22.93
N ASP C 460 15.82 6.70 -22.32
CA ASP C 460 15.58 6.32 -20.94
C ASP C 460 16.09 7.36 -19.95
N VAL C 461 16.98 8.26 -20.37
CA VAL C 461 17.55 9.25 -19.45
C VAL C 461 16.51 10.30 -19.07
N ASN C 462 15.75 10.79 -20.04
CA ASN C 462 14.83 11.90 -19.81
C ASN C 462 13.38 11.61 -20.16
N GLY C 463 13.08 10.50 -20.82
CA GLY C 463 11.74 10.23 -21.27
C GLY C 463 11.34 10.93 -22.54
N GLN C 464 12.27 11.65 -23.18
CA GLN C 464 11.96 12.43 -24.37
C GLN C 464 12.13 11.57 -25.60
N TRP C 465 11.03 11.34 -26.32
CA TRP C 465 11.11 10.74 -27.64
C TRP C 465 11.74 11.74 -28.60
N ASN C 466 12.72 11.29 -29.37
CA ASN C 466 13.35 12.11 -30.38
C ASN C 466 12.94 11.61 -31.77
N GLY C 467 13.54 12.19 -32.81
CA GLY C 467 13.37 11.67 -34.16
C GLY C 467 12.00 11.97 -34.74
N MET C 468 11.45 10.98 -35.46
CA MET C 468 10.16 11.16 -36.12
C MET C 468 9.02 11.18 -35.13
N VAL C 469 9.19 10.54 -33.96
CA VAL C 469 8.19 10.64 -32.91
C VAL C 469 8.14 12.07 -32.35
N ARG C 470 9.29 12.72 -32.20
CA ARG C 470 9.29 14.12 -31.80
C ARG C 470 8.79 15.03 -32.92
N GLU C 471 8.98 14.61 -34.18
CA GLU C 471 8.42 15.36 -35.29
C GLU C 471 6.89 15.29 -35.30
N LEU C 472 6.34 14.13 -34.94
CA LEU C 472 4.89 13.99 -34.86
C LEU C 472 4.31 14.63 -33.61
N ILE C 473 5.07 14.64 -32.50
CA ILE C 473 4.56 15.21 -31.25
C ILE C 473 4.48 16.73 -31.34
N ASP C 474 5.52 17.36 -31.88
CA ASP C 474 5.59 18.81 -31.97
C ASP C 474 4.90 19.37 -33.21
N HIS C 475 4.21 18.51 -33.97
CA HIS C 475 3.42 18.83 -35.17
C HIS C 475 4.26 19.46 -36.29
N LYS C 476 5.57 19.22 -36.30
CA LYS C 476 6.40 19.64 -37.40
C LYS C 476 6.32 18.66 -38.57
N ALA C 477 5.80 17.46 -38.33
CA ALA C 477 5.50 16.50 -39.37
C ALA C 477 4.04 16.11 -39.28
N ASP C 478 3.34 16.17 -40.40
CA ASP C 478 1.95 15.74 -40.43
C ASP C 478 1.83 14.27 -40.81
N LEU C 479 2.70 13.79 -41.69
CA LEU C 479 2.77 12.38 -42.06
C LEU C 479 4.15 11.85 -41.75
N ALA C 480 4.21 10.59 -41.31
CA ALA C 480 5.48 9.95 -41.00
C ALA C 480 5.68 8.71 -41.85
N VAL C 481 5.47 8.84 -43.17
CA VAL C 481 5.62 7.73 -44.10
C VAL C 481 7.10 7.39 -44.21
N ALA C 482 7.49 6.30 -43.55
CA ALA C 482 8.88 5.94 -43.32
C ALA C 482 8.91 4.48 -42.88
N PRO C 483 10.08 3.80 -42.94
CA PRO C 483 10.22 2.51 -42.25
C PRO C 483 9.96 2.62 -40.75
N LEU C 484 8.88 1.98 -40.29
CA LEU C 484 8.40 2.21 -38.95
C LEU C 484 7.74 0.94 -38.42
N ALA C 485 8.00 0.63 -37.16
CA ALA C 485 7.40 -0.52 -36.50
C ALA C 485 6.15 -0.07 -35.76
N ILE C 486 5.02 -0.68 -36.10
CA ILE C 486 3.78 -0.38 -35.39
C ILE C 486 3.78 -1.19 -34.10
N THR C 487 4.31 -0.58 -33.03
CA THR C 487 4.35 -1.22 -31.73
C THR C 487 3.34 -0.54 -30.81
N TYR C 488 2.82 -1.32 -29.86
CA TYR C 488 1.80 -0.82 -28.94
C TYR C 488 2.38 0.17 -27.93
N VAL C 489 3.68 0.10 -27.66
CA VAL C 489 4.31 1.07 -26.75
C VAL C 489 4.38 2.44 -27.41
N ARG C 490 4.77 2.47 -28.70
CA ARG C 490 4.70 3.70 -29.47
C ARG C 490 3.27 4.14 -29.74
N GLU C 491 2.33 3.20 -29.79
CA GLU C 491 0.93 3.52 -30.08
C GLU C 491 0.26 4.29 -28.95
N LYS C 492 0.76 4.16 -27.72
CA LYS C 492 0.27 5.00 -26.64
C LYS C 492 0.72 6.45 -26.79
N VAL C 493 1.86 6.66 -27.45
CA VAL C 493 2.40 8.00 -27.62
C VAL C 493 1.81 8.70 -28.84
N ILE C 494 1.84 8.04 -29.99
CA ILE C 494 1.35 8.63 -31.23
C ILE C 494 0.38 7.66 -31.89
N ASP C 495 -0.41 8.19 -32.81
CA ASP C 495 -1.37 7.38 -33.55
C ASP C 495 -0.68 6.70 -34.72
N PHE C 496 -1.17 5.51 -35.07
CA PHE C 496 -0.74 4.82 -36.26
C PHE C 496 -1.95 4.47 -37.11
N SER C 497 -1.75 4.44 -38.42
CA SER C 497 -2.81 4.08 -39.35
C SER C 497 -2.88 2.56 -39.47
N LYS C 498 -3.68 2.07 -40.40
CA LYS C 498 -3.67 0.65 -40.74
C LYS C 498 -2.36 0.34 -41.46
N PRO C 499 -1.64 -0.71 -41.05
CA PRO C 499 -0.37 -1.02 -41.71
C PRO C 499 -0.57 -1.56 -43.12
N PHE C 500 0.47 -1.39 -43.94
CA PHE C 500 0.41 -1.88 -45.31
C PHE C 500 0.47 -3.40 -45.36
N MET C 501 1.53 -3.97 -44.81
CA MET C 501 1.65 -5.41 -44.68
C MET C 501 2.39 -5.73 -43.40
N THR C 502 2.19 -6.95 -42.91
CA THR C 502 2.91 -7.39 -41.72
C THR C 502 4.36 -7.69 -42.07
N LEU C 503 5.27 -7.24 -41.21
CA LEU C 503 6.70 -7.43 -41.43
C LEU C 503 7.26 -8.35 -40.35
N GLY C 504 7.91 -9.42 -40.79
CA GLY C 504 8.50 -10.38 -39.89
C GLY C 504 9.99 -10.21 -39.74
N ILE C 505 10.53 -10.88 -38.72
CA ILE C 505 11.96 -10.94 -38.48
C ILE C 505 12.44 -12.34 -38.80
N SER C 506 13.47 -12.44 -39.65
CA SER C 506 14.05 -13.72 -40.02
C SER C 506 15.56 -13.61 -39.97
N ILE C 507 16.22 -14.73 -40.21
CA ILE C 507 17.66 -14.84 -40.05
C ILE C 507 18.31 -14.78 -41.44
N LEU C 508 19.36 -13.96 -41.57
CA LEU C 508 20.13 -13.86 -42.80
C LEU C 508 21.54 -14.36 -42.55
N TYR C 509 21.97 -15.36 -43.32
CA TYR C 509 23.33 -15.87 -43.27
C TYR C 509 23.61 -16.56 -44.59
N ARG C 510 24.75 -16.23 -45.21
CA ARG C 510 25.13 -16.90 -46.44
C ARG C 510 25.61 -18.31 -46.16
N LYS C 511 25.63 -19.14 -47.21
CA LYS C 511 26.03 -20.54 -47.11
C LYS C 511 27.17 -20.76 -48.10
N PRO C 512 28.43 -20.50 -47.69
CA PRO C 512 29.56 -20.66 -48.60
C PRO C 512 29.92 -22.11 -48.89
N ASN C 513 29.90 -22.92 -47.83
CA ASN C 513 30.25 -24.36 -47.80
C ASN C 513 31.69 -24.52 -48.28
N GLY C 514 31.98 -25.48 -49.16
CA GLY C 514 33.33 -25.67 -49.66
C GLY C 514 33.71 -27.14 -49.75
N THR C 515 34.92 -27.41 -50.24
CA THR C 515 35.41 -28.76 -50.40
C THR C 515 36.81 -28.88 -49.80
N ASN C 516 37.20 -30.13 -49.55
CA ASN C 516 38.51 -30.46 -49.00
C ASN C 516 38.89 -31.86 -49.46
N PRO C 517 40.03 -32.03 -50.13
CA PRO C 517 40.48 -33.37 -50.50
C PRO C 517 40.85 -34.20 -49.28
N GLY C 518 40.58 -35.50 -49.38
CA GLY C 518 40.76 -36.41 -48.26
C GLY C 518 42.16 -36.90 -48.05
N VAL C 519 43.12 -36.56 -48.92
CA VAL C 519 44.48 -37.08 -48.84
C VAL C 519 45.24 -36.52 -47.62
N PHE C 520 44.80 -35.40 -47.06
CA PHE C 520 45.31 -34.90 -45.80
C PHE C 520 44.23 -34.70 -44.75
N SER C 521 42.99 -34.40 -45.15
CA SER C 521 41.91 -34.24 -44.20
C SER C 521 41.35 -35.57 -43.71
N PHE C 522 41.61 -36.67 -44.42
CA PHE C 522 41.21 -37.98 -43.93
C PHE C 522 42.09 -38.42 -42.75
N LEU C 523 43.33 -37.96 -42.73
CA LEU C 523 44.24 -38.21 -41.62
C LEU C 523 44.35 -37.01 -40.68
N ASN C 524 43.25 -36.28 -40.51
CA ASN C 524 43.24 -35.13 -39.61
C ASN C 524 43.27 -35.48 -38.11
N PRO C 525 42.68 -36.60 -37.63
CA PRO C 525 43.08 -37.06 -36.28
C PRO C 525 44.53 -37.46 -36.16
N LEU C 526 45.14 -37.95 -37.24
CA LEU C 526 46.53 -38.42 -37.20
C LEU C 526 47.44 -37.23 -37.42
N SER C 527 47.85 -36.58 -36.34
CA SER C 527 48.71 -35.41 -36.41
C SER C 527 50.12 -35.82 -36.85
N PRO C 528 50.88 -34.90 -37.47
CA PRO C 528 52.22 -35.28 -37.99
C PRO C 528 53.23 -35.72 -36.93
N ASP C 529 53.04 -35.36 -35.66
CA ASP C 529 53.82 -35.97 -34.58
C ASP C 529 53.55 -37.46 -34.48
N ILE C 530 52.28 -37.85 -34.59
CA ILE C 530 51.94 -39.28 -34.62
C ILE C 530 52.40 -39.93 -35.92
N TRP C 531 52.47 -39.16 -37.03
CA TRP C 531 53.05 -39.68 -38.26
C TRP C 531 54.54 -40.02 -38.08
N MET C 532 55.28 -39.16 -37.39
CA MET C 532 56.68 -39.45 -37.07
C MET C 532 56.80 -40.61 -36.09
N TYR C 533 55.86 -40.74 -35.15
CA TYR C 533 55.86 -41.87 -34.21
C TYR C 533 55.63 -43.20 -34.92
N VAL C 534 54.67 -43.26 -35.85
CA VAL C 534 54.39 -44.47 -36.61
C VAL C 534 55.54 -44.80 -37.56
N LEU C 535 56.15 -43.76 -38.17
CA LEU C 535 57.32 -43.98 -39.03
C LEU C 535 58.52 -44.52 -38.25
N LEU C 536 58.77 -43.98 -37.05
CA LEU C 536 59.81 -44.51 -36.19
C LEU C 536 59.49 -45.90 -35.67
N ALA C 537 58.20 -46.21 -35.49
CA ALA C 537 57.80 -47.55 -35.07
C ALA C 537 58.06 -48.60 -36.14
N TYR C 538 57.67 -48.31 -37.39
CA TYR C 538 57.98 -49.21 -38.51
C TYR C 538 59.48 -49.34 -38.76
N LEU C 539 60.23 -48.24 -38.63
CA LEU C 539 61.68 -48.31 -38.81
C LEU C 539 62.34 -49.10 -37.69
N GLY C 540 61.85 -48.97 -36.45
CA GLY C 540 62.39 -49.75 -35.35
C GLY C 540 62.09 -51.23 -35.47
N VAL C 541 60.87 -51.58 -35.93
CA VAL C 541 60.52 -52.98 -36.15
C VAL C 541 61.35 -53.57 -37.30
N SER C 542 61.62 -52.77 -38.33
CA SER C 542 62.50 -53.22 -39.43
C SER C 542 63.94 -53.43 -38.95
N VAL C 543 64.45 -52.54 -38.09
CA VAL C 543 65.80 -52.69 -37.54
C VAL C 543 65.90 -53.92 -36.64
N VAL C 544 64.89 -54.15 -35.80
CA VAL C 544 64.87 -55.30 -34.90
C VAL C 544 64.76 -56.61 -35.69
N LEU C 545 63.96 -56.61 -36.76
CA LEU C 545 63.86 -57.77 -37.66
C LEU C 545 65.18 -58.04 -38.38
N PHE C 546 65.88 -56.98 -38.79
CA PHE C 546 67.20 -57.13 -39.42
C PHE C 546 68.23 -57.68 -38.42
N VAL C 547 68.15 -57.24 -37.16
CA VAL C 547 69.06 -57.73 -36.12
C VAL C 547 68.82 -59.21 -35.83
N ILE C 548 67.55 -59.61 -35.75
CA ILE C 548 67.21 -61.02 -35.50
C ILE C 548 67.59 -61.89 -36.70
N ALA C 549 67.36 -61.40 -37.92
CA ALA C 549 67.61 -62.20 -39.11
C ALA C 549 69.10 -62.32 -39.43
N ARG C 550 69.84 -61.23 -39.32
CA ARG C 550 71.20 -61.18 -39.87
C ARG C 550 72.20 -60.68 -38.83
N PHE C 551 72.17 -61.28 -37.64
CA PHE C 551 73.22 -60.99 -36.65
C PHE C 551 74.51 -61.69 -37.03
N ALA C 597 60.23 -69.18 -33.73
CA ALA C 597 60.49 -69.55 -32.35
C ALA C 597 59.71 -68.67 -31.38
N LEU C 598 60.01 -68.80 -30.08
CA LEU C 598 59.30 -68.06 -29.05
C LEU C 598 59.62 -66.57 -29.10
N SER C 599 60.83 -66.21 -29.51
CA SER C 599 61.18 -64.81 -29.73
C SER C 599 60.36 -64.21 -30.87
N THR C 600 60.16 -64.99 -31.95
CA THR C 600 59.30 -64.55 -33.03
C THR C 600 57.85 -64.45 -32.58
N ARG C 601 57.43 -65.35 -31.67
CA ARG C 601 56.09 -65.30 -31.11
C ARG C 601 55.86 -64.05 -30.26
N ILE C 602 56.85 -63.66 -29.45
CA ILE C 602 56.63 -62.49 -28.61
C ILE C 602 56.80 -61.18 -29.41
N VAL C 603 57.62 -61.19 -30.48
CA VAL C 603 57.64 -60.07 -31.41
C VAL C 603 56.30 -59.91 -32.11
N GLY C 604 55.71 -61.03 -32.55
CA GLY C 604 54.41 -60.97 -33.19
C GLY C 604 53.29 -60.56 -32.25
N GLY C 605 53.36 -61.00 -30.99
CA GLY C 605 52.37 -60.59 -30.01
C GLY C 605 52.46 -59.12 -29.64
N ILE C 606 53.68 -58.61 -29.48
CA ILE C 606 53.90 -57.19 -29.17
C ILE C 606 53.44 -56.31 -30.33
N TRP C 607 53.79 -56.71 -31.56
CA TRP C 607 53.37 -55.97 -32.75
C TRP C 607 51.85 -56.04 -32.95
N TRP C 608 51.26 -57.21 -32.64
CA TRP C 608 49.81 -57.40 -32.69
C TRP C 608 49.08 -56.45 -31.74
N PHE C 609 49.55 -56.41 -30.49
CA PHE C 609 48.94 -55.56 -29.47
C PHE C 609 49.11 -54.08 -29.79
N PHE C 610 50.29 -53.69 -30.29
CA PHE C 610 50.55 -52.28 -30.56
C PHE C 610 49.76 -51.78 -31.78
N THR C 611 49.68 -52.59 -32.85
CA THR C 611 48.88 -52.19 -33.99
C THR C 611 47.38 -52.21 -33.69
N LEU C 612 46.92 -53.12 -32.82
CA LEU C 612 45.53 -53.08 -32.39
C LEU C 612 45.22 -51.83 -31.58
N ILE C 613 46.15 -51.41 -30.72
CA ILE C 613 46.01 -50.17 -29.95
C ILE C 613 45.97 -48.95 -30.87
N ILE C 614 46.86 -48.91 -31.87
CA ILE C 614 46.92 -47.78 -32.80
C ILE C 614 45.66 -47.69 -33.66
N ILE C 615 45.17 -48.85 -34.15
CA ILE C 615 43.97 -48.91 -34.98
C ILE C 615 42.74 -48.50 -34.17
N SER C 616 42.62 -48.99 -32.92
CA SER C 616 41.50 -48.63 -32.07
C SER C 616 41.52 -47.16 -31.68
N SER C 617 42.70 -46.61 -31.42
CA SER C 617 42.82 -45.19 -31.07
C SER C 617 42.46 -44.29 -32.24
N TYR C 618 42.92 -44.64 -33.45
CA TYR C 618 42.60 -43.82 -34.62
C TYR C 618 41.12 -43.93 -34.99
N THR C 619 40.54 -45.12 -34.83
CA THR C 619 39.11 -45.30 -35.11
C THR C 619 38.25 -44.53 -34.11
N ALA C 620 38.63 -44.55 -32.83
CA ALA C 620 37.90 -43.79 -31.82
C ALA C 620 38.06 -42.29 -32.00
N ASN C 621 39.25 -41.84 -32.44
CA ASN C 621 39.46 -40.42 -32.73
C ASN C 621 38.62 -39.95 -33.91
N LEU C 622 38.55 -40.77 -34.96
CA LEU C 622 37.74 -40.43 -36.13
C LEU C 622 36.25 -40.44 -35.79
N ALA C 623 35.81 -41.40 -34.97
CA ALA C 623 34.42 -41.46 -34.54
C ALA C 623 34.06 -40.27 -33.65
N ALA C 624 34.99 -39.85 -32.77
CA ALA C 624 34.78 -38.69 -31.94
C ALA C 624 34.68 -37.41 -32.78
N PHE C 625 35.53 -37.29 -33.79
CA PHE C 625 35.48 -36.11 -34.67
C PHE C 625 34.20 -36.09 -35.50
N LEU C 626 33.74 -37.25 -35.98
CA LEU C 626 32.49 -37.28 -36.74
C LEU C 626 31.28 -37.00 -35.86
N THR C 627 31.29 -37.46 -34.60
CA THR C 627 30.17 -37.16 -33.71
C THR C 627 30.13 -35.68 -33.34
N VAL C 628 31.28 -35.07 -33.07
CA VAL C 628 31.26 -33.63 -32.77
C VAL C 628 31.11 -32.77 -34.02
N GLU C 629 31.29 -33.35 -35.21
CA GLU C 629 31.10 -32.59 -36.44
C GLU C 629 29.67 -32.64 -36.95
N ARG C 630 29.08 -33.83 -37.05
CA ARG C 630 27.79 -33.96 -37.73
C ARG C 630 26.59 -33.65 -36.83
N MET C 631 26.79 -33.45 -35.52
CA MET C 631 25.69 -33.04 -34.66
C MET C 631 25.35 -31.57 -34.79
N GLU C 632 26.20 -30.77 -35.42
CA GLU C 632 25.97 -29.33 -35.54
C GLU C 632 25.24 -29.09 -36.85
N SER C 633 23.92 -28.97 -36.77
CA SER C 633 23.07 -28.83 -37.94
C SER C 633 23.22 -27.45 -38.56
N PRO C 634 23.19 -27.35 -39.90
CA PRO C 634 23.19 -26.04 -40.56
C PRO C 634 21.82 -25.45 -40.81
N ILE C 635 20.77 -25.99 -40.17
CA ILE C 635 19.42 -25.45 -40.33
C ILE C 635 19.32 -24.07 -39.70
N ASP C 636 19.85 -23.93 -38.48
CA ASP C 636 20.07 -22.64 -37.78
C ASP C 636 18.77 -21.89 -37.53
N SER C 637 17.88 -22.50 -36.77
CA SER C 637 16.63 -21.87 -36.38
C SER C 637 16.85 -20.99 -35.15
N ALA C 638 15.77 -20.56 -34.51
CA ALA C 638 15.86 -19.63 -33.38
C ALA C 638 16.47 -20.29 -32.15
N ASP C 639 16.05 -21.53 -31.85
CA ASP C 639 16.64 -22.25 -30.73
C ASP C 639 18.06 -22.70 -31.04
N ASP C 640 18.37 -22.93 -32.32
CA ASP C 640 19.74 -23.22 -32.72
C ASP C 640 20.65 -22.03 -32.46
N LEU C 641 20.21 -20.83 -32.84
CA LEU C 641 20.98 -19.62 -32.52
C LEU C 641 20.95 -19.29 -31.03
N ALA C 642 19.96 -19.80 -30.30
CA ALA C 642 20.03 -19.76 -28.84
C ALA C 642 21.09 -20.70 -28.31
N LYS C 643 21.41 -21.78 -29.04
CA LYS C 643 22.44 -22.70 -28.61
C LYS C 643 23.77 -22.55 -29.35
N GLN C 644 23.79 -21.85 -30.49
CA GLN C 644 25.04 -21.64 -31.24
C GLN C 644 25.81 -20.48 -30.62
N THR C 645 26.48 -20.76 -29.50
CA THR C 645 27.32 -19.75 -28.89
C THR C 645 28.61 -19.52 -29.66
N LYS C 646 29.03 -20.49 -30.48
CA LYS C 646 30.22 -20.30 -31.31
C LYS C 646 29.96 -19.32 -32.44
N ILE C 647 28.78 -19.42 -33.07
CA ILE C 647 28.42 -18.46 -34.11
C ILE C 647 28.04 -17.14 -33.45
N GLU C 648 28.61 -16.05 -33.96
CA GLU C 648 28.19 -14.72 -33.54
C GLU C 648 26.80 -14.44 -34.10
N TYR C 649 25.99 -13.69 -33.33
CA TYR C 649 24.67 -13.33 -33.80
C TYR C 649 24.22 -12.03 -33.18
N GLY C 650 23.17 -11.46 -33.76
CA GLY C 650 22.62 -10.21 -33.30
C GLY C 650 21.77 -9.59 -34.39
N ALA C 651 21.44 -8.32 -34.18
CA ALA C 651 20.70 -7.54 -35.16
C ALA C 651 21.09 -6.08 -35.01
N VAL C 652 20.29 -5.19 -35.58
CA VAL C 652 20.54 -3.75 -35.49
C VAL C 652 20.27 -3.28 -34.07
N GLU C 653 21.05 -2.30 -33.61
CA GLU C 653 20.83 -1.67 -32.31
C GLU C 653 19.47 -0.99 -32.24
N ASP C 654 18.80 -1.16 -31.09
CA ASP C 654 17.51 -0.60 -30.68
C ASP C 654 16.41 -1.21 -31.58
N GLY C 655 15.18 -0.70 -31.53
CA GLY C 655 14.12 -1.26 -32.32
C GLY C 655 13.49 -2.48 -31.65
N ALA C 656 13.05 -3.43 -32.47
CA ALA C 656 12.48 -4.67 -31.96
C ALA C 656 13.52 -5.55 -31.31
N THR C 657 14.81 -5.37 -31.65
CA THR C 657 15.87 -6.17 -31.06
C THR C 657 16.07 -5.82 -29.58
N MET C 658 16.06 -4.53 -29.25
CA MET C 658 16.18 -4.10 -27.87
C MET C 658 14.84 -3.78 -27.22
N THR C 659 13.73 -3.99 -27.93
CA THR C 659 12.41 -3.74 -27.36
C THR C 659 11.58 -5.01 -27.25
N PHE C 660 11.35 -5.71 -28.36
CA PHE C 660 10.52 -6.91 -28.33
C PHE C 660 11.28 -8.07 -27.70
N PHE C 661 12.56 -8.25 -28.07
CA PHE C 661 13.34 -9.34 -27.52
C PHE C 661 13.73 -9.08 -26.08
N LYS C 662 13.92 -7.82 -25.70
CA LYS C 662 14.19 -7.49 -24.30
C LYS C 662 12.96 -7.67 -23.42
N LYS C 663 11.76 -7.58 -23.98
CA LYS C 663 10.53 -7.86 -23.26
C LYS C 663 10.00 -9.26 -23.53
N SER C 664 10.70 -10.07 -24.31
CA SER C 664 10.23 -11.40 -24.64
C SER C 664 10.38 -12.34 -23.44
N LYS C 665 9.42 -13.24 -23.28
CA LYS C 665 9.40 -14.18 -22.18
C LYS C 665 9.67 -15.61 -22.62
N ILE C 666 9.79 -15.86 -23.92
CA ILE C 666 10.19 -17.17 -24.42
C ILE C 666 11.68 -17.34 -24.17
N SER C 667 12.06 -18.50 -23.61
CA SER C 667 13.41 -18.72 -23.09
C SER C 667 14.47 -18.76 -24.20
N THR C 668 14.06 -19.12 -25.42
CA THR C 668 14.95 -18.96 -26.57
C THR C 668 15.24 -17.48 -26.82
N TYR C 669 14.19 -16.66 -26.88
CA TYR C 669 14.38 -15.23 -27.06
C TYR C 669 14.90 -14.56 -25.79
N ASP C 670 14.62 -15.15 -24.62
CA ASP C 670 15.18 -14.64 -23.38
C ASP C 670 16.69 -14.86 -23.32
N LYS C 671 17.16 -16.04 -23.74
CA LYS C 671 18.60 -16.28 -23.86
C LYS C 671 19.21 -15.46 -24.99
N MET C 672 18.42 -15.16 -26.03
CA MET C 672 18.87 -14.29 -27.11
C MET C 672 19.16 -12.89 -26.61
N TRP C 673 18.23 -12.27 -25.89
CA TRP C 673 18.51 -10.93 -25.38
C TRP C 673 19.46 -10.95 -24.18
N ALA C 674 19.59 -12.09 -23.49
CA ALA C 674 20.65 -12.24 -22.50
C ALA C 674 22.02 -12.23 -23.16
N PHE C 675 22.14 -12.86 -24.33
CA PHE C 675 23.39 -12.78 -25.08
C PHE C 675 23.58 -11.39 -25.70
N MET C 676 22.48 -10.69 -25.99
CA MET C 676 22.59 -9.29 -26.40
C MET C 676 23.15 -8.42 -25.27
N SER C 677 22.73 -8.70 -24.03
CA SER C 677 23.25 -7.97 -22.88
C SER C 677 24.69 -8.36 -22.58
N SER C 678 25.04 -9.64 -22.77
CA SER C 678 26.36 -10.12 -22.38
C SER C 678 27.45 -9.65 -23.33
N ARG C 679 27.18 -9.64 -24.64
CA ARG C 679 28.20 -9.33 -25.64
C ARG C 679 27.85 -8.04 -26.34
N ARG C 680 27.47 -7.03 -25.55
CA ARG C 680 26.81 -5.81 -26.04
C ARG C 680 27.70 -4.98 -26.95
N GLN C 681 29.03 -5.06 -26.78
CA GLN C 681 29.93 -4.28 -27.61
C GLN C 681 30.10 -4.83 -29.02
N SER C 682 29.71 -6.09 -29.25
CA SER C 682 29.84 -6.69 -30.57
C SER C 682 28.52 -7.08 -31.22
N VAL C 683 27.45 -7.30 -30.45
CA VAL C 683 26.18 -7.69 -31.03
C VAL C 683 25.36 -6.50 -31.51
N LEU C 684 25.77 -5.28 -31.17
CA LEU C 684 25.03 -4.08 -31.54
C LEU C 684 25.62 -3.50 -32.81
N VAL C 685 24.81 -3.40 -33.85
CA VAL C 685 25.20 -2.83 -35.13
C VAL C 685 24.37 -1.56 -35.33
N LYS C 686 25.04 -0.47 -35.71
CA LYS C 686 24.39 0.83 -35.78
C LYS C 686 23.40 0.92 -36.93
N SER C 687 23.69 0.23 -38.04
CA SER C 687 22.82 0.31 -39.21
C SER C 687 22.55 -1.08 -39.79
N ASN C 688 21.99 -1.12 -40.99
CA ASN C 688 21.71 -2.39 -41.64
C ASN C 688 22.91 -2.89 -42.45
N GLU C 689 23.46 -2.03 -43.31
CA GLU C 689 24.49 -2.44 -44.27
C GLU C 689 25.81 -2.79 -43.59
N GLU C 690 26.08 -2.19 -42.43
CA GLU C 690 27.22 -2.60 -41.62
C GLU C 690 27.06 -4.04 -41.14
N GLY C 691 25.84 -4.42 -40.76
CA GLY C 691 25.57 -5.81 -40.45
C GLY C 691 25.58 -6.71 -41.67
N ILE C 692 25.25 -6.16 -42.85
CA ILE C 692 25.32 -6.93 -44.09
C ILE C 692 26.77 -7.30 -44.41
N GLN C 693 27.68 -6.32 -44.32
CA GLN C 693 29.09 -6.66 -44.50
C GLN C 693 29.68 -7.42 -43.32
N ARG C 694 29.06 -7.33 -42.13
CA ARG C 694 29.50 -8.16 -41.00
C ARG C 694 29.18 -9.63 -41.25
N VAL C 695 27.98 -9.93 -41.72
CA VAL C 695 27.62 -11.32 -42.00
C VAL C 695 28.26 -11.79 -43.31
N LEU C 696 28.63 -10.87 -44.20
CA LEU C 696 29.35 -11.27 -45.40
C LEU C 696 30.82 -11.57 -45.12
N THR C 697 31.46 -10.80 -44.23
CA THR C 697 32.89 -10.93 -43.98
C THR C 697 33.21 -11.68 -42.70
N SER C 698 32.21 -12.12 -41.95
CA SER C 698 32.44 -12.85 -40.71
C SER C 698 31.26 -13.76 -40.45
N ASP C 699 31.47 -14.74 -39.56
CA ASP C 699 30.44 -15.70 -39.20
C ASP C 699 29.47 -15.03 -38.24
N TYR C 700 28.49 -14.32 -38.82
CA TYR C 700 27.46 -13.64 -38.07
C TYR C 700 26.12 -14.28 -38.39
N ALA C 701 25.09 -13.90 -37.63
CA ALA C 701 23.71 -14.22 -37.94
C ALA C 701 22.88 -12.96 -37.67
N PHE C 702 22.37 -12.35 -38.73
CA PHE C 702 21.92 -10.96 -38.66
C PHE C 702 20.48 -10.86 -39.17
N LEU C 703 19.72 -9.97 -38.55
CA LEU C 703 18.27 -9.95 -38.72
C LEU C 703 17.82 -8.58 -39.22
N MET C 704 16.79 -8.57 -40.07
CA MET C 704 16.12 -7.33 -40.47
C MET C 704 14.62 -7.53 -40.40
N GLU C 705 13.90 -6.54 -40.91
CA GLU C 705 12.54 -6.70 -41.38
C GLU C 705 12.53 -7.58 -42.63
N SER C 706 11.39 -8.22 -42.88
CA SER C 706 11.32 -9.29 -43.89
C SER C 706 11.48 -8.77 -45.32
N THR C 707 11.08 -7.52 -45.58
CA THR C 707 11.28 -6.96 -46.91
C THR C 707 12.76 -6.67 -47.19
N THR C 708 13.53 -6.28 -46.17
CA THR C 708 14.97 -6.12 -46.35
C THR C 708 15.67 -7.46 -46.53
N ILE C 709 15.16 -8.51 -45.87
CA ILE C 709 15.62 -9.89 -46.10
C ILE C 709 15.37 -10.29 -47.55
N GLU C 710 14.17 -9.99 -48.06
CA GLU C 710 13.85 -10.29 -49.45
C GLU C 710 14.67 -9.45 -50.41
N PHE C 711 15.01 -8.22 -50.04
CA PHE C 711 15.86 -7.36 -50.85
C PHE C 711 17.27 -7.92 -50.97
N VAL C 712 17.87 -8.27 -49.82
CA VAL C 712 19.24 -8.78 -49.83
C VAL C 712 19.34 -10.21 -50.33
N THR C 713 18.22 -10.93 -50.45
CA THR C 713 18.28 -12.20 -51.17
C THR C 713 18.04 -12.04 -52.66
N GLN C 714 17.16 -11.12 -53.07
CA GLN C 714 16.87 -10.95 -54.49
C GLN C 714 17.99 -10.24 -55.22
N ARG C 715 18.58 -9.20 -54.61
CA ARG C 715 19.67 -8.49 -55.29
C ARG C 715 21.00 -9.21 -55.15
N ASN C 716 21.18 -9.98 -54.08
CA ASN C 716 22.43 -10.68 -53.81
C ASN C 716 22.13 -12.16 -53.63
N CYS C 717 22.61 -12.99 -54.55
CA CYS C 717 22.38 -14.43 -54.46
C CYS C 717 23.36 -15.14 -53.55
N ASN C 718 24.41 -14.44 -53.10
CA ASN C 718 25.36 -15.06 -52.17
C ASN C 718 24.75 -15.24 -50.78
N LEU C 719 24.11 -14.20 -50.27
CA LEU C 719 23.44 -14.28 -48.98
C LEU C 719 22.14 -15.07 -49.10
N THR C 720 21.79 -15.79 -48.04
CA THR C 720 20.64 -16.67 -48.04
C THR C 720 19.76 -16.42 -46.81
N GLN C 721 18.45 -16.56 -47.01
CA GLN C 721 17.52 -16.47 -45.90
C GLN C 721 17.54 -17.76 -45.09
N ILE C 722 17.63 -17.62 -43.77
CA ILE C 722 17.70 -18.75 -42.85
C ILE C 722 16.43 -18.76 -42.01
N GLY C 723 15.77 -19.91 -41.94
CA GLY C 723 14.61 -20.07 -41.07
C GLY C 723 13.37 -19.36 -41.57
N GLY C 724 12.43 -19.17 -40.65
CA GLY C 724 11.19 -18.49 -40.96
C GLY C 724 10.95 -17.25 -40.12
N LEU C 725 9.68 -16.93 -39.90
CA LEU C 725 9.30 -15.73 -39.16
C LEU C 725 9.52 -15.92 -37.66
N ILE C 726 9.69 -14.78 -36.97
CA ILE C 726 9.87 -14.78 -35.53
C ILE C 726 8.77 -13.94 -34.89
N ASP C 727 8.65 -12.69 -35.30
CA ASP C 727 7.70 -11.75 -34.73
C ASP C 727 6.90 -11.11 -35.85
N SER C 728 5.59 -11.29 -35.83
CA SER C 728 4.69 -10.69 -36.80
C SER C 728 4.30 -9.29 -36.30
N LYS C 729 4.94 -8.27 -36.86
CA LYS C 729 4.66 -6.89 -36.51
C LYS C 729 4.24 -6.12 -37.75
N GLY C 730 3.54 -5.00 -37.52
CA GLY C 730 3.03 -4.20 -38.62
C GLY C 730 3.98 -3.10 -39.04
N TYR C 731 3.59 -2.44 -40.14
CA TYR C 731 4.40 -1.36 -40.71
C TYR C 731 3.45 -0.46 -41.48
N GLY C 732 3.28 0.77 -41.02
CA GLY C 732 2.31 1.67 -41.62
C GLY C 732 2.59 3.14 -41.42
N VAL C 733 1.56 3.97 -41.61
CA VAL C 733 1.70 5.42 -41.56
C VAL C 733 1.53 5.87 -40.10
N GLY C 734 2.52 6.60 -39.60
CA GLY C 734 2.40 7.24 -38.30
C GLY C 734 1.83 8.65 -38.44
N THR C 735 0.89 8.97 -37.56
CA THR C 735 0.20 10.25 -37.53
C THR C 735 0.27 10.84 -36.12
N PRO C 736 0.21 12.17 -35.99
CA PRO C 736 0.05 12.75 -34.66
C PRO C 736 -1.31 12.43 -34.06
N MET C 737 -1.36 12.47 -32.73
CA MET C 737 -2.59 12.21 -31.99
C MET C 737 -3.59 13.33 -32.22
N GLY C 738 -4.83 12.94 -32.49
CA GLY C 738 -5.88 13.91 -32.79
C GLY C 738 -5.94 14.36 -34.23
N SER C 739 -5.04 13.89 -35.08
CA SER C 739 -5.11 14.20 -36.50
C SER C 739 -6.30 13.46 -37.13
N PRO C 740 -7.11 14.07 -38.01
CA PRO C 740 -8.25 13.38 -38.58
C PRO C 740 -7.87 12.60 -39.83
N TYR C 741 -6.60 12.66 -40.24
CA TYR C 741 -6.20 12.04 -41.50
C TYR C 741 -6.11 10.52 -41.42
N ARG C 742 -6.03 9.96 -40.21
CA ARG C 742 -5.71 8.54 -40.01
C ARG C 742 -6.81 7.62 -40.55
N ASP C 743 -8.08 8.01 -40.38
CA ASP C 743 -9.16 7.22 -40.95
C ASP C 743 -9.18 7.34 -42.47
N LYS C 744 -8.88 8.53 -43.00
CA LYS C 744 -8.84 8.72 -44.45
C LYS C 744 -7.61 8.05 -45.07
N ILE C 745 -6.48 8.03 -44.34
CA ILE C 745 -5.31 7.27 -44.78
C ILE C 745 -5.60 5.77 -44.74
N THR C 746 -6.38 5.33 -43.74
CA THR C 746 -6.80 3.93 -43.65
C THR C 746 -7.72 3.56 -44.82
N ILE C 747 -8.63 4.44 -45.20
CA ILE C 747 -9.52 4.20 -46.34
C ILE C 747 -8.72 4.21 -47.65
N ALA C 748 -7.70 5.06 -47.74
CA ALA C 748 -6.83 5.07 -48.92
C ALA C 748 -5.99 3.79 -49.03
N ILE C 749 -5.51 3.29 -47.89
CA ILE C 749 -4.75 2.04 -47.87
C ILE C 749 -5.65 0.85 -48.22
N LEU C 750 -6.90 0.88 -47.74
CA LEU C 750 -7.89 -0.13 -48.10
C LEU C 750 -8.23 -0.08 -49.59
N GLN C 751 -8.32 1.13 -50.15
CA GLN C 751 -8.58 1.27 -51.59
C GLN C 751 -7.40 0.81 -52.43
N LEU C 752 -6.17 1.02 -51.92
CA LEU C 752 -4.98 0.54 -52.61
C LEU C 752 -4.90 -0.98 -52.56
N GLN C 753 -5.35 -1.59 -51.46
CA GLN C 753 -5.42 -3.04 -51.40
C GLN C 753 -6.55 -3.59 -52.27
N GLU C 754 -7.64 -2.81 -52.43
CA GLU C 754 -8.71 -3.20 -53.35
C GLU C 754 -8.25 -3.17 -54.79
N GLU C 755 -7.46 -2.15 -55.17
CA GLU C 755 -6.95 -2.08 -56.53
C GLU C 755 -5.85 -3.12 -56.78
N GLY C 756 -5.12 -3.51 -55.74
CA GLY C 756 -3.98 -4.37 -55.93
C GLY C 756 -2.76 -3.69 -56.49
N LYS C 757 -2.74 -2.36 -56.52
CA LYS C 757 -1.58 -1.61 -57.00
C LYS C 757 -0.40 -1.69 -56.04
N LEU C 758 -0.68 -2.01 -54.76
CA LEU C 758 0.38 -2.29 -53.80
C LEU C 758 1.22 -3.48 -54.24
N HIS C 759 0.58 -4.56 -54.70
CA HIS C 759 1.32 -5.70 -55.21
C HIS C 759 2.00 -5.40 -56.54
N MET C 760 1.45 -4.46 -57.33
CA MET C 760 2.12 -4.02 -58.55
C MET C 760 3.43 -3.31 -58.23
N MET C 761 3.43 -2.43 -57.23
CA MET C 761 4.69 -1.79 -56.85
C MET C 761 5.57 -2.69 -55.98
N LYS C 762 5.01 -3.77 -55.40
CA LYS C 762 5.83 -4.85 -54.87
C LYS C 762 6.62 -5.53 -55.98
N GLU C 763 5.94 -5.86 -57.09
CA GLU C 763 6.61 -6.48 -58.23
C GLU C 763 7.58 -5.52 -58.91
N LYS C 764 7.29 -4.21 -58.84
CA LYS C 764 8.23 -3.22 -59.36
C LYS C 764 9.49 -3.14 -58.49
N TRP C 765 9.33 -3.03 -57.18
CA TRP C 765 10.44 -2.70 -56.30
C TRP C 765 11.06 -3.90 -55.61
N TRP C 766 10.60 -5.12 -55.90
CA TRP C 766 11.24 -6.34 -55.42
C TRP C 766 11.43 -7.29 -56.58
N ARG C 767 12.68 -7.50 -56.98
CA ARG C 767 13.03 -8.44 -58.04
C ARG C 767 14.45 -8.93 -57.89
N VAL C 784 33.02 -38.11 -50.80
CA VAL C 784 33.51 -38.54 -52.10
C VAL C 784 34.82 -37.79 -52.38
N GLN C 785 35.04 -36.70 -51.66
CA GLN C 785 36.29 -35.94 -51.73
C GLN C 785 36.96 -35.79 -50.38
N ASN C 786 36.19 -35.59 -49.31
CA ASN C 786 36.75 -35.62 -47.97
C ASN C 786 37.08 -37.04 -47.52
N ILE C 787 36.46 -38.04 -48.14
CA ILE C 787 36.68 -39.44 -47.80
C ILE C 787 37.70 -40.02 -48.76
N GLY C 788 37.57 -39.66 -50.05
CA GLY C 788 38.29 -40.32 -51.10
C GLY C 788 39.72 -39.88 -51.36
N GLY C 789 40.51 -39.68 -50.31
CA GLY C 789 41.93 -39.48 -50.46
C GLY C 789 42.73 -40.75 -50.41
N ILE C 790 42.06 -41.89 -50.19
CA ILE C 790 42.74 -43.18 -50.08
C ILE C 790 43.19 -43.67 -51.45
N PHE C 791 42.45 -43.31 -52.51
CA PHE C 791 42.79 -43.78 -53.85
C PHE C 791 44.04 -43.13 -54.41
N ILE C 792 44.40 -41.93 -53.92
CA ILE C 792 45.64 -41.28 -54.34
C ILE C 792 46.85 -42.05 -53.83
N VAL C 793 46.86 -42.38 -52.54
CA VAL C 793 47.97 -43.17 -52.01
C VAL C 793 47.86 -44.63 -52.42
N LEU C 794 46.67 -45.10 -52.81
CA LEU C 794 46.56 -46.40 -53.47
C LEU C 794 47.27 -46.40 -54.82
N ALA C 795 47.10 -45.33 -55.59
CA ALA C 795 47.81 -45.19 -56.86
C ALA C 795 49.31 -45.05 -56.64
N ALA C 796 49.71 -44.34 -55.56
CA ALA C 796 51.12 -44.22 -55.21
C ALA C 796 51.72 -45.57 -54.80
N GLY C 797 50.95 -46.38 -54.07
CA GLY C 797 51.40 -47.74 -53.74
C GLY C 797 51.48 -48.64 -54.94
N LEU C 798 50.57 -48.48 -55.91
CA LEU C 798 50.65 -49.22 -57.17
C LEU C 798 51.89 -48.82 -57.98
N VAL C 799 52.22 -47.52 -57.98
CA VAL C 799 53.44 -47.03 -58.63
C VAL C 799 54.68 -47.60 -57.95
N LEU C 800 54.68 -47.65 -56.61
CA LEU C 800 55.80 -48.23 -55.87
C LEU C 800 55.94 -49.73 -56.11
N SER C 801 54.82 -50.46 -56.19
CA SER C 801 54.87 -51.88 -56.46
C SER C 801 55.30 -52.17 -57.90
N VAL C 802 54.98 -51.27 -58.83
CA VAL C 802 55.58 -51.34 -60.17
C VAL C 802 57.08 -51.08 -60.09
N PHE C 803 57.50 -50.13 -59.25
CA PHE C 803 58.90 -49.75 -59.10
C PHE C 803 59.75 -50.85 -58.47
N VAL C 804 59.14 -51.76 -57.72
CA VAL C 804 59.86 -52.94 -57.25
C VAL C 804 60.21 -53.85 -58.43
N ALA C 805 59.29 -53.97 -59.40
CA ALA C 805 59.42 -54.94 -60.49
C ALA C 805 60.48 -54.57 -61.53
N VAL C 806 61.06 -53.38 -61.47
CA VAL C 806 62.11 -52.98 -62.40
C VAL C 806 63.40 -53.73 -62.13
N VAL D 2 -4.09 79.68 4.26
CA VAL D 2 -5.34 79.04 4.65
C VAL D 2 -5.94 78.30 3.47
N LEU D 3 -6.10 76.98 3.61
CA LEU D 3 -6.60 76.14 2.54
C LEU D 3 -7.83 75.38 2.98
N ARG D 4 -8.53 74.82 2.00
CA ARG D 4 -9.71 73.99 2.23
C ARG D 4 -9.55 72.68 1.49
N PHE D 5 -10.09 71.61 2.07
CA PHE D 5 -10.07 70.29 1.47
C PHE D 5 -11.50 69.78 1.30
N GLY D 6 -11.80 69.26 0.13
CA GLY D 6 -13.13 68.74 -0.14
C GLY D 6 -13.28 67.29 0.26
N GLY D 7 -13.85 67.04 1.43
CA GLY D 7 -14.12 65.70 1.89
C GLY D 7 -15.51 65.27 1.48
N ILE D 8 -15.59 64.11 0.84
CA ILE D 8 -16.85 63.53 0.40
C ILE D 8 -16.96 62.14 1.00
N PHE D 9 -17.96 61.94 1.85
CA PHE D 9 -18.11 60.69 2.60
C PHE D 9 -19.57 60.26 2.61
N GLU D 10 -19.78 58.96 2.78
CA GLU D 10 -21.12 58.40 2.76
C GLU D 10 -21.69 58.36 4.17
N TYR D 11 -22.95 58.76 4.30
CA TYR D 11 -23.59 58.89 5.61
C TYR D 11 -24.71 57.88 5.78
N VAL D 12 -24.97 57.54 7.05
CA VAL D 12 -25.69 56.34 7.42
C VAL D 12 -27.04 56.66 8.07
N GLU D 13 -27.26 57.91 8.48
CA GLU D 13 -28.20 58.31 9.55
C GLU D 13 -27.94 57.50 10.81
N SER D 14 -26.66 57.41 11.19
CA SER D 14 -26.23 56.75 12.42
C SER D 14 -25.91 57.80 13.48
N GLY D 15 -25.43 57.33 14.63
CA GLY D 15 -24.95 58.20 15.68
C GLY D 15 -23.66 58.91 15.31
N PRO D 16 -22.57 58.17 15.21
CA PRO D 16 -21.33 58.75 14.69
C PRO D 16 -21.34 58.78 13.16
N MET D 17 -20.28 59.33 12.60
CA MET D 17 -20.11 59.37 11.15
C MET D 17 -19.43 58.08 10.70
N GLY D 18 -19.10 58.01 9.41
CA GLY D 18 -18.23 56.97 8.94
C GLY D 18 -16.81 57.16 9.44
N ALA D 19 -16.05 56.05 9.44
CA ALA D 19 -14.68 56.09 9.96
C ALA D 19 -13.74 56.88 9.06
N GLU D 20 -14.08 56.99 7.77
CA GLU D 20 -13.30 57.81 6.85
C GLU D 20 -13.41 59.29 7.19
N GLU D 21 -14.62 59.75 7.50
CA GLU D 21 -14.84 61.16 7.84
C GLU D 21 -14.19 61.52 9.17
N LEU D 22 -14.31 60.63 10.17
CA LEU D 22 -13.68 60.87 11.46
C LEU D 22 -12.16 60.79 11.37
N ALA D 23 -11.64 59.91 10.49
CA ALA D 23 -10.21 59.88 10.24
C ALA D 23 -9.74 61.13 9.52
N PHE D 24 -10.57 61.70 8.65
CA PHE D 24 -10.25 62.96 7.97
C PHE D 24 -10.16 64.11 8.97
N ARG D 25 -11.14 64.20 9.88
CA ARG D 25 -11.12 65.22 10.92
C ARG D 25 -9.96 65.03 11.90
N PHE D 26 -9.67 63.78 12.23
CA PHE D 26 -8.53 63.45 13.08
C PHE D 26 -7.20 63.81 12.42
N ALA D 27 -7.11 63.59 11.11
CA ALA D 27 -5.91 63.96 10.36
C ALA D 27 -5.71 65.46 10.32
N VAL D 28 -6.80 66.21 10.10
CA VAL D 28 -6.72 67.67 10.06
C VAL D 28 -6.33 68.23 11.43
N ASN D 29 -6.91 67.70 12.50
CA ASN D 29 -6.60 68.17 13.85
C ASN D 29 -5.19 67.80 14.27
N THR D 30 -4.72 66.59 13.94
CA THR D 30 -3.37 66.19 14.32
C THR D 30 -2.31 66.87 13.49
N ILE D 31 -2.62 67.23 12.25
CA ILE D 31 -1.66 67.99 11.44
C ILE D 31 -1.59 69.43 11.92
N ASN D 32 -2.75 70.04 12.21
CA ASN D 32 -2.76 71.42 12.68
C ASN D 32 -2.25 71.57 14.11
N ARG D 33 -2.25 70.50 14.90
CA ARG D 33 -1.62 70.57 16.22
C ARG D 33 -0.11 70.63 16.11
N ASN D 34 0.48 69.83 15.21
CA ASN D 34 1.93 69.80 15.06
C ASN D 34 2.39 71.03 14.29
N ARG D 35 3.28 71.81 14.91
CA ARG D 35 3.89 72.96 14.25
C ARG D 35 5.11 72.58 13.42
N THR D 36 5.54 71.31 13.49
CA THR D 36 6.59 70.83 12.60
C THR D 36 6.13 70.81 11.15
N LEU D 37 4.88 70.43 10.93
CA LEU D 37 4.29 70.35 9.60
C LEU D 37 3.41 71.57 9.36
N LEU D 38 3.70 72.31 8.28
CA LEU D 38 3.04 73.54 7.82
C LEU D 38 2.95 74.60 8.91
N PRO D 39 4.06 75.26 9.26
CA PRO D 39 4.01 76.22 10.38
C PRO D 39 3.40 77.56 10.03
N ASN D 40 3.31 77.92 8.75
CA ASN D 40 2.85 79.24 8.35
C ASN D 40 1.50 79.21 7.63
N THR D 41 0.82 78.06 7.61
CA THR D 41 -0.46 77.95 6.92
C THR D 41 -1.33 76.96 7.67
N THR D 42 -2.53 77.40 8.05
CA THR D 42 -3.49 76.50 8.67
C THR D 42 -4.33 75.81 7.60
N LEU D 43 -4.98 74.72 8.00
CA LEU D 43 -5.77 73.91 7.09
C LEU D 43 -7.21 73.80 7.57
N THR D 44 -8.15 74.05 6.67
CA THR D 44 -9.57 73.86 6.93
C THR D 44 -10.10 72.81 5.94
N TYR D 45 -11.39 72.54 6.04
CA TYR D 45 -12.01 71.50 5.22
C TYR D 45 -13.50 71.77 5.10
N ASP D 46 -14.13 71.03 4.20
CA ASP D 46 -15.58 71.05 4.05
C ASP D 46 -16.04 69.63 3.77
N THR D 47 -16.67 69.00 4.76
CA THR D 47 -17.20 67.67 4.56
C THR D 47 -18.54 67.72 3.83
N GLN D 48 -18.81 66.68 3.05
CA GLN D 48 -20.09 66.51 2.39
C GLN D 48 -20.58 65.08 2.61
N LYS D 49 -21.85 64.95 2.95
CA LYS D 49 -22.45 63.65 3.22
C LYS D 49 -23.17 63.19 1.96
N ILE D 50 -22.76 62.04 1.42
CA ILE D 50 -23.18 61.63 0.10
C ILE D 50 -24.00 60.35 0.24
N ASN D 51 -24.88 60.11 -0.73
CA ASN D 51 -25.80 58.98 -0.67
C ASN D 51 -25.15 57.72 -1.22
N LEU D 52 -25.95 56.66 -1.26
CA LEU D 52 -25.49 55.34 -1.69
C LEU D 52 -25.66 55.23 -3.20
N TYR D 53 -24.52 55.30 -3.92
CA TYR D 53 -24.40 55.08 -5.36
C TYR D 53 -25.26 56.05 -6.18
N ASP D 54 -24.96 57.34 -6.02
CA ASP D 54 -25.58 58.40 -6.82
C ASP D 54 -24.44 59.32 -7.28
N SER D 55 -23.87 59.01 -8.44
CA SER D 55 -22.73 59.78 -8.94
C SER D 55 -23.11 61.17 -9.42
N PHE D 56 -24.38 61.38 -9.79
CA PHE D 56 -24.86 62.73 -10.09
C PHE D 56 -24.83 63.59 -8.84
N GLU D 57 -25.25 63.03 -7.70
CA GLU D 57 -25.22 63.77 -6.44
C GLU D 57 -23.78 64.03 -6.01
N ALA D 58 -22.89 63.08 -6.30
CA ALA D 58 -21.46 63.29 -6.10
C ALA D 58 -20.91 64.37 -7.02
N SER D 59 -21.40 64.40 -8.27
CA SER D 59 -21.01 65.45 -9.21
C SER D 59 -21.49 66.82 -8.76
N LYS D 60 -22.70 66.89 -8.21
CA LYS D 60 -23.25 68.15 -7.74
C LYS D 60 -22.53 68.65 -6.49
N LYS D 61 -22.20 67.74 -5.57
CA LYS D 61 -21.48 68.17 -4.38
C LYS D 61 -20.03 68.49 -4.68
N ALA D 62 -19.43 67.83 -5.68
CA ALA D 62 -18.10 68.21 -6.13
C ALA D 62 -18.12 69.56 -6.84
N CYS D 63 -19.20 69.85 -7.58
CA CYS D 63 -19.39 71.15 -8.19
C CYS D 63 -19.58 72.24 -7.15
N ASP D 64 -20.28 71.93 -6.05
CA ASP D 64 -20.43 72.89 -4.96
C ASP D 64 -19.12 73.12 -4.23
N GLN D 65 -18.32 72.07 -4.06
CA GLN D 65 -17.01 72.22 -3.42
C GLN D 65 -16.04 73.00 -4.31
N LEU D 66 -16.13 72.82 -5.63
CA LEU D 66 -15.30 73.60 -6.53
C LEU D 66 -15.81 75.03 -6.69
N SER D 67 -17.12 75.25 -6.52
CA SER D 67 -17.65 76.60 -6.45
C SER D 67 -17.16 77.31 -5.20
N LEU D 68 -17.09 76.59 -4.09
CA LEU D 68 -16.34 77.07 -2.93
C LEU D 68 -14.86 77.16 -3.25
N GLY D 69 -14.34 76.17 -3.97
CA GLY D 69 -12.92 76.13 -4.28
C GLY D 69 -12.16 75.40 -3.19
N VAL D 70 -11.46 74.32 -3.56
CA VAL D 70 -10.68 73.55 -2.62
C VAL D 70 -9.24 73.44 -3.14
N ALA D 71 -8.33 73.15 -2.21
CA ALA D 71 -6.96 72.84 -2.61
C ALA D 71 -6.89 71.45 -3.24
N ALA D 72 -7.55 70.48 -2.63
CA ALA D 72 -7.64 69.13 -3.18
C ALA D 72 -8.93 68.51 -2.67
N ILE D 73 -9.37 67.46 -3.37
CA ILE D 73 -10.60 66.77 -3.02
C ILE D 73 -10.21 65.38 -2.53
N PHE D 74 -11.13 64.75 -1.79
CA PHE D 74 -10.95 63.38 -1.31
C PHE D 74 -12.19 62.59 -1.71
N GLY D 75 -12.03 61.67 -2.66
CA GLY D 75 -13.16 61.03 -3.29
C GLY D 75 -13.78 59.96 -2.43
N PRO D 76 -14.94 59.47 -2.87
CA PRO D 76 -15.67 58.45 -2.10
C PRO D 76 -15.16 57.03 -2.35
N SER D 77 -15.86 56.05 -1.78
CA SER D 77 -15.44 54.66 -1.88
C SER D 77 -16.10 53.88 -3.00
N HIS D 78 -17.24 54.36 -3.52
CA HIS D 78 -17.92 53.68 -4.62
C HIS D 78 -17.14 53.86 -5.91
N SER D 79 -17.37 52.94 -6.85
CA SER D 79 -16.65 53.00 -8.12
C SER D 79 -17.17 54.10 -9.04
N SER D 80 -18.50 54.22 -9.15
CA SER D 80 -19.09 55.13 -10.14
C SER D 80 -18.91 56.58 -9.75
N SER D 81 -19.11 56.91 -8.47
CA SER D 81 -18.95 58.28 -8.01
C SER D 81 -17.48 58.70 -8.04
N ALA D 82 -16.56 57.77 -7.75
CA ALA D 82 -15.15 58.09 -7.87
C ALA D 82 -14.74 58.27 -9.32
N ASN D 83 -15.36 57.54 -10.25
CA ASN D 83 -15.11 57.77 -11.66
C ASN D 83 -15.61 59.14 -12.11
N ALA D 84 -16.77 59.55 -11.60
CA ALA D 84 -17.31 60.87 -11.94
C ALA D 84 -16.44 62.00 -11.35
N VAL D 85 -15.99 61.83 -10.10
CA VAL D 85 -15.11 62.82 -9.46
C VAL D 85 -13.75 62.85 -10.16
N GLN D 86 -13.25 61.70 -10.61
CA GLN D 86 -12.00 61.65 -11.36
C GLN D 86 -12.12 62.36 -12.70
N SER D 87 -13.24 62.18 -13.40
CA SER D 87 -13.48 62.88 -14.66
C SER D 87 -13.59 64.38 -14.46
N ILE D 88 -14.29 64.81 -13.40
CA ILE D 88 -14.46 66.24 -13.12
C ILE D 88 -13.14 66.89 -12.73
N CYS D 89 -12.36 66.21 -11.88
CA CYS D 89 -11.09 66.77 -11.44
C CYS D 89 -10.02 66.71 -12.52
N ASN D 90 -10.11 65.73 -13.42
CA ASN D 90 -9.21 65.73 -14.57
C ASN D 90 -9.57 66.83 -15.55
N ALA D 91 -10.86 67.16 -15.67
CA ALA D 91 -11.26 68.27 -16.53
C ALA D 91 -10.85 69.62 -15.95
N LEU D 92 -11.04 69.81 -14.65
CA LEU D 92 -10.77 71.10 -14.03
C LEU D 92 -9.39 71.21 -13.41
N GLY D 93 -8.58 70.15 -13.48
CA GLY D 93 -7.18 70.25 -13.11
C GLY D 93 -6.87 70.21 -11.63
N VAL D 94 -7.87 70.11 -10.77
CA VAL D 94 -7.63 69.98 -9.33
C VAL D 94 -7.25 68.53 -9.04
N PRO D 95 -6.40 68.27 -8.06
CA PRO D 95 -6.04 66.88 -7.74
C PRO D 95 -7.18 66.12 -7.08
N HIS D 96 -7.23 64.82 -7.36
CA HIS D 96 -8.21 63.92 -6.77
C HIS D 96 -7.46 62.79 -6.09
N ILE D 97 -7.79 62.54 -4.83
CA ILE D 97 -7.14 61.52 -4.03
C ILE D 97 -8.15 60.41 -3.75
N GLN D 98 -7.78 59.19 -4.10
CA GLN D 98 -8.64 58.03 -3.90
C GLN D 98 -8.10 57.18 -2.78
N THR D 99 -9.00 56.63 -1.98
CA THR D 99 -8.63 55.76 -0.86
C THR D 99 -9.03 54.32 -1.10
N ARG D 100 -10.30 54.07 -1.42
CA ARG D 100 -10.73 52.74 -1.82
C ARG D 100 -10.18 52.42 -3.20
N TRP D 101 -9.82 51.15 -3.42
CA TRP D 101 -9.51 50.68 -4.75
C TRP D 101 -10.74 50.75 -5.63
N LYS D 102 -10.54 51.09 -6.90
CA LYS D 102 -11.60 51.03 -7.89
C LYS D 102 -11.06 50.34 -9.14
N HIS D 103 -11.98 49.85 -9.95
CA HIS D 103 -11.60 49.36 -11.27
C HIS D 103 -11.25 50.53 -12.17
N GLN D 104 -10.15 50.39 -12.90
CA GLN D 104 -9.72 51.41 -13.84
C GLN D 104 -9.82 50.88 -15.26
N VAL D 105 -10.11 51.78 -16.19
CA VAL D 105 -10.20 51.45 -17.61
C VAL D 105 -8.90 51.88 -18.25
N SER D 106 -8.29 50.98 -19.04
CA SER D 106 -7.00 51.25 -19.67
C SER D 106 -7.08 52.32 -20.75
N ASP D 107 -8.25 52.55 -21.32
CA ASP D 107 -8.42 53.55 -22.37
C ASP D 107 -8.85 54.90 -21.82
N ASN D 108 -8.70 55.13 -20.52
CA ASN D 108 -9.07 56.40 -19.89
C ASN D 108 -7.82 57.23 -19.71
N LYS D 109 -7.69 58.28 -20.52
CA LYS D 109 -6.52 59.16 -20.50
C LYS D 109 -6.72 60.23 -19.44
N ASP D 110 -6.53 59.84 -18.19
CA ASP D 110 -6.61 60.75 -17.05
C ASP D 110 -5.29 60.75 -16.31
N SER D 111 -4.96 61.90 -15.72
CA SER D 111 -3.72 62.05 -14.97
C SER D 111 -3.88 62.74 -13.63
N PHE D 112 -5.03 63.36 -13.35
CA PHE D 112 -5.23 64.07 -12.09
C PHE D 112 -5.87 63.19 -11.04
N TYR D 113 -5.30 62.02 -10.79
CA TYR D 113 -5.82 61.12 -9.77
C TYR D 113 -4.68 60.31 -9.19
N VAL D 114 -4.68 60.17 -7.86
CA VAL D 114 -3.71 59.36 -7.14
C VAL D 114 -4.48 58.50 -6.15
N SER D 115 -4.30 57.18 -6.23
CA SER D 115 -4.91 56.25 -5.31
C SER D 115 -3.83 55.62 -4.44
N LEU D 116 -4.00 55.72 -3.13
CA LEU D 116 -3.02 55.18 -2.19
C LEU D 116 -3.30 53.75 -1.77
N TYR D 117 -4.37 53.14 -2.29
CA TYR D 117 -4.61 51.73 -2.02
C TYR D 117 -3.55 50.90 -2.73
N PRO D 118 -3.07 49.82 -2.11
CA PRO D 118 -2.11 48.95 -2.79
C PRO D 118 -2.73 48.24 -3.97
N ASP D 119 -1.98 48.17 -5.06
CA ASP D 119 -2.52 47.64 -6.31
C ASP D 119 -2.69 46.14 -6.23
N PHE D 120 -3.81 45.64 -6.76
CA PHE D 120 -4.15 44.24 -6.62
C PHE D 120 -3.33 43.34 -7.54
N SER D 121 -2.62 43.90 -8.52
CA SER D 121 -1.63 43.13 -9.25
C SER D 121 -0.45 42.75 -8.35
N SER D 122 0.04 43.72 -7.56
CA SER D 122 1.13 43.43 -6.63
C SER D 122 0.65 42.54 -5.48
N LEU D 123 -0.59 42.75 -5.03
CA LEU D 123 -1.18 41.89 -4.01
C LEU D 123 -1.36 40.47 -4.52
N SER D 124 -1.76 40.31 -5.78
CA SER D 124 -1.91 38.99 -6.37
C SER D 124 -0.55 38.33 -6.60
N ARG D 125 0.48 39.13 -6.89
CA ARG D 125 1.83 38.57 -6.98
C ARG D 125 2.34 38.11 -5.61
N ALA D 126 1.98 38.85 -4.55
CA ALA D 126 2.31 38.43 -3.19
C ALA D 126 1.57 37.15 -2.81
N ILE D 127 0.31 37.03 -3.23
CA ILE D 127 -0.48 35.82 -3.00
C ILE D 127 0.11 34.65 -3.79
N LEU D 128 0.60 34.91 -5.00
CA LEU D 128 1.26 33.87 -5.80
C LEU D 128 2.56 33.41 -5.16
N ASP D 129 3.33 34.33 -4.58
CA ASP D 129 4.54 33.97 -3.84
C ASP D 129 4.20 33.15 -2.60
N LEU D 130 3.13 33.51 -1.90
CA LEU D 130 2.72 32.77 -0.70
C LEU D 130 2.23 31.37 -1.04
N VAL D 131 1.46 31.22 -2.12
CA VAL D 131 0.95 29.90 -2.48
C VAL D 131 2.05 29.05 -3.10
N GLN D 132 3.08 29.67 -3.70
CA GLN D 132 4.22 28.89 -4.15
C GLN D 132 5.11 28.46 -2.99
N PHE D 133 5.16 29.26 -1.91
CA PHE D 133 5.84 28.79 -0.71
C PHE D 133 5.07 27.65 -0.07
N PHE D 134 3.74 27.74 -0.02
CA PHE D 134 2.96 26.72 0.64
C PHE D 134 2.75 25.47 -0.21
N LYS D 135 3.16 25.53 -1.49
CA LYS D 135 3.28 24.37 -2.40
C LYS D 135 1.94 23.67 -2.64
N TRP D 136 0.87 24.43 -2.77
CA TRP D 136 -0.39 23.78 -3.08
C TRP D 136 -0.48 23.48 -4.57
N LYS D 137 -1.40 22.59 -4.91
CA LYS D 137 -1.67 22.22 -6.30
C LYS D 137 -3.11 22.48 -6.70
N THR D 138 -4.04 22.32 -5.78
CA THR D 138 -5.46 22.58 -6.02
C THR D 138 -5.93 23.62 -5.02
N VAL D 139 -6.12 24.85 -5.47
CA VAL D 139 -6.52 25.96 -4.63
C VAL D 139 -7.91 26.41 -5.08
N THR D 140 -8.82 26.52 -4.12
CA THR D 140 -10.15 27.06 -4.40
C THR D 140 -10.15 28.54 -4.06
N VAL D 141 -10.44 29.38 -5.05
CA VAL D 141 -10.50 30.81 -4.87
C VAL D 141 -11.96 31.19 -4.73
N VAL D 142 -12.32 31.79 -3.60
CA VAL D 142 -13.70 32.17 -3.31
C VAL D 142 -13.74 33.70 -3.25
N TYR D 143 -14.53 34.30 -4.13
CA TYR D 143 -14.64 35.74 -4.23
C TYR D 143 -16.03 36.19 -3.80
N ASP D 144 -16.16 37.49 -3.54
CA ASP D 144 -17.38 38.04 -2.98
C ASP D 144 -18.36 38.48 -4.07
N ASP D 145 -17.94 39.42 -4.91
CA ASP D 145 -18.79 39.97 -5.96
C ASP D 145 -18.03 39.93 -7.27
N SER D 146 -18.74 40.24 -8.37
CA SER D 146 -18.21 40.10 -9.72
C SER D 146 -17.05 41.03 -10.03
N THR D 147 -16.86 42.09 -9.25
CA THR D 147 -15.66 42.91 -9.32
C THR D 147 -14.45 42.24 -8.68
N GLY D 148 -14.63 41.12 -7.99
CA GLY D 148 -13.52 40.45 -7.34
C GLY D 148 -12.58 39.71 -8.26
N LEU D 149 -13.00 39.43 -9.50
CA LEU D 149 -12.14 38.68 -10.41
C LEU D 149 -10.98 39.52 -10.91
N ILE D 150 -11.22 40.80 -11.20
CA ILE D 150 -10.15 41.65 -11.70
C ILE D 150 -9.18 42.07 -10.60
N ARG D 151 -9.58 41.94 -9.33
CA ARG D 151 -8.63 42.08 -8.24
C ARG D 151 -7.74 40.86 -8.11
N LEU D 152 -8.15 39.72 -8.66
CA LEU D 152 -7.39 38.49 -8.61
C LEU D 152 -6.99 38.00 -10.00
N GLN D 153 -7.00 38.89 -10.99
CA GLN D 153 -6.79 38.47 -12.37
C GLN D 153 -5.35 38.05 -12.66
N GLU D 154 -4.40 38.51 -11.87
CA GLU D 154 -3.04 37.98 -11.99
C GLU D 154 -2.91 36.59 -11.41
N LEU D 155 -3.77 36.24 -10.44
CA LEU D 155 -3.77 34.89 -9.88
C LEU D 155 -4.42 33.88 -10.81
N ILE D 156 -5.44 34.28 -11.57
CA ILE D 156 -6.11 33.32 -12.43
C ILE D 156 -5.28 33.08 -13.69
N LYS D 157 -4.44 34.06 -14.08
CA LYS D 157 -3.49 33.86 -15.16
C LYS D 157 -2.25 33.08 -14.71
N ALA D 158 -2.05 32.93 -13.42
CA ALA D 158 -0.88 32.21 -12.91
C ALA D 158 -0.81 30.70 -13.20
N PRO D 159 -1.90 29.92 -13.34
CA PRO D 159 -1.72 28.54 -13.82
C PRO D 159 -1.30 28.38 -15.28
N SER D 160 -1.18 29.47 -16.06
CA SER D 160 -0.54 29.36 -17.36
C SER D 160 0.94 29.02 -17.22
N ARG D 161 1.61 29.60 -16.21
CA ARG D 161 3.04 29.45 -16.04
C ARG D 161 3.43 28.33 -15.09
N TYR D 162 2.54 27.93 -14.19
CA TYR D 162 2.86 26.91 -13.18
C TYR D 162 1.75 25.89 -13.12
N ASN D 163 2.04 24.76 -12.49
CA ASN D 163 1.05 23.70 -12.30
C ASN D 163 0.20 24.06 -11.10
N LEU D 164 -1.06 24.42 -11.35
CA LEU D 164 -1.97 24.86 -10.30
C LEU D 164 -3.39 24.73 -10.81
N ARG D 165 -4.29 24.25 -9.95
CA ARG D 165 -5.70 24.12 -10.27
C ARG D 165 -6.48 25.16 -9.49
N LEU D 166 -7.38 25.87 -10.18
CA LEU D 166 -8.16 26.95 -9.59
C LEU D 166 -9.64 26.71 -9.85
N LYS D 167 -10.29 25.96 -8.97
CA LYS D 167 -11.74 25.86 -8.98
C LYS D 167 -12.30 27.10 -8.28
N ILE D 168 -12.90 28.00 -9.04
CA ILE D 168 -13.28 29.31 -8.54
C ILE D 168 -14.78 29.31 -8.28
N ARG D 169 -15.16 29.65 -7.05
CA ARG D 169 -16.56 29.65 -6.63
C ARG D 169 -16.94 31.05 -6.15
N GLN D 170 -18.22 31.35 -6.26
CA GLN D 170 -18.76 32.68 -5.94
C GLN D 170 -19.55 32.62 -4.64
N LEU D 171 -19.31 33.58 -3.77
CA LEU D 171 -20.14 33.73 -2.58
C LEU D 171 -21.54 34.19 -2.99
N PRO D 172 -22.59 33.75 -2.28
CA PRO D 172 -23.94 34.20 -2.63
C PRO D 172 -24.25 35.61 -2.16
N ALA D 173 -25.52 36.02 -2.31
CA ALA D 173 -25.92 37.39 -2.00
C ALA D 173 -25.88 37.71 -0.51
N ASP D 174 -25.94 36.69 0.35
CA ASP D 174 -25.77 36.88 1.79
C ASP D 174 -24.72 35.91 2.30
N THR D 175 -24.03 36.32 3.36
CA THR D 175 -22.99 35.48 3.95
C THR D 175 -23.61 34.33 4.74
N LYS D 176 -24.80 34.53 5.30
CA LYS D 176 -25.46 33.48 6.07
C LYS D 176 -25.99 32.34 5.20
N ASP D 177 -26.13 32.56 3.89
CA ASP D 177 -26.57 31.53 2.96
C ASP D 177 -25.40 30.85 2.26
N ALA D 178 -24.22 30.87 2.87
CA ALA D 178 -23.05 30.20 2.32
C ALA D 178 -22.92 28.77 2.82
N LYS D 179 -23.89 28.29 3.59
CA LYS D 179 -23.94 26.88 3.98
C LYS D 179 -23.99 25.87 2.83
N PRO D 180 -24.78 26.04 1.74
CA PRO D 180 -24.64 25.10 0.62
C PRO D 180 -23.30 25.20 -0.11
N LEU D 181 -22.72 26.40 -0.15
CA LEU D 181 -21.37 26.56 -0.69
C LEU D 181 -20.35 25.81 0.16
N LEU D 182 -20.51 25.82 1.47
CA LEU D 182 -19.59 25.10 2.33
C LEU D 182 -19.82 23.59 2.28
N LYS D 183 -21.06 23.15 2.06
CA LYS D 183 -21.31 21.73 1.83
C LYS D 183 -20.70 21.25 0.52
N GLU D 184 -20.77 22.08 -0.54
CA GLU D 184 -20.11 21.76 -1.79
C GLU D 184 -18.59 21.80 -1.65
N MET D 185 -18.09 22.68 -0.77
CA MET D 185 -16.65 22.73 -0.47
C MET D 185 -16.20 21.49 0.27
N LYS D 186 -16.99 21.02 1.23
CA LYS D 186 -16.63 19.84 2.01
C LYS D 186 -16.76 18.57 1.18
N ARG D 187 -17.76 18.52 0.29
CA ARG D 187 -17.95 17.34 -0.56
C ARG D 187 -16.85 17.20 -1.60
N GLY D 188 -16.30 18.32 -2.07
CA GLY D 188 -15.24 18.29 -3.05
C GLY D 188 -13.85 18.10 -2.50
N LYS D 189 -13.73 17.91 -1.18
CA LYS D 189 -12.47 17.73 -0.46
C LYS D 189 -11.51 18.91 -0.67
N GLU D 190 -12.06 20.12 -0.65
CA GLU D 190 -11.23 21.31 -0.77
C GLU D 190 -10.57 21.60 0.57
N PHE D 191 -9.30 22.00 0.53
CA PHE D 191 -8.56 22.21 1.77
C PHE D 191 -7.77 23.50 1.81
N HIS D 192 -7.59 24.20 0.69
CA HIS D 192 -6.81 25.43 0.65
C HIS D 192 -7.66 26.49 -0.03
N VAL D 193 -8.18 27.43 0.77
CA VAL D 193 -9.18 28.37 0.31
C VAL D 193 -8.60 29.78 0.38
N ILE D 194 -8.65 30.49 -0.74
CA ILE D 194 -8.27 31.89 -0.79
C ILE D 194 -9.54 32.72 -0.77
N PHE D 195 -9.67 33.58 0.23
CA PHE D 195 -10.85 34.40 0.43
C PHE D 195 -10.57 35.83 0.01
N ASP D 196 -11.44 36.40 -0.81
CA ASP D 196 -11.34 37.80 -1.21
C ASP D 196 -12.71 38.45 -0.98
N CYS D 197 -12.83 39.17 0.13
CA CYS D 197 -14.07 39.84 0.51
C CYS D 197 -13.72 40.93 1.51
N SER D 198 -14.74 41.54 2.10
CA SER D 198 -14.54 42.44 3.21
C SER D 198 -14.25 41.63 4.48
N HIS D 199 -13.79 42.34 5.52
CA HIS D 199 -13.52 41.69 6.80
C HIS D 199 -14.82 41.29 7.50
N GLU D 200 -15.91 42.01 7.24
CA GLU D 200 -17.22 41.62 7.75
C GLU D 200 -17.67 40.29 7.15
N MET D 201 -17.47 40.13 5.83
CA MET D 201 -17.77 38.86 5.19
C MET D 201 -16.79 37.78 5.62
N ALA D 202 -15.57 38.16 5.99
CA ALA D 202 -14.60 37.20 6.53
C ALA D 202 -15.05 36.67 7.89
N ALA D 203 -15.54 37.56 8.75
CA ALA D 203 -16.06 37.11 10.05
C ALA D 203 -17.33 36.28 9.88
N GLY D 204 -18.18 36.65 8.92
CA GLY D 204 -19.37 35.88 8.64
C GLY D 204 -19.07 34.49 8.09
N ILE D 205 -18.10 34.38 7.18
CA ILE D 205 -17.74 33.08 6.64
C ILE D 205 -16.95 32.27 7.67
N LEU D 206 -16.28 32.92 8.63
CA LEU D 206 -15.64 32.16 9.70
C LEU D 206 -16.67 31.58 10.67
N LYS D 207 -17.71 32.35 10.98
CA LYS D 207 -18.81 31.83 11.79
C LYS D 207 -19.57 30.73 11.07
N GLN D 208 -19.76 30.87 9.76
CA GLN D 208 -20.44 29.85 8.97
C GLN D 208 -19.61 28.57 8.86
N ALA D 209 -18.29 28.71 8.79
CA ALA D 209 -17.42 27.55 8.76
C ALA D 209 -17.30 26.90 10.13
N LEU D 210 -17.40 27.69 11.21
CA LEU D 210 -17.41 27.10 12.54
C LEU D 210 -18.72 26.36 12.81
N ALA D 211 -19.81 26.82 12.21
CA ALA D 211 -21.03 26.02 12.21
C ALA D 211 -20.86 24.79 11.34
N MET D 212 -20.04 24.88 10.30
CA MET D 212 -19.84 23.75 9.40
C MET D 212 -18.73 22.81 9.83
N GLY D 213 -17.95 23.16 10.85
CA GLY D 213 -16.84 22.34 11.28
C GLY D 213 -15.69 22.30 10.29
N MET D 214 -15.45 23.39 9.58
CA MET D 214 -14.36 23.43 8.62
C MET D 214 -13.00 23.59 9.28
N MET D 215 -12.94 24.31 10.40
CA MET D 215 -11.67 24.56 11.06
C MET D 215 -11.10 23.37 11.80
N THR D 216 -10.37 22.53 11.06
CA THR D 216 -9.57 21.42 11.55
C THR D 216 -8.11 21.69 11.22
N GLU D 217 -7.25 20.70 11.44
CA GLU D 217 -5.86 20.81 11.06
C GLU D 217 -5.63 20.65 9.55
N TYR D 218 -6.62 20.19 8.80
CA TYR D 218 -6.45 19.92 7.38
C TYR D 218 -6.72 21.11 6.49
N TYR D 219 -7.03 22.28 7.06
CA TYR D 219 -7.55 23.39 6.30
C TYR D 219 -6.62 24.60 6.41
N HIS D 220 -6.33 25.20 5.26
CA HIS D 220 -5.51 26.41 5.20
C HIS D 220 -6.32 27.53 4.56
N TYR D 221 -6.36 28.68 5.22
CA TYR D 221 -7.12 29.83 4.75
C TYR D 221 -6.21 31.01 4.52
N ILE D 222 -6.25 31.56 3.31
CA ILE D 222 -5.50 32.76 2.95
C ILE D 222 -6.50 33.86 2.65
N PHE D 223 -6.27 35.05 3.19
CA PHE D 223 -7.19 36.17 3.05
C PHE D 223 -6.49 37.30 2.31
N THR D 224 -7.12 37.78 1.24
CA THR D 224 -6.58 38.93 0.53
C THR D 224 -6.88 40.24 1.22
N THR D 225 -7.85 40.27 2.14
CA THR D 225 -8.19 41.50 2.82
C THR D 225 -7.11 41.87 3.84
N LEU D 226 -6.93 43.17 4.03
CA LEU D 226 -5.88 43.68 4.88
C LEU D 226 -6.35 44.04 6.27
N ASP D 227 -7.63 43.78 6.58
CA ASP D 227 -8.17 43.98 7.92
C ASP D 227 -8.25 42.67 8.70
N LEU D 228 -7.29 41.76 8.48
CA LEU D 228 -7.26 40.50 9.21
C LEU D 228 -6.93 40.73 10.69
N PHE D 229 -6.11 41.74 10.99
CA PHE D 229 -5.71 42.01 12.36
C PHE D 229 -6.85 42.55 13.21
N ALA D 230 -7.88 43.12 12.59
CA ALA D 230 -9.05 43.60 13.31
C ALA D 230 -10.08 42.50 13.58
N LEU D 231 -9.85 41.29 13.07
CA LEU D 231 -10.75 40.18 13.35
C LEU D 231 -10.57 39.67 14.77
N ASP D 232 -11.50 38.84 15.20
CA ASP D 232 -11.45 38.17 16.50
C ASP D 232 -11.07 36.72 16.26
N VAL D 233 -9.86 36.35 16.67
CA VAL D 233 -9.35 35.00 16.46
C VAL D 233 -9.32 34.22 17.78
N GLU D 234 -10.04 34.70 18.81
CA GLU D 234 -10.09 33.98 20.08
C GLU D 234 -10.77 32.61 20.00
N PRO D 235 -11.98 32.42 19.37
CA PRO D 235 -12.53 31.06 19.35
C PRO D 235 -12.02 30.20 18.20
N TYR D 236 -10.95 30.62 17.54
CA TYR D 236 -10.36 29.84 16.46
C TYR D 236 -8.93 29.40 16.71
N ARG D 237 -8.23 30.01 17.68
CA ARG D 237 -6.80 29.78 17.83
C ARG D 237 -6.48 28.42 18.45
N TYR D 238 -7.34 27.91 19.33
CA TYR D 238 -7.09 26.62 19.94
C TYR D 238 -7.49 25.45 19.04
N SER D 239 -8.16 25.71 17.93
CA SER D 239 -8.56 24.66 17.01
C SER D 239 -7.41 24.12 16.17
N GLY D 240 -6.28 24.82 16.12
CA GLY D 240 -5.14 24.38 15.35
C GLY D 240 -5.34 24.47 13.85
N VAL D 241 -5.45 25.70 13.34
CA VAL D 241 -5.72 25.93 11.92
C VAL D 241 -4.60 26.76 11.31
N ASN D 242 -4.80 27.09 10.04
CA ASN D 242 -3.72 27.65 9.18
C ASN D 242 -4.21 28.95 8.55
N MET D 243 -4.71 29.88 9.36
CA MET D 243 -5.11 31.16 8.83
C MET D 243 -3.89 32.05 8.60
N THR D 244 -3.81 32.66 7.43
CA THR D 244 -2.67 33.45 7.02
C THR D 244 -3.16 34.66 6.23
N GLY D 245 -2.65 35.85 6.56
CA GLY D 245 -3.07 37.04 5.86
C GLY D 245 -1.99 38.09 5.72
N PHE D 246 -2.39 39.31 5.33
CA PHE D 246 -1.45 40.39 5.10
C PHE D 246 -1.89 41.63 5.87
N ARG D 247 -0.93 42.31 6.48
CA ARG D 247 -1.19 43.51 7.28
C ARG D 247 -0.37 44.66 6.70
N ILE D 248 -1.06 45.60 6.03
CA ILE D 248 -0.37 46.77 5.48
C ILE D 248 -0.01 47.74 6.60
N LEU D 249 -0.77 47.72 7.69
CA LEU D 249 -0.58 48.67 8.78
C LEU D 249 0.66 48.32 9.59
N ASN D 250 1.58 49.27 9.73
CA ASN D 250 2.88 49.04 10.36
C ASN D 250 2.73 49.26 11.87
N THR D 251 2.14 48.27 12.53
CA THR D 251 1.87 48.35 13.96
C THR D 251 3.10 48.08 14.83
N GLU D 252 4.24 47.72 14.23
CA GLU D 252 5.45 47.46 15.00
C GLU D 252 6.03 48.74 15.60
N ASN D 253 5.87 49.87 14.93
CA ASN D 253 6.46 51.12 15.39
C ASN D 253 5.67 51.66 16.59
N THR D 254 6.40 52.25 17.53
CA THR D 254 5.79 52.72 18.78
C THR D 254 4.96 53.97 18.57
N GLN D 255 5.45 54.89 17.73
CA GLN D 255 4.71 56.13 17.45
C GLN D 255 3.44 55.85 16.66
N VAL D 256 3.50 54.89 15.73
CA VAL D 256 2.32 54.48 14.98
C VAL D 256 1.27 53.84 15.89
N SER D 257 1.73 53.02 16.85
CA SER D 257 0.82 52.43 17.83
C SER D 257 0.24 53.48 18.77
N SER D 258 1.02 54.52 19.10
CA SER D 258 0.51 55.62 19.91
C SER D 258 -0.55 56.43 19.17
N ILE D 259 -0.34 56.66 17.87
CA ILE D 259 -1.33 57.35 17.05
C ILE D 259 -2.59 56.50 16.90
N ILE D 260 -2.42 55.18 16.78
CA ILE D 260 -3.54 54.24 16.70
C ILE D 260 -4.35 54.25 17.99
N GLU D 261 -3.68 54.27 19.14
CA GLU D 261 -4.35 54.35 20.43
C GLU D 261 -5.05 55.71 20.62
N LYS D 262 -4.40 56.79 20.16
CA LYS D 262 -4.98 58.12 20.26
C LYS D 262 -6.21 58.28 19.39
N TRP D 263 -6.24 57.62 18.23
CA TRP D 263 -7.47 57.62 17.44
C TRP D 263 -8.51 56.68 18.02
N SER D 264 -8.07 55.57 18.63
CA SER D 264 -9.00 54.57 19.13
C SER D 264 -9.73 55.03 20.37
N MET D 265 -9.10 55.87 21.20
CA MET D 265 -9.82 56.40 22.36
C MET D 265 -10.89 57.42 21.94
N GLU D 266 -10.69 58.08 20.80
CA GLU D 266 -11.74 58.91 20.23
C GLU D 266 -12.83 58.08 19.55
N ARG D 267 -12.52 56.84 19.15
CA ARG D 267 -13.52 55.96 18.58
C ARG D 267 -14.45 55.37 19.65
N LEU D 268 -14.07 55.47 20.93
CA LEU D 268 -14.82 54.86 22.03
C LEU D 268 -16.19 55.52 22.27
N GLN D 269 -16.44 56.70 21.70
CA GLN D 269 -17.80 57.23 21.66
C GLN D 269 -18.71 56.35 20.81
N ALA D 270 -18.19 55.82 19.72
CA ALA D 270 -18.96 54.89 18.89
C ALA D 270 -18.97 53.51 19.55
N PRO D 271 -20.15 52.96 19.85
CA PRO D 271 -20.20 51.63 20.48
C PRO D 271 -19.97 50.54 19.45
N PRO D 272 -19.47 49.37 19.87
CA PRO D 272 -19.29 48.26 18.93
C PRO D 272 -20.49 47.33 18.86
N LYS D 273 -20.40 46.33 17.99
CA LYS D 273 -21.40 45.26 17.90
C LYS D 273 -20.70 43.94 18.19
N PRO D 274 -20.85 43.39 19.41
CA PRO D 274 -20.10 42.17 19.76
C PRO D 274 -20.63 40.90 19.13
N ASP D 275 -21.82 40.94 18.52
CA ASP D 275 -22.38 39.78 17.84
C ASP D 275 -21.81 39.56 16.45
N SER D 276 -21.05 40.52 15.91
CA SER D 276 -20.50 40.42 14.56
C SER D 276 -19.19 39.65 14.50
N GLY D 277 -18.62 39.28 15.64
CA GLY D 277 -17.34 38.59 15.62
C GLY D 277 -16.15 39.46 15.31
N LEU D 278 -16.27 40.78 15.51
CA LEU D 278 -15.19 41.71 15.26
C LEU D 278 -14.75 42.34 16.58
N LEU D 279 -13.56 42.94 16.55
CA LEU D 279 -13.03 43.64 17.71
C LEU D 279 -13.42 45.12 17.62
N ASP D 280 -12.85 45.93 18.50
CA ASP D 280 -13.15 47.36 18.52
C ASP D 280 -11.90 48.10 18.97
N GLY D 281 -11.82 49.38 18.61
CA GLY D 281 -10.64 50.16 18.91
C GLY D 281 -9.50 49.93 17.95
N PHE D 282 -9.80 49.55 16.73
CA PHE D 282 -8.79 49.29 15.70
C PHE D 282 -9.02 50.19 14.51
N MET D 283 -7.94 50.79 14.03
CA MET D 283 -8.01 51.59 12.81
C MET D 283 -8.15 50.66 11.60
N THR D 284 -9.15 50.93 10.77
CA THR D 284 -9.29 50.19 9.53
C THR D 284 -8.25 50.68 8.52
N THR D 285 -8.07 49.90 7.46
CA THR D 285 -7.12 50.26 6.42
C THR D 285 -7.57 51.47 5.62
N ASP D 286 -8.89 51.64 5.46
CA ASP D 286 -9.43 52.82 4.79
C ASP D 286 -9.16 54.09 5.58
N ALA D 287 -9.35 54.02 6.90
CA ALA D 287 -9.14 55.19 7.75
C ALA D 287 -7.67 55.56 7.86
N ALA D 288 -6.80 54.55 8.00
CA ALA D 288 -5.36 54.78 8.04
C ALA D 288 -4.84 55.30 6.71
N LEU D 289 -5.39 54.79 5.60
CA LEU D 289 -5.00 55.28 4.29
C LEU D 289 -5.48 56.70 4.04
N MET D 290 -6.66 57.07 4.58
CA MET D 290 -7.12 58.45 4.48
C MET D 290 -6.25 59.39 5.30
N TYR D 291 -5.85 58.96 6.50
CA TYR D 291 -4.95 59.74 7.36
C TYR D 291 -3.59 59.95 6.68
N ASP D 292 -3.05 58.89 6.10
CA ASP D 292 -1.78 58.99 5.37
C ASP D 292 -1.93 59.80 4.10
N ALA D 293 -3.11 59.77 3.46
CA ALA D 293 -3.35 60.58 2.27
C ALA D 293 -3.34 62.06 2.60
N VAL D 294 -3.95 62.44 3.74
CA VAL D 294 -3.94 63.83 4.18
C VAL D 294 -2.52 64.27 4.55
N HIS D 295 -1.74 63.36 5.15
CA HIS D 295 -0.33 63.64 5.42
C HIS D 295 0.50 63.84 4.15
N VAL D 296 0.27 63.01 3.12
CA VAL D 296 1.02 63.13 1.87
C VAL D 296 0.64 64.41 1.12
N VAL D 297 -0.65 64.77 1.15
CA VAL D 297 -1.10 66.03 0.55
C VAL D 297 -0.49 67.23 1.27
N SER D 298 -0.40 67.17 2.61
CA SER D 298 0.22 68.25 3.36
C SER D 298 1.72 68.36 3.11
N VAL D 299 2.39 67.22 2.91
CA VAL D 299 3.79 67.20 2.51
C VAL D 299 3.97 67.85 1.14
N ALA D 300 3.03 67.58 0.21
CA ALA D 300 3.07 68.23 -1.09
C ALA D 300 2.76 69.72 -1.02
N VAL D 301 1.95 70.14 -0.05
CA VAL D 301 1.69 71.57 0.17
C VAL D 301 2.95 72.27 0.70
N GLN D 302 3.72 71.61 1.58
CA GLN D 302 4.89 72.20 2.21
C GLN D 302 5.99 72.60 1.21
N GLN D 303 6.11 71.88 0.11
CA GLN D 303 7.04 72.27 -0.95
C GLN D 303 6.49 73.37 -1.85
N PHE D 304 5.22 73.76 -1.68
CA PHE D 304 4.62 74.81 -2.49
C PHE D 304 4.40 76.06 -1.64
N PRO D 305 5.23 77.10 -1.77
CA PRO D 305 5.03 78.31 -0.96
C PRO D 305 4.02 79.29 -1.53
N GLN D 306 3.63 79.15 -2.80
CA GLN D 306 2.82 80.12 -3.50
C GLN D 306 1.39 79.64 -3.68
N MET D 307 0.89 78.87 -2.71
CA MET D 307 -0.38 78.18 -2.87
C MET D 307 -1.55 79.14 -2.66
N THR D 308 -2.50 79.15 -3.60
CA THR D 308 -3.67 80.00 -3.54
C THR D 308 -4.87 79.21 -4.05
N VAL D 309 -5.91 79.11 -3.23
CA VAL D 309 -7.12 78.40 -3.59
C VAL D 309 -8.12 79.38 -4.20
N SER D 310 -8.56 79.10 -5.42
CA SER D 310 -9.50 79.95 -6.13
C SER D 310 -10.79 79.18 -6.39
N SER D 311 -11.88 79.92 -6.52
CA SER D 311 -13.15 79.32 -6.89
C SER D 311 -13.16 78.96 -8.36
N LEU D 312 -13.98 77.98 -8.72
CA LEU D 312 -14.08 77.51 -10.09
C LEU D 312 -15.53 77.22 -10.42
N GLN D 313 -15.83 77.14 -11.72
CA GLN D 313 -17.18 76.92 -12.21
C GLN D 313 -17.23 75.64 -13.02
N CYS D 314 -18.31 74.89 -12.86
CA CYS D 314 -18.49 73.64 -13.57
C CYS D 314 -18.99 73.82 -15.00
N ASN D 315 -19.51 75.00 -15.34
CA ASN D 315 -20.02 75.27 -16.67
C ASN D 315 -18.97 75.81 -17.63
N ARG D 316 -17.76 76.08 -17.14
CA ARG D 316 -16.65 76.51 -17.97
C ARG D 316 -15.43 75.65 -17.67
N HIS D 317 -14.71 75.27 -18.71
CA HIS D 317 -13.62 74.30 -18.61
C HIS D 317 -12.26 74.96 -18.48
N LYS D 318 -12.19 76.11 -17.83
CA LYS D 318 -10.89 76.65 -17.45
C LYS D 318 -10.32 75.80 -16.32
N PRO D 319 -9.14 75.22 -16.48
CA PRO D 319 -8.56 74.40 -15.41
C PRO D 319 -8.01 75.28 -14.30
N TRP D 320 -7.73 74.64 -13.16
CA TRP D 320 -7.11 75.33 -12.04
C TRP D 320 -5.68 75.70 -12.39
N ARG D 321 -5.23 76.84 -11.85
CA ARG D 321 -3.99 77.47 -12.31
C ARG D 321 -2.75 76.69 -11.89
N PHE D 322 -2.70 76.26 -10.63
CA PHE D 322 -1.50 75.64 -10.09
C PHE D 322 -1.60 74.11 -10.07
N GLY D 323 -2.34 73.53 -11.02
CA GLY D 323 -2.59 72.11 -10.98
C GLY D 323 -1.38 71.25 -11.32
N THR D 324 -0.60 71.68 -12.30
CA THR D 324 0.47 70.84 -12.83
C THR D 324 1.66 70.76 -11.86
N ARG D 325 2.05 71.89 -11.28
CA ARG D 325 3.17 71.89 -10.35
C ARG D 325 2.82 71.20 -9.04
N PHE D 326 1.57 71.37 -8.58
CA PHE D 326 1.15 70.70 -7.36
C PHE D 326 0.96 69.20 -7.57
N MET D 327 0.50 68.79 -8.76
CA MET D 327 0.44 67.36 -9.08
C MET D 327 1.83 66.76 -9.22
N SER D 328 2.78 67.53 -9.75
CA SER D 328 4.17 67.10 -9.78
C SER D 328 4.76 66.98 -8.38
N LEU D 329 4.32 67.84 -7.46
CA LEU D 329 4.74 67.72 -6.07
C LEU D 329 4.09 66.55 -5.36
N ILE D 330 2.95 66.07 -5.85
CA ILE D 330 2.29 64.92 -5.22
C ILE D 330 3.05 63.64 -5.52
N LYS D 331 3.42 63.43 -6.77
CA LYS D 331 3.89 62.12 -7.23
C LYS D 331 5.35 61.84 -6.88
N GLU D 332 6.05 62.75 -6.21
CA GLU D 332 7.43 62.53 -5.80
C GLU D 332 7.57 62.43 -4.30
N ALA D 333 6.48 62.17 -3.58
CA ALA D 333 6.53 62.10 -2.13
C ALA D 333 7.12 60.78 -1.65
N HIS D 334 7.79 60.83 -0.50
CA HIS D 334 8.34 59.66 0.17
C HIS D 334 8.04 59.71 1.65
N TRP D 335 6.82 60.10 2.00
CA TRP D 335 6.44 60.28 3.39
C TRP D 335 6.21 58.94 4.08
N GLU D 336 6.73 58.82 5.29
CA GLU D 336 6.53 57.62 6.11
C GLU D 336 5.27 57.80 6.94
N GLY D 337 4.20 57.13 6.53
CA GLY D 337 2.94 57.19 7.23
C GLY D 337 2.71 55.98 8.12
N LEU D 338 1.43 55.71 8.39
CA LEU D 338 1.05 54.53 9.15
C LEU D 338 1.27 53.25 8.36
N THR D 339 1.19 53.32 7.02
CA THR D 339 1.39 52.18 6.15
C THR D 339 2.81 52.09 5.62
N GLY D 340 3.78 52.61 6.38
CA GLY D 340 5.17 52.55 5.97
C GLY D 340 5.54 53.55 4.91
N ARG D 341 6.31 53.12 3.92
CA ARG D 341 6.72 54.00 2.84
C ARG D 341 5.55 54.26 1.90
N ILE D 342 5.47 55.48 1.38
CA ILE D 342 4.44 55.86 0.42
C ILE D 342 5.16 56.44 -0.80
N THR D 343 4.96 55.79 -1.95
CA THR D 343 5.58 56.23 -3.19
C THR D 343 4.71 55.74 -4.33
N PHE D 344 4.22 56.65 -5.17
CA PHE D 344 3.32 56.29 -6.24
C PHE D 344 4.10 55.96 -7.50
N ASN D 345 3.38 55.41 -8.48
CA ASN D 345 4.00 55.05 -9.78
C ASN D 345 4.00 56.29 -10.67
N LYS D 346 5.09 56.51 -11.39
CA LYS D 346 5.23 57.67 -12.26
C LYS D 346 4.44 57.53 -13.55
N THR D 347 3.88 56.35 -13.82
CA THR D 347 3.08 56.12 -15.01
C THR D 347 1.59 56.01 -14.74
N ASN D 348 1.20 55.60 -13.53
CA ASN D 348 -0.21 55.40 -13.22
C ASN D 348 -0.63 56.24 -12.02
N GLY D 349 0.30 56.46 -11.10
CA GLY D 349 -0.02 57.09 -9.83
C GLY D 349 -0.49 56.14 -8.76
N LEU D 350 -0.60 54.86 -9.08
CA LEU D 350 -1.01 53.86 -8.09
C LEU D 350 0.16 53.50 -7.19
N ARG D 351 -0.16 53.18 -5.93
CA ARG D 351 0.85 52.81 -4.94
C ARG D 351 1.19 51.33 -5.16
N THR D 352 2.10 51.10 -6.10
CA THR D 352 2.51 49.75 -6.47
C THR D 352 3.80 49.31 -5.80
N ASP D 353 4.32 50.09 -4.86
CA ASP D 353 5.51 49.74 -4.11
C ASP D 353 5.27 50.06 -2.64
N PHE D 354 5.40 49.05 -1.78
CA PHE D 354 5.05 49.18 -0.38
C PHE D 354 5.79 48.12 0.41
N ASP D 355 5.38 47.92 1.66
CA ASP D 355 5.88 46.84 2.50
C ASP D 355 4.70 46.13 3.14
N LEU D 356 4.76 44.81 3.18
CA LEU D 356 3.67 43.99 3.67
C LEU D 356 4.15 43.08 4.79
N ASP D 357 3.32 42.92 5.80
CA ASP D 357 3.61 42.04 6.92
C ASP D 357 2.80 40.75 6.76
N VAL D 358 3.50 39.64 6.53
CA VAL D 358 2.84 38.35 6.36
C VAL D 358 2.51 37.84 7.75
N ILE D 359 1.28 38.03 8.18
CA ILE D 359 0.82 37.57 9.48
C ILE D 359 0.11 36.23 9.31
N SER D 360 0.28 35.36 10.30
CA SER D 360 -0.34 34.05 10.31
C SER D 360 -1.01 33.85 11.67
N LEU D 361 -1.65 32.71 11.84
CA LEU D 361 -2.35 32.39 13.07
C LEU D 361 -1.70 31.20 13.74
N LYS D 362 -1.28 31.40 14.99
CA LYS D 362 -0.87 30.34 15.90
C LYS D 362 -1.84 30.31 17.07
N GLU D 363 -1.66 29.34 17.97
CA GLU D 363 -2.53 29.22 19.11
C GLU D 363 -2.29 30.32 20.15
N GLU D 364 -1.12 30.97 20.10
CA GLU D 364 -0.93 32.21 20.85
C GLU D 364 -1.81 33.32 20.31
N GLY D 365 -1.94 33.40 18.99
CA GLY D 365 -2.76 34.41 18.35
C GLY D 365 -2.21 34.76 16.99
N LEU D 366 -2.62 35.93 16.50
CA LEU D 366 -2.07 36.44 15.25
C LEU D 366 -0.64 36.91 15.46
N GLU D 367 0.22 36.58 14.51
CA GLU D 367 1.65 36.81 14.67
C GLU D 367 2.31 36.99 13.32
N LYS D 368 3.17 37.99 13.22
CA LYS D 368 3.92 38.24 12.00
C LYS D 368 5.03 37.20 11.84
N ILE D 369 5.06 36.55 10.68
CA ILE D 369 6.07 35.53 10.40
C ILE D 369 6.98 35.89 9.24
N GLY D 370 6.70 36.94 8.49
CA GLY D 370 7.55 37.30 7.37
C GLY D 370 7.16 38.65 6.80
N THR D 371 8.04 39.17 5.95
CA THR D 371 7.83 40.43 5.25
C THR D 371 7.77 40.20 3.76
N TRP D 372 7.01 41.04 3.06
CA TRP D 372 6.94 41.00 1.61
C TRP D 372 7.19 42.40 1.05
N ASP D 373 7.91 42.45 -0.07
CA ASP D 373 8.21 43.66 -0.79
C ASP D 373 8.13 43.36 -2.28
N PRO D 374 7.84 44.36 -3.13
CA PRO D 374 7.79 44.09 -4.57
C PRO D 374 9.14 43.78 -5.19
N ALA D 375 10.25 44.20 -4.59
CA ALA D 375 11.56 44.02 -5.20
C ALA D 375 12.15 42.65 -4.88
N SER D 376 12.38 42.36 -3.60
CA SER D 376 12.99 41.11 -3.20
C SER D 376 11.98 39.97 -3.06
N GLY D 377 10.71 40.24 -3.24
CA GLY D 377 9.69 39.21 -3.12
C GLY D 377 9.33 38.95 -1.66
N LEU D 378 9.53 37.71 -1.22
CA LEU D 378 9.03 37.24 0.06
C LEU D 378 10.19 36.79 0.93
N ASN D 379 10.21 37.22 2.19
CA ASN D 379 11.39 36.99 3.06
C ASN D 379 11.15 35.76 3.93
N MET D 380 10.12 35.83 4.77
CA MET D 380 9.74 34.74 5.68
C MET D 380 10.81 34.50 6.76
N THR D 381 10.87 35.46 7.67
CA THR D 381 11.87 35.52 8.75
C THR D 381 11.88 34.25 9.61
N GLU D 382 10.71 33.61 9.79
CA GLU D 382 10.65 32.33 10.49
C GLU D 382 11.35 31.23 9.71
N SER D 383 11.14 31.15 8.40
CA SER D 383 11.87 30.19 7.59
C SER D 383 13.27 30.67 7.24
N GLN D 384 13.56 31.96 7.43
CA GLN D 384 14.91 32.48 7.19
C GLN D 384 15.84 32.21 8.38
N LYS D 385 15.29 31.76 9.52
CA LYS D 385 16.12 31.40 10.66
C LYS D 385 16.97 30.15 10.40
N GLY D 386 16.53 29.27 9.51
CA GLY D 386 17.33 28.13 9.12
C GLY D 386 18.21 28.43 7.91
N LYS D 387 19.01 29.49 8.00
CA LYS D 387 19.90 29.89 6.92
C LYS D 387 21.32 29.47 7.27
N PRO D 388 21.92 28.54 6.55
CA PRO D 388 23.27 28.09 6.89
C PRO D 388 24.34 29.05 6.41
N ALA D 389 25.53 28.89 6.98
CA ALA D 389 26.71 29.68 6.61
C ALA D 389 27.57 29.00 5.55
N ASN D 390 27.07 27.88 4.99
CA ASN D 390 27.72 27.10 3.91
C ASN D 390 29.11 26.60 4.29
N ILE D 391 29.31 26.29 5.57
CA ILE D 391 30.60 25.74 6.03
C ILE D 391 30.44 24.48 6.86
N THR D 392 29.26 24.17 7.39
CA THR D 392 29.09 23.01 8.27
C THR D 392 29.01 21.73 7.45
N ASP D 393 29.32 20.62 8.13
CA ASP D 393 29.22 19.31 7.51
C ASP D 393 27.76 18.90 7.36
N SER D 394 27.43 18.34 6.19
CA SER D 394 26.04 17.97 5.88
C SER D 394 25.79 16.56 6.36
N LEU D 395 25.38 16.43 7.62
CA LEU D 395 25.08 15.14 8.24
C LEU D 395 23.76 15.25 8.98
N SER D 396 22.92 14.21 8.86
CA SER D 396 21.64 14.21 9.56
C SER D 396 21.79 13.91 11.04
N ASN D 397 22.83 13.18 11.43
CA ASN D 397 23.04 12.81 12.82
C ASN D 397 24.55 12.71 13.05
N ARG D 398 24.95 12.06 14.14
CA ARG D 398 26.35 11.83 14.42
C ARG D 398 26.93 10.81 13.43
N SER D 399 28.07 11.16 12.83
CA SER D 399 28.71 10.29 11.85
C SER D 399 29.36 9.12 12.58
N LEU D 400 28.74 7.95 12.49
CA LEU D 400 29.29 6.76 13.11
C LEU D 400 30.51 6.28 12.33
N ILE D 401 31.40 5.59 13.02
CA ILE D 401 32.67 5.17 12.46
C ILE D 401 32.53 3.72 12.01
N VAL D 402 32.61 3.50 10.70
CA VAL D 402 32.54 2.17 10.11
C VAL D 402 33.89 1.86 9.49
N THR D 403 34.48 0.74 9.90
CA THR D 403 35.80 0.33 9.42
C THR D 403 35.68 -0.83 8.44
N THR D 404 36.71 -1.01 7.63
CA THR D 404 36.74 -2.07 6.64
C THR D 404 38.17 -2.55 6.45
N ILE D 405 38.31 -3.73 5.87
CA ILE D 405 39.59 -4.38 5.63
C ILE D 405 39.64 -4.77 4.15
N LEU D 406 40.86 -4.93 3.63
CA LEU D 406 41.08 -5.25 2.22
C LEU D 406 41.21 -6.75 2.05
N GLU D 407 40.15 -7.39 1.56
CA GLU D 407 40.20 -8.77 1.08
C GLU D 407 39.37 -8.93 -0.19
N GLU D 408 38.94 -7.80 -0.79
CA GLU D 408 37.82 -7.55 -1.70
C GLU D 408 36.51 -7.92 -1.02
N PRO D 409 36.03 -7.11 -0.03
CA PRO D 409 34.78 -7.43 0.68
C PRO D 409 33.55 -6.90 -0.06
N TYR D 410 33.38 -7.34 -1.31
CA TYR D 410 32.44 -6.85 -2.34
C TYR D 410 32.30 -5.33 -2.38
N VAL D 411 33.43 -4.62 -2.29
CA VAL D 411 33.44 -3.17 -2.32
C VAL D 411 34.32 -2.71 -3.47
N LEU D 412 35.60 -3.13 -3.43
CA LEU D 412 36.65 -2.78 -4.40
C LEU D 412 36.82 -1.28 -4.57
N PHE D 413 37.04 -0.59 -3.45
CA PHE D 413 37.27 0.86 -3.29
C PHE D 413 36.08 1.63 -3.85
N LYS D 414 36.32 2.82 -4.37
CA LYS D 414 35.39 3.53 -5.24
C LYS D 414 36.22 4.07 -6.40
N LYS D 415 36.21 3.35 -7.52
CA LYS D 415 37.06 3.69 -8.66
C LYS D 415 36.34 4.72 -9.52
N SER D 416 36.71 5.98 -9.35
CA SER D 416 36.15 7.09 -10.11
C SER D 416 37.30 7.90 -10.71
N ASP D 417 36.95 8.89 -11.53
CA ASP D 417 37.94 9.69 -12.23
C ASP D 417 38.60 10.74 -11.35
N LYS D 418 38.07 11.00 -10.15
CA LYS D 418 38.63 11.99 -9.25
C LYS D 418 38.76 11.40 -7.86
N PRO D 419 39.76 11.84 -7.07
CA PRO D 419 39.90 11.33 -5.70
C PRO D 419 38.81 11.83 -4.76
N LEU D 420 37.92 10.93 -4.36
CA LEU D 420 36.83 11.24 -3.44
C LEU D 420 36.98 10.41 -2.18
N TYR D 421 36.89 11.05 -1.02
CA TYR D 421 37.10 10.37 0.25
C TYR D 421 35.95 10.63 1.21
N GLY D 422 36.12 10.25 2.48
CA GLY D 422 35.08 10.41 3.47
C GLY D 422 34.05 9.31 3.40
N ASN D 423 32.88 9.62 2.86
CA ASN D 423 31.86 8.60 2.58
C ASN D 423 31.99 8.04 1.17
N ASP D 424 33.02 8.43 0.42
CA ASP D 424 33.26 7.92 -0.91
C ASP D 424 34.64 7.27 -1.05
N ARG D 425 35.30 6.98 0.07
CA ARG D 425 36.56 6.25 0.03
C ARG D 425 36.33 4.79 -0.34
N PHE D 426 35.26 4.20 0.18
CA PHE D 426 34.85 2.84 -0.14
C PHE D 426 33.39 2.86 -0.59
N GLU D 427 33.08 2.13 -1.65
CA GLU D 427 31.71 2.03 -2.13
C GLU D 427 31.39 0.60 -2.52
N GLY D 428 30.58 -0.07 -1.73
CA GLY D 428 30.12 -1.41 -2.02
C GLY D 428 28.76 -1.60 -1.41
N TYR D 429 28.39 -2.86 -1.15
CA TYR D 429 27.11 -3.14 -0.52
C TYR D 429 27.12 -2.89 0.97
N CYS D 430 28.30 -2.73 1.58
CA CYS D 430 28.36 -2.27 2.96
C CYS D 430 27.82 -0.86 3.10
N ILE D 431 28.15 0.01 2.13
CA ILE D 431 27.62 1.37 2.10
C ILE D 431 26.13 1.38 1.78
N ASP D 432 25.66 0.44 0.95
CA ASP D 432 24.24 0.36 0.65
C ASP D 432 23.43 -0.16 1.84
N LEU D 433 23.99 -1.11 2.59
CA LEU D 433 23.36 -1.56 3.83
C LEU D 433 23.38 -0.48 4.88
N LEU D 434 24.45 0.34 4.91
CA LEU D 434 24.51 1.50 5.80
C LEU D 434 23.48 2.55 5.41
N ARG D 435 23.23 2.71 4.10
CA ARG D 435 22.18 3.61 3.63
C ARG D 435 20.79 3.10 4.01
N GLU D 436 20.58 1.78 3.94
CA GLU D 436 19.32 1.18 4.37
C GLU D 436 19.11 1.35 5.87
N LEU D 437 20.16 1.14 6.67
CA LEU D 437 20.05 1.36 8.11
C LEU D 437 19.91 2.83 8.46
N SER D 438 20.45 3.73 7.62
CA SER D 438 20.25 5.16 7.82
C SER D 438 18.82 5.57 7.49
N THR D 439 18.19 4.93 6.51
CA THR D 439 16.78 5.18 6.26
C THR D 439 15.91 4.58 7.36
N ILE D 440 16.35 3.48 7.96
CA ILE D 440 15.58 2.87 9.04
C ILE D 440 15.66 3.70 10.32
N LEU D 441 16.87 4.08 10.73
CA LEU D 441 17.08 4.75 12.01
C LEU D 441 17.16 6.27 11.88
N GLY D 442 18.05 6.77 11.03
CA GLY D 442 18.22 8.21 10.92
C GLY D 442 19.61 8.68 11.31
N PHE D 443 20.60 7.81 11.19
CA PHE D 443 21.97 8.09 11.57
C PHE D 443 22.83 8.31 10.33
N THR D 444 24.07 8.72 10.57
CA THR D 444 25.05 8.91 9.50
C THR D 444 26.32 8.14 9.83
N TYR D 445 27.10 7.87 8.78
CA TYR D 445 28.26 7.00 8.88
C TYR D 445 29.47 7.68 8.28
N GLU D 446 30.64 7.10 8.55
CA GLU D 446 31.88 7.46 7.86
C GLU D 446 32.71 6.20 7.71
N ILE D 447 33.71 6.28 6.84
CA ILE D 447 34.53 5.13 6.48
C ILE D 447 35.93 5.31 7.06
N ARG D 448 36.42 4.28 7.74
CA ARG D 448 37.78 4.24 8.27
C ARG D 448 38.36 2.86 7.98
N LEU D 449 39.53 2.59 8.56
CA LEU D 449 40.25 1.35 8.31
C LEU D 449 40.62 0.68 9.63
N VAL D 450 41.10 -0.56 9.51
CA VAL D 450 41.45 -1.36 10.67
C VAL D 450 42.83 -0.90 11.18
N GLU D 451 42.99 -0.85 12.51
CA GLU D 451 44.24 -0.36 13.11
C GLU D 451 45.42 -1.29 12.85
N ASP D 452 45.19 -2.58 12.62
CA ASP D 452 46.30 -3.50 12.40
C ASP D 452 46.10 -4.46 11.22
N GLY D 453 45.06 -4.27 10.41
CA GLY D 453 44.80 -5.19 9.31
C GLY D 453 44.35 -6.58 9.72
N LYS D 454 43.49 -6.67 10.73
CA LYS D 454 42.98 -7.94 11.23
C LYS D 454 41.48 -8.02 11.03
N TYR D 455 40.97 -9.26 10.99
CA TYR D 455 39.52 -9.46 10.87
C TYR D 455 38.80 -9.08 12.15
N GLY D 456 39.46 -9.17 13.29
CA GLY D 456 38.82 -8.94 14.57
C GLY D 456 38.54 -10.24 15.29
N ALA D 457 39.40 -10.58 16.25
CA ALA D 457 39.30 -11.84 16.97
C ALA D 457 39.99 -11.67 18.32
N GLN D 458 40.22 -12.78 19.00
CA GLN D 458 41.07 -12.77 20.18
C GLN D 458 42.53 -12.63 19.76
N ASP D 459 43.35 -12.12 20.69
CA ASP D 459 44.79 -12.05 20.44
C ASP D 459 45.39 -13.44 20.50
N ASP D 460 46.44 -13.65 19.70
CA ASP D 460 47.03 -14.98 19.55
C ASP D 460 47.82 -15.39 20.78
N VAL D 461 48.36 -14.43 21.53
CA VAL D 461 49.10 -14.72 22.75
C VAL D 461 48.47 -14.11 23.99
N ASN D 462 47.55 -13.16 23.85
CA ASN D 462 46.89 -12.55 25.00
C ASN D 462 45.43 -12.94 25.16
N GLY D 463 44.74 -13.22 24.06
CA GLY D 463 43.31 -13.44 24.10
C GLY D 463 42.49 -12.17 24.08
N GLN D 464 43.12 -11.00 24.05
CA GLN D 464 42.42 -9.74 24.01
C GLN D 464 41.89 -9.46 22.60
N TRP D 465 40.89 -8.61 22.52
CA TRP D 465 40.31 -8.25 21.24
C TRP D 465 41.21 -7.26 20.51
N ASN D 466 41.35 -7.47 19.21
CA ASN D 466 42.19 -6.63 18.37
C ASN D 466 41.45 -6.25 17.09
N GLY D 467 41.80 -5.08 16.56
CA GLY D 467 41.23 -4.61 15.30
C GLY D 467 39.78 -4.19 15.39
N MET D 468 38.91 -4.95 14.73
CA MET D 468 37.49 -4.60 14.66
C MET D 468 36.79 -4.72 16.02
N VAL D 469 37.09 -5.79 16.75
CA VAL D 469 36.42 -6.00 18.04
C VAL D 469 36.96 -5.03 19.09
N ARG D 470 38.25 -4.70 19.02
CA ARG D 470 38.83 -3.68 19.88
C ARG D 470 38.25 -2.31 19.58
N GLU D 471 38.00 -2.02 18.30
CA GLU D 471 37.35 -0.76 17.93
C GLU D 471 35.89 -0.72 18.37
N LEU D 472 35.18 -1.84 18.26
CA LEU D 472 33.75 -1.86 18.53
C LEU D 472 33.45 -1.86 20.02
N ILE D 473 34.26 -2.56 20.81
CA ILE D 473 34.04 -2.60 22.26
C ILE D 473 34.38 -1.25 22.90
N ASP D 474 35.52 -0.68 22.52
CA ASP D 474 35.97 0.59 23.05
C ASP D 474 35.48 1.80 22.25
N HIS D 475 34.45 1.59 21.41
CA HIS D 475 33.73 2.63 20.65
C HIS D 475 34.63 3.42 19.70
N LYS D 476 35.75 2.83 19.28
CA LYS D 476 36.59 3.48 18.27
C LYS D 476 35.98 3.34 16.88
N ALA D 477 35.23 2.27 16.63
CA ALA D 477 34.33 2.19 15.49
C ALA D 477 32.96 1.83 16.02
N ASP D 478 31.94 2.61 15.63
CA ASP D 478 30.60 2.37 16.13
C ASP D 478 29.95 1.16 15.47
N LEU D 479 30.17 0.99 14.16
CA LEU D 479 29.67 -0.15 13.42
C LEU D 479 30.80 -0.74 12.60
N ALA D 480 30.58 -1.95 12.08
CA ALA D 480 31.56 -2.61 11.23
C ALA D 480 30.86 -3.63 10.35
N VAL D 481 31.20 -3.64 9.07
CA VAL D 481 30.80 -4.72 8.17
C VAL D 481 32.05 -5.52 7.87
N ALA D 482 32.27 -6.58 8.65
CA ALA D 482 33.54 -7.28 8.69
C ALA D 482 33.33 -8.77 8.51
N PRO D 483 34.35 -9.49 8.01
CA PRO D 483 34.29 -10.96 8.06
C PRO D 483 34.48 -11.50 9.46
N LEU D 484 33.45 -11.39 10.29
CA LEU D 484 33.52 -11.82 11.68
C LEU D 484 33.25 -13.30 11.77
N ALA D 485 34.20 -14.03 12.36
CA ALA D 485 34.00 -15.45 12.67
C ALA D 485 33.06 -15.52 13.87
N ILE D 486 31.77 -15.71 13.60
CA ILE D 486 30.77 -15.69 14.66
C ILE D 486 30.81 -17.03 15.37
N THR D 487 31.61 -17.09 16.44
CA THR D 487 31.83 -18.31 17.20
C THR D 487 31.49 -18.04 18.67
N TYR D 488 31.14 -19.13 19.37
CA TYR D 488 30.57 -19.08 20.72
C TYR D 488 31.55 -18.58 21.78
N VAL D 489 32.85 -18.55 21.49
CA VAL D 489 33.82 -17.96 22.42
C VAL D 489 33.90 -16.44 22.31
N ARG D 490 33.15 -15.84 21.39
CA ARG D 490 33.24 -14.41 21.14
C ARG D 490 31.98 -13.63 21.49
N GLU D 491 30.82 -14.26 21.59
CA GLU D 491 29.60 -13.57 21.97
C GLU D 491 29.45 -13.39 23.47
N LYS D 492 30.37 -13.95 24.27
CA LYS D 492 30.31 -13.78 25.72
C LYS D 492 30.74 -12.39 26.14
N VAL D 493 31.49 -11.68 25.31
CA VAL D 493 32.00 -10.35 25.62
C VAL D 493 31.30 -9.28 24.82
N ILE D 494 31.31 -9.40 23.49
CA ILE D 494 30.76 -8.39 22.59
C ILE D 494 29.48 -8.92 21.97
N ASP D 495 28.45 -8.07 21.97
CA ASP D 495 27.13 -8.43 21.47
C ASP D 495 27.16 -8.48 19.95
N PHE D 496 27.35 -9.69 19.41
CA PHE D 496 27.27 -9.89 17.97
C PHE D 496 25.83 -9.70 17.47
N SER D 497 25.68 -9.03 16.34
CA SER D 497 24.38 -8.98 15.69
C SER D 497 24.08 -10.31 15.03
N LYS D 498 22.81 -10.55 14.78
CA LYS D 498 22.39 -11.78 14.14
C LYS D 498 22.76 -11.76 12.67
N PRO D 499 23.54 -12.73 12.17
CA PRO D 499 23.97 -12.69 10.77
C PRO D 499 22.83 -13.05 9.83
N PHE D 500 22.95 -12.56 8.60
CA PHE D 500 21.87 -12.75 7.63
C PHE D 500 22.38 -13.08 6.23
N MET D 501 23.67 -13.37 6.07
CA MET D 501 24.20 -13.96 4.85
C MET D 501 24.43 -15.44 5.10
N THR D 502 23.93 -16.29 4.21
CA THR D 502 24.12 -17.73 4.31
C THR D 502 25.53 -18.05 3.81
N LEU D 503 26.45 -18.29 4.74
CA LEU D 503 27.86 -18.45 4.42
C LEU D 503 28.36 -19.81 4.90
N GLY D 504 29.16 -20.46 4.06
CA GLY D 504 29.83 -21.68 4.45
C GLY D 504 31.24 -21.69 3.91
N ILE D 505 32.13 -22.32 4.65
CA ILE D 505 33.54 -22.42 4.24
C ILE D 505 33.70 -23.63 3.34
N SER D 506 34.26 -23.41 2.15
CA SER D 506 34.40 -24.46 1.14
C SER D 506 35.85 -24.59 0.71
N ILE D 507 36.08 -25.34 -0.37
CA ILE D 507 37.43 -25.59 -0.89
C ILE D 507 37.52 -24.92 -2.26
N LEU D 508 38.53 -24.06 -2.43
CA LEU D 508 38.78 -23.42 -3.71
C LEU D 508 39.81 -24.24 -4.49
N TYR D 509 39.48 -24.57 -5.73
CA TYR D 509 40.37 -25.31 -6.61
C TYR D 509 40.33 -24.70 -7.99
N ARG D 510 41.38 -24.96 -8.77
CA ARG D 510 41.48 -24.43 -10.12
C ARG D 510 40.67 -25.26 -11.12
N LYS D 511 40.97 -25.07 -12.41
CA LYS D 511 40.53 -25.99 -13.43
C LYS D 511 41.03 -27.40 -13.10
N PRO D 512 40.16 -28.42 -13.14
CA PRO D 512 40.48 -29.68 -12.47
C PRO D 512 41.57 -30.50 -13.14
N ASN D 513 41.68 -30.46 -14.46
CA ASN D 513 42.81 -31.09 -15.12
C ASN D 513 43.71 -30.09 -15.83
N GLY D 514 43.19 -29.36 -16.83
CA GLY D 514 43.91 -28.28 -17.51
C GLY D 514 45.09 -28.67 -18.38
N THR D 515 45.59 -29.90 -18.29
CA THR D 515 46.86 -30.32 -18.85
C THR D 515 46.63 -31.76 -19.30
N ASN D 516 47.49 -32.27 -20.21
CA ASN D 516 47.50 -33.67 -20.65
C ASN D 516 47.61 -34.63 -19.47
N PRO D 517 46.55 -35.36 -19.13
CA PRO D 517 46.55 -36.14 -17.88
C PRO D 517 47.25 -37.47 -18.04
N GLY D 518 48.11 -37.78 -17.07
CA GLY D 518 48.79 -39.07 -17.03
C GLY D 518 49.87 -39.19 -18.10
N VAL D 519 50.39 -40.42 -18.20
CA VAL D 519 51.38 -40.76 -19.21
C VAL D 519 50.89 -41.83 -20.18
N PHE D 520 50.14 -42.82 -19.71
CA PHE D 520 49.45 -43.76 -20.58
C PHE D 520 48.21 -44.27 -19.86
N SER D 521 47.56 -45.27 -20.46
CA SER D 521 46.40 -45.93 -19.86
C SER D 521 46.30 -47.34 -20.42
N PHE D 522 46.19 -48.32 -19.53
CA PHE D 522 45.87 -49.67 -19.97
C PHE D 522 44.46 -49.73 -20.55
N LEU D 523 43.51 -49.12 -19.86
CA LEU D 523 42.21 -48.76 -20.41
C LEU D 523 41.91 -47.33 -19.97
N ASN D 524 41.12 -46.61 -20.75
CA ASN D 524 40.76 -45.29 -20.25
C ASN D 524 39.58 -45.36 -19.27
N PRO D 525 38.48 -46.13 -19.51
CA PRO D 525 37.64 -46.50 -18.36
C PRO D 525 37.95 -47.89 -17.80
N LEU D 526 37.97 -48.00 -16.47
CA LEU D 526 38.21 -49.24 -15.71
C LEU D 526 39.57 -49.86 -16.08
N SER D 527 40.63 -49.14 -15.75
CA SER D 527 41.98 -49.40 -16.25
C SER D 527 42.65 -50.69 -15.73
N PRO D 528 43.01 -50.83 -14.40
CA PRO D 528 44.00 -51.86 -14.05
C PRO D 528 43.54 -53.32 -14.11
N ASP D 529 42.44 -53.63 -13.40
CA ASP D 529 42.05 -54.99 -13.11
C ASP D 529 41.60 -55.75 -14.34
N ILE D 530 40.96 -55.07 -15.28
CA ILE D 530 40.57 -55.67 -16.56
C ILE D 530 41.80 -56.08 -17.35
N TRP D 531 42.82 -55.22 -17.35
CA TRP D 531 44.01 -55.46 -18.17
C TRP D 531 44.87 -56.59 -17.59
N MET D 532 45.07 -56.61 -16.26
CA MET D 532 45.78 -57.75 -15.69
C MET D 532 44.94 -59.03 -15.68
N TYR D 533 43.60 -58.92 -15.69
CA TYR D 533 42.77 -60.12 -15.80
C TYR D 533 42.87 -60.75 -17.18
N VAL D 534 42.85 -59.94 -18.24
CA VAL D 534 42.99 -60.53 -19.57
C VAL D 534 44.45 -60.95 -19.84
N LEU D 535 45.42 -60.32 -19.16
CA LEU D 535 46.81 -60.78 -19.27
C LEU D 535 47.00 -62.14 -18.61
N LEU D 536 46.42 -62.32 -17.41
CA LEU D 536 46.46 -63.64 -16.76
C LEU D 536 45.66 -64.67 -17.53
N ALA D 537 44.58 -64.25 -18.21
CA ALA D 537 43.84 -65.15 -19.09
C ALA D 537 44.69 -65.58 -20.29
N TYR D 538 45.48 -64.66 -20.86
CA TYR D 538 46.35 -65.01 -21.97
C TYR D 538 47.47 -65.96 -21.55
N LEU D 539 48.05 -65.74 -20.36
CA LEU D 539 49.04 -66.68 -19.83
C LEU D 539 48.41 -68.03 -19.51
N GLY D 540 47.17 -68.03 -19.01
CA GLY D 540 46.48 -69.29 -18.74
C GLY D 540 46.17 -70.10 -19.99
N VAL D 541 45.71 -69.44 -21.05
CA VAL D 541 45.45 -70.17 -22.28
C VAL D 541 46.74 -70.54 -23.00
N SER D 542 47.85 -69.82 -22.77
CA SER D 542 49.13 -70.27 -23.30
C SER D 542 49.63 -71.52 -22.57
N VAL D 543 49.41 -71.58 -21.25
CA VAL D 543 49.74 -72.78 -20.49
C VAL D 543 48.86 -73.96 -20.91
N VAL D 544 47.58 -73.68 -21.20
CA VAL D 544 46.64 -74.70 -21.69
C VAL D 544 47.06 -75.21 -23.08
N LEU D 545 47.55 -74.30 -23.93
CA LEU D 545 48.07 -74.69 -25.24
C LEU D 545 49.33 -75.55 -25.11
N PHE D 546 50.21 -75.21 -24.16
CA PHE D 546 51.40 -76.03 -23.93
C PHE D 546 51.05 -77.37 -23.30
N VAL D 547 49.92 -77.45 -22.60
CA VAL D 547 49.46 -78.74 -22.07
C VAL D 547 48.90 -79.61 -23.19
N ILE D 548 48.03 -79.03 -24.04
CA ILE D 548 47.34 -79.81 -25.06
C ILE D 548 48.29 -80.16 -26.21
N ALA D 549 49.41 -79.44 -26.34
CA ALA D 549 50.43 -79.82 -27.32
C ALA D 549 51.15 -81.10 -26.92
N ARG D 550 51.16 -81.43 -25.64
CA ARG D 550 51.64 -82.73 -25.17
C ARG D 550 50.54 -83.78 -25.08
N PHE D 551 49.28 -83.38 -25.31
CA PHE D 551 48.03 -84.15 -25.14
C PHE D 551 47.97 -85.12 -23.96
N ALA D 597 42.87 -81.45 -36.63
CA ALA D 597 43.06 -80.06 -36.22
C ALA D 597 41.77 -79.27 -36.33
N LEU D 598 40.65 -79.99 -36.35
CA LEU D 598 39.34 -79.34 -36.42
C LEU D 598 39.01 -78.61 -35.12
N SER D 599 39.20 -79.29 -33.98
CA SER D 599 38.94 -78.68 -32.69
C SER D 599 39.96 -77.61 -32.34
N THR D 600 41.20 -77.76 -32.84
CA THR D 600 42.18 -76.69 -32.70
C THR D 600 41.79 -75.46 -33.52
N ARG D 601 41.20 -75.67 -34.70
CA ARG D 601 40.65 -74.58 -35.50
C ARG D 601 39.49 -73.90 -34.79
N ILE D 602 38.64 -74.70 -34.11
CA ILE D 602 37.51 -74.17 -33.36
C ILE D 602 37.99 -73.33 -32.17
N VAL D 603 39.00 -73.82 -31.46
CA VAL D 603 39.58 -73.11 -30.31
C VAL D 603 40.25 -71.81 -30.77
N GLY D 604 40.99 -71.86 -31.88
CA GLY D 604 41.62 -70.67 -32.42
C GLY D 604 40.62 -69.63 -32.91
N GLY D 605 39.54 -70.09 -33.55
CA GLY D 605 38.49 -69.16 -33.97
C GLY D 605 37.74 -68.55 -32.79
N ILE D 606 37.54 -69.33 -31.73
CA ILE D 606 36.88 -68.83 -30.52
C ILE D 606 37.75 -67.77 -29.84
N TRP D 607 39.06 -68.03 -29.73
CA TRP D 607 39.97 -67.05 -29.12
C TRP D 607 40.14 -65.82 -30.01
N TRP D 608 40.12 -66.01 -31.33
CA TRP D 608 40.20 -64.90 -32.28
C TRP D 608 38.97 -63.99 -32.20
N PHE D 609 37.78 -64.59 -32.14
CA PHE D 609 36.55 -63.82 -32.00
C PHE D 609 36.45 -63.15 -30.64
N PHE D 610 36.94 -63.81 -29.59
CA PHE D 610 36.92 -63.21 -28.25
C PHE D 610 37.90 -62.04 -28.16
N THR D 611 39.06 -62.16 -28.81
CA THR D 611 40.02 -61.05 -28.87
C THR D 611 39.46 -59.89 -29.66
N LEU D 612 38.72 -60.17 -30.74
CA LEU D 612 38.03 -59.11 -31.47
C LEU D 612 36.95 -58.45 -30.63
N ILE D 613 36.25 -59.23 -29.80
CA ILE D 613 35.25 -58.70 -28.88
C ILE D 613 35.87 -57.77 -27.86
N ILE D 614 37.02 -58.18 -27.30
CA ILE D 614 37.73 -57.37 -26.31
C ILE D 614 38.28 -56.08 -26.92
N ILE D 615 38.86 -56.17 -28.12
CA ILE D 615 39.41 -55.01 -28.82
C ILE D 615 38.30 -54.03 -29.22
N SER D 616 37.18 -54.55 -29.73
CA SER D 616 36.04 -53.69 -30.08
C SER D 616 35.39 -53.06 -28.85
N SER D 617 35.36 -53.78 -27.73
CA SER D 617 34.85 -53.22 -26.49
C SER D 617 35.72 -52.08 -26.00
N TYR D 618 37.05 -52.26 -26.07
CA TYR D 618 37.96 -51.18 -25.70
C TYR D 618 37.88 -50.01 -26.67
N THR D 619 37.62 -50.29 -27.95
CA THR D 619 37.49 -49.23 -28.95
C THR D 619 36.22 -48.40 -28.72
N ALA D 620 35.12 -49.07 -28.38
CA ALA D 620 33.88 -48.34 -28.07
C ALA D 620 34.01 -47.59 -26.76
N ASN D 621 34.72 -48.16 -25.79
CA ASN D 621 35.03 -47.46 -24.55
C ASN D 621 35.91 -46.24 -24.78
N LEU D 622 36.86 -46.34 -25.71
CA LEU D 622 37.72 -45.21 -26.02
C LEU D 622 36.97 -44.11 -26.76
N ALA D 623 36.05 -44.49 -27.65
CA ALA D 623 35.20 -43.51 -28.32
C ALA D 623 34.27 -42.80 -27.34
N ALA D 624 33.69 -43.56 -26.41
CA ALA D 624 32.86 -42.96 -25.36
C ALA D 624 33.69 -42.09 -24.43
N PHE D 625 34.93 -42.48 -24.16
CA PHE D 625 35.82 -41.68 -23.32
C PHE D 625 36.24 -40.40 -24.01
N LEU D 626 36.44 -40.45 -25.33
CA LEU D 626 36.76 -39.26 -26.11
C LEU D 626 35.57 -38.32 -26.18
N THR D 627 34.35 -38.86 -26.18
CA THR D 627 33.17 -38.03 -25.98
C THR D 627 33.16 -37.44 -24.57
N VAL D 628 33.59 -38.22 -23.57
CA VAL D 628 33.67 -37.73 -22.19
C VAL D 628 34.78 -36.70 -22.03
N GLU D 629 35.93 -36.92 -22.69
CA GLU D 629 37.13 -36.10 -22.49
C GLU D 629 36.97 -34.66 -22.98
N ARG D 630 35.98 -34.38 -23.83
CA ARG D 630 35.64 -33.01 -24.17
C ARG D 630 34.78 -32.34 -23.09
N MET D 631 34.28 -33.10 -22.11
CA MET D 631 33.45 -32.54 -21.05
C MET D 631 33.75 -33.15 -19.68
N GLU D 632 34.89 -33.80 -19.52
CA GLU D 632 35.19 -34.51 -18.28
C GLU D 632 35.65 -33.57 -17.18
N SER D 633 35.19 -33.84 -15.96
CA SER D 633 35.68 -33.17 -14.76
C SER D 633 35.90 -34.21 -13.67
N PRO D 634 37.11 -34.33 -13.13
CA PRO D 634 37.34 -35.26 -12.01
C PRO D 634 36.64 -34.80 -10.74
N ILE D 635 36.32 -35.79 -9.90
CA ILE D 635 35.52 -35.58 -8.71
C ILE D 635 36.44 -35.48 -7.49
N ASP D 636 36.29 -34.38 -6.73
CA ASP D 636 37.04 -34.19 -5.51
C ASP D 636 36.18 -33.40 -4.52
N SER D 637 36.42 -33.62 -3.24
CA SER D 637 35.70 -32.94 -2.17
C SER D 637 36.57 -32.99 -0.91
N ALA D 638 35.97 -32.65 0.23
CA ALA D 638 36.68 -32.75 1.50
C ALA D 638 36.90 -34.20 1.91
N ASP D 639 35.93 -35.08 1.60
CA ASP D 639 36.09 -36.50 1.90
C ASP D 639 37.10 -37.16 0.95
N ASP D 640 37.24 -36.62 -0.26
CA ASP D 640 38.31 -37.09 -1.15
C ASP D 640 39.68 -36.68 -0.62
N LEU D 641 39.79 -35.51 0.01
CA LEU D 641 41.01 -35.14 0.70
C LEU D 641 41.20 -35.94 1.98
N ALA D 642 40.11 -36.43 2.57
CA ALA D 642 40.23 -37.34 3.72
C ALA D 642 40.76 -38.70 3.30
N LYS D 643 40.52 -39.10 2.05
CA LYS D 643 41.09 -40.35 1.54
C LYS D 643 42.59 -40.22 1.33
N GLN D 644 43.03 -39.14 0.69
CA GLN D 644 44.44 -38.96 0.36
C GLN D 644 44.78 -37.48 0.45
N THR D 645 45.97 -37.19 0.95
CA THR D 645 46.46 -35.83 1.12
C THR D 645 47.70 -35.58 0.27
N LYS D 646 47.71 -36.12 -0.96
CA LYS D 646 48.80 -35.82 -1.88
C LYS D 646 48.75 -34.38 -2.36
N ILE D 647 47.54 -33.84 -2.53
CA ILE D 647 47.38 -32.42 -2.82
C ILE D 647 47.45 -31.64 -1.53
N GLU D 648 48.37 -30.69 -1.44
CA GLU D 648 48.48 -29.85 -0.25
C GLU D 648 47.33 -28.85 -0.21
N TYR D 649 46.96 -28.46 1.01
CA TYR D 649 45.82 -27.59 1.23
C TYR D 649 45.95 -26.93 2.59
N GLY D 650 45.50 -25.68 2.68
CA GLY D 650 45.57 -24.95 3.92
C GLY D 650 44.68 -23.73 3.87
N ALA D 651 44.74 -22.94 4.96
CA ALA D 651 43.88 -21.78 5.12
C ALA D 651 44.70 -20.63 5.69
N VAL D 652 44.07 -19.46 5.76
CA VAL D 652 44.67 -18.28 6.37
C VAL D 652 44.70 -18.46 7.88
N GLU D 653 45.80 -18.04 8.50
CA GLU D 653 45.96 -18.11 9.95
C GLU D 653 44.95 -17.21 10.66
N ASP D 654 44.48 -17.69 11.83
CA ASP D 654 43.41 -17.08 12.63
C ASP D 654 42.11 -16.96 11.84
N GLY D 655 41.81 -17.98 11.05
CA GLY D 655 40.56 -18.05 10.32
C GLY D 655 39.46 -18.72 11.14
N ALA D 656 38.26 -18.72 10.55
CA ALA D 656 37.12 -19.35 11.19
C ALA D 656 37.23 -20.88 11.17
N THR D 657 37.84 -21.42 10.11
CA THR D 657 37.88 -22.88 9.96
C THR D 657 38.82 -23.54 10.96
N MET D 658 39.93 -22.88 11.34
CA MET D 658 40.77 -23.45 12.38
C MET D 658 40.17 -23.26 13.78
N THR D 659 39.36 -22.22 13.95
CA THR D 659 38.59 -22.05 15.18
C THR D 659 37.57 -23.18 15.35
N PHE D 660 36.91 -23.56 14.25
CA PHE D 660 36.04 -24.73 14.28
C PHE D 660 36.84 -26.03 14.41
N PHE D 661 38.04 -26.08 13.83
CA PHE D 661 38.89 -27.26 13.90
C PHE D 661 39.55 -27.45 15.25
N LYS D 662 39.53 -26.43 16.12
CA LYS D 662 40.02 -26.60 17.49
C LYS D 662 39.16 -27.59 18.27
N LYS D 663 37.85 -27.54 18.09
CA LYS D 663 36.91 -28.46 18.71
C LYS D 663 36.29 -29.40 17.67
N SER D 664 37.10 -29.86 16.73
CA SER D 664 36.64 -30.72 15.64
C SER D 664 36.37 -32.11 16.18
N LYS D 665 35.10 -32.38 16.50
CA LYS D 665 34.72 -33.70 16.99
C LYS D 665 34.65 -34.74 15.88
N ILE D 666 34.47 -34.33 14.63
CA ILE D 666 34.43 -35.26 13.51
C ILE D 666 35.85 -35.71 13.22
N SER D 667 36.03 -37.03 13.07
CA SER D 667 37.35 -37.62 12.82
C SER D 667 37.91 -37.21 11.46
N THR D 668 37.03 -36.97 10.48
CA THR D 668 37.46 -36.36 9.22
C THR D 668 37.95 -34.93 9.46
N TYR D 669 37.20 -34.16 10.23
CA TYR D 669 37.63 -32.81 10.61
C TYR D 669 38.83 -32.85 11.55
N ASP D 670 38.97 -33.91 12.34
CA ASP D 670 40.16 -34.08 13.16
C ASP D 670 41.39 -34.36 12.32
N LYS D 671 41.23 -35.12 11.23
CA LYS D 671 42.33 -35.33 10.29
C LYS D 671 42.67 -34.05 9.55
N MET D 672 41.65 -33.23 9.22
CA MET D 672 41.91 -31.94 8.59
C MET D 672 42.63 -30.98 9.55
N TRP D 673 42.27 -31.02 10.84
CA TRP D 673 42.97 -30.21 11.83
C TRP D 673 44.39 -30.72 12.08
N ALA D 674 44.60 -32.04 11.99
CA ALA D 674 45.94 -32.60 12.06
C ALA D 674 46.80 -32.15 10.88
N PHE D 675 46.20 -32.09 9.68
CA PHE D 675 46.92 -31.54 8.52
C PHE D 675 47.16 -30.04 8.66
N MET D 676 46.25 -29.32 9.33
CA MET D 676 46.42 -27.89 9.53
C MET D 676 47.55 -27.60 10.51
N SER D 677 47.55 -28.28 11.66
CA SER D 677 48.46 -27.95 12.75
C SER D 677 49.79 -28.67 12.66
N SER D 678 49.84 -29.86 12.07
CA SER D 678 51.10 -30.58 11.96
C SER D 678 52.02 -29.95 10.92
N ARG D 679 51.45 -29.43 9.84
CA ARG D 679 52.21 -28.83 8.75
C ARG D 679 51.88 -27.34 8.61
N ARG D 680 51.74 -26.65 9.75
CA ARG D 680 51.40 -25.23 9.74
C ARG D 680 52.55 -24.35 9.26
N GLN D 681 53.78 -24.86 9.24
CA GLN D 681 54.90 -24.11 8.68
C GLN D 681 54.86 -24.05 7.14
N SER D 682 54.04 -24.89 6.50
CA SER D 682 53.98 -24.94 5.03
C SER D 682 52.63 -24.50 4.48
N VAL D 683 51.53 -25.10 4.94
CA VAL D 683 50.23 -24.89 4.28
C VAL D 683 49.56 -23.58 4.67
N LEU D 684 50.11 -22.84 5.62
CA LEU D 684 49.54 -21.56 6.00
C LEU D 684 49.77 -20.53 4.90
N VAL D 685 48.78 -19.65 4.71
CA VAL D 685 48.88 -18.56 3.74
C VAL D 685 48.58 -17.25 4.46
N LYS D 686 48.96 -16.16 3.80
CA LYS D 686 48.91 -14.84 4.41
C LYS D 686 47.57 -14.14 4.18
N SER D 687 47.11 -14.11 2.93
CA SER D 687 45.84 -13.47 2.58
C SER D 687 45.03 -14.42 1.70
N ASN D 688 43.84 -13.96 1.32
CA ASN D 688 43.01 -14.73 0.40
C ASN D 688 43.60 -14.75 -1.00
N GLU D 689 44.11 -13.60 -1.47
CA GLU D 689 44.69 -13.50 -2.80
C GLU D 689 45.99 -14.28 -2.91
N GLU D 690 46.76 -14.35 -1.82
CA GLU D 690 47.97 -15.17 -1.83
C GLU D 690 47.65 -16.66 -1.84
N GLY D 691 46.56 -17.06 -1.18
CA GLY D 691 46.08 -18.42 -1.33
C GLY D 691 45.56 -18.73 -2.72
N ILE D 692 44.93 -17.73 -3.37
CA ILE D 692 44.48 -17.85 -4.76
C ILE D 692 45.68 -18.07 -5.68
N GLN D 693 46.74 -17.28 -5.48
CA GLN D 693 47.93 -17.40 -6.32
C GLN D 693 48.74 -18.65 -5.98
N ARG D 694 48.63 -19.16 -4.76
CA ARG D 694 49.28 -20.43 -4.43
C ARG D 694 48.54 -21.60 -5.04
N VAL D 695 47.21 -21.51 -5.13
CA VAL D 695 46.42 -22.51 -5.87
C VAL D 695 46.76 -22.43 -7.36
N LEU D 696 46.89 -21.21 -7.90
CA LEU D 696 47.23 -21.02 -9.31
C LEU D 696 48.67 -21.43 -9.62
N THR D 697 49.55 -21.42 -8.64
CA THR D 697 50.97 -21.69 -8.89
C THR D 697 51.26 -23.18 -8.88
N SER D 698 50.94 -23.85 -7.77
CA SER D 698 51.28 -25.26 -7.63
C SER D 698 50.06 -26.10 -7.30
N ASP D 699 50.27 -27.37 -6.95
CA ASP D 699 49.17 -28.26 -6.58
C ASP D 699 48.67 -27.88 -5.19
N TYR D 700 47.66 -27.02 -5.13
CA TYR D 700 47.20 -26.46 -3.87
C TYR D 700 45.69 -26.29 -3.89
N ALA D 701 45.09 -26.37 -2.71
CA ALA D 701 43.68 -26.10 -2.50
C ALA D 701 43.53 -25.08 -1.39
N PHE D 702 42.57 -24.17 -1.57
CA PHE D 702 42.36 -23.07 -0.63
C PHE D 702 41.04 -23.27 0.10
N LEU D 703 41.09 -23.26 1.42
CA LEU D 703 39.90 -23.36 2.25
C LEU D 703 39.39 -21.95 2.54
N MET D 704 38.22 -21.63 2.01
CA MET D 704 37.70 -20.27 2.05
C MET D 704 36.19 -20.34 2.10
N GLU D 705 35.57 -19.23 2.52
CA GLU D 705 34.12 -19.08 2.46
C GLU D 705 33.62 -19.18 1.03
N SER D 706 32.52 -19.91 0.84
CA SER D 706 32.06 -20.34 -0.49
C SER D 706 31.58 -19.19 -1.36
N THR D 707 31.11 -18.08 -0.78
CA THR D 707 30.77 -16.93 -1.60
C THR D 707 32.00 -16.21 -2.12
N THR D 708 33.09 -16.22 -1.34
CA THR D 708 34.36 -15.70 -1.83
C THR D 708 34.91 -16.56 -2.96
N ILE D 709 34.78 -17.89 -2.83
CA ILE D 709 35.18 -18.81 -3.89
C ILE D 709 34.29 -18.64 -5.12
N GLU D 710 33.01 -18.35 -4.92
CA GLU D 710 32.11 -18.07 -6.03
C GLU D 710 32.45 -16.76 -6.72
N PHE D 711 32.87 -15.75 -5.95
CA PHE D 711 33.32 -14.50 -6.52
C PHE D 711 34.64 -14.67 -7.28
N VAL D 712 35.48 -15.59 -6.82
CA VAL D 712 36.68 -15.99 -7.57
C VAL D 712 36.27 -16.67 -8.87
N THR D 713 35.26 -17.55 -8.80
CA THR D 713 34.70 -18.18 -10.00
C THR D 713 34.02 -17.16 -10.90
N GLN D 714 33.45 -16.10 -10.31
CA GLN D 714 32.86 -15.01 -11.07
C GLN D 714 33.88 -13.98 -11.54
N ARG D 715 35.16 -14.16 -11.20
CA ARG D 715 36.23 -13.29 -11.67
C ARG D 715 37.29 -14.02 -12.48
N ASN D 716 37.63 -15.24 -12.09
CA ASN D 716 38.70 -15.99 -12.74
C ASN D 716 38.11 -17.14 -13.55
N CYS D 717 38.58 -17.27 -14.80
CA CYS D 717 38.10 -18.32 -15.68
C CYS D 717 38.66 -19.68 -15.31
N ASN D 718 39.92 -19.74 -14.88
CA ASN D 718 40.58 -21.01 -14.60
C ASN D 718 40.33 -21.52 -13.18
N LEU D 719 39.73 -20.71 -12.31
CA LEU D 719 39.45 -21.11 -10.94
C LEU D 719 37.94 -21.27 -10.74
N THR D 720 37.56 -22.21 -9.88
CA THR D 720 36.15 -22.54 -9.67
C THR D 720 35.98 -23.04 -8.24
N GLN D 721 34.81 -23.58 -7.93
CA GLN D 721 34.54 -24.16 -6.62
C GLN D 721 34.42 -25.66 -6.76
N ILE D 722 35.25 -26.40 -6.02
CA ILE D 722 35.24 -27.86 -6.01
C ILE D 722 35.25 -28.31 -4.55
N GLY D 723 34.22 -29.04 -4.16
CA GLY D 723 34.09 -29.53 -2.80
C GLY D 723 32.90 -28.93 -2.07
N GLY D 724 32.58 -29.56 -0.94
CA GLY D 724 31.42 -29.19 -0.15
C GLY D 724 31.70 -28.06 0.83
N LEU D 725 30.79 -27.90 1.78
CA LEU D 725 30.85 -26.83 2.76
C LEU D 725 31.15 -27.39 4.15
N ILE D 726 31.85 -26.61 4.96
CA ILE D 726 32.26 -27.08 6.29
C ILE D 726 31.14 -26.86 7.30
N ASP D 727 30.74 -25.60 7.50
CA ASP D 727 29.70 -25.27 8.47
C ASP D 727 28.99 -24.00 8.02
N SER D 728 27.72 -23.90 8.40
CA SER D 728 26.88 -22.78 7.99
C SER D 728 26.89 -21.70 9.07
N LYS D 729 27.21 -20.48 8.67
CA LYS D 729 27.25 -19.32 9.57
C LYS D 729 27.07 -18.07 8.71
N GLY D 730 27.40 -16.92 9.27
CA GLY D 730 27.32 -15.68 8.52
C GLY D 730 28.20 -14.60 9.13
N TYR D 731 28.03 -13.39 8.61
CA TYR D 731 28.76 -12.22 9.08
C TYR D 731 27.78 -11.25 9.72
N GLY D 732 28.21 -10.65 10.83
CA GLY D 732 27.37 -9.70 11.55
C GLY D 732 28.11 -8.45 11.98
N VAL D 733 27.51 -7.70 12.90
CA VAL D 733 28.10 -6.48 13.45
C VAL D 733 28.30 -6.68 14.94
N GLY D 734 29.49 -6.35 15.43
CA GLY D 734 29.77 -6.45 16.85
C GLY D 734 29.28 -5.25 17.63
N THR D 735 27.97 -5.18 17.86
CA THR D 735 27.37 -4.04 18.55
C THR D 735 27.73 -4.06 20.04
N PRO D 736 27.68 -2.90 20.71
CA PRO D 736 27.72 -2.90 22.17
C PRO D 736 26.49 -3.57 22.78
N MET D 737 26.66 -4.10 23.98
CA MET D 737 25.58 -4.82 24.64
C MET D 737 24.52 -3.85 25.15
N GLY D 738 23.26 -4.16 24.87
CA GLY D 738 22.16 -3.31 25.26
C GLY D 738 21.89 -2.13 24.35
N SER D 739 22.64 -2.00 23.25
CA SER D 739 22.51 -0.89 22.32
C SER D 739 21.23 -1.03 21.49
N PRO D 740 20.67 0.09 21.02
CA PRO D 740 19.56 0.01 20.05
C PRO D 740 19.99 -0.37 18.63
N TYR D 741 21.30 -0.48 18.38
CA TYR D 741 21.78 -0.94 17.08
C TYR D 741 21.42 -2.40 16.84
N ARG D 742 21.35 -3.22 17.90
CA ARG D 742 20.89 -4.59 17.78
C ARG D 742 19.43 -4.65 17.35
N ASP D 743 18.58 -3.79 17.93
CA ASP D 743 17.17 -3.75 17.55
C ASP D 743 17.00 -3.17 16.15
N LYS D 744 17.85 -2.22 15.75
CA LYS D 744 17.81 -1.69 14.39
C LYS D 744 18.21 -2.75 13.37
N ILE D 745 19.22 -3.56 13.71
CA ILE D 745 19.62 -4.68 12.85
C ILE D 745 18.53 -5.74 12.81
N THR D 746 17.83 -5.96 13.92
CA THR D 746 16.73 -6.92 13.97
C THR D 746 15.55 -6.48 13.12
N ILE D 747 15.27 -5.17 13.08
CA ILE D 747 14.27 -4.64 12.16
C ILE D 747 14.77 -4.76 10.72
N ALA D 748 16.05 -4.48 10.49
CA ALA D 748 16.63 -4.48 9.15
C ALA D 748 16.71 -5.89 8.56
N ILE D 749 16.77 -6.92 9.39
CA ILE D 749 16.77 -8.31 8.92
C ILE D 749 15.44 -8.64 8.25
N LEU D 750 14.33 -8.29 8.91
CA LEU D 750 13.01 -8.49 8.32
C LEU D 750 12.77 -7.54 7.14
N GLN D 751 13.39 -6.36 7.18
CA GLN D 751 13.29 -5.42 6.06
C GLN D 751 13.99 -5.96 4.81
N LEU D 752 15.19 -6.52 4.95
CA LEU D 752 15.90 -7.07 3.80
C LEU D 752 15.31 -8.40 3.36
N GLN D 753 14.74 -9.17 4.28
CA GLN D 753 14.11 -10.43 3.90
C GLN D 753 12.81 -10.19 3.15
N GLU D 754 12.03 -9.18 3.57
CA GLU D 754 10.78 -8.89 2.88
C GLU D 754 11.01 -8.18 1.56
N GLU D 755 12.15 -7.50 1.41
CA GLU D 755 12.47 -6.84 0.14
C GLU D 755 13.38 -7.67 -0.75
N GLY D 756 13.92 -8.78 -0.25
CA GLY D 756 14.82 -9.60 -1.04
C GLY D 756 16.14 -8.94 -1.36
N LYS D 757 16.76 -8.27 -0.37
CA LYS D 757 18.01 -7.56 -0.62
C LYS D 757 19.18 -8.50 -0.80
N LEU D 758 19.11 -9.73 -0.27
CA LEU D 758 20.16 -10.71 -0.53
C LEU D 758 20.13 -11.20 -1.97
N HIS D 759 18.94 -11.20 -2.59
CA HIS D 759 18.82 -11.63 -3.98
C HIS D 759 19.51 -10.64 -4.93
N MET D 760 19.23 -9.34 -4.77
CA MET D 760 19.93 -8.35 -5.56
C MET D 760 21.37 -8.13 -5.11
N MET D 761 21.70 -8.51 -3.87
CA MET D 761 23.10 -8.52 -3.44
C MET D 761 23.89 -9.62 -4.16
N LYS D 762 23.29 -10.81 -4.28
CA LYS D 762 23.83 -11.89 -5.07
C LYS D 762 23.91 -11.52 -6.55
N GLU D 763 22.92 -10.79 -7.05
CA GLU D 763 22.91 -10.33 -8.43
C GLU D 763 24.01 -9.29 -8.68
N LYS D 764 24.22 -8.37 -7.74
CA LYS D 764 25.06 -7.20 -8.00
C LYS D 764 26.53 -7.44 -7.67
N TRP D 765 26.81 -8.05 -6.52
CA TRP D 765 28.18 -8.10 -6.02
C TRP D 765 28.81 -9.49 -6.05
N TRP D 766 28.02 -10.56 -5.99
CA TRP D 766 28.51 -11.87 -6.40
C TRP D 766 28.16 -12.10 -7.87
N ARG D 767 28.74 -11.25 -8.71
CA ARG D 767 28.37 -11.13 -10.11
C ARG D 767 29.54 -11.53 -10.99
N GLY D 768 29.25 -12.25 -12.08
CA GLY D 768 30.28 -12.53 -13.05
C GLY D 768 30.59 -11.31 -13.88
N ASN D 769 31.70 -10.65 -13.57
CA ASN D 769 32.18 -9.50 -14.34
C ASN D 769 33.22 -10.00 -15.34
N GLY D 770 32.73 -10.81 -16.27
CA GLY D 770 33.58 -11.67 -17.07
C GLY D 770 33.86 -12.98 -16.35
N CYS D 771 34.49 -13.90 -17.10
CA CYS D 771 34.88 -15.25 -16.67
C CYS D 771 33.75 -16.08 -16.07
N PRO D 772 32.85 -16.65 -16.90
CA PRO D 772 31.84 -17.57 -16.37
C PRO D 772 32.40 -18.94 -16.00
N GLU D 773 31.52 -19.89 -15.70
CA GLU D 773 31.93 -21.20 -15.21
C GLU D 773 32.57 -22.04 -16.31
N GLU D 774 32.93 -23.28 -15.95
CA GLU D 774 33.76 -24.16 -16.79
C GLU D 774 32.95 -24.62 -17.99
N GLU D 775 33.17 -23.95 -19.12
CA GLU D 775 32.47 -24.25 -20.37
C GLU D 775 33.24 -25.32 -21.12
N SER D 776 32.60 -26.45 -21.36
CA SER D 776 33.26 -27.58 -22.01
C SER D 776 33.40 -27.32 -23.50
N LYS D 777 34.64 -27.20 -23.97
CA LYS D 777 34.94 -27.01 -25.37
C LYS D 777 35.36 -28.35 -25.98
N GLU D 778 34.78 -28.68 -27.11
CA GLU D 778 35.03 -29.95 -27.78
C GLU D 778 35.95 -29.70 -28.98
N ALA D 779 37.07 -30.44 -29.01
CA ALA D 779 38.15 -30.12 -29.94
C ALA D 779 38.56 -31.33 -30.78
N SER D 780 39.69 -31.20 -31.48
CA SER D 780 40.16 -32.23 -32.40
C SER D 780 40.92 -33.31 -31.63
N ALA D 781 41.61 -34.17 -32.38
CA ALA D 781 42.27 -35.35 -31.82
C ALA D 781 43.78 -35.15 -31.72
N LEU D 782 44.38 -35.86 -30.77
CA LEU D 782 45.82 -35.76 -30.52
C LEU D 782 46.32 -37.12 -30.06
N GLY D 783 47.56 -37.16 -29.60
CA GLY D 783 48.13 -38.32 -28.93
C GLY D 783 48.55 -37.95 -27.53
N VAL D 784 49.82 -38.20 -27.19
CA VAL D 784 50.56 -37.60 -26.08
C VAL D 784 50.05 -37.96 -24.69
N GLN D 785 48.78 -37.65 -24.39
CA GLN D 785 48.28 -37.72 -23.02
C GLN D 785 48.12 -39.15 -22.53
N ASN D 786 47.55 -40.03 -23.35
CA ASN D 786 47.51 -41.46 -23.06
C ASN D 786 48.17 -42.31 -24.12
N ILE D 787 48.38 -41.79 -25.33
CA ILE D 787 49.07 -42.52 -26.38
C ILE D 787 50.58 -42.33 -26.25
N GLY D 788 51.03 -41.24 -25.64
CA GLY D 788 52.45 -40.91 -25.54
C GLY D 788 53.26 -41.82 -24.64
N GLY D 789 52.60 -42.60 -23.78
CA GLY D 789 53.29 -43.59 -22.97
C GLY D 789 53.28 -44.98 -23.52
N ILE D 790 52.48 -45.24 -24.56
CA ILE D 790 52.43 -46.57 -25.17
C ILE D 790 53.68 -46.82 -26.02
N PHE D 791 54.32 -45.77 -26.53
CA PHE D 791 55.57 -45.93 -27.26
C PHE D 791 56.71 -46.36 -26.35
N ILE D 792 56.63 -46.00 -25.05
CA ILE D 792 57.58 -46.53 -24.07
C ILE D 792 57.40 -48.03 -23.91
N VAL D 793 56.14 -48.50 -23.93
CA VAL D 793 55.85 -49.92 -23.86
C VAL D 793 56.33 -50.63 -25.12
N LEU D 794 56.20 -49.97 -26.28
CA LEU D 794 56.70 -50.50 -27.55
C LEU D 794 58.22 -50.63 -27.55
N ALA D 795 58.93 -49.60 -27.09
CA ALA D 795 60.39 -49.63 -27.05
C ALA D 795 60.91 -50.65 -26.03
N ALA D 796 60.24 -50.74 -24.87
CA ALA D 796 60.61 -51.74 -23.87
C ALA D 796 60.35 -53.15 -24.35
N GLY D 797 59.25 -53.34 -25.09
CA GLY D 797 58.97 -54.65 -25.67
C GLY D 797 59.96 -55.04 -26.74
N LEU D 798 60.41 -54.08 -27.55
CA LEU D 798 61.43 -54.34 -28.56
C LEU D 798 62.77 -54.69 -27.91
N VAL D 799 63.15 -53.97 -26.86
CA VAL D 799 64.40 -54.23 -26.15
C VAL D 799 64.34 -55.60 -25.46
N LEU D 800 63.21 -55.92 -24.82
CA LEU D 800 63.05 -57.21 -24.16
C LEU D 800 62.98 -58.37 -25.15
N SER D 801 62.39 -58.16 -26.34
CA SER D 801 62.34 -59.20 -27.35
C SER D 801 63.72 -59.46 -27.95
N VAL D 802 64.52 -58.41 -28.13
CA VAL D 802 65.91 -58.57 -28.52
C VAL D 802 66.70 -59.30 -27.43
N PHE D 803 66.42 -58.97 -26.17
CA PHE D 803 67.10 -59.60 -25.03
C PHE D 803 66.75 -61.08 -24.88
N VAL D 804 65.52 -61.47 -25.23
CA VAL D 804 65.19 -62.90 -25.32
C VAL D 804 65.88 -63.54 -26.51
N ALA D 805 65.91 -62.83 -27.66
CA ALA D 805 66.43 -63.40 -28.90
C ALA D 805 67.94 -63.60 -28.91
N VAL D 806 68.68 -63.06 -27.94
CA VAL D 806 70.10 -63.32 -27.83
C VAL D 806 70.33 -64.74 -27.31
#